data_7BC4
#
_entry.id   7BC4
#
_cell.length_a   1.00
_cell.length_b   1.00
_cell.length_c   1.00
_cell.angle_alpha   90.00
_cell.angle_beta   90.00
_cell.angle_gamma   90.00
#
_symmetry.space_group_name_H-M   'P 1'
#
loop_
_entity.id
_entity.type
_entity.pdbx_description
1 polymer 'Fatty acid synthase subunit alpha'
2 polymer 'Fatty acid synthase subunit beta'
3 non-polymer 'FLAVIN MONONUCLEOTIDE'
#
loop_
_entity_poly.entity_id
_entity_poly.type
_entity_poly.pdbx_seq_one_letter_code
_entity_poly.pdbx_strand_id
1 'polypeptide(L)'
;MRPEVEQELSHVLLTELLAYQFASPVRWIETQDVFLKDYNTERVVEIGPSPTLAGMASRTIKAKYESYDAALSLQRQVLC
YAKDTKEIYYTPDPADIAPPIKEEAETSAAATSSSAPAAAAPVSAAPAAAPSGPVAEIPDEPVKAALVLHVLVAHKLKKS
LDAVPLSKAIKDLVGGKSTVQNEILGDLGKEFGSTPEKPEDTPLQELAEQFQDTFPGSLGKQTGSLVNRLMSSKMPGGFS
LSVARKYLQTRWGLGPGRQDSVLLVALVNEPGARLSSDGEAKEFLDSCAQKYASGAGITLAQAAAGGAGSSGAGGAVIDA
EAFEELTKDNRVLARQQLEVLARYLKYDLTKGEKSLVKEKEASSLLQQELDLWAEEHGEIYAQGIKPVFSHLKARTYDSY
WNWARQDALSMYFDIIFGKLTDVDRETVSQCIQLMNRSNPTLIKFMQYHIDHCPEYKGETYQLAKSLGQQLIDNCIQVAN
QDPVYKDISYPTGPHTEVDSKGNIVYKEVNRKSVRKLEQYVFEMSQGGELTKEVQPTIQEDLAKIYEALNKQASTESQLE
FNKLYNSLIEFVEKSKEIEVSKSINAVLASKSSDSDRSAEISSLSEKTSIVDPVSGGIPPETVPFLHLKKKLPSGEWVFD
RDTSALFLDGLQKGAVNGISYKGKNVLITGAGAGSIGAEVLQGLISGGAKVIVTTSRFSKKVTEYYQDIYARFGAAGSCL
IVVPFNQGSKQDVEALIDYIYRDVKDEGLGWDLDAVIPFAAIPEAGIEIDELGSKSELAHRIMLTNLLRLLGEVKKQKFT
RAINTRPAQIILPLSPNHGTFGSDGLYSESKLGLETLFNRWYSESWSEQLTVCGAIIGWTRGTGLMSGNNIIAEGLEKLG
VRTFSQKEMAFNILGLMTPELTEMCQNGPVVADLNGGLQFIENLREYTAQLRNEIYETSEVRRAVSIETGIETRVVNGEN
ADAPYQKARIEPRANLKFEFPPLKSHKEIQNKAPGLEGLLDLERVIVVTGFGEVSPWGNTRTRWEMEAFGEFSIEGCLEM
AWIMGFIKYHNGNLKGKPYTGWIDAKTNEPVEDKDIKKKYEEEILAHAGIRLIEPELFRGYNPEKKELIQEVIIEQDMAP
FVTDESTAQQYKLQHEDAVDILKSEESDEYTVTFKKGARLFVPKALRFDRLVAGQIPTGWDAKRYGISEDTISQVDPVTL
YALVSTIEALLSAGITDPYEFYKYVHVSEVGNCSGSGMGGVSALRGMFRDRYSDKPVQNDILQESFINTMSAWVNMLLLS
SSGPIKTPVGACATAVESVDIGVETILSGKAKICLVGGYDDFQEEGSYEFANMNATSNSLDEFDHGRTPQEMSRPATTTR
NGFMEAQGSGTQVIMNAELAIKMGVPIYAIVALTATATDKIGRSVPAPGKGILTTAREHHGSLKTKSPKLDIKYRTRQLN
KRKDQIKQWVEDELEYIREEAAELANSDAKFDAVSFVSERTEEVYREATKQVKMAQQEWGNEFWKNDPRIAPLRGALATF
NLTVDDLGVASFHGTSTKANDKNESITINKMMQHLGRSEGNPVFGVFQKYLTGHPKGAAGAWMLNGAIQILQTGIVPGNR
NADNVDKILEDFEYVLYPSRSIQTDGIKACSVTSFGFGQKGGQAIVVHPDYLFASLDSETFEEYKTKVEARYKSTYRYMH
NAIIRNTMFVAKSDPPYTDELEQPVYLDPLARVNNCKKNPSKLVFVNADVQSKQNFVGKSANDTAKVISSLTSDVTSGGK
GVGVDVELISAINNENHTFIERNFTENEISYCASAPSSKSSLAGTWSAKEAVFKALGVESKGAGASLKDIEIVRDSKGAP
TVVLHGDAKSAASAAGVKNVKVSISHDDVQSVAVAISEF
;
A
2 'polypeptide(L)'
;MSATSGVVNRPLVLNHGSIESTILIPTTEYHFYQTLLEGFRKSLPQVTEGFADDDEPSSKAELLMKFLGYIVQSGVSNQQ
EQLAAAKLVLNEFESRFLQGLNLHSYAAILLKSETFPTTLLKIKENLIKNYYLGRALVYLPGQRGLVYPPSALLNAGKSG
SAQIYAIFGGQGNTDDYFEELRDIYHIYQGLVSDFVTKAQLKLQELIRTTPETDRIYTQGLDLINWLENKDKTPDQQQLL
SIPMSCPLICVIQLCHYIVTCRILGITPGQLRDSLKGTTGHSQGLVTAVVVSSADSWESFEKLALQAVEFMFYIGVRGLQ
TYPNTSLPPSIVQDSEENAEGTPSPMLSVRDLSYDQLVKFVNETNQHLPEAKHIDISLINGPRNVVLTGPPQSLYGLNLN
LRKAKAPSGLDQARIPFSERKLRFSNRFLPIMSPFHSHLLSPSTEKIVADLKKAGVEFSQSSMKLPVFDTYDGKDLRSYS
GSIAARLVECITKLRVNWELSTEFNSTHVLDFGPGGASGLGVLTHRNKEGTGSRVIVAGVLDAESEDSEFGYKQEIFESN
EKAIKYAPNWLKEYKPKLVKTSAGKIFVDTKFSRLLGRAPLMVPGMTPTTVSPDFVAATLNAGFHTEIAGGGYFAPSIMK
AALQRVIDQVTPGTGVGINLIYVNPRMLQWGIPMIKELREQGFPIQSLSIGAGVPSLEVATEYIETLGLAHLGLKPGSID
AVNQVITIAKAHPNFPIVLQWTGGRGGGHHSFEDFHQPILQMYSKIRKCKNIILIAGSGFGSAEDTYPYLTGSWSHQFSY
PSMPFDGVLFGSRVMTAKEAKTSPAAKQAIADCTGVDNSQWENTYKKPTGGIITVRSEMGEPIHKIATRGVMLWKELDDT
IFTLPKNKMLEAIAKKKDYIIKKLNADYQKPWFAKNEKGTCDLEDMTYKQIAERLVELMYVRKSQRWIDVTLRNFTGKFL
RRIEERFATKVGTISLIQNFSQLEEPEKAIDSVFKAYPEAASQLINEEDCDWFLLEAQSPTQKPVPFIPVLDERFEFFFK
KDSLWQSEDLEAVVGEDVQRTCILHGPVAAQFSNKVDEPIKDILENIHKGHIKSLVKEVYNGDESKIPVVEYFSSVDSFS
DTAIEGVKIERSRNTETFTVTSGNVDNQQWFDLLAGKELSWRRAFITAARLVQGTNFVSNPAHSVLAPSKDLVVKIENGS
DAKKTVLTAFQRVRGKYVPAVSLKSIGDLKIKLELIETRTADKSAVALELFYNYKPTDGFAPILEVMEGRNTSIKNFYWK
LWFGSSVPVDLDFDANKPISGGEASVSSQAIAEFTHAVGNSCEDFVPRAGRPQLAPMDFAIVLGWKAIMKAIFPKTVDGD
ILKLVHLSNGYKMFPGADPLKKGDVVSTVAHIRSVVNGETGKTVEVVGVISRDGKPVLEVNSQFFYRGKYQDFGNSFKKT
TETPVQVAFKSAKDIAVLKSKEWFHLEKDIDLLNQTLTFRCESYVKFKSSTVFASVKTTGQALLELPSKEIIQVAEINYE
SGSSYGNPVLDYLTRHGSTIEQPIMFENAIPLAQGTELTSKAPGTNETYAAVSGDYNPIHVNKVFASYANLPGTITHGMY
SSAAVRALVEQWAAQNVATRVRAFKADFVGMVLPNDELVTHLEHVGMINGRKIIKVETKKVETEEVVLIGEAEIEQPVST
FVFTGQGSQEQGMGMDLYNSSEVAKSVWDRADVHFINNYGFSILDIVKNNPTELTVHFGGAKGRSIRNNYISMMFETVAA
DGQLKSEKIFKEINEDTISFTFKSPTGLLSATQFTQPALTLMEKASFEDMKSKGLVPSESMFAGHSLGEYSALTSLGDVM
PIESLVDVVFYRGMTMQVAVPRDEQGRSNYGMIAVNPSRVSSTFNDSALRFVVEHIAQQTGWLLEIVNYNVENTQYVAAG
DLRGLDTLSNVLNVFKIQKIDIVKLQETISLDEVKVHLSEIVDEVSKKSSSKPQPIDLERGFACIPLKGISVPFHSSYLR
SGVKPFQTFLCKKIPKSAVKPANLIGKYIPNLTAKPFQLTKEYFEDVYELTKSEKIKHILDHWEEYESS
;
B
#
loop_
_chem_comp.id
_chem_comp.type
_chem_comp.name
_chem_comp.formula
FMN non-polymer 'FLAVIN MONONUCLEOTIDE' 'C17 H21 N4 O9 P'
#
# COMPACT_ATOMS: atom_id res chain seq x y z
N MET A 1 -22.31 50.52 45.01
CA MET A 1 -22.25 51.47 43.89
C MET A 1 -22.68 50.83 42.58
N ARG A 2 -22.97 51.66 41.58
CA ARG A 2 -23.28 51.16 40.27
C ARG A 2 -22.02 50.65 39.58
N PRO A 3 -22.13 49.64 38.72
CA PRO A 3 -20.92 49.06 38.11
C PRO A 3 -20.20 49.99 37.16
N GLU A 4 -20.89 50.91 36.50
CA GLU A 4 -20.20 51.86 35.64
C GLU A 4 -19.57 53.00 36.44
N VAL A 5 -19.96 53.16 37.71
CA VAL A 5 -19.30 54.11 38.60
C VAL A 5 -18.42 53.40 39.62
N GLU A 6 -18.32 52.08 39.55
CA GLU A 6 -17.35 51.35 40.37
C GLU A 6 -15.93 51.73 40.02
N GLN A 7 -15.60 51.74 38.73
CA GLN A 7 -14.23 52.03 38.32
C GLN A 7 -13.91 53.51 38.31
N GLU A 8 -14.90 54.38 38.53
CA GLU A 8 -14.57 55.78 38.76
C GLU A 8 -13.95 55.96 40.13
N LEU A 9 -14.56 55.38 41.16
CA LEU A 9 -13.97 55.44 42.49
C LEU A 9 -12.74 54.56 42.60
N SER A 10 -12.73 53.44 41.86
CA SER A 10 -11.59 52.53 41.92
C SER A 10 -10.36 53.13 41.24
N HIS A 11 -10.57 54.05 40.30
CA HIS A 11 -9.43 54.75 39.70
C HIS A 11 -8.87 55.79 40.66
N VAL A 12 -9.71 56.70 41.15
CA VAL A 12 -9.21 57.80 41.98
C VAL A 12 -8.80 57.37 43.38
N LEU A 13 -9.18 56.16 43.80
CA LEU A 13 -8.59 55.63 45.02
C LEU A 13 -7.21 55.06 44.75
N LEU A 14 -7.06 54.34 43.63
CA LEU A 14 -5.82 53.60 43.36
C LEU A 14 -4.66 54.54 43.06
N THR A 15 -4.93 55.64 42.36
CA THR A 15 -3.87 56.59 42.05
C THR A 15 -3.39 57.31 43.31
N GLU A 16 -4.32 57.70 44.18
CA GLU A 16 -3.91 58.33 45.44
C GLU A 16 -3.35 57.32 46.42
N LEU A 17 -3.67 56.03 46.24
CA LEU A 17 -3.06 54.97 47.03
C LEU A 17 -1.63 54.73 46.60
N LEU A 18 -1.28 55.07 45.36
CA LEU A 18 0.07 54.92 44.85
C LEU A 18 0.89 56.19 44.93
N ALA A 19 0.24 57.35 44.75
CA ALA A 19 0.97 58.62 44.75
C ALA A 19 1.53 58.94 46.13
N TYR A 20 0.72 58.74 47.17
CA TYR A 20 1.17 58.99 48.52
C TYR A 20 1.84 57.79 49.16
N GLN A 21 2.03 56.71 48.40
CA GLN A 21 2.59 55.49 48.98
C GLN A 21 4.06 55.65 49.32
N PHE A 22 4.81 56.30 48.45
CA PHE A 22 6.24 56.44 48.69
C PHE A 22 6.56 57.62 49.61
N ALA A 23 5.56 58.39 50.02
CA ALA A 23 5.72 59.43 51.02
C ALA A 23 4.99 59.10 52.32
N SER A 24 4.76 57.82 52.58
CA SER A 24 4.08 57.32 53.76
C SER A 24 4.75 56.01 54.16
N PRO A 25 4.73 55.63 55.43
CA PRO A 25 5.47 54.44 55.85
C PRO A 25 4.85 53.15 55.35
N VAL A 26 5.71 52.18 55.06
CA VAL A 26 5.28 50.87 54.57
C VAL A 26 4.81 50.04 55.75
N ARG A 27 3.58 49.59 55.70
CA ARG A 27 2.96 48.93 56.84
C ARG A 27 3.06 47.41 56.68
N TRP A 28 4.29 46.90 56.76
CA TRP A 28 4.49 45.50 56.46
C TRP A 28 4.25 44.56 57.65
N ILE A 29 4.32 45.06 58.88
CA ILE A 29 3.87 44.26 60.01
C ILE A 29 2.37 44.06 59.94
N GLU A 30 1.63 45.13 59.70
CA GLU A 30 0.18 45.09 59.76
C GLU A 30 -0.46 44.49 58.53
N THR A 31 0.31 44.11 57.51
CA THR A 31 -0.26 43.38 56.39
C THR A 31 0.15 41.91 56.36
N GLN A 32 1.24 41.52 57.01
CA GLN A 32 1.49 40.11 57.20
C GLN A 32 0.47 39.50 58.15
N ASP A 33 -0.11 40.33 59.03
CA ASP A 33 -1.24 39.94 59.84
C ASP A 33 -2.57 40.10 59.12
N VAL A 34 -2.57 40.13 57.78
CA VAL A 34 -3.80 40.08 57.00
C VAL A 34 -3.86 38.84 56.13
N PHE A 35 -2.78 38.50 55.43
CA PHE A 35 -2.76 37.22 54.73
C PHE A 35 -2.28 36.08 55.63
N LEU A 36 -2.10 36.35 56.92
CA LEU A 36 -2.08 35.34 57.96
C LEU A 36 -3.03 35.84 59.05
N LYS A 37 -3.80 34.92 59.63
CA LYS A 37 -4.72 35.12 60.76
C LYS A 37 -5.98 35.92 60.39
N ASP A 38 -6.04 36.48 59.20
CA ASP A 38 -7.32 36.98 58.71
C ASP A 38 -7.76 36.25 57.46
N TYR A 39 -6.81 35.88 56.62
CA TYR A 39 -7.03 34.95 55.52
C TYR A 39 -5.97 33.89 55.74
N ASN A 40 -6.37 32.73 56.24
CA ASN A 40 -5.41 31.74 56.71
C ASN A 40 -4.77 31.07 55.49
N THR A 41 -3.75 31.72 54.95
CA THR A 41 -3.16 31.26 53.70
C THR A 41 -2.17 30.13 53.96
N GLU A 42 -2.32 29.05 53.21
CA GLU A 42 -1.52 27.86 53.36
C GLU A 42 -0.27 27.88 52.51
N ARG A 43 -0.13 28.82 51.59
CA ARG A 43 1.12 29.00 50.87
C ARG A 43 1.29 30.47 50.53
N VAL A 44 2.41 31.05 50.91
CA VAL A 44 2.79 32.37 50.45
C VAL A 44 3.93 32.20 49.46
N VAL A 45 3.90 33.01 48.40
CA VAL A 45 4.85 32.90 47.31
C VAL A 45 5.49 34.27 47.13
N GLU A 46 6.81 34.34 47.31
CA GLU A 46 7.53 35.58 47.12
C GLU A 46 8.08 35.62 45.71
N ILE A 47 7.56 36.55 44.91
CA ILE A 47 8.05 36.76 43.55
C ILE A 47 9.14 37.82 43.66
N GLY A 48 10.38 37.39 43.60
CA GLY A 48 11.51 38.28 43.75
C GLY A 48 12.79 37.54 43.44
N PRO A 49 13.90 38.27 43.37
CA PRO A 49 15.17 37.64 43.00
C PRO A 49 15.88 36.96 44.14
N SER A 50 15.55 37.30 45.38
CA SER A 50 16.20 36.78 46.55
C SER A 50 15.18 36.76 47.68
N PRO A 51 15.17 35.71 48.50
CA PRO A 51 14.15 35.58 49.57
C PRO A 51 14.42 36.46 50.78
N THR A 52 14.18 37.75 50.61
CA THR A 52 14.31 38.68 51.73
C THR A 52 13.05 38.70 52.58
N LEU A 53 11.89 38.67 51.94
CA LEU A 53 10.61 38.73 52.64
C LEU A 53 9.80 37.45 52.47
N ALA A 54 10.37 36.45 51.81
CA ALA A 54 10.02 35.07 52.12
C ALA A 54 10.74 34.62 53.38
N GLY A 55 11.88 35.24 53.66
CA GLY A 55 12.52 35.01 54.94
C GLY A 55 11.71 35.59 56.08
N MET A 56 11.39 36.87 55.99
CA MET A 56 10.74 37.57 57.09
C MET A 56 9.27 37.21 57.26
N ALA A 57 8.68 36.44 56.33
CA ALA A 57 7.38 35.85 56.60
C ALA A 57 7.49 34.63 57.49
N SER A 58 8.57 33.85 57.34
CA SER A 58 8.78 32.70 58.20
C SER A 58 9.20 33.12 59.60
N ARG A 59 9.87 34.26 59.74
CA ARG A 59 10.17 34.82 61.06
C ARG A 59 8.92 35.29 61.76
N THR A 60 7.89 35.67 61.01
CA THR A 60 6.66 36.15 61.61
C THR A 60 5.80 35.00 62.11
N ILE A 61 5.73 33.90 61.36
CA ILE A 61 4.95 32.74 61.81
C ILE A 61 5.64 31.97 62.91
N LYS A 62 6.94 32.20 63.11
CA LYS A 62 7.66 31.60 64.22
C LYS A 62 7.59 32.45 65.48
N ALA A 63 7.04 33.65 65.38
CA ALA A 63 7.00 34.59 66.49
C ALA A 63 5.63 34.73 67.12
N LYS A 64 4.57 34.64 66.31
CA LYS A 64 3.22 34.83 66.83
C LYS A 64 2.22 33.83 66.29
N TYR A 65 2.63 32.93 65.40
CA TYR A 65 1.71 32.00 64.76
C TYR A 65 2.15 30.56 64.90
N GLU A 66 2.98 30.25 65.90
CA GLU A 66 3.40 28.88 66.06
C GLU A 66 2.30 28.03 66.72
N SER A 67 1.72 28.53 67.80
CA SER A 67 0.59 27.85 68.40
C SER A 67 -0.69 28.02 67.59
N TYR A 68 -0.76 29.06 66.75
CA TYR A 68 -1.95 29.26 65.92
C TYR A 68 -1.95 28.33 64.72
N ASP A 69 -0.78 28.05 64.15
CA ASP A 69 -0.72 27.11 63.04
C ASP A 69 -0.96 25.69 63.50
N ALA A 70 -0.60 25.38 64.74
CA ALA A 70 -0.78 24.02 65.25
C ALA A 70 -2.22 23.78 65.67
N ALA A 71 -2.87 24.79 66.27
CA ALA A 71 -4.22 24.61 66.78
C ALA A 71 -5.23 24.42 65.65
N LEU A 72 -5.13 25.23 64.60
CA LEU A 72 -5.97 25.01 63.43
C LEU A 72 -5.40 23.96 62.49
N SER A 73 -4.20 23.46 62.78
CA SER A 73 -3.55 22.35 62.09
C SER A 73 -3.34 22.62 60.61
N LEU A 74 -3.18 23.88 60.24
CA LEU A 74 -2.93 24.25 58.85
C LEU A 74 -1.44 24.26 58.58
N GLN A 75 -1.06 23.74 57.42
CA GLN A 75 0.34 23.65 57.03
C GLN A 75 0.66 24.80 56.08
N ARG A 76 1.60 25.65 56.49
CA ARG A 76 1.96 26.85 55.75
C ARG A 76 3.20 26.56 54.91
N GLN A 77 3.24 27.14 53.72
CA GLN A 77 4.42 27.10 52.87
C GLN A 77 4.87 28.52 52.59
N VAL A 78 6.17 28.76 52.68
CA VAL A 78 6.70 30.12 52.63
C VAL A 78 7.64 30.15 51.42
N LEU A 79 7.20 29.50 50.34
CA LEU A 79 8.02 29.32 49.14
C LEU A 79 8.42 30.66 48.51
N CYS A 80 9.61 30.68 47.93
CA CYS A 80 10.11 31.82 47.18
C CYS A 80 10.40 31.40 45.74
N TYR A 81 10.25 32.34 44.82
CA TYR A 81 10.43 32.01 43.41
C TYR A 81 11.88 31.72 43.07
N ALA A 82 12.81 32.27 43.83
CA ALA A 82 14.22 32.15 43.46
C ALA A 82 14.76 30.75 43.68
N LYS A 83 14.45 30.14 44.82
CA LYS A 83 15.08 28.89 45.19
C LYS A 83 14.12 27.73 45.36
N ASP A 84 12.82 27.96 45.42
CA ASP A 84 11.84 26.90 45.60
C ASP A 84 11.08 26.60 44.32
N THR A 85 11.76 26.66 43.18
CA THR A 85 11.11 26.56 41.87
C THR A 85 10.58 25.17 41.55
N LYS A 86 10.89 24.16 42.36
CA LYS A 86 10.41 22.82 42.04
C LYS A 86 8.96 22.63 42.49
N GLU A 87 8.64 23.10 43.69
CA GLU A 87 7.28 23.01 44.21
C GLU A 87 6.44 24.26 43.92
N ILE A 88 7.03 25.30 43.35
CA ILE A 88 6.21 26.35 42.75
C ILE A 88 5.54 25.80 41.49
N TYR A 89 6.29 25.08 40.68
CA TYR A 89 5.84 24.66 39.35
C TYR A 89 5.30 23.25 39.33
N TYR A 90 5.23 22.57 40.48
CA TYR A 90 4.71 21.21 40.63
C TYR A 90 5.45 20.21 39.74
N THR A 91 6.76 20.39 39.61
CA THR A 91 7.63 19.48 38.87
C THR A 91 8.64 18.89 39.84
N PRO A 92 8.25 17.86 40.59
CA PRO A 92 9.19 17.25 41.54
C PRO A 92 10.09 16.24 40.86
N ASP A 93 10.91 15.56 41.65
CA ASP A 93 11.79 14.53 41.11
C ASP A 93 11.00 13.25 40.86
N PRO A 94 11.30 12.51 39.78
CA PRO A 94 10.59 11.25 39.49
C PRO A 94 11.03 10.11 40.39
N ALA A 95 10.67 10.20 41.67
CA ALA A 95 11.05 9.19 42.64
C ALA A 95 9.87 8.29 43.01
N PHE A 323 62.01 -13.11 23.61
CA PHE A 323 62.08 -13.47 22.20
C PHE A 323 62.50 -12.28 21.35
N GLU A 324 62.11 -11.08 21.79
CA GLU A 324 62.49 -9.86 21.08
C GLU A 324 63.97 -9.53 21.22
N GLU A 325 64.63 -10.10 22.23
CA GLU A 325 65.98 -9.74 22.62
C GLU A 325 67.06 -10.30 21.71
N LEU A 326 66.74 -11.27 20.85
CA LEU A 326 67.69 -11.76 19.87
C LEU A 326 67.28 -11.49 18.44
N THR A 327 66.10 -10.90 18.22
CA THR A 327 65.81 -10.28 16.94
C THR A 327 66.61 -8.99 16.78
N LYS A 328 66.84 -8.29 17.89
CA LYS A 328 67.37 -6.94 17.82
C LYS A 328 68.88 -6.92 17.58
N ASP A 329 69.64 -7.82 18.23
CA ASP A 329 71.09 -7.67 18.25
C ASP A 329 71.73 -7.97 16.91
N ASN A 330 71.08 -8.79 16.09
CA ASN A 330 71.52 -8.95 14.71
C ASN A 330 71.19 -7.71 13.88
N ARG A 331 70.09 -7.03 14.21
CA ARG A 331 69.76 -5.79 13.52
C ARG A 331 70.64 -4.64 13.97
N VAL A 332 71.11 -4.66 15.22
CA VAL A 332 72.07 -3.66 15.65
C VAL A 332 73.41 -3.87 14.97
N LEU A 333 73.83 -5.13 14.81
CA LEU A 333 75.11 -5.42 14.16
C LEU A 333 75.06 -5.10 12.67
N ALA A 334 73.94 -5.40 12.01
CA ALA A 334 73.83 -5.15 10.59
C ALA A 334 73.73 -3.66 10.29
N ARG A 335 73.06 -2.91 11.15
CA ARG A 335 72.97 -1.46 10.98
C ARG A 335 74.31 -0.81 11.23
N GLN A 336 75.04 -1.27 12.24
CA GLN A 336 76.34 -0.71 12.56
C GLN A 336 77.39 -1.08 11.52
N GLN A 337 77.23 -2.22 10.84
CA GLN A 337 78.08 -2.53 9.71
C GLN A 337 77.75 -1.68 8.49
N LEU A 338 76.52 -1.20 8.39
CA LEU A 338 76.16 -0.32 7.29
C LEU A 338 76.74 1.07 7.45
N GLU A 339 76.96 1.50 8.69
CA GLU A 339 77.58 2.81 8.94
C GLU A 339 79.02 2.83 8.48
N VAL A 340 79.79 1.80 8.84
CA VAL A 340 81.23 1.81 8.54
C VAL A 340 81.47 1.60 7.04
N LEU A 341 80.61 0.82 6.38
CA LEU A 341 80.73 0.63 4.94
C LEU A 341 80.44 1.92 4.19
N ALA A 342 79.53 2.73 4.72
CA ALA A 342 79.24 4.03 4.13
C ALA A 342 80.32 5.05 4.42
N ARG A 343 80.99 4.95 5.57
CA ARG A 343 82.14 5.82 5.86
C ARG A 343 83.29 5.53 4.91
N TYR A 344 83.45 4.27 4.52
CA TYR A 344 84.49 3.90 3.57
C TYR A 344 84.18 4.45 2.18
N LEU A 345 82.90 4.47 1.82
CA LEU A 345 82.48 4.89 0.49
C LEU A 345 82.36 6.39 0.33
N LYS A 346 82.46 7.14 1.43
CA LYS A 346 82.20 8.58 1.49
C LYS A 346 80.81 8.89 0.95
N TYR A 347 79.83 8.13 1.41
CA TYR A 347 78.46 8.21 0.94
C TYR A 347 77.56 8.30 2.16
N ASP A 348 76.92 9.45 2.37
CA ASP A 348 76.17 9.69 3.59
C ASP A 348 74.70 9.30 3.41
N LEU A 349 74.11 8.79 4.48
CA LEU A 349 72.83 8.10 4.40
C LEU A 349 71.67 9.06 4.21
N THR A 350 71.69 10.18 4.92
CA THR A 350 70.54 11.06 5.03
C THR A 350 70.79 12.39 4.33
N LYS A 351 71.38 12.34 3.13
CA LYS A 351 71.55 13.57 2.36
C LYS A 351 70.22 14.02 1.78
N GLY A 352 69.32 13.09 1.48
CA GLY A 352 68.01 13.48 0.99
C GLY A 352 67.14 14.02 2.11
N GLU A 353 67.20 13.38 3.28
CA GLU A 353 66.45 13.82 4.45
C GLU A 353 66.99 15.13 5.01
N LYS A 354 68.23 15.48 4.72
CA LYS A 354 68.75 16.77 5.14
C LYS A 354 68.33 17.89 4.19
N SER A 355 68.20 17.59 2.90
CA SER A 355 67.81 18.60 1.93
C SER A 355 66.30 18.73 1.79
N LEU A 356 65.55 17.68 2.11
CA LEU A 356 64.09 17.78 2.11
C LEU A 356 63.62 18.76 3.17
N VAL A 357 64.26 18.78 4.33
CA VAL A 357 63.89 19.75 5.35
C VAL A 357 64.41 21.15 5.00
N LYS A 358 65.37 21.26 4.07
CA LYS A 358 65.76 22.55 3.54
C LYS A 358 64.87 22.99 2.38
N GLU A 359 63.96 22.14 1.95
CA GLU A 359 62.95 22.50 0.96
C GLU A 359 61.53 22.43 1.49
N LYS A 360 61.35 22.14 2.76
CA LYS A 360 60.09 22.40 3.43
C LYS A 360 60.10 23.75 4.12
N GLU A 361 61.21 24.47 4.04
CA GLU A 361 61.33 25.83 4.52
C GLU A 361 61.21 26.86 3.41
N ALA A 362 61.84 26.59 2.26
CA ALA A 362 61.63 27.45 1.10
C ALA A 362 60.21 27.31 0.57
N SER A 363 59.59 26.14 0.73
CA SER A 363 58.21 25.94 0.37
C SER A 363 57.23 26.37 1.45
N SER A 364 57.73 26.89 2.56
CA SER A 364 56.86 27.47 3.57
C SER A 364 56.93 28.98 3.60
N LEU A 365 57.87 29.59 2.88
CA LEU A 365 57.88 31.01 2.65
C LEU A 365 57.19 31.40 1.36
N LEU A 366 56.75 30.42 0.58
CA LEU A 366 55.86 30.67 -0.55
C LEU A 366 54.41 30.53 -0.14
N GLN A 367 54.12 29.64 0.80
CA GLN A 367 52.77 29.55 1.32
C GLN A 367 52.47 30.71 2.27
N GLN A 368 53.49 31.24 2.93
CA GLN A 368 53.30 32.44 3.74
C GLN A 368 52.98 33.64 2.87
N GLU A 369 53.53 33.68 1.66
CA GLU A 369 53.26 34.79 0.75
C GLU A 369 51.94 34.61 0.02
N LEU A 370 51.55 33.36 -0.26
CA LEU A 370 50.32 33.11 -0.98
C LEU A 370 49.09 33.28 -0.11
N ASP A 371 49.22 33.11 1.20
CA ASP A 371 48.12 33.44 2.08
C ASP A 371 48.06 34.91 2.43
N LEU A 372 48.99 35.72 1.92
CA LEU A 372 48.87 37.17 2.04
C LEU A 372 48.01 37.71 0.91
N TRP A 373 48.33 37.33 -0.33
CA TRP A 373 47.53 37.73 -1.48
C TRP A 373 46.11 37.19 -1.39
N ALA A 374 45.94 36.00 -0.84
CA ALA A 374 44.60 35.44 -0.68
C ALA A 374 43.86 36.00 0.51
N GLU A 375 44.53 36.74 1.39
CA GLU A 375 43.85 37.40 2.50
C GLU A 375 43.40 38.80 2.12
N GLU A 376 44.20 39.52 1.34
CA GLU A 376 43.80 40.83 0.87
C GLU A 376 42.68 40.70 -0.16
N HIS A 377 42.91 39.92 -1.20
CA HIS A 377 41.93 39.66 -2.23
C HIS A 377 41.37 38.28 -2.00
N GLY A 378 40.06 38.12 -2.15
CA GLY A 378 39.46 36.83 -1.83
C GLY A 378 39.67 35.75 -2.87
N GLU A 379 38.79 34.74 -2.90
CA GLU A 379 38.95 33.68 -3.88
C GLU A 379 38.30 34.05 -5.21
N ILE A 380 37.31 34.93 -5.21
CA ILE A 380 36.68 35.34 -6.46
C ILE A 380 37.60 36.27 -7.24
N TYR A 381 38.36 37.11 -6.54
CA TYR A 381 39.38 37.92 -7.20
C TYR A 381 40.52 37.05 -7.68
N ALA A 382 40.80 35.94 -6.99
CA ALA A 382 41.97 35.13 -7.30
C ALA A 382 41.82 34.38 -8.61
N GLN A 383 40.60 33.97 -8.94
CA GLN A 383 40.33 33.29 -10.20
C GLN A 383 39.93 34.25 -11.29
N GLY A 384 39.49 35.46 -10.95
CA GLY A 384 39.11 36.42 -11.98
C GLY A 384 40.27 37.08 -12.66
N ILE A 385 41.46 37.02 -12.09
CA ILE A 385 42.63 37.66 -12.67
C ILE A 385 43.49 36.66 -13.44
N LYS A 386 42.93 35.52 -13.79
CA LYS A 386 43.65 34.55 -14.61
C LYS A 386 43.60 34.95 -16.07
N PRO A 387 44.72 34.87 -16.77
CA PRO A 387 44.73 35.23 -18.21
C PRO A 387 44.26 34.12 -19.13
N VAL A 388 42.96 33.98 -19.34
CA VAL A 388 42.46 32.97 -20.29
C VAL A 388 42.43 33.64 -21.67
N PHE A 389 43.58 33.63 -22.32
CA PHE A 389 43.69 34.11 -23.69
C PHE A 389 44.66 33.25 -24.45
N SER A 390 44.31 32.94 -25.68
CA SER A 390 45.28 32.41 -26.63
C SER A 390 44.86 32.89 -28.01
N HIS A 391 45.83 33.18 -28.85
CA HIS A 391 45.53 33.49 -30.24
C HIS A 391 45.25 32.25 -31.07
N LEU A 392 45.36 31.07 -30.46
CA LEU A 392 45.02 29.83 -31.13
C LEU A 392 43.53 29.52 -31.04
N LYS A 393 42.85 30.05 -30.03
CA LYS A 393 41.43 29.81 -29.84
C LYS A 393 40.56 30.79 -30.59
N ALA A 394 41.14 31.64 -31.43
CA ALA A 394 40.38 32.67 -32.13
C ALA A 394 39.59 32.05 -33.27
N ARG A 395 38.27 32.21 -33.23
CA ARG A 395 37.37 31.67 -34.25
C ARG A 395 37.02 32.79 -35.22
N THR A 396 37.48 32.67 -36.46
CA THR A 396 37.25 33.68 -37.47
C THR A 396 36.10 33.26 -38.37
N TYR A 397 35.19 34.18 -38.64
CA TYR A 397 34.07 33.94 -39.55
C TYR A 397 34.14 34.96 -40.68
N ASP A 398 34.23 34.47 -41.91
CA ASP A 398 34.35 35.32 -43.08
C ASP A 398 33.40 34.99 -44.21
N SER A 399 32.79 33.82 -44.21
CA SER A 399 32.30 33.21 -45.44
C SER A 399 30.84 33.60 -45.68
N TYR A 400 30.64 34.90 -45.91
CA TYR A 400 29.32 35.43 -46.23
C TYR A 400 28.78 34.88 -47.53
N TRP A 401 29.67 34.51 -48.45
CA TRP A 401 29.26 34.07 -49.78
C TRP A 401 28.53 32.73 -49.74
N ASN A 402 28.78 31.93 -48.72
CA ASN A 402 28.11 30.64 -48.60
C ASN A 402 26.82 30.75 -47.82
N TRP A 403 26.79 31.59 -46.78
CA TRP A 403 25.57 31.71 -46.02
C TRP A 403 24.54 32.57 -46.71
N ALA A 404 24.95 33.39 -47.68
CA ALA A 404 23.99 34.12 -48.49
C ALA A 404 23.16 33.19 -49.35
N ARG A 405 23.80 32.22 -50.00
CA ARG A 405 23.09 31.25 -50.81
C ARG A 405 22.29 30.29 -49.95
N GLN A 406 22.77 30.01 -48.76
CA GLN A 406 22.01 29.16 -47.84
C GLN A 406 20.78 29.87 -47.30
N ASP A 407 20.90 31.18 -47.06
CA ASP A 407 19.75 31.94 -46.56
C ASP A 407 18.78 32.28 -47.67
N ALA A 408 19.25 32.39 -48.91
CA ALA A 408 18.34 32.61 -50.03
C ALA A 408 17.51 31.38 -50.30
N LEU A 409 18.08 30.19 -50.09
CA LEU A 409 17.36 28.96 -50.36
C LEU A 409 16.41 28.62 -49.23
N SER A 410 16.82 28.86 -47.98
CA SER A 410 15.92 28.59 -46.86
C SER A 410 14.79 29.60 -46.78
N MET A 411 14.98 30.80 -47.31
CA MET A 411 13.85 31.72 -47.46
C MET A 411 12.91 31.26 -48.55
N TYR A 412 13.44 30.60 -49.58
CA TYR A 412 12.62 30.17 -50.70
C TYR A 412 11.69 29.04 -50.32
N PHE A 413 12.08 28.18 -49.37
CA PHE A 413 11.21 27.11 -48.94
C PHE A 413 10.32 27.48 -47.78
N ASP A 414 10.66 28.55 -47.05
CA ASP A 414 9.74 29.04 -46.02
C ASP A 414 8.53 29.72 -46.63
N ILE A 415 8.71 30.34 -47.80
CA ILE A 415 7.57 30.91 -48.52
C ILE A 415 6.70 29.80 -49.09
N ILE A 416 7.33 28.74 -49.60
CA ILE A 416 6.61 27.66 -50.23
C ILE A 416 5.85 26.83 -49.20
N PHE A 417 6.45 26.57 -48.06
CA PHE A 417 5.79 25.81 -47.02
C PHE A 417 4.95 26.66 -46.09
N GLY A 418 4.79 27.94 -46.39
CA GLY A 418 3.87 28.78 -45.66
C GLY A 418 4.35 29.27 -44.32
N LYS A 419 5.65 29.48 -44.16
CA LYS A 419 6.16 30.07 -42.94
C LYS A 419 6.46 31.56 -43.08
N LEU A 420 6.52 32.07 -44.30
CA LEU A 420 6.82 33.47 -44.54
C LEU A 420 5.82 34.03 -45.55
N THR A 421 5.38 35.26 -45.30
CA THR A 421 4.52 35.99 -46.20
C THR A 421 5.13 37.38 -46.35
N ASP A 422 4.79 38.09 -47.44
CA ASP A 422 5.31 39.43 -47.67
C ASP A 422 4.83 40.46 -46.65
N VAL A 423 3.78 40.14 -45.90
CA VAL A 423 3.23 41.02 -44.88
C VAL A 423 3.92 40.80 -43.53
N ASP A 424 4.97 39.98 -43.49
CA ASP A 424 5.66 39.66 -42.25
C ASP A 424 6.88 40.54 -42.07
N ARG A 425 7.21 40.80 -40.80
CA ARG A 425 8.44 41.53 -40.50
C ARG A 425 9.67 40.66 -40.64
N GLU A 426 9.49 39.33 -40.65
CA GLU A 426 10.63 38.44 -40.78
C GLU A 426 11.04 38.25 -42.23
N THR A 427 10.11 38.37 -43.16
CA THR A 427 10.44 38.25 -44.57
C THR A 427 11.27 39.43 -45.04
N VAL A 428 10.86 40.65 -44.68
CA VAL A 428 11.56 41.85 -45.12
C VAL A 428 12.91 41.95 -44.42
N SER A 429 13.03 41.42 -43.20
CA SER A 429 14.31 41.45 -42.51
C SER A 429 15.30 40.44 -43.07
N GLN A 430 14.82 39.49 -43.87
CA GLN A 430 15.70 38.54 -44.54
C GLN A 430 16.10 39.00 -45.93
N CYS A 431 15.24 39.75 -46.61
CA CYS A 431 15.64 40.36 -47.89
C CYS A 431 16.68 41.45 -47.68
N ILE A 432 16.69 42.09 -46.51
CA ILE A 432 17.69 43.11 -46.24
C ILE A 432 19.07 42.48 -46.10
N GLN A 433 19.16 41.32 -45.47
CA GLN A 433 20.45 40.65 -45.35
C GLN A 433 20.90 40.02 -46.65
N LEU A 434 19.98 39.70 -47.55
CA LEU A 434 20.40 39.17 -48.85
C LEU A 434 20.87 40.26 -49.79
N MET A 435 20.56 41.52 -49.50
CA MET A 435 21.11 42.62 -50.27
C MET A 435 22.46 43.09 -49.74
N ASN A 436 22.69 42.90 -48.44
CA ASN A 436 24.02 43.18 -47.90
C ASN A 436 25.03 42.17 -48.40
N ARG A 437 24.65 40.90 -48.44
CA ARG A 437 25.49 39.82 -48.91
C ARG A 437 25.23 39.54 -50.39
N SER A 438 25.32 40.54 -51.24
CA SER A 438 25.02 40.38 -52.65
C SER A 438 26.30 40.37 -53.46
N ASN A 439 26.41 39.39 -54.35
CA ASN A 439 27.54 39.23 -55.27
C ASN A 439 26.92 38.66 -56.55
N PRO A 440 27.63 38.61 -57.69
CA PRO A 440 26.98 38.10 -58.90
C PRO A 440 26.68 36.62 -58.89
N THR A 441 27.23 35.86 -57.95
CA THR A 441 26.93 34.44 -57.87
C THR A 441 25.64 34.14 -57.13
N LEU A 442 25.19 35.04 -56.26
CA LEU A 442 23.89 34.87 -55.60
C LEU A 442 22.75 35.27 -56.52
N ILE A 443 22.98 36.25 -57.38
CA ILE A 443 21.94 36.65 -58.33
C ILE A 443 21.72 35.55 -59.36
N LYS A 444 22.76 34.80 -59.70
CA LYS A 444 22.58 33.60 -60.51
C LYS A 444 21.79 32.54 -59.75
N PHE A 445 22.08 32.39 -58.45
CA PHE A 445 21.43 31.38 -57.64
C PHE A 445 19.95 31.68 -57.46
N MET A 446 19.61 32.92 -57.11
CA MET A 446 18.22 33.25 -56.87
C MET A 446 17.43 33.42 -58.15
N GLN A 447 18.08 33.64 -59.29
CA GLN A 447 17.35 33.69 -60.55
C GLN A 447 16.91 32.30 -60.99
N TYR A 448 17.79 31.30 -60.80
CA TYR A 448 17.50 29.96 -61.28
C TYR A 448 16.28 29.37 -60.59
N HIS A 449 16.21 29.52 -59.27
CA HIS A 449 15.15 28.88 -58.52
C HIS A 449 13.80 29.57 -58.66
N ILE A 450 13.78 30.79 -59.20
CA ILE A 450 12.50 31.43 -59.50
C ILE A 450 12.16 31.39 -60.98
N ASP A 451 13.14 31.21 -61.87
CA ASP A 451 12.82 30.89 -63.25
C ASP A 451 12.24 29.48 -63.33
N HIS A 452 12.87 28.55 -62.64
CA HIS A 452 12.41 27.16 -62.56
C HIS A 452 11.59 26.94 -61.29
N CYS A 453 10.57 27.78 -61.10
CA CYS A 453 9.68 27.66 -59.96
C CYS A 453 8.33 27.17 -60.46
N PRO A 454 7.85 26.03 -60.01
CA PRO A 454 6.60 25.49 -60.54
C PRO A 454 5.38 26.22 -59.99
N GLU A 455 5.05 27.36 -60.59
CA GLU A 455 4.01 28.25 -60.07
C GLU A 455 2.62 27.65 -60.14
N TYR A 456 2.42 26.60 -60.94
CA TYR A 456 1.13 25.91 -61.02
C TYR A 456 0.85 25.05 -59.81
N LYS A 457 1.83 24.79 -58.96
CA LYS A 457 1.65 23.85 -57.86
C LYS A 457 0.85 24.44 -56.71
N GLY A 458 0.73 25.76 -56.63
CA GLY A 458 -0.02 26.35 -55.54
C GLY A 458 0.18 27.86 -55.48
N GLU A 459 -0.51 28.45 -54.52
CA GLU A 459 -0.41 29.89 -54.32
C GLU A 459 0.92 30.27 -53.69
N THR A 460 1.46 29.41 -52.84
CA THR A 460 2.77 29.67 -52.26
C THR A 460 3.89 29.50 -53.28
N TYR A 461 3.66 28.71 -54.32
CA TYR A 461 4.59 28.67 -55.43
C TYR A 461 4.45 29.89 -56.32
N GLN A 462 3.23 30.43 -56.40
CA GLN A 462 3.02 31.71 -57.07
C GLN A 462 3.57 32.85 -56.23
N LEU A 463 3.53 32.72 -54.91
CA LEU A 463 4.03 33.76 -54.03
C LEU A 463 5.54 33.84 -54.06
N ALA A 464 6.22 32.69 -54.08
CA ALA A 464 7.68 32.67 -54.05
C ALA A 464 8.27 33.16 -55.36
N LYS A 465 7.59 32.93 -56.48
CA LYS A 465 8.05 33.46 -57.74
C LYS A 465 7.83 34.97 -57.82
N SER A 466 6.77 35.47 -57.19
CA SER A 466 6.45 36.88 -57.24
C SER A 466 7.26 37.67 -56.22
N LEU A 467 7.43 37.13 -55.01
CA LEU A 467 8.26 37.80 -54.02
C LEU A 467 9.72 37.69 -54.38
N GLY A 468 10.13 36.56 -54.94
CA GLY A 468 11.54 36.37 -55.26
C GLY A 468 11.99 37.17 -56.45
N GLN A 469 11.08 37.51 -57.36
CA GLN A 469 11.46 38.31 -58.51
C GLN A 469 11.77 39.75 -58.11
N GLN A 470 11.06 40.28 -57.10
CA GLN A 470 11.36 41.61 -56.59
C GLN A 470 12.73 41.65 -55.92
N LEU A 471 13.15 40.54 -55.32
CA LEU A 471 14.45 40.49 -54.68
C LEU A 471 15.59 40.36 -55.69
N ILE A 472 15.31 39.83 -56.88
CA ILE A 472 16.32 39.84 -57.95
C ILE A 472 16.65 41.26 -58.36
N ASP A 473 15.61 42.07 -58.59
CA ASP A 473 15.81 43.43 -59.04
C ASP A 473 16.39 44.30 -57.94
N ASN A 474 16.07 43.98 -56.68
CA ASN A 474 16.65 44.75 -55.57
C ASN A 474 18.13 44.46 -55.42
N CYS A 475 18.52 43.18 -55.47
CA CYS A 475 19.91 42.82 -55.30
C CYS A 475 20.77 43.21 -56.51
N ILE A 476 20.16 43.43 -57.66
CA ILE A 476 20.90 43.91 -58.81
C ILE A 476 21.23 45.40 -58.64
N GLN A 477 20.29 46.18 -58.12
CA GLN A 477 20.49 47.62 -58.00
C GLN A 477 21.46 47.96 -56.88
N VAL A 478 21.51 47.17 -55.82
CA VAL A 478 22.36 47.48 -54.67
C VAL A 478 23.74 46.86 -54.85
N ALA A 479 24.01 46.33 -56.04
CA ALA A 479 25.36 45.93 -56.38
C ALA A 479 26.26 47.16 -56.48
N ASN A 480 27.52 46.97 -56.10
CA ASN A 480 28.53 48.04 -56.00
C ASN A 480 28.08 49.15 -55.07
N GLN A 481 27.47 48.76 -53.95
CA GLN A 481 27.07 49.69 -52.90
C GLN A 481 27.52 49.14 -51.56
N ASP A 482 27.59 50.02 -50.58
CA ASP A 482 27.97 49.60 -49.24
C ASP A 482 26.82 48.82 -48.59
N PRO A 483 27.12 47.90 -47.68
CA PRO A 483 26.06 47.24 -46.94
C PRO A 483 25.43 48.20 -45.95
N VAL A 484 24.30 47.78 -45.41
CA VAL A 484 23.34 48.66 -44.75
C VAL A 484 22.81 47.96 -43.52
N TYR A 485 22.85 48.64 -42.38
CA TYR A 485 22.18 48.16 -41.19
C TYR A 485 20.81 48.81 -41.13
N LYS A 486 19.76 48.01 -41.24
CA LYS A 486 18.40 48.51 -41.15
C LYS A 486 17.65 47.63 -40.16
N ASP A 487 17.20 48.22 -39.06
CA ASP A 487 16.36 47.52 -38.10
C ASP A 487 14.92 47.72 -38.51
N ILE A 488 14.41 46.77 -39.30
CA ILE A 488 13.06 46.88 -39.85
C ILE A 488 12.03 46.26 -38.92
N SER A 489 12.44 45.81 -37.74
CA SER A 489 11.59 45.08 -36.82
C SER A 489 10.53 46.00 -36.21
N TYR A 490 9.68 45.42 -35.40
CA TYR A 490 8.62 46.22 -34.81
C TYR A 490 9.06 46.76 -33.46
N PRO A 491 8.91 48.06 -33.21
CA PRO A 491 9.28 48.62 -31.91
C PRO A 491 8.29 48.29 -30.81
N THR A 492 8.49 47.16 -30.14
CA THR A 492 7.59 46.72 -29.09
C THR A 492 7.75 47.55 -27.82
N GLY A 493 6.76 47.43 -26.95
CA GLY A 493 6.75 48.12 -25.67
C GLY A 493 6.37 47.19 -24.54
N PRO A 494 6.45 47.66 -23.30
CA PRO A 494 6.19 46.77 -22.15
C PRO A 494 4.71 46.63 -21.85
N HIS A 495 4.41 45.60 -21.06
CA HIS A 495 3.08 45.35 -20.53
C HIS A 495 3.19 44.36 -19.38
N THR A 496 2.57 44.68 -18.25
CA THR A 496 2.55 43.81 -17.08
C THR A 496 1.11 43.62 -16.62
N GLU A 497 0.77 42.40 -16.24
CA GLU A 497 -0.63 42.05 -16.01
C GLU A 497 -0.74 41.01 -14.91
N VAL A 498 -1.63 41.26 -13.96
CA VAL A 498 -1.92 40.33 -12.87
C VAL A 498 -3.31 39.77 -13.07
N ASP A 499 -3.45 38.45 -13.01
CA ASP A 499 -4.74 37.81 -13.17
C ASP A 499 -5.46 37.71 -11.84
N SER A 500 -6.66 37.14 -11.85
CA SER A 500 -7.41 36.99 -10.61
C SER A 500 -6.87 35.87 -9.75
N LYS A 501 -6.27 34.85 -10.38
CA LYS A 501 -5.64 33.78 -9.63
C LYS A 501 -4.36 34.23 -8.95
N GLY A 502 -3.72 35.26 -9.48
CA GLY A 502 -2.56 35.87 -8.87
C GLY A 502 -1.30 35.34 -9.51
N ASN A 503 -0.80 36.08 -10.50
CA ASN A 503 0.35 35.67 -11.30
C ASN A 503 0.83 36.86 -12.10
N ILE A 504 2.11 37.16 -12.01
CA ILE A 504 2.69 38.25 -12.77
C ILE A 504 3.05 37.69 -14.14
N VAL A 505 2.40 38.18 -15.18
CA VAL A 505 2.81 37.87 -16.53
C VAL A 505 3.39 39.14 -17.16
N TYR A 506 4.45 38.98 -17.91
CA TYR A 506 5.09 40.09 -18.58
C TYR A 506 5.22 39.73 -20.06
N LYS A 507 4.90 40.68 -20.92
CA LYS A 507 5.04 40.45 -22.35
C LYS A 507 5.40 41.76 -23.02
N GLU A 508 6.04 41.65 -24.17
CA GLU A 508 6.40 42.80 -24.98
C GLU A 508 5.38 42.92 -26.10
N VAL A 509 4.51 43.90 -26.01
CA VAL A 509 3.42 44.05 -26.95
C VAL A 509 3.78 45.13 -27.96
N ASN A 510 3.04 45.14 -29.07
CA ASN A 510 3.25 46.12 -30.11
C ASN A 510 2.83 47.51 -29.64
N ARG A 511 3.67 48.50 -29.92
CA ARG A 511 3.31 49.88 -29.61
C ARG A 511 2.24 50.36 -30.57
N LYS A 512 1.28 51.12 -30.04
CA LYS A 512 0.10 51.50 -30.81
C LYS A 512 0.43 52.56 -31.86
N SER A 513 0.97 53.70 -31.42
CA SER A 513 1.25 54.79 -32.34
C SER A 513 2.47 54.50 -33.19
N VAL A 514 3.50 53.91 -32.58
CA VAL A 514 4.80 53.73 -33.23
C VAL A 514 4.79 52.38 -33.92
N ARG A 515 4.80 52.41 -35.25
CA ARG A 515 4.75 51.19 -36.05
C ARG A 515 6.11 50.77 -36.59
N LYS A 516 6.95 51.72 -36.98
CA LYS A 516 8.28 51.40 -37.47
C LYS A 516 9.34 52.20 -36.72
N LEU A 517 10.57 52.15 -37.20
CA LEU A 517 11.68 52.78 -36.50
C LEU A 517 11.85 54.25 -36.84
N GLU A 518 11.35 54.69 -37.99
CA GLU A 518 11.34 56.13 -38.27
C GLU A 518 10.36 56.86 -37.37
N GLN A 519 9.25 56.21 -37.01
CA GLN A 519 8.33 56.79 -36.04
C GLN A 519 8.87 56.72 -34.62
N TYR A 520 9.87 55.87 -34.37
CA TYR A 520 10.52 55.85 -33.07
C TYR A 520 11.37 57.10 -32.88
N VAL A 521 12.04 57.55 -33.93
CA VAL A 521 12.88 58.74 -33.83
C VAL A 521 12.02 59.99 -33.68
N PHE A 522 10.85 60.01 -34.30
CA PHE A 522 9.92 61.12 -34.09
C PHE A 522 9.38 61.11 -32.66
N GLU A 523 9.11 59.93 -32.12
CA GLU A 523 8.62 59.82 -30.75
C GLU A 523 9.70 60.19 -29.74
N MET A 524 10.97 60.02 -30.09
CA MET A 524 12.04 60.38 -29.16
C MET A 524 12.29 61.88 -29.12
N SER A 525 11.97 62.59 -30.21
CA SER A 525 12.23 64.03 -30.25
C SER A 525 11.12 64.85 -29.62
N GLN A 526 9.89 64.35 -29.64
CA GLN A 526 8.78 65.10 -29.04
C GLN A 526 8.90 65.12 -27.53
N GLY A 527 9.33 64.01 -26.94
CA GLY A 527 9.46 63.94 -25.50
C GLY A 527 8.13 63.78 -24.79
N GLY A 528 8.22 63.76 -23.47
CA GLY A 528 7.05 63.67 -22.62
C GLY A 528 6.70 65.01 -22.00
N GLU A 529 5.73 64.96 -21.08
CA GLU A 529 5.20 66.19 -20.51
C GLU A 529 6.10 66.74 -19.41
N LEU A 530 6.65 65.88 -18.56
CA LEU A 530 7.64 66.29 -17.58
C LEU A 530 9.00 66.52 -18.21
N THR A 531 9.20 65.99 -19.42
CA THR A 531 10.37 66.28 -20.22
C THR A 531 10.37 67.73 -20.71
N LYS A 532 9.20 68.36 -20.78
CA LYS A 532 9.13 69.77 -21.16
C LYS A 532 9.66 70.67 -20.06
N GLU A 533 10.51 71.62 -20.44
CA GLU A 533 11.12 72.52 -19.48
C GLU A 533 10.18 73.68 -19.14
N VAL A 534 10.72 74.68 -18.45
CA VAL A 534 9.95 75.86 -18.09
C VAL A 534 10.44 77.08 -18.86
N ALA A 599 4.27 46.93 -50.84
CA ALA A 599 5.31 47.44 -51.72
C ALA A 599 6.57 47.76 -50.94
N GLU A 600 6.74 47.09 -49.79
CA GLU A 600 7.89 47.35 -48.94
C GLU A 600 9.13 46.58 -49.39
N ILE A 601 8.95 45.45 -50.08
CA ILE A 601 10.09 44.67 -50.55
C ILE A 601 10.77 45.39 -51.72
N SER A 602 9.99 45.92 -52.65
CA SER A 602 10.54 46.53 -53.85
C SER A 602 11.16 47.90 -53.60
N SER A 603 10.97 48.48 -52.43
CA SER A 603 11.49 49.80 -52.12
C SER A 603 12.70 49.76 -51.18
N LEU A 604 13.21 48.57 -50.86
CA LEU A 604 14.35 48.48 -49.97
C LEU A 604 15.64 48.91 -50.64
N SER A 605 15.66 48.97 -51.97
CA SER A 605 16.83 49.41 -52.71
C SER A 605 16.83 50.90 -53.01
N GLU A 606 15.67 51.53 -53.03
CA GLU A 606 15.57 52.94 -53.40
C GLU A 606 15.82 53.80 -52.18
N LYS A 607 16.79 54.70 -52.29
CA LYS A 607 17.14 55.56 -51.18
C LYS A 607 16.09 56.66 -51.04
N THR A 608 15.42 56.70 -49.88
CA THR A 608 14.40 57.69 -49.64
C THR A 608 15.05 59.05 -49.37
N SER A 609 14.33 60.10 -49.71
CA SER A 609 14.73 61.46 -49.35
C SER A 609 13.94 61.91 -48.14
N ILE A 610 14.62 62.57 -47.21
CA ILE A 610 13.99 63.09 -46.00
C ILE A 610 13.18 64.33 -46.39
N VAL A 611 11.86 64.21 -46.36
CA VAL A 611 11.02 65.34 -46.75
C VAL A 611 11.01 66.42 -45.67
N ASP A 612 10.99 66.02 -44.39
CA ASP A 612 11.13 66.97 -43.31
C ASP A 612 12.06 66.38 -42.24
N PRO A 613 13.10 67.09 -41.85
CA PRO A 613 13.94 66.62 -40.76
C PRO A 613 13.18 66.66 -39.43
N VAL A 614 13.56 65.74 -38.54
CA VAL A 614 13.01 65.70 -37.20
C VAL A 614 13.47 66.89 -36.36
N SER A 615 14.59 67.52 -36.73
CA SER A 615 15.09 68.68 -36.01
C SER A 615 14.16 69.88 -36.09
N GLY A 616 13.37 69.98 -37.16
CA GLY A 616 12.37 71.02 -37.23
C GLY A 616 11.19 70.77 -36.32
N GLY A 617 10.85 69.50 -36.11
CA GLY A 617 9.71 69.11 -35.32
C GLY A 617 9.92 69.03 -33.83
N ILE A 618 11.09 69.40 -33.33
CA ILE A 618 11.29 69.43 -31.87
C ILE A 618 10.52 70.62 -31.29
N PRO A 619 9.77 70.45 -30.20
CA PRO A 619 9.12 71.58 -29.58
C PRO A 619 10.16 72.55 -29.00
N PRO A 620 9.83 73.84 -28.94
CA PRO A 620 10.84 74.82 -28.53
C PRO A 620 11.16 74.75 -27.05
N GLU A 621 12.42 75.10 -26.73
CA GLU A 621 13.04 75.21 -25.41
C GLU A 621 12.83 73.98 -24.51
N THR A 622 12.57 72.80 -25.06
CA THR A 622 12.45 71.56 -24.29
C THR A 622 13.38 70.49 -24.83
N VAL A 623 13.57 69.43 -24.05
CA VAL A 623 14.57 68.41 -24.34
C VAL A 623 13.90 67.20 -24.97
N PRO A 624 14.58 66.45 -25.85
CA PRO A 624 14.02 65.21 -26.37
C PRO A 624 14.32 64.02 -25.46
N PHE A 625 13.91 62.82 -25.87
CA PHE A 625 14.25 61.65 -25.08
C PHE A 625 15.69 61.21 -25.34
N LEU A 626 16.17 61.37 -26.56
CA LEU A 626 17.57 61.17 -26.88
C LEU A 626 18.15 62.49 -27.35
N HIS A 627 19.26 62.90 -26.75
CA HIS A 627 19.89 64.15 -27.12
C HIS A 627 21.36 64.07 -26.82
N LEU A 628 22.08 65.12 -27.18
CA LEU A 628 23.49 65.28 -26.86
C LEU A 628 23.63 66.35 -25.79
N LYS A 629 24.84 66.48 -25.26
CA LYS A 629 25.12 67.41 -24.19
C LYS A 629 26.33 68.24 -24.53
N LYS A 630 26.33 69.49 -24.09
CA LYS A 630 27.47 70.37 -24.23
C LYS A 630 28.04 70.71 -22.86
N LYS A 631 29.35 70.94 -22.82
CA LYS A 631 30.03 71.23 -21.58
C LYS A 631 30.02 72.74 -21.36
N LEU A 632 29.34 73.17 -20.30
CA LEU A 632 29.30 74.57 -19.94
C LEU A 632 30.64 75.02 -19.40
N PRO A 633 30.91 76.33 -19.40
CA PRO A 633 32.06 76.83 -18.64
C PRO A 633 31.93 76.63 -17.14
N SER A 634 30.71 76.46 -16.63
CA SER A 634 30.50 76.03 -15.26
C SER A 634 31.01 74.63 -14.97
N GLY A 635 31.26 73.82 -16.00
CA GLY A 635 31.81 72.49 -15.86
C GLY A 635 30.83 71.37 -16.04
N GLU A 636 29.53 71.66 -16.01
CA GLU A 636 28.51 70.63 -16.11
C GLU A 636 28.15 70.38 -17.57
N TRP A 637 27.34 69.36 -17.79
CA TRP A 637 26.90 68.95 -19.12
C TRP A 637 25.41 69.15 -19.20
N VAL A 638 24.98 70.10 -20.03
CA VAL A 638 23.57 70.42 -20.20
C VAL A 638 23.19 70.16 -21.64
N PHE A 639 21.89 70.18 -21.90
CA PHE A 639 21.34 69.83 -23.21
C PHE A 639 21.74 70.85 -24.27
N ASP A 640 22.46 70.39 -25.29
CA ASP A 640 22.76 71.20 -26.46
C ASP A 640 21.69 70.94 -27.52
N ARG A 641 21.11 72.00 -28.03
CA ARG A 641 20.06 71.86 -29.03
C ARG A 641 20.60 71.81 -30.46
N ASP A 642 21.83 72.27 -30.67
CA ASP A 642 22.35 72.33 -32.03
C ASP A 642 22.93 71.00 -32.48
N THR A 643 23.70 70.33 -31.62
CA THR A 643 24.28 69.05 -31.99
C THR A 643 23.29 67.90 -31.86
N SER A 644 22.36 67.97 -30.92
CA SER A 644 21.32 66.96 -30.84
C SER A 644 20.33 67.05 -31.97
N ALA A 645 20.25 68.20 -32.65
CA ALA A 645 19.51 68.25 -33.90
C ALA A 645 20.21 67.46 -34.99
N LEU A 646 21.55 67.48 -35.00
CA LEU A 646 22.30 66.71 -35.98
C LEU A 646 22.26 65.23 -35.66
N PHE A 647 22.32 64.89 -34.37
CA PHE A 647 22.28 63.49 -33.95
C PHE A 647 20.93 62.87 -34.23
N LEU A 648 19.85 63.63 -34.06
CA LEU A 648 18.52 63.11 -34.32
C LEU A 648 18.12 63.20 -35.79
N ASP A 649 18.93 63.86 -36.62
CA ASP A 649 18.77 63.73 -38.07
C ASP A 649 19.42 62.45 -38.58
N GLY A 650 20.59 62.11 -38.03
CA GLY A 650 21.26 60.89 -38.44
C GLY A 650 20.54 59.64 -37.99
N LEU A 651 19.76 59.73 -36.92
CA LEU A 651 18.92 58.60 -36.54
C LEU A 651 17.73 58.46 -37.47
N GLN A 652 17.28 59.54 -38.10
CA GLN A 652 16.20 59.42 -39.06
C GLN A 652 16.73 58.97 -40.41
N LYS A 653 17.88 59.50 -40.82
CA LYS A 653 18.49 59.08 -42.07
C LYS A 653 18.95 57.62 -41.98
N GLY A 654 19.40 57.20 -40.82
CA GLY A 654 19.75 55.81 -40.62
C GLY A 654 18.58 54.89 -40.37
N ALA A 655 17.37 55.40 -40.32
CA ALA A 655 16.18 54.57 -40.13
C ALA A 655 15.47 54.23 -41.43
N VAL A 656 15.36 55.19 -42.35
CA VAL A 656 14.72 54.90 -43.63
C VAL A 656 15.72 54.42 -44.67
N ASN A 657 16.91 54.98 -44.66
CA ASN A 657 18.08 54.34 -45.24
C ASN A 657 18.74 53.55 -44.11
N GLY A 658 19.99 53.12 -44.28
CA GLY A 658 20.70 52.44 -43.23
C GLY A 658 22.03 53.09 -42.93
N ILE A 659 22.65 52.61 -41.87
CA ILE A 659 23.98 53.04 -41.48
C ILE A 659 24.98 52.03 -41.98
N SER A 660 25.99 52.49 -42.70
CA SER A 660 27.05 51.65 -43.23
C SER A 660 28.29 51.79 -42.37
N TYR A 661 28.86 50.67 -41.95
CA TYR A 661 30.10 50.67 -41.19
C TYR A 661 31.24 50.05 -41.96
N LYS A 662 31.17 50.05 -43.28
CA LYS A 662 32.14 49.36 -44.11
C LYS A 662 33.49 50.06 -44.02
N GLY A 663 34.51 49.32 -43.62
CA GLY A 663 35.82 49.88 -43.42
C GLY A 663 36.17 50.16 -41.98
N LYS A 664 35.41 49.63 -41.02
CA LYS A 664 35.64 49.86 -39.61
C LYS A 664 36.11 48.59 -38.94
N ASN A 665 37.12 48.72 -38.09
CA ASN A 665 37.55 47.64 -37.21
C ASN A 665 37.09 47.96 -35.80
N VAL A 666 36.19 47.13 -35.28
CA VAL A 666 35.56 47.38 -33.99
C VAL A 666 35.98 46.28 -33.01
N LEU A 667 36.30 46.67 -31.79
CA LEU A 667 36.52 45.72 -30.71
C LEU A 667 35.45 45.97 -29.66
N ILE A 668 34.60 44.97 -29.41
CA ILE A 668 33.55 45.08 -28.42
C ILE A 668 33.73 43.97 -27.40
N THR A 669 33.75 44.34 -26.13
CA THR A 669 33.82 43.39 -25.03
C THR A 669 32.48 43.37 -24.31
N GLY A 670 32.20 42.25 -23.66
CA GLY A 670 30.96 42.13 -22.92
C GLY A 670 29.74 41.99 -23.79
N ALA A 671 29.92 41.48 -25.00
CA ALA A 671 28.81 41.29 -25.92
C ALA A 671 28.25 39.87 -25.79
N GLY A 672 27.85 39.53 -24.58
CA GLY A 672 27.31 38.21 -24.31
C GLY A 672 25.91 38.06 -24.87
N ALA A 673 25.42 36.83 -24.81
CA ALA A 673 24.13 36.51 -25.40
C ALA A 673 22.99 37.13 -24.60
N GLY A 674 22.00 37.67 -25.32
CA GLY A 674 20.89 38.33 -24.68
C GLY A 674 21.24 39.62 -23.99
N SER A 675 22.06 40.45 -24.62
CA SER A 675 22.55 41.68 -24.02
C SER A 675 22.45 42.80 -25.03
N ILE A 676 22.85 44.00 -24.61
CA ILE A 676 22.92 45.14 -25.51
C ILE A 676 24.00 44.90 -26.56
N GLY A 677 25.19 44.47 -26.12
CA GLY A 677 26.34 44.34 -26.99
C GLY A 677 26.20 43.30 -28.07
N ALA A 678 25.36 42.29 -27.86
CA ALA A 678 25.12 41.31 -28.92
C ALA A 678 24.20 41.85 -30.00
N GLU A 679 23.46 42.92 -29.73
CA GLU A 679 22.65 43.58 -30.73
C GLU A 679 23.36 44.75 -31.39
N VAL A 680 24.33 45.35 -30.71
CA VAL A 680 25.24 46.26 -31.39
C VAL A 680 26.16 45.48 -32.31
N LEU A 681 26.45 44.22 -31.96
CA LEU A 681 27.35 43.41 -32.76
C LEU A 681 26.70 43.03 -34.09
N GLN A 682 25.45 42.58 -34.07
CA GLN A 682 24.83 42.18 -35.33
C GLN A 682 24.39 43.36 -36.17
N GLY A 683 24.44 44.56 -35.63
CA GLY A 683 24.22 45.74 -36.43
C GLY A 683 25.51 46.23 -37.04
N LEU A 684 26.61 46.03 -36.33
CA LEU A 684 27.91 46.37 -36.89
C LEU A 684 28.32 45.39 -37.97
N ILE A 685 27.99 44.11 -37.78
CA ILE A 685 28.36 43.07 -38.72
C ILE A 685 27.53 43.18 -39.98
N SER A 686 26.24 43.44 -39.85
CA SER A 686 25.40 43.63 -41.02
C SER A 686 25.63 44.98 -41.69
N GLY A 687 26.33 45.90 -41.05
CA GLY A 687 26.72 47.13 -41.71
C GLY A 687 27.94 46.98 -42.60
N GLY A 688 28.80 46.01 -42.31
CA GLY A 688 29.95 45.74 -43.14
C GLY A 688 31.26 45.87 -42.41
N ALA A 689 31.20 45.85 -41.09
CA ALA A 689 32.39 46.11 -40.27
C ALA A 689 33.10 44.81 -39.92
N LYS A 690 34.39 44.95 -39.64
CA LYS A 690 35.18 43.86 -39.09
C LYS A 690 35.17 43.99 -37.58
N VAL A 691 34.60 43.00 -36.91
CA VAL A 691 34.40 43.06 -35.46
C VAL A 691 35.17 41.91 -34.82
N ILE A 692 35.88 42.21 -33.74
CA ILE A 692 36.43 41.20 -32.85
C ILE A 692 35.67 41.23 -31.53
N VAL A 693 35.14 40.08 -31.13
CA VAL A 693 34.29 39.94 -29.96
C VAL A 693 35.03 39.10 -28.93
N THR A 694 35.04 39.57 -27.69
CA THR A 694 35.68 38.86 -26.60
C THR A 694 34.64 38.17 -25.73
N THR A 695 35.04 37.06 -25.12
CA THR A 695 34.14 36.30 -24.25
C THR A 695 34.92 35.78 -23.05
N SER A 696 34.31 35.87 -21.87
CA SER A 696 34.90 35.23 -20.70
C SER A 696 34.52 33.76 -20.63
N ARG A 697 33.29 33.41 -21.05
CA ARG A 697 32.80 32.05 -20.99
C ARG A 697 32.92 31.38 -22.36
N PHE A 698 34.15 31.19 -22.81
CA PHE A 698 34.40 30.58 -24.12
C PHE A 698 34.06 29.10 -24.06
N SER A 699 33.12 28.68 -24.91
CA SER A 699 32.66 27.30 -24.91
C SER A 699 32.17 26.96 -26.30
N LYS A 700 31.50 25.81 -26.43
CA LYS A 700 30.94 25.43 -27.72
C LYS A 700 29.59 26.09 -27.94
N LYS A 701 28.80 26.25 -26.87
CA LYS A 701 27.53 26.96 -26.96
C LYS A 701 27.71 28.43 -27.30
N VAL A 702 28.82 29.02 -26.90
CA VAL A 702 29.03 30.44 -27.13
C VAL A 702 29.50 30.69 -28.55
N THR A 703 30.47 29.89 -29.02
CA THR A 703 30.98 30.08 -30.37
C THR A 703 29.98 29.65 -31.43
N GLU A 704 28.99 28.84 -31.07
CA GLU A 704 27.89 28.54 -31.99
C GLU A 704 26.80 29.60 -31.94
N TYR A 705 26.74 30.38 -30.87
CA TYR A 705 25.86 31.54 -30.85
C TYR A 705 26.36 32.62 -31.80
N TYR A 706 27.67 32.87 -31.79
CA TYR A 706 28.22 33.94 -32.60
C TYR A 706 28.36 33.53 -34.06
N GLN A 707 28.49 32.24 -34.35
CA GLN A 707 28.51 31.80 -35.73
C GLN A 707 27.14 31.94 -36.37
N ASP A 708 26.08 31.71 -35.59
CA ASP A 708 24.73 31.87 -36.10
C ASP A 708 24.41 33.33 -36.35
N ILE A 709 25.07 34.25 -35.65
CA ILE A 709 24.90 35.67 -35.92
C ILE A 709 25.52 36.02 -37.27
N TYR A 710 26.74 35.54 -37.53
CA TYR A 710 27.39 35.85 -38.79
C TYR A 710 26.73 35.12 -39.95
N ALA A 711 26.22 33.92 -39.71
CA ALA A 711 25.60 33.16 -40.80
C ALA A 711 24.27 33.76 -41.23
N ARG A 712 23.64 34.56 -40.39
CA ARG A 712 22.37 35.18 -40.72
C ARG A 712 22.45 36.67 -40.95
N PHE A 713 23.33 37.37 -40.24
CA PHE A 713 23.40 38.82 -40.29
C PHE A 713 24.76 39.32 -40.74
N GLY A 714 25.49 38.52 -41.51
CA GLY A 714 26.73 38.98 -42.07
C GLY A 714 26.49 39.96 -43.20
N ALA A 715 27.60 40.46 -43.75
CA ALA A 715 27.52 41.35 -44.89
C ALA A 715 28.78 41.17 -45.69
N ALA A 716 28.75 41.67 -46.92
CA ALA A 716 29.87 41.49 -47.84
C ALA A 716 31.06 42.30 -47.36
N GLY A 717 32.09 41.62 -46.87
CA GLY A 717 33.26 42.27 -46.35
C GLY A 717 33.34 42.31 -44.85
N SER A 718 32.32 41.84 -44.16
CA SER A 718 32.35 41.80 -42.72
C SER A 718 33.08 40.56 -42.24
N CYS A 719 33.56 40.63 -41.01
CA CYS A 719 34.34 39.57 -40.39
C CYS A 719 34.04 39.59 -38.91
N LEU A 720 33.83 38.41 -38.34
CA LEU A 720 33.59 38.30 -36.91
C LEU A 720 34.60 37.34 -36.32
N ILE A 721 35.31 37.79 -35.28
CA ILE A 721 36.35 37.01 -34.62
C ILE A 721 35.99 36.89 -33.15
N VAL A 722 35.91 35.66 -32.67
CA VAL A 722 35.58 35.37 -31.28
C VAL A 722 36.82 34.89 -30.56
N VAL A 723 37.18 35.53 -29.47
CA VAL A 723 38.36 35.16 -28.70
C VAL A 723 37.96 34.91 -27.25
N PRO A 724 38.69 34.06 -26.51
CA PRO A 724 38.49 34.00 -25.06
C PRO A 724 39.29 35.09 -24.38
N PHE A 725 38.65 35.83 -23.48
CA PHE A 725 39.29 37.02 -22.94
C PHE A 725 38.71 37.33 -21.58
N ASN A 726 39.58 37.53 -20.60
CA ASN A 726 39.21 37.90 -19.25
C ASN A 726 39.65 39.34 -19.03
N GLN A 727 38.70 40.25 -18.85
CA GLN A 727 39.08 41.64 -18.64
C GLN A 727 39.50 41.91 -17.21
N GLY A 728 39.34 40.96 -16.29
CA GLY A 728 39.87 41.14 -14.96
C GLY A 728 41.38 41.03 -14.88
N SER A 729 42.01 40.49 -15.91
CA SER A 729 43.44 40.25 -15.91
C SER A 729 44.18 41.33 -16.66
N LYS A 730 45.38 41.66 -16.16
CA LYS A 730 46.20 42.69 -16.79
C LYS A 730 47.00 42.14 -17.97
N GLN A 731 47.50 40.92 -17.85
CA GLN A 731 48.23 40.28 -18.95
C GLN A 731 47.31 39.93 -20.10
N ASP A 732 46.02 39.82 -19.84
CA ASP A 732 45.04 39.49 -20.85
C ASP A 732 44.68 40.69 -21.70
N VAL A 733 44.58 41.88 -21.10
CA VAL A 733 44.29 43.08 -21.89
C VAL A 733 45.50 43.59 -22.65
N GLU A 734 46.69 43.08 -22.36
CA GLU A 734 47.87 43.42 -23.14
C GLU A 734 48.14 42.43 -24.25
N ALA A 735 47.81 41.16 -24.03
CA ALA A 735 47.98 40.15 -25.06
C ALA A 735 46.94 40.27 -26.14
N LEU A 736 45.76 40.81 -25.83
CA LEU A 736 44.70 40.94 -26.82
C LEU A 736 44.99 42.05 -27.82
N ILE A 737 45.37 43.24 -27.32
CA ILE A 737 45.59 44.37 -28.21
C ILE A 737 46.85 44.17 -29.02
N ASP A 738 47.84 43.47 -28.47
CA ASP A 738 49.03 43.14 -29.23
C ASP A 738 48.71 42.16 -30.35
N TYR A 739 47.77 41.25 -30.11
CA TYR A 739 47.36 40.30 -31.13
C TYR A 739 46.59 40.99 -32.26
N ILE A 740 45.89 42.08 -31.94
CA ILE A 740 45.15 42.79 -32.97
C ILE A 740 46.10 43.56 -33.88
N TYR A 741 47.14 44.15 -33.30
CA TYR A 741 48.03 45.01 -34.07
C TYR A 741 49.25 44.29 -34.62
N ARG A 742 49.51 43.06 -34.21
CA ARG A 742 50.58 42.26 -34.79
C ARG A 742 50.32 41.99 -36.26
N ASP A 743 51.39 41.75 -37.01
CA ASP A 743 51.24 41.40 -38.41
C ASP A 743 50.70 39.98 -38.54
N VAL A 744 50.23 39.66 -39.74
CA VAL A 744 49.69 38.33 -39.99
C VAL A 744 50.82 37.31 -40.03
N LYS A 745 52.01 37.74 -40.46
CA LYS A 745 53.17 36.85 -40.42
C LYS A 745 53.65 36.61 -38.99
N ASP A 746 53.40 37.55 -38.08
CA ASP A 746 53.68 37.36 -36.67
C ASP A 746 52.51 36.79 -35.92
N GLU A 747 51.56 36.15 -36.63
CA GLU A 747 50.41 35.45 -36.06
C GLU A 747 49.50 36.41 -35.29
N GLY A 748 49.19 37.54 -35.91
CA GLY A 748 48.25 38.49 -35.38
C GLY A 748 47.13 38.76 -36.36
N LEU A 749 46.45 39.89 -36.23
CA LEU A 749 45.37 40.23 -37.14
C LEU A 749 45.76 41.26 -38.17
N GLY A 750 46.73 42.10 -37.89
CA GLY A 750 47.08 43.17 -38.82
C GLY A 750 46.10 44.30 -38.84
N TRP A 751 45.30 44.45 -37.80
CA TRP A 751 44.21 45.41 -37.82
C TRP A 751 44.66 46.74 -37.26
N ASP A 752 43.70 47.64 -37.11
CA ASP A 752 43.89 48.98 -36.59
C ASP A 752 42.51 49.42 -36.16
N LEU A 753 42.31 49.65 -34.87
CA LEU A 753 40.96 49.81 -34.36
C LEU A 753 40.37 51.15 -34.76
N ASP A 754 39.07 51.13 -35.00
CA ASP A 754 38.29 52.33 -35.28
C ASP A 754 37.23 52.60 -34.23
N ALA A 755 36.97 51.64 -33.35
CA ALA A 755 35.98 51.79 -32.30
C ALA A 755 36.26 50.77 -31.22
N VAL A 756 36.13 51.17 -29.97
CA VAL A 756 36.21 50.26 -28.83
C VAL A 756 34.92 50.42 -28.05
N ILE A 757 34.18 49.32 -27.88
CA ILE A 757 32.92 49.36 -27.16
C ILE A 757 33.03 48.47 -25.93
N PRO A 758 33.57 48.97 -24.84
CA PRO A 758 33.81 48.10 -23.67
C PRO A 758 32.60 47.93 -22.77
N PHE A 759 31.73 46.99 -23.09
CA PHE A 759 30.50 46.80 -22.34
C PHE A 759 30.61 45.74 -21.25
N ALA A 760 31.82 45.32 -20.90
CA ALA A 760 32.00 44.21 -19.96
C ALA A 760 31.75 44.65 -18.53
N ALA A 761 31.06 43.81 -17.78
CA ALA A 761 30.63 44.17 -16.43
C ALA A 761 30.43 42.90 -15.62
N ILE A 762 30.12 43.08 -14.33
CA ILE A 762 29.73 41.98 -13.45
C ILE A 762 28.45 42.41 -12.72
N PRO A 763 27.40 41.59 -12.77
CA PRO A 763 26.15 41.98 -12.11
C PRO A 763 26.18 41.77 -10.60
N GLU A 764 26.70 42.74 -9.87
CA GLU A 764 26.75 42.69 -8.42
C GLU A 764 25.57 43.44 -7.81
N ALA A 765 24.99 42.85 -6.76
CA ALA A 765 23.78 43.38 -6.17
C ALA A 765 23.68 42.94 -4.71
N GLY A 766 22.95 43.72 -3.92
CA GLY A 766 22.82 43.45 -2.52
C GLY A 766 24.04 43.80 -1.69
N ILE A 767 25.01 44.49 -2.26
CA ILE A 767 26.29 44.77 -1.62
C ILE A 767 26.28 46.21 -1.13
N GLU A 768 26.26 46.39 0.18
CA GLU A 768 26.24 47.70 0.79
C GLU A 768 27.67 48.23 0.92
N ILE A 769 27.88 49.28 1.70
CA ILE A 769 29.22 49.82 1.91
C ILE A 769 30.05 48.92 2.83
N ASP A 770 29.43 48.01 3.56
CA ASP A 770 30.14 47.19 4.52
C ASP A 770 30.38 45.76 4.08
N GLU A 771 29.92 45.37 2.91
CA GLU A 771 30.23 44.07 2.33
C GLU A 771 31.06 44.19 1.06
N LEU A 772 32.06 45.07 1.06
CA LEU A 772 32.96 45.26 -0.07
C LEU A 772 33.88 44.06 -0.17
N GLY A 773 33.36 42.99 -0.76
CA GLY A 773 34.03 41.72 -0.78
C GLY A 773 35.01 41.58 -1.91
N SER A 774 35.26 40.33 -2.28
CA SER A 774 36.16 40.02 -3.39
C SER A 774 35.49 40.22 -4.74
N LYS A 775 34.19 39.96 -4.84
CA LYS A 775 33.46 40.16 -6.08
C LYS A 775 33.35 41.64 -6.41
N SER A 776 33.29 42.49 -5.39
CA SER A 776 33.17 43.93 -5.62
C SER A 776 34.47 44.53 -6.09
N GLU A 777 35.60 44.02 -5.59
CA GLU A 777 36.88 44.55 -5.99
C GLU A 777 37.32 44.03 -7.35
N LEU A 778 36.90 42.81 -7.70
CA LEU A 778 37.19 42.29 -9.02
C LEU A 778 36.41 43.02 -10.08
N ALA A 779 35.12 43.27 -9.82
CA ALA A 779 34.27 43.96 -10.78
C ALA A 779 34.72 45.39 -11.00
N HIS A 780 35.38 45.99 -10.02
CA HIS A 780 35.92 47.33 -10.22
C HIS A 780 37.19 47.29 -11.06
N ARG A 781 37.92 46.19 -11.04
CA ARG A 781 39.08 46.06 -11.90
C ARG A 781 38.66 45.86 -13.35
N ILE A 782 37.54 45.17 -13.56
CA ILE A 782 37.02 44.97 -14.91
C ILE A 782 36.44 46.27 -15.45
N MET A 783 35.66 46.97 -14.65
CA MET A 783 34.85 48.06 -15.18
C MET A 783 35.60 49.39 -15.22
N LEU A 784 36.59 49.59 -14.36
CA LEU A 784 37.33 50.86 -14.39
C LEU A 784 38.81 50.67 -14.70
N THR A 785 39.53 49.84 -13.93
CA THR A 785 40.99 49.87 -13.98
C THR A 785 41.53 49.25 -15.26
N ASN A 786 41.11 48.04 -15.58
CA ASN A 786 41.55 47.42 -16.81
C ASN A 786 40.80 47.92 -18.03
N LEU A 787 39.72 48.67 -17.84
CA LEU A 787 39.16 49.38 -18.99
C LEU A 787 40.08 50.51 -19.40
N LEU A 788 40.57 51.28 -18.43
CA LEU A 788 41.51 52.36 -18.73
C LEU A 788 42.86 51.82 -19.17
N ARG A 789 43.22 50.62 -18.73
CA ARG A 789 44.43 50.00 -19.23
C ARG A 789 44.26 49.50 -20.65
N LEU A 790 43.04 49.10 -21.02
CA LEU A 790 42.78 48.63 -22.37
C LEU A 790 42.83 49.77 -23.37
N LEU A 791 42.38 50.96 -22.99
CA LEU A 791 42.53 52.11 -23.84
C LEU A 791 43.95 52.65 -23.82
N GLY A 792 44.72 52.32 -22.79
CA GLY A 792 46.12 52.68 -22.79
C GLY A 792 46.95 51.80 -23.70
N GLU A 793 46.52 50.56 -23.91
CA GLU A 793 47.20 49.70 -24.87
C GLU A 793 46.90 50.12 -26.29
N VAL A 794 45.66 50.51 -26.58
CA VAL A 794 45.27 50.93 -27.92
C VAL A 794 46.01 52.21 -28.31
N LYS A 795 46.24 53.08 -27.34
CA LYS A 795 47.03 54.28 -27.61
C LYS A 795 48.49 53.93 -27.88
N LYS A 796 49.03 52.95 -27.17
CA LYS A 796 50.45 52.61 -27.31
C LYS A 796 50.73 51.93 -28.65
N GLN A 797 49.81 51.10 -29.12
CA GLN A 797 50.00 50.45 -30.40
C GLN A 797 49.88 51.44 -31.55
N LYS A 798 49.02 52.45 -31.41
CA LYS A 798 48.91 53.47 -32.43
C LYS A 798 50.08 54.44 -32.38
N PHE A 799 50.68 54.63 -31.21
CA PHE A 799 51.74 55.61 -31.08
C PHE A 799 53.07 55.05 -31.57
N THR A 800 53.34 53.77 -31.31
CA THR A 800 54.60 53.20 -31.77
C THR A 800 54.62 52.95 -33.26
N ARG A 801 53.45 52.79 -33.88
CA ARG A 801 53.38 52.70 -35.33
C ARG A 801 53.19 54.05 -35.98
N ALA A 802 53.18 55.12 -35.19
CA ALA A 802 52.97 56.51 -35.61
C ALA A 802 51.66 56.66 -36.38
N ILE A 803 50.57 56.33 -35.72
CA ILE A 803 49.23 56.42 -36.29
C ILE A 803 48.52 57.54 -35.56
N ASN A 804 48.54 58.73 -36.15
CA ASN A 804 47.89 59.89 -35.55
C ASN A 804 46.80 60.49 -36.43
N THR A 805 46.42 59.80 -37.51
CA THR A 805 45.33 60.23 -38.36
C THR A 805 44.23 59.18 -38.40
N ARG A 806 44.13 58.37 -37.35
CA ARG A 806 43.06 57.37 -37.26
C ARG A 806 42.74 57.16 -35.79
N PRO A 807 41.87 57.98 -35.22
CA PRO A 807 41.53 57.81 -33.81
C PRO A 807 40.51 56.70 -33.61
N ALA A 808 40.66 55.98 -32.50
CA ALA A 808 39.72 54.92 -32.15
C ALA A 808 38.65 55.51 -31.25
N GLN A 809 37.40 55.46 -31.70
CA GLN A 809 36.30 56.08 -30.97
C GLN A 809 35.88 55.18 -29.82
N ILE A 810 36.05 55.65 -28.60
CA ILE A 810 35.65 54.90 -27.42
C ILE A 810 34.21 55.25 -27.12
N ILE A 811 33.37 54.24 -26.92
CA ILE A 811 31.97 54.43 -26.58
C ILE A 811 31.80 53.89 -25.16
N LEU A 812 31.76 54.79 -24.20
CA LEU A 812 31.72 54.38 -22.81
C LEU A 812 30.29 54.08 -22.39
N PRO A 813 30.04 52.97 -21.72
CA PRO A 813 28.68 52.70 -21.23
C PRO A 813 28.42 53.40 -19.91
N LEU A 814 28.21 54.71 -19.98
CA LEU A 814 27.95 55.49 -18.77
C LEU A 814 26.57 55.17 -18.22
N SER A 815 26.31 55.67 -17.02
CA SER A 815 25.07 55.40 -16.34
C SER A 815 24.47 56.70 -15.85
N PRO A 816 23.15 56.77 -15.73
CA PRO A 816 22.54 57.97 -15.15
C PRO A 816 22.56 57.97 -13.64
N ASN A 817 22.60 56.78 -13.05
CA ASN A 817 22.37 56.58 -11.62
C ASN A 817 23.71 56.31 -10.93
N HIS A 818 24.23 57.34 -10.25
CA HIS A 818 25.49 57.22 -9.52
C HIS A 818 25.18 57.10 -8.03
N GLY A 819 24.84 55.89 -7.61
CA GLY A 819 24.51 55.64 -6.24
C GLY A 819 23.09 55.95 -5.86
N THR A 820 22.24 56.33 -6.82
CA THR A 820 20.88 56.71 -6.49
C THR A 820 19.97 55.50 -6.30
N PHE A 821 20.42 54.29 -6.63
CA PHE A 821 19.67 53.09 -6.35
C PHE A 821 20.23 52.31 -5.17
N GLY A 822 21.54 52.30 -5.02
CA GLY A 822 22.18 51.69 -3.88
C GLY A 822 22.25 50.18 -3.99
N SER A 823 23.05 49.61 -3.07
CA SER A 823 23.28 48.16 -2.93
C SER A 823 23.80 47.54 -4.22
N ASP A 824 24.79 48.20 -4.83
CA ASP A 824 25.35 47.71 -6.08
C ASP A 824 26.87 47.55 -6.02
N GLY A 825 27.47 47.62 -4.84
CA GLY A 825 28.90 47.44 -4.73
C GLY A 825 29.65 48.66 -5.21
N LEU A 826 30.66 48.44 -6.06
CA LEU A 826 31.43 49.50 -6.67
C LEU A 826 31.01 49.76 -8.10
N TYR A 827 29.74 49.51 -8.45
CA TYR A 827 29.29 49.70 -9.81
C TYR A 827 29.20 51.19 -10.13
N SER A 828 28.62 51.97 -9.23
CA SER A 828 28.48 53.40 -9.44
C SER A 828 29.78 54.14 -9.22
N GLU A 829 30.71 53.57 -8.47
CA GLU A 829 32.02 54.17 -8.29
C GLU A 829 32.92 53.98 -9.49
N SER A 830 32.64 52.98 -10.33
CA SER A 830 33.42 52.75 -11.53
C SER A 830 32.79 53.36 -12.77
N LYS A 831 31.48 53.59 -12.77
CA LYS A 831 30.88 54.34 -13.87
C LYS A 831 31.07 55.84 -13.71
N LEU A 832 31.09 56.34 -12.48
CA LEU A 832 31.36 57.75 -12.26
C LEU A 832 32.84 58.07 -12.44
N GLY A 833 33.72 57.11 -12.19
CA GLY A 833 35.13 57.32 -12.42
C GLY A 833 35.51 57.37 -13.88
N LEU A 834 34.63 56.85 -14.76
CA LEU A 834 34.87 56.90 -16.20
C LEU A 834 34.60 58.27 -16.80
N GLU A 835 34.06 59.20 -16.02
CA GLU A 835 33.72 60.52 -16.51
C GLU A 835 34.87 61.50 -16.38
N THR A 836 36.07 61.03 -16.02
CA THR A 836 37.24 61.86 -16.12
C THR A 836 37.84 61.85 -17.52
N LEU A 837 37.37 60.96 -18.39
CA LEU A 837 37.92 60.86 -19.73
C LEU A 837 37.53 62.02 -20.61
N PHE A 838 36.49 62.77 -20.24
CA PHE A 838 36.11 63.94 -20.99
C PHE A 838 37.02 65.11 -20.72
N ASN A 839 37.63 65.15 -19.53
CA ASN A 839 38.60 66.19 -19.20
C ASN A 839 40.02 65.74 -19.41
N ARG A 840 40.30 64.44 -19.32
CA ARG A 840 41.62 63.92 -19.63
C ARG A 840 41.88 63.83 -21.11
N TRP A 841 40.86 63.99 -21.95
CA TRP A 841 41.08 64.08 -23.38
C TRP A 841 41.86 65.34 -23.73
N TYR A 842 41.55 66.44 -23.07
CA TYR A 842 42.22 67.71 -23.35
C TYR A 842 43.58 67.79 -22.69
N SER A 843 43.69 67.33 -21.45
CA SER A 843 44.86 67.57 -20.64
C SER A 843 46.01 66.62 -20.92
N GLU A 844 45.82 65.61 -21.77
CA GLU A 844 46.80 64.57 -21.96
C GLU A 844 47.11 64.42 -23.45
N SER A 845 47.96 63.45 -23.76
CA SER A 845 48.60 63.35 -25.07
C SER A 845 47.90 62.41 -26.02
N TRP A 846 46.80 61.77 -25.62
CA TRP A 846 46.15 60.77 -26.45
C TRP A 846 44.97 61.33 -27.22
N SER A 847 45.02 62.60 -27.61
CA SER A 847 43.88 63.22 -28.28
C SER A 847 43.71 62.68 -29.69
N GLU A 848 44.81 62.47 -30.39
CA GLU A 848 44.75 62.04 -31.78
C GLU A 848 44.80 60.54 -31.95
N GLN A 849 44.85 59.79 -30.85
CA GLN A 849 44.79 58.34 -30.90
C GLN A 849 43.48 57.78 -30.38
N LEU A 850 42.75 58.54 -29.58
CA LEU A 850 41.49 58.10 -29.01
C LEU A 850 40.51 59.26 -29.04
N THR A 851 39.24 58.94 -29.27
CA THR A 851 38.17 59.93 -29.17
C THR A 851 37.07 59.34 -28.31
N VAL A 852 36.48 60.15 -27.44
CA VAL A 852 35.58 59.68 -26.41
C VAL A 852 34.15 60.03 -26.81
N CYS A 853 33.25 59.04 -26.71
CA CYS A 853 31.87 59.19 -27.13
C CYS A 853 30.96 58.56 -26.08
N GLY A 854 31.09 59.01 -24.83
CA GLY A 854 30.35 58.40 -23.74
C GLY A 854 28.85 58.53 -23.93
N ALA A 855 28.13 57.47 -23.53
CA ALA A 855 26.71 57.34 -23.76
C ALA A 855 26.02 56.93 -22.48
N ILE A 856 24.95 57.64 -22.13
CA ILE A 856 24.19 57.36 -20.92
C ILE A 856 23.13 56.32 -21.29
N ILE A 857 23.41 55.05 -20.97
CA ILE A 857 22.49 53.98 -21.28
C ILE A 857 21.28 54.05 -20.35
N GLY A 858 20.09 54.14 -20.93
CA GLY A 858 18.88 54.37 -20.17
C GLY A 858 18.31 53.11 -19.57
N TRP A 859 17.04 53.18 -19.17
CA TRP A 859 16.35 52.04 -18.59
C TRP A 859 16.03 51.04 -19.68
N THR A 860 16.95 50.14 -19.98
CA THR A 860 16.73 49.12 -20.99
C THR A 860 15.97 47.95 -20.38
N ARG A 861 14.88 47.56 -21.03
CA ARG A 861 14.22 46.33 -20.64
C ARG A 861 15.08 45.14 -21.06
N GLY A 862 14.85 44.02 -20.39
CA GLY A 862 15.65 42.84 -20.66
C GLY A 862 15.25 42.10 -21.92
N THR A 863 15.38 40.78 -21.87
CA THR A 863 15.04 39.92 -23.00
C THR A 863 13.59 39.47 -22.96
N GLY A 864 12.72 40.21 -22.28
CA GLY A 864 11.40 39.70 -21.98
C GLY A 864 11.38 38.66 -20.88
N LEU A 865 12.48 38.54 -20.13
CA LEU A 865 12.62 37.53 -19.10
C LEU A 865 12.00 38.02 -17.80
N MET A 866 12.06 37.16 -16.78
CA MET A 866 11.48 37.46 -15.47
C MET A 866 12.45 38.35 -14.71
N SER A 867 12.16 39.64 -14.65
CA SER A 867 13.02 40.59 -13.96
C SER A 867 12.16 41.57 -13.19
N GLY A 868 12.71 42.06 -12.07
CA GLY A 868 12.05 43.12 -11.32
C GLY A 868 12.15 44.48 -11.98
N ASN A 869 13.07 44.64 -12.93
CA ASN A 869 13.17 45.88 -13.70
C ASN A 869 12.45 45.79 -15.04
N ASN A 870 11.78 44.67 -15.30
CA ASN A 870 10.90 44.54 -16.46
C ASN A 870 9.43 44.70 -16.11
N ILE A 871 9.04 44.32 -14.90
CA ILE A 871 7.63 44.32 -14.55
C ILE A 871 7.15 45.72 -14.21
N ILE A 872 8.03 46.58 -13.72
CA ILE A 872 7.63 47.93 -13.36
C ILE A 872 7.85 48.93 -14.49
N ALA A 873 8.33 48.48 -15.64
CA ALA A 873 8.57 49.38 -16.76
C ALA A 873 7.26 49.90 -17.33
N GLU A 874 6.17 49.13 -17.21
CA GLU A 874 4.88 49.59 -17.70
C GLU A 874 4.34 50.74 -16.85
N GLY A 875 4.43 50.62 -15.52
CA GLY A 875 4.01 51.70 -14.66
C GLY A 875 4.98 52.86 -14.63
N LEU A 876 6.22 52.64 -15.03
CA LEU A 876 7.20 53.71 -15.16
C LEU A 876 6.99 54.53 -16.41
N GLU A 877 6.36 53.96 -17.43
CA GLU A 877 6.04 54.68 -18.65
C GLU A 877 4.74 55.44 -18.56
N LYS A 878 3.97 55.26 -17.49
CA LYS A 878 2.78 56.08 -17.27
C LYS A 878 3.13 57.50 -16.87
N LEU A 879 4.35 57.74 -16.40
CA LEU A 879 4.80 59.07 -16.04
C LEU A 879 5.26 59.88 -17.24
N GLY A 880 5.16 59.35 -18.45
CA GLY A 880 5.66 60.06 -19.61
C GLY A 880 7.14 59.88 -19.83
N VAL A 881 7.67 58.69 -19.54
CA VAL A 881 9.10 58.42 -19.57
C VAL A 881 9.31 57.13 -20.35
N ARG A 882 10.20 57.17 -21.34
CA ARG A 882 10.40 56.06 -22.25
C ARG A 882 11.41 55.07 -21.68
N THR A 883 11.04 53.80 -21.66
CA THR A 883 11.97 52.70 -21.43
C THR A 883 12.21 52.00 -22.76
N PHE A 884 13.39 51.42 -22.90
CA PHE A 884 13.85 50.92 -24.19
C PHE A 884 13.94 49.40 -24.17
N SER A 885 13.71 48.81 -25.34
CA SER A 885 14.07 47.42 -25.54
C SER A 885 15.54 47.35 -25.90
N GLN A 886 16.07 46.14 -26.02
CA GLN A 886 17.50 46.02 -26.31
C GLN A 886 17.82 46.24 -27.78
N LYS A 887 16.82 46.21 -28.66
CA LYS A 887 17.05 46.50 -30.06
C LYS A 887 16.87 47.98 -30.37
N GLU A 888 16.01 48.68 -29.63
CA GLU A 888 15.95 50.12 -29.75
C GLU A 888 17.19 50.76 -29.15
N MET A 889 17.66 50.23 -28.02
CA MET A 889 18.82 50.79 -27.36
C MET A 889 20.10 50.54 -28.15
N ALA A 890 20.16 49.44 -28.88
CA ALA A 890 21.31 49.18 -29.75
C ALA A 890 21.30 50.08 -30.96
N PHE A 891 20.11 50.46 -31.45
CA PHE A 891 20.02 51.40 -32.56
C PHE A 891 20.47 52.78 -32.14
N ASN A 892 20.31 53.13 -30.87
CA ASN A 892 20.78 54.42 -30.38
C ASN A 892 22.30 54.46 -30.32
N ILE A 893 22.92 53.37 -29.88
CA ILE A 893 24.38 53.31 -29.80
C ILE A 893 24.98 53.16 -31.20
N LEU A 894 24.30 52.44 -32.09
CA LEU A 894 24.77 52.34 -33.47
C LEU A 894 24.62 53.64 -34.23
N GLY A 895 23.74 54.53 -33.78
CA GLY A 895 23.67 55.85 -34.35
C GLY A 895 24.72 56.81 -33.85
N LEU A 896 25.50 56.41 -32.86
CA LEU A 896 26.63 57.19 -32.39
C LEU A 896 27.90 56.92 -33.19
N MET A 897 27.82 56.04 -34.19
CA MET A 897 28.97 55.70 -35.02
C MET A 897 28.75 56.06 -36.47
N THR A 898 27.71 56.84 -36.77
CA THR A 898 27.54 57.39 -38.10
C THR A 898 28.69 58.34 -38.40
N PRO A 899 29.13 58.44 -39.67
CA PRO A 899 30.35 59.19 -39.98
C PRO A 899 30.27 60.69 -39.75
N GLU A 900 29.09 61.25 -39.48
CA GLU A 900 29.04 62.62 -39.01
C GLU A 900 29.12 62.71 -37.49
N LEU A 901 28.85 61.62 -36.78
CA LEU A 901 29.03 61.58 -35.33
C LEU A 901 30.40 61.11 -34.92
N THR A 902 31.08 60.31 -35.76
CA THR A 902 32.47 60.00 -35.50
C THR A 902 33.36 61.21 -35.72
N GLU A 903 32.92 62.14 -36.57
CA GLU A 903 33.65 63.38 -36.82
C GLU A 903 33.44 64.40 -35.73
N MET A 904 32.31 64.34 -35.02
CA MET A 904 32.06 65.25 -33.91
C MET A 904 32.93 64.93 -32.72
N CYS A 905 33.27 63.66 -32.52
CA CYS A 905 34.08 63.24 -31.39
C CYS A 905 35.55 63.56 -31.56
N GLN A 906 35.97 63.88 -32.78
CA GLN A 906 37.36 64.25 -33.01
C GLN A 906 37.63 65.72 -32.74
N ASN A 907 36.59 66.52 -32.51
CA ASN A 907 36.75 67.90 -32.10
C ASN A 907 36.63 68.06 -30.60
N GLY A 908 36.14 67.05 -29.90
CA GLY A 908 35.96 67.10 -28.47
C GLY A 908 35.07 65.95 -28.06
N PRO A 909 35.11 65.57 -26.79
CA PRO A 909 34.28 64.47 -26.30
C PRO A 909 32.79 64.77 -26.41
N VAL A 910 32.01 63.70 -26.61
CA VAL A 910 30.59 63.80 -26.90
C VAL A 910 29.85 62.96 -25.87
N VAL A 911 28.98 63.59 -25.10
CA VAL A 911 28.13 62.90 -24.14
C VAL A 911 26.74 62.81 -24.74
N ALA A 912 26.22 61.60 -24.84
CA ALA A 912 24.92 61.33 -25.44
C ALA A 912 24.01 60.80 -24.36
N ASP A 913 23.06 61.61 -23.92
CA ASP A 913 22.06 61.15 -22.96
C ASP A 913 21.02 60.35 -23.72
N LEU A 914 21.23 59.05 -23.78
CA LEU A 914 20.23 58.14 -24.33
C LEU A 914 19.28 57.64 -23.26
N ASN A 915 19.28 58.27 -22.10
CA ASN A 915 18.30 58.00 -21.06
C ASN A 915 16.98 58.65 -21.45
N GLY A 916 15.91 57.86 -21.47
CA GLY A 916 14.66 58.34 -22.02
C GLY A 916 13.86 59.25 -21.11
N GLY A 917 14.44 60.38 -20.73
CA GLY A 917 13.75 61.31 -19.86
C GLY A 917 13.60 60.85 -18.43
N LEU A 918 14.31 59.81 -18.02
CA LEU A 918 14.22 59.26 -16.68
C LEU A 918 14.89 60.14 -15.64
N GLN A 919 15.60 61.20 -16.05
CA GLN A 919 16.24 62.10 -15.10
C GLN A 919 15.29 63.16 -14.54
N PHE A 920 14.00 63.09 -14.87
CA PHE A 920 13.02 64.03 -14.37
C PHE A 920 12.10 63.42 -13.33
N ILE A 921 12.34 62.18 -12.94
CA ILE A 921 11.64 61.56 -11.83
C ILE A 921 12.56 61.66 -10.63
N GLU A 922 12.19 62.51 -9.67
CA GLU A 922 13.12 62.84 -8.59
C GLU A 922 13.23 61.72 -7.56
N ASN A 923 12.10 61.16 -7.14
CA ASN A 923 12.12 60.09 -6.14
C ASN A 923 12.22 58.71 -6.79
N LEU A 924 13.20 58.53 -7.68
CA LEU A 924 13.20 57.38 -8.59
C LEU A 924 13.47 56.07 -7.86
N ARG A 925 14.29 56.08 -6.82
CA ARG A 925 14.49 54.87 -6.04
C ARG A 925 13.24 54.50 -5.27
N GLU A 926 12.62 55.47 -4.63
CA GLU A 926 11.40 55.24 -3.87
C GLU A 926 10.18 55.07 -4.74
N TYR A 927 10.14 55.68 -5.92
CA TYR A 927 8.98 55.45 -6.79
C TYR A 927 9.02 54.06 -7.40
N THR A 928 10.19 53.61 -7.84
CA THR A 928 10.30 52.28 -8.44
C THR A 928 10.06 51.19 -7.42
N ALA A 929 10.57 51.35 -6.21
CA ALA A 929 10.29 50.40 -5.14
C ALA A 929 8.85 50.44 -4.69
N GLN A 930 8.16 51.57 -4.91
CA GLN A 930 6.72 51.59 -4.72
C GLN A 930 6.02 50.78 -5.80
N LEU A 931 6.60 50.72 -7.00
CA LEU A 931 5.99 49.96 -8.09
C LEU A 931 6.22 48.46 -7.94
N ARG A 932 7.37 48.06 -7.36
CA ARG A 932 7.58 46.65 -7.03
C ARG A 932 6.58 46.17 -6.01
N ASN A 933 6.42 46.90 -4.91
CA ASN A 933 5.55 46.46 -3.84
C ASN A 933 4.07 46.67 -4.15
N GLU A 934 3.75 47.47 -5.16
CA GLU A 934 2.38 47.48 -5.64
C GLU A 934 2.06 46.21 -6.40
N ILE A 935 2.97 45.77 -7.27
CA ILE A 935 2.73 44.60 -8.12
C ILE A 935 2.83 43.31 -7.31
N TYR A 936 3.73 43.26 -6.34
CA TYR A 936 3.93 42.04 -5.56
C TYR A 936 2.82 41.82 -4.55
N GLU A 937 2.32 42.89 -3.92
CA GLU A 937 1.34 42.71 -2.85
C GLU A 937 -0.02 42.29 -3.39
N THR A 938 -0.42 42.79 -4.57
CA THR A 938 -1.62 42.26 -5.19
C THR A 938 -1.42 40.87 -5.76
N SER A 939 -0.18 40.45 -6.01
CA SER A 939 0.08 39.07 -6.37
C SER A 939 -0.10 38.13 -5.19
N GLU A 940 0.01 38.63 -3.96
CA GLU A 940 -0.19 37.78 -2.80
C GLU A 940 -1.66 37.76 -2.38
N VAL A 941 -2.29 38.93 -2.30
CA VAL A 941 -3.68 39.00 -1.85
C VAL A 941 -4.66 38.51 -2.89
N ARG A 942 -4.20 38.16 -4.10
CA ARG A 942 -5.04 37.45 -5.05
C ARG A 942 -4.72 35.97 -5.11
N ARG A 943 -3.49 35.57 -4.79
CA ARG A 943 -3.14 34.16 -4.80
C ARG A 943 -3.65 33.47 -3.53
N ALA A 944 -3.38 34.08 -2.37
CA ALA A 944 -3.81 33.49 -1.10
C ALA A 944 -5.32 33.50 -0.97
N VAL A 945 -6.00 34.50 -1.52
CA VAL A 945 -7.46 34.52 -1.50
C VAL A 945 -8.01 33.49 -2.47
N SER A 946 -7.33 33.27 -3.60
CA SER A 946 -7.74 32.19 -4.50
C SER A 946 -7.49 30.82 -3.89
N ILE A 947 -6.46 30.71 -3.05
CA ILE A 947 -6.21 29.47 -2.33
C ILE A 947 -7.30 29.24 -1.30
N GLU A 948 -7.59 30.26 -0.49
CA GLU A 948 -8.53 30.12 0.60
C GLU A 948 -9.98 30.12 0.15
N THR A 949 -10.30 30.69 -1.01
CA THR A 949 -11.63 30.46 -1.57
C THR A 949 -11.73 29.10 -2.24
N GLY A 950 -10.61 28.47 -2.53
CA GLY A 950 -10.62 27.13 -3.06
C GLY A 950 -10.84 26.12 -1.97
N ILE A 951 -10.15 26.31 -0.84
CA ILE A 951 -10.30 25.42 0.31
C ILE A 951 -11.71 25.50 0.87
N GLU A 952 -12.27 26.72 0.93
CA GLU A 952 -13.59 26.94 1.48
C GLU A 952 -14.70 26.31 0.62
N THR A 953 -14.45 26.10 -0.66
CA THR A 953 -15.42 25.41 -1.51
C THR A 953 -15.34 23.91 -1.41
N ARG A 954 -14.33 23.37 -0.74
CA ARG A 954 -14.20 21.93 -0.60
C ARG A 954 -14.60 21.41 0.77
N VAL A 955 -14.81 22.29 1.74
CA VAL A 955 -15.41 21.84 2.99
C VAL A 955 -16.91 21.95 2.92
N VAL A 956 -17.43 22.86 2.10
CA VAL A 956 -18.88 23.03 1.99
C VAL A 956 -19.46 22.02 1.01
N ASN A 957 -18.85 21.89 -0.16
CA ASN A 957 -19.31 20.96 -1.17
C ASN A 957 -18.62 19.61 -1.08
N GLY A 958 -17.80 19.40 -0.05
CA GLY A 958 -17.17 18.12 0.15
C GLY A 958 -15.97 17.87 -0.74
N GLU A 959 -15.04 17.05 -0.25
CA GLU A 959 -13.92 16.62 -1.08
C GLU A 959 -14.32 15.53 -2.06
N ASN A 960 -15.52 14.95 -1.90
CA ASN A 960 -15.99 13.90 -2.78
C ASN A 960 -16.29 14.39 -4.20
N ALA A 961 -16.57 15.68 -4.39
CA ALA A 961 -17.08 16.21 -5.65
C ALA A 961 -16.07 17.10 -6.37
N ASP A 962 -14.79 16.74 -6.34
CA ASP A 962 -13.76 17.51 -7.02
C ASP A 962 -13.18 16.82 -8.25
N ALA A 963 -13.77 15.69 -8.66
CA ALA A 963 -13.27 14.97 -9.83
C ALA A 963 -13.34 15.74 -11.15
N PRO A 964 -14.24 16.70 -11.39
CA PRO A 964 -14.01 17.61 -12.53
C PRO A 964 -12.75 18.45 -12.42
N TYR A 965 -12.28 18.76 -11.23
CA TYR A 965 -11.14 19.67 -11.09
C TYR A 965 -9.80 18.96 -11.14
N GLN A 966 -9.77 17.64 -10.95
CA GLN A 966 -8.62 16.82 -11.31
C GLN A 966 -9.07 15.94 -12.48
N LYS A 967 -8.94 16.50 -13.69
CA LYS A 967 -9.35 15.79 -14.88
C LYS A 967 -8.36 14.67 -15.20
N ALA A 968 -8.84 13.69 -15.96
CA ALA A 968 -8.01 12.54 -16.30
C ALA A 968 -7.01 12.94 -17.36
N ARG A 969 -5.72 12.83 -17.04
CA ARG A 969 -4.65 13.22 -17.93
C ARG A 969 -4.23 12.04 -18.81
N ILE A 970 -3.29 12.31 -19.71
CA ILE A 970 -2.77 11.33 -20.65
C ILE A 970 -1.25 11.42 -20.61
N GLU A 971 -0.59 10.30 -20.39
CA GLU A 971 0.86 10.30 -20.39
C GLU A 971 1.37 9.76 -21.72
N PRO A 972 2.07 10.56 -22.51
CA PRO A 972 2.43 10.15 -23.86
C PRO A 972 3.52 9.12 -23.95
N ARG A 973 3.17 7.84 -23.90
CA ARG A 973 4.19 6.82 -24.10
C ARG A 973 4.60 6.75 -25.58
N ALA A 974 5.77 6.17 -25.81
CA ALA A 974 6.38 6.21 -27.13
C ALA A 974 5.65 5.30 -28.10
N ASN A 975 5.49 5.78 -29.34
CA ASN A 975 4.80 5.05 -30.39
C ASN A 975 5.84 4.71 -31.44
N LEU A 976 6.54 3.61 -31.23
CA LEU A 976 7.57 3.17 -32.17
C LEU A 976 6.89 2.47 -33.34
N LYS A 977 7.01 3.04 -34.52
CA LYS A 977 6.54 2.41 -35.73
C LYS A 977 7.70 2.30 -36.70
N PHE A 978 7.90 1.11 -37.27
CA PHE A 978 9.06 0.82 -38.10
C PHE A 978 8.61 0.98 -39.54
N GLU A 979 8.55 2.24 -39.97
CA GLU A 979 7.78 2.58 -41.15
C GLU A 979 8.50 2.25 -42.44
N PHE A 980 7.73 1.85 -43.43
CA PHE A 980 8.19 1.63 -44.78
C PHE A 980 8.22 2.97 -45.50
N PRO A 981 8.73 3.05 -46.73
CA PRO A 981 8.65 4.30 -47.47
C PRO A 981 7.22 4.70 -47.74
N PRO A 982 6.93 6.00 -47.79
CA PRO A 982 5.56 6.46 -47.99
C PRO A 982 5.12 6.44 -49.45
N LEU A 983 4.59 5.30 -49.88
CA LEU A 983 4.07 5.12 -51.24
C LEU A 983 2.94 6.07 -51.56
N LYS A 984 3.17 7.01 -52.47
CA LYS A 984 2.11 7.89 -52.92
C LYS A 984 1.32 7.22 -54.04
N SER A 985 0.32 7.92 -54.57
CA SER A 985 -0.61 7.29 -55.49
C SER A 985 0.02 7.16 -56.87
N HIS A 986 -0.61 6.33 -57.70
CA HIS A 986 -0.08 6.08 -59.03
C HIS A 986 -0.30 7.25 -59.97
N LYS A 987 -1.40 7.98 -59.80
CA LYS A 987 -1.66 9.14 -60.65
C LYS A 987 -0.70 10.28 -60.33
N GLU A 988 -0.34 10.44 -59.06
CA GLU A 988 0.65 11.43 -58.67
C GLU A 988 2.02 11.11 -59.24
N ILE A 989 2.35 9.83 -59.33
CA ILE A 989 3.68 9.42 -59.75
C ILE A 989 3.84 9.61 -61.25
N GLN A 990 2.84 9.20 -62.03
CA GLN A 990 2.93 9.33 -63.46
C GLN A 990 2.71 10.75 -63.94
N ASN A 991 2.14 11.63 -63.12
CA ASN A 991 2.16 13.05 -63.42
C ASN A 991 3.53 13.66 -63.16
N LYS A 992 4.23 13.14 -62.16
CA LYS A 992 5.56 13.62 -61.83
C LYS A 992 6.60 13.11 -62.83
N ALA A 993 6.46 11.87 -63.27
CA ALA A 993 7.38 11.27 -64.25
C ALA A 993 6.60 10.65 -65.39
N PRO A 994 6.18 11.45 -66.36
CA PRO A 994 5.45 10.89 -67.50
C PRO A 994 6.36 10.47 -68.63
N GLY A 995 5.95 9.40 -69.31
CA GLY A 995 6.70 8.89 -70.44
C GLY A 995 7.23 7.49 -70.22
N LEU A 996 7.65 7.20 -68.99
CA LEU A 996 8.18 5.89 -68.63
C LEU A 996 7.00 4.98 -68.34
N GLU A 997 6.66 4.07 -69.27
CA GLU A 997 5.65 3.06 -68.99
C GLU A 997 5.92 1.91 -69.94
N GLY A 998 6.49 0.83 -69.43
CA GLY A 998 6.91 -0.26 -70.26
C GLY A 998 8.19 -0.01 -71.03
N LEU A 999 8.90 1.07 -70.72
CA LEU A 999 10.13 1.42 -71.39
C LEU A 999 11.35 0.82 -70.68
N LEU A 1000 11.26 0.65 -69.37
CA LEU A 1000 12.36 0.12 -68.58
C LEU A 1000 12.17 -1.38 -68.36
N ASP A 1001 13.22 -2.14 -68.61
CA ASP A 1001 13.27 -3.52 -68.18
C ASP A 1001 13.55 -3.55 -66.69
N LEU A 1002 12.66 -4.17 -65.92
CA LEU A 1002 12.80 -4.14 -64.48
C LEU A 1002 13.92 -5.04 -63.97
N GLU A 1003 14.32 -6.05 -64.74
CA GLU A 1003 15.40 -6.92 -64.29
C GLU A 1003 16.77 -6.27 -64.43
N ARG A 1004 16.87 -5.17 -65.16
CA ARG A 1004 18.10 -4.40 -65.24
C ARG A 1004 18.08 -3.16 -64.37
N VAL A 1005 17.14 -3.07 -63.44
CA VAL A 1005 17.02 -1.93 -62.55
C VAL A 1005 17.30 -2.42 -61.14
N ILE A 1006 18.41 -1.99 -60.58
CA ILE A 1006 18.81 -2.38 -59.23
C ILE A 1006 18.20 -1.39 -58.25
N VAL A 1007 17.53 -1.90 -57.24
CA VAL A 1007 16.91 -1.07 -56.23
C VAL A 1007 17.48 -1.43 -54.87
N VAL A 1008 17.52 -0.46 -53.97
CA VAL A 1008 17.88 -0.73 -52.58
C VAL A 1008 16.61 -1.08 -51.84
N THR A 1009 16.59 -2.25 -51.23
CA THR A 1009 15.39 -2.82 -50.64
C THR A 1009 15.36 -2.70 -49.13
N GLY A 1010 16.51 -2.80 -48.48
CA GLY A 1010 16.60 -2.53 -47.06
C GLY A 1010 17.99 -2.02 -46.74
N PHE A 1011 18.11 -1.39 -45.57
CA PHE A 1011 19.40 -0.92 -45.12
C PHE A 1011 19.42 -0.83 -43.61
N GLY A 1012 20.59 -1.04 -43.04
CA GLY A 1012 20.77 -0.92 -41.60
C GLY A 1012 22.23 -0.66 -41.33
N GLU A 1013 22.52 -0.29 -40.08
CA GLU A 1013 23.88 0.05 -39.72
C GLU A 1013 24.05 -0.04 -38.21
N VAL A 1014 25.31 -0.02 -37.79
CA VAL A 1014 25.69 0.31 -36.42
C VAL A 1014 26.69 1.43 -36.49
N SER A 1015 26.47 2.45 -35.70
CA SER A 1015 27.14 3.72 -35.85
C SER A 1015 27.52 4.17 -34.45
N PRO A 1016 28.30 5.25 -34.30
CA PRO A 1016 28.35 5.91 -32.99
C PRO A 1016 27.03 6.47 -32.54
N TRP A 1017 26.14 6.82 -33.45
CA TRP A 1017 24.80 7.26 -33.09
C TRP A 1017 23.77 6.16 -33.21
N GLY A 1018 24.03 5.01 -32.59
CA GLY A 1018 23.04 3.96 -32.52
C GLY A 1018 22.87 3.17 -33.79
N ASN A 1019 21.70 3.27 -34.39
CA ASN A 1019 21.36 2.56 -35.60
C ASN A 1019 20.90 3.56 -36.65
N THR A 1020 20.34 3.06 -37.75
CA THR A 1020 20.01 3.90 -38.88
C THR A 1020 18.80 4.79 -38.66
N ARG A 1021 18.04 4.58 -37.59
CA ARG A 1021 16.92 5.44 -37.26
C ARG A 1021 17.29 6.55 -36.30
N THR A 1022 18.12 6.25 -35.30
CA THR A 1022 18.56 7.26 -34.36
C THR A 1022 19.70 8.10 -34.89
N ARG A 1023 20.44 7.62 -35.88
CA ARG A 1023 21.47 8.45 -36.48
C ARG A 1023 20.85 9.50 -37.39
N TRP A 1024 19.71 9.18 -38.01
CA TRP A 1024 19.13 10.11 -38.95
C TRP A 1024 18.48 11.29 -38.25
N GLU A 1025 17.78 11.04 -37.16
CA GLU A 1025 17.13 12.13 -36.46
C GLU A 1025 18.08 12.89 -35.57
N MET A 1026 19.31 12.41 -35.40
CA MET A 1026 20.37 13.26 -34.90
C MET A 1026 21.04 14.03 -36.03
N GLU A 1027 21.16 13.44 -37.21
CA GLU A 1027 21.76 14.13 -38.33
C GLU A 1027 20.85 15.20 -38.88
N ALA A 1028 19.55 14.94 -38.94
CA ALA A 1028 18.62 15.88 -39.52
C ALA A 1028 18.07 16.88 -38.52
N PHE A 1029 17.74 16.44 -37.32
CA PHE A 1029 17.07 17.29 -36.36
C PHE A 1029 17.96 17.74 -35.21
N GLY A 1030 19.10 17.11 -35.00
CA GLY A 1030 20.01 17.56 -33.98
C GLY A 1030 19.68 17.10 -32.58
N GLU A 1031 18.56 16.43 -32.38
CA GLU A 1031 18.18 15.92 -31.07
C GLU A 1031 17.25 14.74 -31.27
N PHE A 1032 17.11 13.95 -30.20
CA PHE A 1032 16.30 12.75 -30.26
C PHE A 1032 14.85 13.06 -29.91
N SER A 1033 13.95 12.35 -30.56
CA SER A 1033 12.55 12.39 -30.19
C SER A 1033 12.31 11.42 -29.03
N ILE A 1034 11.06 11.30 -28.61
CA ILE A 1034 10.77 10.40 -27.49
C ILE A 1034 10.83 8.94 -27.92
N GLU A 1035 10.73 8.67 -29.23
CA GLU A 1035 10.87 7.32 -29.74
C GLU A 1035 12.28 7.01 -30.18
N GLY A 1036 13.12 8.02 -30.33
CA GLY A 1036 14.50 7.80 -30.70
C GLY A 1036 15.40 7.91 -29.50
N CYS A 1037 14.87 8.39 -28.39
CA CYS A 1037 15.56 8.32 -27.12
C CYS A 1037 15.23 7.04 -26.37
N LEU A 1038 14.04 6.48 -26.59
CA LEU A 1038 13.76 5.15 -26.08
C LEU A 1038 14.52 4.09 -26.84
N GLU A 1039 14.65 4.27 -28.16
CA GLU A 1039 15.41 3.35 -28.97
C GLU A 1039 16.90 3.45 -28.66
N MET A 1040 17.35 4.61 -28.21
CA MET A 1040 18.76 4.78 -27.88
C MET A 1040 19.08 4.25 -26.50
N ALA A 1041 18.19 4.50 -25.53
CA ALA A 1041 18.41 3.99 -24.18
C ALA A 1041 18.25 2.49 -24.10
N TRP A 1042 17.49 1.90 -25.02
CA TRP A 1042 17.43 0.45 -25.10
C TRP A 1042 18.73 -0.13 -25.62
N ILE A 1043 19.35 0.54 -26.60
CA ILE A 1043 20.59 0.06 -27.19
C ILE A 1043 21.72 0.09 -26.17
N MET A 1044 21.86 1.21 -25.47
CA MET A 1044 22.95 1.40 -24.53
C MET A 1044 22.69 0.76 -23.17
N GLY A 1045 21.64 -0.03 -23.04
CA GLY A 1045 21.44 -0.81 -21.84
C GLY A 1045 20.97 -0.02 -20.65
N PHE A 1046 20.24 1.07 -20.87
CA PHE A 1046 19.73 1.86 -19.76
C PHE A 1046 18.40 1.32 -19.26
N ILE A 1047 17.49 1.02 -20.17
CA ILE A 1047 16.19 0.48 -19.79
C ILE A 1047 16.08 -0.94 -20.27
N LYS A 1048 15.34 -1.74 -19.53
CA LYS A 1048 15.00 -3.10 -19.91
C LYS A 1048 13.49 -3.22 -19.95
N TYR A 1049 13.02 -4.29 -20.57
CA TYR A 1049 11.61 -4.60 -20.55
C TYR A 1049 11.33 -5.61 -19.46
N HIS A 1050 10.19 -5.48 -18.81
CA HIS A 1050 9.78 -6.46 -17.82
C HIS A 1050 8.26 -6.54 -17.84
N ASN A 1051 7.76 -7.72 -18.17
CA ASN A 1051 6.33 -8.02 -18.08
C ASN A 1051 6.12 -9.00 -16.95
N GLY A 1052 5.09 -8.74 -16.15
CA GLY A 1052 4.79 -9.61 -15.03
C GLY A 1052 4.63 -8.86 -13.74
N ASN A 1053 5.42 -9.21 -12.75
CA ASN A 1053 5.27 -8.70 -11.40
C ASN A 1053 6.62 -8.29 -10.84
N LEU A 1054 6.69 -7.10 -10.25
CA LEU A 1054 7.81 -6.74 -9.40
C LEU A 1054 7.28 -5.86 -8.28
N LYS A 1055 7.81 -6.09 -7.08
CA LYS A 1055 7.37 -5.44 -5.83
C LYS A 1055 5.88 -5.64 -5.60
N GLY A 1056 5.41 -6.86 -5.86
CA GLY A 1056 4.01 -7.20 -5.63
C GLY A 1056 3.01 -6.73 -6.67
N LYS A 1057 3.05 -5.45 -7.02
CA LYS A 1057 2.11 -4.92 -7.99
C LYS A 1057 2.49 -5.36 -9.39
N PRO A 1058 1.54 -5.81 -10.21
CA PRO A 1058 1.87 -6.25 -11.57
C PRO A 1058 2.20 -5.07 -12.48
N TYR A 1059 3.39 -5.11 -13.08
CA TYR A 1059 3.85 -4.08 -13.99
C TYR A 1059 4.33 -4.70 -15.28
N THR A 1060 4.03 -4.04 -16.39
CA THR A 1060 4.26 -4.58 -17.72
C THR A 1060 4.82 -3.52 -18.67
N GLY A 1061 5.79 -2.75 -18.19
CA GLY A 1061 6.38 -1.73 -19.04
C GLY A 1061 7.90 -1.77 -19.05
N TRP A 1062 8.53 -0.62 -19.20
CA TRP A 1062 9.97 -0.53 -19.17
C TRP A 1062 10.47 -0.31 -17.75
N ILE A 1063 11.69 -0.76 -17.51
CA ILE A 1063 12.28 -0.89 -16.17
C ILE A 1063 13.72 -0.45 -16.29
N ASP A 1064 14.20 0.33 -15.34
CA ASP A 1064 15.60 0.73 -15.31
C ASP A 1064 16.50 -0.49 -15.13
N ALA A 1065 17.73 -0.40 -15.59
CA ALA A 1065 18.65 -1.53 -15.54
C ALA A 1065 19.55 -1.52 -14.31
N LYS A 1066 19.99 -0.35 -13.86
CA LYS A 1066 20.83 -0.30 -12.67
C LYS A 1066 20.02 -0.61 -11.42
N THR A 1067 19.02 0.20 -11.14
CA THR A 1067 17.97 -0.15 -10.19
C THR A 1067 16.93 -0.97 -10.93
N ASN A 1068 15.77 -1.17 -10.33
CA ASN A 1068 14.67 -1.86 -11.01
C ASN A 1068 13.42 -0.99 -11.02
N GLU A 1069 13.60 0.29 -11.22
CA GLU A 1069 12.46 1.18 -11.08
C GLU A 1069 11.63 1.23 -12.37
N PRO A 1070 10.32 1.34 -12.23
CA PRO A 1070 9.46 1.48 -13.41
C PRO A 1070 9.51 2.85 -14.05
N VAL A 1071 10.46 3.08 -14.94
CA VAL A 1071 10.56 4.35 -15.64
C VAL A 1071 9.42 4.49 -16.64
N GLU A 1072 8.78 5.66 -16.64
CA GLU A 1072 7.73 5.97 -17.61
C GLU A 1072 8.36 6.51 -18.88
N ASP A 1073 7.66 6.30 -20.00
CA ASP A 1073 8.22 6.62 -21.30
C ASP A 1073 8.32 8.12 -21.52
N LYS A 1074 7.50 8.89 -20.82
CA LYS A 1074 7.61 10.34 -20.84
C LYS A 1074 8.88 10.81 -20.16
N ASP A 1075 9.35 10.08 -19.15
CA ASP A 1075 10.51 10.46 -18.37
C ASP A 1075 11.81 9.87 -18.91
N ILE A 1076 11.85 9.47 -20.17
CA ILE A 1076 13.10 8.97 -20.74
C ILE A 1076 14.04 10.12 -21.04
N LYS A 1077 13.53 11.17 -21.66
CA LYS A 1077 14.36 12.30 -22.08
C LYS A 1077 14.70 13.25 -20.95
N LYS A 1078 14.25 12.99 -19.72
CA LYS A 1078 14.70 13.77 -18.58
C LYS A 1078 15.62 12.99 -17.67
N LYS A 1079 15.69 11.68 -17.83
CA LYS A 1079 16.50 10.82 -16.99
C LYS A 1079 17.78 10.35 -17.66
N TYR A 1080 17.71 9.99 -18.93
CA TYR A 1080 18.84 9.42 -19.64
C TYR A 1080 19.38 10.29 -20.75
N GLU A 1081 18.90 11.52 -20.91
CA GLU A 1081 19.36 12.35 -22.01
C GLU A 1081 20.77 12.87 -21.78
N GLU A 1082 21.17 13.06 -20.52
CA GLU A 1082 22.57 13.32 -20.23
C GLU A 1082 23.46 12.16 -20.63
N GLU A 1083 23.11 10.94 -20.20
CA GLU A 1083 24.01 9.80 -20.36
C GLU A 1083 24.06 9.31 -21.79
N ILE A 1084 22.98 9.51 -22.55
CA ILE A 1084 22.98 9.11 -23.95
C ILE A 1084 23.88 10.03 -24.76
N LEU A 1085 23.75 11.34 -24.57
CA LEU A 1085 24.57 12.27 -25.33
C LEU A 1085 26.01 12.29 -24.86
N ALA A 1086 26.29 11.87 -23.63
CA ALA A 1086 27.66 11.80 -23.16
C ALA A 1086 28.36 10.52 -23.57
N HIS A 1087 27.61 9.47 -23.86
CA HIS A 1087 28.17 8.18 -24.22
C HIS A 1087 27.75 7.74 -25.61
N ALA A 1088 27.73 8.66 -26.56
CA ALA A 1088 27.53 8.34 -27.96
C ALA A 1088 28.23 9.40 -28.79
N GLY A 1089 28.70 8.99 -29.97
CA GLY A 1089 29.28 9.94 -30.91
C GLY A 1089 30.79 9.99 -30.81
N ILE A 1090 31.34 11.19 -30.75
CA ILE A 1090 32.76 11.46 -30.95
C ILE A 1090 33.34 11.88 -29.61
N ARG A 1091 32.95 11.16 -28.56
CA ARG A 1091 33.51 11.35 -27.24
C ARG A 1091 34.97 10.88 -27.18
N LEU A 1092 35.56 10.99 -26.00
CA LEU A 1092 36.91 10.52 -25.77
C LEU A 1092 36.97 9.00 -25.81
N ILE A 1093 38.17 8.47 -25.96
CA ILE A 1093 38.34 7.02 -26.04
C ILE A 1093 38.13 6.42 -24.66
N GLU A 1094 37.13 5.57 -24.53
CA GLU A 1094 36.83 4.91 -23.27
C GLU A 1094 37.58 3.59 -23.21
N PRO A 1095 38.44 3.37 -22.22
CA PRO A 1095 39.30 2.19 -22.26
C PRO A 1095 38.58 0.88 -21.97
N GLU A 1096 37.41 0.92 -21.35
CA GLU A 1096 36.68 -0.32 -21.10
C GLU A 1096 36.02 -0.88 -22.34
N LEU A 1097 36.02 -0.14 -23.43
CA LEU A 1097 35.48 -0.59 -24.71
C LEU A 1097 36.55 -1.21 -25.59
N PHE A 1098 37.83 -1.08 -25.24
CA PHE A 1098 38.92 -1.52 -26.08
C PHE A 1098 39.93 -2.33 -25.29
N ARG A 1099 39.42 -3.15 -24.35
CA ARG A 1099 40.20 -4.07 -23.54
C ARG A 1099 41.29 -3.37 -22.75
N GLY A 1100 40.98 -2.19 -22.20
CA GLY A 1100 41.93 -1.48 -21.40
C GLY A 1100 42.93 -0.63 -22.15
N TYR A 1101 42.61 -0.22 -23.38
CA TYR A 1101 43.49 0.67 -24.11
C TYR A 1101 43.32 2.08 -23.59
N ASN A 1102 44.30 2.55 -22.85
CA ASN A 1102 44.32 3.94 -22.44
C ASN A 1102 45.31 4.67 -23.32
N PRO A 1103 44.87 5.59 -24.18
CA PRO A 1103 45.83 6.32 -25.03
C PRO A 1103 46.74 7.24 -24.26
N GLU A 1104 46.45 7.56 -23.01
CA GLU A 1104 47.36 8.37 -22.23
C GLU A 1104 48.48 7.56 -21.63
N LYS A 1105 48.39 6.23 -21.67
CA LYS A 1105 49.48 5.32 -21.28
C LYS A 1105 49.56 4.25 -22.36
N LYS A 1106 50.31 4.54 -23.42
CA LYS A 1106 50.39 3.67 -24.58
C LYS A 1106 51.59 2.75 -24.43
N GLU A 1107 51.35 1.44 -24.30
CA GLU A 1107 52.35 0.50 -23.85
C GLU A 1107 53.26 0.03 -24.97
N LEU A 1108 54.56 0.11 -24.75
CA LEU A 1108 55.57 -0.55 -25.58
C LEU A 1108 56.46 -1.39 -24.68
N ILE A 1109 57.41 -2.10 -25.28
CA ILE A 1109 58.47 -2.78 -24.55
C ILE A 1109 59.80 -2.35 -25.13
N GLN A 1110 60.80 -2.20 -24.26
CA GLN A 1110 62.12 -1.74 -24.65
C GLN A 1110 63.13 -2.86 -24.41
N GLU A 1111 63.96 -3.13 -25.40
CA GLU A 1111 64.99 -4.15 -25.26
C GLU A 1111 66.15 -3.59 -24.46
N VAL A 1112 66.51 -4.26 -23.36
CA VAL A 1112 67.64 -3.87 -22.55
C VAL A 1112 68.59 -5.05 -22.41
N ILE A 1113 69.88 -4.78 -22.52
CA ILE A 1113 70.93 -5.75 -22.25
C ILE A 1113 71.39 -5.52 -20.82
N ILE A 1114 71.23 -6.51 -19.96
CA ILE A 1114 71.60 -6.33 -18.57
C ILE A 1114 73.13 -6.43 -18.44
N GLU A 1115 73.70 -5.52 -17.66
CA GLU A 1115 75.13 -5.47 -17.45
C GLU A 1115 75.56 -6.16 -16.17
N GLN A 1116 74.61 -6.61 -15.36
CA GLN A 1116 74.90 -7.35 -14.14
C GLN A 1116 73.94 -8.53 -14.08
N ASP A 1117 74.43 -9.64 -13.54
CA ASP A 1117 73.65 -10.86 -13.41
C ASP A 1117 72.40 -10.65 -12.57
N MET A 1118 71.42 -11.49 -12.82
CA MET A 1118 70.09 -11.32 -12.25
C MET A 1118 69.91 -12.26 -11.07
N ALA A 1119 69.01 -11.89 -10.19
CA ALA A 1119 68.69 -12.72 -9.05
C ALA A 1119 67.96 -13.98 -9.51
N PRO A 1120 68.33 -15.16 -9.01
CA PRO A 1120 67.73 -16.39 -9.51
C PRO A 1120 66.29 -16.58 -9.04
N PHE A 1121 65.49 -17.21 -9.89
CA PHE A 1121 64.08 -17.46 -9.59
C PHE A 1121 63.72 -18.84 -10.09
N VAL A 1122 62.61 -19.35 -9.58
CA VAL A 1122 62.19 -20.72 -9.86
C VAL A 1122 61.14 -20.68 -10.97
N THR A 1123 61.09 -21.75 -11.75
CA THR A 1123 60.16 -21.85 -12.87
C THR A 1123 59.93 -23.33 -13.16
N ASP A 1124 59.19 -23.61 -14.22
CA ASP A 1124 58.88 -24.98 -14.61
C ASP A 1124 60.06 -25.60 -15.34
N GLU A 1125 59.94 -26.90 -15.62
CA GLU A 1125 61.00 -27.60 -16.33
C GLU A 1125 61.01 -27.24 -17.80
N SER A 1126 59.84 -27.22 -18.43
CA SER A 1126 59.77 -26.93 -19.86
C SER A 1126 60.07 -25.48 -20.17
N THR A 1127 59.72 -24.57 -19.27
CA THR A 1127 59.98 -23.15 -19.50
C THR A 1127 61.45 -22.82 -19.38
N ALA A 1128 62.17 -23.52 -18.48
CA ALA A 1128 63.60 -23.27 -18.32
C ALA A 1128 64.38 -23.80 -19.50
N GLN A 1129 63.90 -24.86 -20.15
CA GLN A 1129 64.53 -25.31 -21.37
C GLN A 1129 64.25 -24.38 -22.53
N GLN A 1130 63.23 -23.55 -22.43
CA GLN A 1130 62.95 -22.55 -23.45
C GLN A 1130 63.74 -21.26 -23.24
N TYR A 1131 64.14 -20.97 -22.01
CA TYR A 1131 65.07 -19.86 -21.79
C TYR A 1131 66.48 -20.23 -22.25
N LYS A 1132 66.88 -21.48 -22.00
CA LYS A 1132 68.19 -21.95 -22.41
C LYS A 1132 68.29 -22.04 -23.93
N LEU A 1133 67.18 -22.36 -24.60
CA LEU A 1133 67.19 -22.47 -26.05
C LEU A 1133 67.33 -21.11 -26.72
N GLN A 1134 66.80 -20.04 -26.11
CA GLN A 1134 66.89 -18.73 -26.72
C GLN A 1134 68.28 -18.14 -26.62
N HIS A 1135 68.73 -17.88 -25.40
CA HIS A 1135 70.06 -17.35 -25.15
C HIS A 1135 70.74 -18.31 -24.20
N GLU A 1136 71.85 -18.88 -24.65
CA GLU A 1136 72.37 -20.12 -24.07
C GLU A 1136 73.38 -19.86 -22.97
N ASP A 1137 74.45 -19.13 -23.28
CA ASP A 1137 75.47 -18.81 -22.29
C ASP A 1137 75.07 -17.66 -21.38
N ALA A 1138 73.95 -17.01 -21.66
CA ALA A 1138 73.43 -15.96 -20.80
C ALA A 1138 72.40 -16.47 -19.82
N VAL A 1139 72.13 -17.78 -19.81
CA VAL A 1139 71.32 -18.45 -18.81
C VAL A 1139 72.14 -19.61 -18.28
N ASP A 1140 72.02 -19.92 -17.00
CA ASP A 1140 72.32 -21.25 -16.51
C ASP A 1140 71.11 -21.75 -15.74
N ILE A 1141 70.51 -22.82 -16.23
CA ILE A 1141 69.40 -23.45 -15.52
C ILE A 1141 69.96 -24.56 -14.67
N LEU A 1142 69.23 -24.91 -13.62
CA LEU A 1142 69.71 -25.91 -12.68
C LEU A 1142 68.52 -26.59 -12.02
N LYS A 1143 68.50 -27.91 -12.09
CA LYS A 1143 67.37 -28.67 -11.59
C LYS A 1143 67.40 -28.75 -10.06
N SER A 1144 66.25 -28.52 -9.44
CA SER A 1144 66.13 -28.73 -8.01
C SER A 1144 66.23 -30.21 -7.68
N GLU A 1145 67.05 -30.51 -6.68
CA GLU A 1145 67.27 -31.89 -6.25
C GLU A 1145 66.08 -32.47 -5.52
N GLU A 1146 65.14 -31.64 -5.06
CA GLU A 1146 63.95 -32.11 -4.38
C GLU A 1146 62.74 -32.20 -5.30
N SER A 1147 62.30 -31.07 -5.85
CA SER A 1147 61.14 -31.02 -6.72
C SER A 1147 61.56 -30.95 -8.18
N ASP A 1148 60.58 -31.06 -9.08
CA ASP A 1148 60.85 -31.02 -10.50
C ASP A 1148 60.72 -29.61 -11.08
N GLU A 1149 61.39 -28.66 -10.43
CA GLU A 1149 61.47 -27.29 -10.90
C GLU A 1149 62.93 -26.89 -11.09
N TYR A 1150 63.12 -25.75 -11.73
CA TYR A 1150 64.43 -25.31 -12.14
C TYR A 1150 64.75 -23.95 -11.56
N THR A 1151 66.03 -23.65 -11.46
CA THR A 1151 66.51 -22.35 -11.01
C THR A 1151 67.17 -21.67 -12.20
N VAL A 1152 66.63 -20.53 -12.61
CA VAL A 1152 67.11 -19.80 -13.77
C VAL A 1152 67.82 -18.54 -13.30
N THR A 1153 69.07 -18.39 -13.70
CA THR A 1153 69.84 -17.19 -13.45
C THR A 1153 70.21 -16.59 -14.78
N PHE A 1154 69.84 -15.34 -15.00
CA PHE A 1154 70.23 -14.65 -16.23
C PHE A 1154 71.54 -13.94 -15.98
N LYS A 1155 72.61 -14.45 -16.57
CA LYS A 1155 73.89 -13.77 -16.48
C LYS A 1155 73.89 -12.54 -17.36
N LYS A 1156 74.90 -11.69 -17.19
CA LYS A 1156 74.93 -10.42 -17.89
C LYS A 1156 75.21 -10.63 -19.37
N GLY A 1157 74.68 -9.71 -20.17
CA GLY A 1157 74.65 -9.87 -21.61
C GLY A 1157 73.33 -10.39 -22.14
N ALA A 1158 72.46 -10.89 -21.28
CA ALA A 1158 71.15 -11.32 -21.70
C ALA A 1158 70.28 -10.12 -22.05
N ARG A 1159 69.39 -10.30 -23.01
CA ARG A 1159 68.45 -9.27 -23.40
C ARG A 1159 67.10 -9.57 -22.80
N LEU A 1160 66.47 -8.55 -22.23
CA LEU A 1160 65.10 -8.63 -21.75
C LEU A 1160 64.25 -7.64 -22.52
N PHE A 1161 63.00 -7.53 -22.10
CA PHE A 1161 62.08 -6.53 -22.62
C PHE A 1161 61.34 -5.94 -21.43
N VAL A 1162 61.64 -4.70 -21.11
CA VAL A 1162 60.98 -4.00 -20.00
C VAL A 1162 59.85 -3.16 -20.57
N PRO A 1163 58.63 -3.28 -20.04
CA PRO A 1163 57.54 -2.47 -20.55
C PRO A 1163 57.70 -1.00 -20.18
N LYS A 1164 57.28 -0.14 -21.08
CA LYS A 1164 57.24 1.29 -20.84
C LYS A 1164 55.96 1.83 -21.44
N ALA A 1165 55.66 3.09 -21.16
CA ALA A 1165 54.44 3.71 -21.65
C ALA A 1165 54.72 5.15 -22.06
N LEU A 1166 54.05 5.61 -23.10
CA LEU A 1166 54.15 7.00 -23.52
C LEU A 1166 52.76 7.58 -23.69
N ARG A 1167 52.70 8.90 -23.71
CA ARG A 1167 51.46 9.63 -23.86
C ARG A 1167 51.17 9.83 -25.34
N PHE A 1168 50.13 9.18 -25.82
CA PHE A 1168 49.75 9.28 -27.22
C PHE A 1168 48.79 10.45 -27.42
N ASP A 1169 48.91 11.11 -28.57
CA ASP A 1169 48.21 12.36 -28.83
C ASP A 1169 46.73 12.15 -29.12
N ARG A 1170 46.38 11.09 -29.84
CA ARG A 1170 45.03 10.93 -30.36
C ARG A 1170 44.18 10.31 -29.27
N LEU A 1171 43.34 11.13 -28.63
CA LEU A 1171 42.55 10.70 -27.49
C LEU A 1171 41.06 10.59 -27.78
N VAL A 1172 40.60 11.04 -28.94
CA VAL A 1172 39.20 11.10 -29.27
C VAL A 1172 38.94 10.19 -30.45
N ALA A 1173 37.89 9.38 -30.38
CA ALA A 1173 37.45 8.57 -31.50
C ALA A 1173 35.95 8.41 -31.42
N GLY A 1174 35.34 8.08 -32.56
CA GLY A 1174 33.91 7.89 -32.60
C GLY A 1174 33.49 6.47 -32.33
N GLN A 1175 33.10 6.17 -31.10
CA GLN A 1175 32.83 4.80 -30.71
C GLN A 1175 31.35 4.48 -30.74
N ILE A 1176 31.05 3.20 -30.93
CA ILE A 1176 29.74 2.58 -30.74
C ILE A 1176 29.31 2.90 -29.32
N PRO A 1177 28.05 3.27 -29.07
CA PRO A 1177 27.64 3.79 -27.76
C PRO A 1177 27.91 2.84 -26.61
N THR A 1178 28.33 3.41 -25.48
CA THR A 1178 28.79 2.63 -24.35
C THR A 1178 27.64 1.87 -23.73
N GLY A 1179 27.75 0.55 -23.71
CA GLY A 1179 26.67 -0.31 -23.32
C GLY A 1179 26.08 -1.10 -24.47
N TRP A 1180 26.62 -0.94 -25.67
CA TRP A 1180 26.17 -1.72 -26.81
C TRP A 1180 26.60 -3.16 -26.63
N ASP A 1181 25.64 -4.07 -26.65
CA ASP A 1181 25.90 -5.49 -26.48
C ASP A 1181 25.16 -6.23 -27.56
N ALA A 1182 25.85 -7.14 -28.25
CA ALA A 1182 25.22 -7.86 -29.34
C ALA A 1182 24.30 -8.97 -28.87
N LYS A 1183 24.27 -9.27 -27.57
CA LYS A 1183 23.27 -10.19 -27.04
C LYS A 1183 21.89 -9.56 -27.01
N ARG A 1184 21.80 -8.24 -27.06
CA ARG A 1184 20.51 -7.56 -27.11
C ARG A 1184 19.81 -7.78 -28.43
N TYR A 1185 20.55 -8.11 -29.48
CA TYR A 1185 19.95 -8.43 -30.76
C TYR A 1185 19.66 -9.90 -30.92
N GLY A 1186 20.09 -10.74 -29.97
CA GLY A 1186 19.78 -12.15 -30.00
C GLY A 1186 20.95 -13.04 -30.33
N ILE A 1187 22.15 -12.49 -30.47
CA ILE A 1187 23.33 -13.28 -30.80
C ILE A 1187 23.80 -14.02 -29.56
N SER A 1188 23.97 -15.32 -29.68
CA SER A 1188 24.32 -16.15 -28.53
C SER A 1188 25.78 -15.94 -28.13
N GLU A 1189 26.09 -16.32 -26.89
CA GLU A 1189 27.42 -16.14 -26.35
C GLU A 1189 28.46 -17.02 -27.05
N ASP A 1190 28.04 -18.17 -27.59
CA ASP A 1190 28.95 -19.02 -28.36
C ASP A 1190 29.39 -18.34 -29.65
N THR A 1191 28.60 -17.40 -30.16
CA THR A 1191 29.07 -16.63 -31.30
C THR A 1191 29.93 -15.45 -30.85
N ILE A 1192 29.59 -14.85 -29.70
CA ILE A 1192 30.31 -13.68 -29.19
C ILE A 1192 31.75 -14.03 -28.87
N SER A 1193 31.96 -15.15 -28.18
CA SER A 1193 33.29 -15.54 -27.76
C SER A 1193 34.11 -16.18 -28.87
N GLN A 1194 33.53 -16.41 -30.04
CA GLN A 1194 34.26 -17.02 -31.14
C GLN A 1194 34.70 -16.01 -32.18
N VAL A 1195 33.80 -15.14 -32.62
CA VAL A 1195 34.05 -14.27 -33.76
C VAL A 1195 34.75 -12.99 -33.33
N ASP A 1196 35.27 -12.25 -34.31
CA ASP A 1196 35.90 -10.97 -34.06
C ASP A 1196 34.83 -9.94 -33.73
N PRO A 1197 35.19 -8.84 -33.06
CA PRO A 1197 34.22 -7.77 -32.83
C PRO A 1197 33.66 -7.10 -34.07
N VAL A 1198 34.37 -7.13 -35.20
CA VAL A 1198 33.82 -6.57 -36.42
C VAL A 1198 32.72 -7.45 -36.96
N THR A 1199 32.79 -8.76 -36.72
CA THR A 1199 31.77 -9.67 -37.18
C THR A 1199 30.44 -9.44 -36.47
N LEU A 1200 30.48 -8.91 -35.26
CA LEU A 1200 29.24 -8.59 -34.57
C LEU A 1200 28.62 -7.31 -35.12
N TYR A 1201 29.45 -6.39 -35.62
CA TYR A 1201 28.90 -5.20 -36.25
C TYR A 1201 28.33 -5.54 -37.62
N ALA A 1202 28.91 -6.50 -38.30
CA ALA A 1202 28.40 -6.94 -39.60
C ALA A 1202 27.19 -7.83 -39.45
N LEU A 1203 27.06 -8.55 -38.35
CA LEU A 1203 25.93 -9.46 -38.18
C LEU A 1203 24.67 -8.74 -37.77
N VAL A 1204 24.78 -7.59 -37.10
CA VAL A 1204 23.60 -6.88 -36.65
C VAL A 1204 23.21 -5.73 -37.56
N SER A 1205 24.02 -5.40 -38.55
CA SER A 1205 23.52 -4.56 -39.62
C SER A 1205 23.06 -5.36 -40.80
N THR A 1206 23.32 -6.66 -40.82
CA THR A 1206 22.74 -7.54 -41.82
C THR A 1206 21.36 -7.97 -41.41
N ILE A 1207 21.16 -8.23 -40.12
CA ILE A 1207 19.82 -8.55 -39.64
C ILE A 1207 18.96 -7.31 -39.56
N GLU A 1208 19.56 -6.13 -39.52
CA GLU A 1208 18.79 -4.89 -39.58
C GLU A 1208 18.52 -4.46 -41.00
N ALA A 1209 19.39 -4.79 -41.94
CA ALA A 1209 19.08 -4.55 -43.35
C ALA A 1209 18.01 -5.51 -43.85
N LEU A 1210 17.99 -6.72 -43.32
CA LEU A 1210 16.96 -7.67 -43.73
C LEU A 1210 15.63 -7.35 -43.08
N LEU A 1211 15.64 -6.80 -41.88
CA LEU A 1211 14.38 -6.43 -41.23
C LEU A 1211 13.89 -5.07 -41.69
N SER A 1212 14.74 -4.26 -42.30
CA SER A 1212 14.28 -3.06 -42.98
C SER A 1212 13.55 -3.38 -44.27
N ALA A 1213 13.70 -4.58 -44.77
CA ALA A 1213 13.04 -5.05 -45.99
C ALA A 1213 11.81 -5.88 -45.69
N GLY A 1214 11.54 -6.18 -44.44
CA GLY A 1214 10.46 -7.08 -44.12
C GLY A 1214 10.81 -8.54 -44.22
N ILE A 1215 12.10 -8.86 -44.40
CA ILE A 1215 12.56 -10.24 -44.47
C ILE A 1215 12.84 -10.65 -43.03
N THR A 1216 11.80 -11.15 -42.37
CA THR A 1216 11.96 -11.64 -41.00
C THR A 1216 12.52 -13.06 -40.97
N ASP A 1217 12.31 -13.82 -42.04
CA ASP A 1217 12.95 -15.12 -42.23
C ASP A 1217 13.77 -15.04 -43.51
N PRO A 1218 15.09 -15.24 -43.45
CA PRO A 1218 15.90 -15.24 -44.68
C PRO A 1218 15.58 -16.35 -45.65
N TYR A 1219 14.89 -17.41 -45.22
CA TYR A 1219 14.52 -18.49 -46.11
C TYR A 1219 13.29 -18.17 -46.94
N GLU A 1220 12.69 -17.00 -46.74
CA GLU A 1220 11.64 -16.51 -47.62
C GLU A 1220 12.20 -16.15 -48.99
N PHE A 1221 13.52 -15.91 -49.07
CA PHE A 1221 14.17 -15.68 -50.35
C PHE A 1221 14.05 -16.87 -51.29
N TYR A 1222 13.95 -18.07 -50.74
CA TYR A 1222 13.97 -19.28 -51.54
C TYR A 1222 12.59 -19.75 -51.94
N LYS A 1223 11.58 -18.91 -51.81
CA LYS A 1223 10.30 -19.16 -52.46
C LYS A 1223 10.21 -18.52 -53.83
N TYR A 1224 11.15 -17.63 -54.15
CA TYR A 1224 11.17 -16.91 -55.41
C TYR A 1224 12.47 -17.06 -56.16
N VAL A 1225 13.52 -17.53 -55.51
CA VAL A 1225 14.89 -17.42 -55.99
C VAL A 1225 15.62 -18.69 -55.59
N HIS A 1226 16.35 -19.28 -56.54
CA HIS A 1226 17.15 -20.46 -56.26
C HIS A 1226 18.29 -20.12 -55.32
N VAL A 1227 18.74 -21.12 -54.54
CA VAL A 1227 19.75 -20.91 -53.50
C VAL A 1227 21.10 -20.45 -54.02
N SER A 1228 21.34 -20.56 -55.33
CA SER A 1228 22.56 -20.07 -55.94
C SER A 1228 22.42 -18.64 -56.46
N GLU A 1229 21.43 -17.89 -55.98
CA GLU A 1229 21.16 -16.57 -56.53
C GLU A 1229 20.98 -15.54 -55.43
N VAL A 1230 21.57 -15.77 -54.27
CA VAL A 1230 21.61 -14.80 -53.19
C VAL A 1230 23.07 -14.55 -52.86
N GLY A 1231 23.60 -13.40 -53.26
CA GLY A 1231 25.00 -13.10 -53.12
C GLY A 1231 25.33 -12.41 -51.81
N ASN A 1232 26.63 -12.12 -51.65
CA ASN A 1232 27.11 -11.36 -50.50
C ASN A 1232 28.41 -10.69 -50.91
N CYS A 1233 28.36 -9.41 -51.23
CA CYS A 1233 29.55 -8.66 -51.60
C CYS A 1233 29.92 -7.59 -50.59
N SER A 1234 29.72 -7.86 -49.31
CA SER A 1234 30.23 -6.98 -48.28
C SER A 1234 31.73 -7.13 -48.14
N GLY A 1235 32.41 -6.05 -47.78
CA GLY A 1235 33.84 -6.08 -47.64
C GLY A 1235 34.27 -5.15 -46.52
N SER A 1236 35.56 -5.21 -46.20
CA SER A 1236 36.14 -4.39 -45.15
C SER A 1236 37.38 -3.70 -45.68
N GLY A 1237 38.04 -2.95 -44.82
CA GLY A 1237 39.29 -2.34 -45.20
C GLY A 1237 40.49 -3.08 -44.63
N MET A 1238 40.39 -3.48 -43.39
CA MET A 1238 41.43 -4.24 -42.74
C MET A 1238 40.96 -5.53 -42.10
N GLY A 1239 39.67 -5.77 -42.04
CA GLY A 1239 39.19 -7.04 -41.54
C GLY A 1239 39.16 -7.08 -40.02
N GLY A 1240 39.41 -8.26 -39.49
CA GLY A 1240 39.40 -8.46 -38.06
C GLY A 1240 40.71 -8.11 -37.40
N VAL A 1241 40.96 -6.81 -37.20
CA VAL A 1241 42.21 -6.36 -36.58
C VAL A 1241 42.32 -6.68 -35.11
N SER A 1242 41.24 -7.10 -34.46
CA SER A 1242 41.35 -7.61 -33.11
C SER A 1242 41.83 -9.04 -33.08
N ALA A 1243 41.76 -9.75 -34.21
CA ALA A 1243 42.36 -11.06 -34.35
C ALA A 1243 43.77 -11.00 -34.92
N LEU A 1244 44.07 -9.96 -35.69
CA LEU A 1244 45.45 -9.74 -36.14
C LEU A 1244 46.35 -9.38 -34.97
N ARG A 1245 45.83 -8.69 -33.97
CA ARG A 1245 46.60 -8.42 -32.77
C ARG A 1245 46.80 -9.69 -31.96
N GLY A 1246 45.82 -10.59 -31.98
CA GLY A 1246 45.92 -11.81 -31.21
C GLY A 1246 46.94 -12.79 -31.74
N MET A 1247 47.31 -12.69 -33.01
CA MET A 1247 48.29 -13.59 -33.57
C MET A 1247 49.63 -12.97 -33.83
N PHE A 1248 49.73 -11.65 -33.85
CA PHE A 1248 51.00 -10.98 -34.08
C PHE A 1248 51.64 -10.46 -32.80
N ARG A 1249 50.84 -10.13 -31.80
CA ARG A 1249 51.37 -9.63 -30.54
C ARG A 1249 50.97 -10.47 -29.34
N ASP A 1250 49.70 -10.87 -29.25
CA ASP A 1250 49.23 -11.58 -28.07
C ASP A 1250 49.67 -13.03 -28.03
N ARG A 1251 50.13 -13.59 -29.15
CA ARG A 1251 50.72 -14.91 -29.09
C ARG A 1251 52.23 -14.86 -28.99
N TYR A 1252 52.83 -13.77 -29.47
CA TYR A 1252 54.24 -13.51 -29.20
C TYR A 1252 54.47 -13.29 -27.71
N SER A 1253 53.51 -12.71 -27.01
CA SER A 1253 53.60 -12.41 -25.60
C SER A 1253 52.99 -13.51 -24.72
N ASP A 1254 52.66 -14.66 -25.31
CA ASP A 1254 52.15 -15.85 -24.62
C ASP A 1254 50.84 -15.62 -23.88
N LYS A 1255 50.03 -14.80 -24.39
CA LYS A 1255 48.70 -14.72 -23.79
C LYS A 1255 47.81 -15.80 -24.38
N PRO A 1256 46.81 -16.30 -23.64
CA PRO A 1256 46.01 -17.43 -24.14
C PRO A 1256 45.03 -17.07 -25.25
N VAL A 1257 45.51 -17.07 -26.48
CA VAL A 1257 44.70 -16.78 -27.66
C VAL A 1257 44.11 -18.09 -28.16
N GLN A 1258 42.93 -18.05 -28.76
CA GLN A 1258 42.29 -19.24 -29.29
C GLN A 1258 43.04 -19.74 -30.51
N ASN A 1259 42.79 -21.01 -30.85
CA ASN A 1259 43.61 -21.67 -31.87
C ASN A 1259 43.28 -21.19 -33.27
N ASP A 1260 42.00 -21.03 -33.57
CA ASP A 1260 41.58 -20.53 -34.87
C ASP A 1260 41.44 -19.02 -34.88
N ILE A 1261 42.47 -18.31 -34.41
CA ILE A 1261 42.46 -16.86 -34.47
C ILE A 1261 42.86 -16.36 -35.84
N LEU A 1262 43.41 -17.24 -36.69
CA LEU A 1262 43.76 -16.82 -38.03
C LEU A 1262 42.51 -16.67 -38.89
N GLN A 1263 41.53 -17.54 -38.69
CA GLN A 1263 40.35 -17.52 -39.55
C GLN A 1263 39.42 -16.36 -39.24
N GLU A 1264 39.53 -15.75 -38.07
CA GLU A 1264 38.74 -14.57 -37.77
C GLU A 1264 39.42 -13.29 -38.21
N SER A 1265 40.65 -13.38 -38.68
CA SER A 1265 41.37 -12.22 -39.18
C SER A 1265 41.13 -11.93 -40.64
N PHE A 1266 40.53 -12.87 -41.37
CA PHE A 1266 40.30 -12.68 -42.78
C PHE A 1266 39.16 -11.71 -43.00
N ILE A 1267 39.28 -10.92 -44.07
CA ILE A 1267 38.25 -9.96 -44.43
C ILE A 1267 37.01 -10.67 -44.93
N ASN A 1268 37.17 -11.83 -45.55
CA ASN A 1268 36.07 -12.54 -46.17
C ASN A 1268 35.32 -13.46 -45.22
N THR A 1269 35.72 -13.54 -43.95
CA THR A 1269 35.05 -14.44 -43.03
C THR A 1269 33.97 -13.75 -42.21
N MET A 1270 33.85 -12.44 -42.31
CA MET A 1270 32.71 -11.78 -41.71
C MET A 1270 31.46 -12.02 -42.56
N SER A 1271 31.61 -12.04 -43.87
CA SER A 1271 30.53 -12.40 -44.77
C SER A 1271 30.34 -13.90 -44.84
N ALA A 1272 31.26 -14.69 -44.31
CA ALA A 1272 31.06 -16.13 -44.20
C ALA A 1272 30.18 -16.47 -43.01
N TRP A 1273 30.33 -15.73 -41.92
CA TRP A 1273 29.48 -15.93 -40.75
C TRP A 1273 28.06 -15.46 -40.99
N VAL A 1274 27.85 -14.55 -41.93
CA VAL A 1274 26.50 -14.19 -42.32
C VAL A 1274 25.81 -15.36 -43.00
N ASN A 1275 26.51 -16.00 -43.93
CA ASN A 1275 25.95 -17.17 -44.60
C ASN A 1275 25.88 -18.38 -43.68
N MET A 1276 26.79 -18.47 -42.72
CA MET A 1276 26.78 -19.60 -41.81
C MET A 1276 25.73 -19.49 -40.73
N LEU A 1277 25.21 -18.30 -40.48
CA LEU A 1277 24.23 -18.13 -39.43
C LEU A 1277 22.86 -17.69 -39.93
N LEU A 1278 22.79 -16.98 -41.04
CA LEU A 1278 21.52 -16.46 -41.52
C LEU A 1278 21.09 -17.04 -42.86
N LEU A 1279 21.90 -16.91 -43.90
CA LEU A 1279 21.36 -17.00 -45.25
C LEU A 1279 21.29 -18.41 -45.79
N SER A 1280 22.34 -19.21 -45.59
CA SER A 1280 22.52 -20.54 -46.17
C SER A 1280 22.46 -20.53 -47.69
N SER A 1281 22.88 -19.45 -48.32
CA SER A 1281 22.86 -19.39 -49.76
C SER A 1281 24.09 -20.09 -50.32
N SER A 1282 23.97 -20.58 -51.55
CA SER A 1282 25.10 -21.05 -52.32
C SER A 1282 25.35 -20.13 -53.50
N GLY A 1283 25.07 -18.85 -53.31
CA GLY A 1283 25.22 -17.86 -54.35
C GLY A 1283 26.61 -17.28 -54.32
N PRO A 1284 26.83 -16.22 -55.10
CA PRO A 1284 28.17 -15.66 -55.23
C PRO A 1284 28.68 -15.03 -53.95
N ILE A 1285 29.99 -14.90 -53.88
CA ILE A 1285 30.61 -14.12 -52.82
C ILE A 1285 31.83 -13.42 -53.41
N LYS A 1286 31.86 -12.11 -53.28
CA LYS A 1286 32.93 -11.29 -53.87
C LYS A 1286 33.20 -10.18 -52.87
N THR A 1287 34.13 -10.40 -51.96
CA THR A 1287 34.37 -9.44 -50.89
C THR A 1287 35.46 -8.46 -51.30
N PRO A 1288 35.17 -7.17 -51.39
CA PRO A 1288 36.16 -6.20 -51.86
C PRO A 1288 37.00 -5.58 -50.74
N VAL A 1289 38.05 -4.88 -51.16
CA VAL A 1289 38.91 -4.12 -50.26
C VAL A 1289 39.19 -2.77 -50.92
N GLY A 1290 38.79 -1.68 -50.28
CA GLY A 1290 39.05 -0.36 -50.79
C GLY A 1290 39.68 0.54 -49.75
N ALA A 1291 39.51 0.12 -48.50
CA ALA A 1291 40.19 0.57 -47.29
C ALA A 1291 39.81 1.97 -46.81
N CYS A 1292 39.16 2.77 -47.65
CA CYS A 1292 38.30 3.85 -47.22
C CYS A 1292 37.04 3.96 -48.06
N ALA A 1293 37.05 3.47 -49.30
CA ALA A 1293 35.87 3.36 -50.13
C ALA A 1293 35.74 1.90 -50.53
N THR A 1294 35.19 1.09 -49.62
CA THR A 1294 34.95 -0.31 -49.89
C THR A 1294 33.49 -0.66 -49.70
N ALA A 1295 32.63 0.33 -49.62
CA ALA A 1295 31.21 0.11 -49.68
C ALA A 1295 30.58 0.72 -50.92
N VAL A 1296 31.25 1.68 -51.55
CA VAL A 1296 30.85 2.13 -52.88
C VAL A 1296 31.44 1.20 -53.93
N GLU A 1297 32.64 0.68 -53.67
CA GLU A 1297 33.18 -0.40 -54.50
C GLU A 1297 32.35 -1.67 -54.35
N SER A 1298 31.87 -1.94 -53.14
CA SER A 1298 31.05 -3.12 -52.91
C SER A 1298 29.68 -3.00 -53.57
N VAL A 1299 29.15 -1.78 -53.70
CA VAL A 1299 27.94 -1.57 -54.48
C VAL A 1299 28.21 -1.82 -55.95
N ASP A 1300 29.39 -1.43 -56.44
CA ASP A 1300 29.74 -1.65 -57.84
C ASP A 1300 29.84 -3.13 -58.17
N ILE A 1301 30.39 -3.93 -57.26
CA ILE A 1301 30.43 -5.37 -57.45
C ILE A 1301 29.02 -5.94 -57.33
N GLY A 1302 28.22 -5.40 -56.42
CA GLY A 1302 26.90 -5.95 -56.18
C GLY A 1302 25.92 -5.71 -57.30
N VAL A 1303 25.99 -4.55 -57.95
CA VAL A 1303 25.12 -4.32 -59.09
C VAL A 1303 25.61 -5.07 -60.33
N GLU A 1304 26.89 -5.40 -60.42
CA GLU A 1304 27.38 -6.14 -61.57
C GLU A 1304 27.14 -7.63 -61.44
N THR A 1305 27.02 -8.14 -60.22
CA THR A 1305 26.62 -9.53 -60.03
C THR A 1305 25.16 -9.73 -60.38
N ILE A 1306 24.32 -8.72 -60.16
CA ILE A 1306 22.90 -8.86 -60.46
C ILE A 1306 22.61 -8.58 -61.92
N LEU A 1307 23.32 -7.63 -62.53
CA LEU A 1307 23.12 -7.34 -63.93
C LEU A 1307 23.68 -8.44 -64.83
N SER A 1308 24.65 -9.20 -64.35
CA SER A 1308 25.12 -10.35 -65.12
C SER A 1308 24.17 -11.53 -65.02
N GLY A 1309 23.34 -11.57 -63.99
CA GLY A 1309 22.40 -12.65 -63.79
C GLY A 1309 22.86 -13.70 -62.82
N LYS A 1310 24.06 -13.55 -62.25
CA LYS A 1310 24.57 -14.55 -61.32
C LYS A 1310 23.83 -14.53 -60.00
N ALA A 1311 23.34 -13.37 -59.58
CA ALA A 1311 22.56 -13.26 -58.36
C ALA A 1311 21.30 -12.48 -58.63
N LYS A 1312 20.36 -12.59 -57.72
CA LYS A 1312 19.16 -11.78 -57.74
C LYS A 1312 18.97 -10.93 -56.51
N ILE A 1313 19.42 -11.39 -55.35
CA ILE A 1313 19.54 -10.58 -54.14
C ILE A 1313 21.01 -10.52 -53.79
N CYS A 1314 21.49 -9.37 -53.34
CA CYS A 1314 22.89 -9.24 -53.00
C CYS A 1314 23.04 -8.41 -51.74
N LEU A 1315 23.54 -9.03 -50.68
CA LEU A 1315 23.97 -8.28 -49.51
C LEU A 1315 25.20 -7.47 -49.85
N VAL A 1316 25.24 -6.23 -49.41
CA VAL A 1316 26.23 -5.28 -49.89
C VAL A 1316 26.46 -4.24 -48.79
N GLY A 1317 27.71 -3.83 -48.61
CA GLY A 1317 28.00 -2.85 -47.59
C GLY A 1317 29.46 -2.91 -47.16
N GLY A 1318 29.71 -2.43 -45.95
CA GLY A 1318 31.07 -2.33 -45.44
C GLY A 1318 31.08 -2.30 -43.94
N TYR A 1319 32.24 -2.64 -43.38
CA TYR A 1319 32.37 -2.77 -41.93
C TYR A 1319 33.82 -2.61 -41.54
N ASP A 1320 34.06 -1.96 -40.40
CA ASP A 1320 35.41 -1.77 -39.89
C ASP A 1320 35.36 -1.49 -38.39
N ASP A 1321 36.54 -1.38 -37.80
CA ASP A 1321 36.71 -1.35 -36.36
C ASP A 1321 37.82 -0.39 -35.99
N PHE A 1322 37.69 0.22 -34.82
CA PHE A 1322 38.73 1.04 -34.23
C PHE A 1322 39.50 0.17 -33.24
N GLN A 1323 40.81 0.10 -33.40
CA GLN A 1323 41.65 -0.56 -32.43
C GLN A 1323 42.89 0.29 -32.20
N GLU A 1324 43.69 -0.11 -31.22
CA GLU A 1324 44.83 0.69 -30.78
C GLU A 1324 45.90 0.80 -31.86
N GLU A 1325 46.18 -0.30 -32.55
CA GLU A 1325 47.35 -0.35 -33.42
C GLU A 1325 47.13 0.42 -34.71
N GLY A 1326 45.93 0.34 -35.28
CA GLY A 1326 45.64 1.15 -36.46
C GLY A 1326 45.51 2.61 -36.14
N SER A 1327 45.07 2.94 -34.92
CA SER A 1327 44.99 4.33 -34.48
C SER A 1327 46.36 4.96 -34.35
N TYR A 1328 47.34 4.19 -33.89
CA TYR A 1328 48.70 4.70 -33.77
C TYR A 1328 49.35 4.86 -35.13
N GLU A 1329 49.00 4.01 -36.09
CA GLU A 1329 49.65 4.09 -37.39
C GLU A 1329 49.10 5.21 -38.23
N PHE A 1330 47.82 5.55 -38.07
CA PHE A 1330 47.26 6.69 -38.77
C PHE A 1330 47.85 8.00 -38.29
N ALA A 1331 48.28 8.05 -37.03
CA ALA A 1331 48.95 9.23 -36.51
C ALA A 1331 50.36 9.37 -37.09
N ASN A 1332 51.01 8.25 -37.40
CA ASN A 1332 52.35 8.32 -37.99
C ASN A 1332 52.30 8.78 -39.43
N MET A 1333 51.19 8.51 -40.12
CA MET A 1333 50.99 9.01 -41.47
C MET A 1333 50.45 10.43 -41.49
N ASN A 1334 50.22 11.02 -40.31
CA ASN A 1334 49.66 12.36 -40.12
C ASN A 1334 48.31 12.51 -40.82
N ALA A 1335 47.50 11.47 -40.73
CA ALA A 1335 46.18 11.48 -41.33
C ALA A 1335 45.08 11.85 -40.35
N THR A 1336 45.26 11.54 -39.07
CA THR A 1336 44.26 11.74 -38.05
C THR A 1336 44.56 13.02 -37.29
N SER A 1337 43.51 13.69 -36.82
CA SER A 1337 43.60 14.92 -36.07
C SER A 1337 44.38 14.74 -34.77
N ASN A 1338 45.37 15.60 -34.56
CA ASN A 1338 46.10 15.63 -33.30
C ASN A 1338 45.16 16.14 -32.24
N SER A 1339 44.70 15.24 -31.37
CA SER A 1339 43.67 15.59 -30.41
C SER A 1339 44.16 16.49 -29.30
N LEU A 1340 45.47 16.59 -29.08
CA LEU A 1340 46.00 17.56 -28.14
C LEU A 1340 46.21 18.92 -28.77
N ASP A 1341 46.46 18.97 -30.07
CA ASP A 1341 46.52 20.23 -30.78
C ASP A 1341 45.15 20.86 -30.91
N GLU A 1342 44.09 20.05 -30.96
CA GLU A 1342 42.74 20.58 -30.97
C GLU A 1342 42.30 21.08 -29.61
N PHE A 1343 42.93 20.63 -28.53
CA PHE A 1343 42.65 21.20 -27.22
C PHE A 1343 43.35 22.53 -27.02
N ASP A 1344 44.41 22.80 -27.77
CA ASP A 1344 45.04 24.11 -27.73
C ASP A 1344 44.20 25.15 -28.46
N HIS A 1345 43.37 24.71 -29.40
CA HIS A 1345 42.44 25.59 -30.11
C HIS A 1345 41.08 25.62 -29.46
N GLY A 1346 40.93 25.03 -28.28
CA GLY A 1346 39.68 25.12 -27.56
C GLY A 1346 38.55 24.31 -28.14
N ARG A 1347 38.85 23.28 -28.93
CA ARG A 1347 37.83 22.46 -29.54
C ARG A 1347 37.37 21.37 -28.59
N THR A 1348 36.06 21.19 -28.50
CA THR A 1348 35.46 20.06 -27.83
C THR A 1348 35.72 18.81 -28.66
N PRO A 1349 35.71 17.61 -28.05
CA PRO A 1349 35.69 16.38 -28.85
C PRO A 1349 34.55 16.29 -29.84
N GLN A 1350 33.38 16.83 -29.53
CA GLN A 1350 32.24 16.76 -30.43
C GLN A 1350 32.38 17.63 -31.67
N GLU A 1351 33.36 18.53 -31.71
CA GLU A 1351 33.54 19.42 -32.85
C GLU A 1351 34.94 19.32 -33.42
N MET A 1352 35.54 18.14 -33.36
CA MET A 1352 36.87 17.91 -33.91
C MET A 1352 36.84 17.38 -35.32
N SER A 1353 35.66 17.17 -35.90
CA SER A 1353 35.53 16.71 -37.28
C SER A 1353 34.78 17.79 -38.04
N ARG A 1354 35.51 18.59 -38.80
CA ARG A 1354 35.00 19.79 -39.45
C ARG A 1354 35.28 19.74 -40.93
N PRO A 1355 34.47 19.04 -41.72
CA PRO A 1355 34.72 19.01 -43.16
C PRO A 1355 34.40 20.35 -43.80
N ALA A 1356 35.21 20.73 -44.78
CA ALA A 1356 35.18 21.94 -45.62
C ALA A 1356 35.53 23.22 -44.86
N THR A 1357 35.76 23.16 -43.56
CA THR A 1357 36.10 24.30 -42.73
C THR A 1357 37.55 24.69 -42.98
N THR A 1358 37.84 25.99 -42.89
CA THR A 1358 39.18 26.48 -43.20
C THR A 1358 40.22 25.97 -42.21
N THR A 1359 39.85 25.76 -40.95
CA THR A 1359 40.75 25.19 -39.96
C THR A 1359 40.37 23.74 -39.77
N ARG A 1360 40.70 22.92 -40.77
CA ARG A 1360 40.49 21.49 -40.69
C ARG A 1360 41.86 20.83 -40.67
N ASN A 1361 42.00 19.80 -39.84
CA ASN A 1361 43.32 19.19 -39.71
C ASN A 1361 43.10 17.72 -39.38
N GLY A 1362 43.10 16.88 -40.40
CA GLY A 1362 43.06 15.44 -40.21
C GLY A 1362 41.68 14.91 -39.90
N PHE A 1363 41.51 13.62 -40.17
CA PHE A 1363 40.20 13.00 -39.98
C PHE A 1363 40.05 12.49 -38.55
N MET A 1364 38.85 12.00 -38.27
CA MET A 1364 38.53 11.43 -36.96
C MET A 1364 38.08 10.00 -37.16
N GLU A 1365 38.77 9.07 -36.52
CA GLU A 1365 38.54 7.66 -36.73
C GLU A 1365 37.27 7.22 -36.01
N ALA A 1366 36.59 6.23 -36.58
CA ALA A 1366 35.37 5.72 -36.01
C ALA A 1366 35.34 4.21 -36.21
N GLN A 1367 34.20 3.61 -35.91
CA GLN A 1367 34.00 2.19 -36.10
C GLN A 1367 32.53 1.94 -36.34
N GLY A 1368 32.22 0.75 -36.79
CA GLY A 1368 30.86 0.38 -37.06
C GLY A 1368 30.74 -0.22 -38.42
N SER A 1369 29.50 -0.45 -38.84
CA SER A 1369 29.23 -1.12 -40.10
C SER A 1369 28.04 -0.47 -40.77
N GLY A 1370 27.82 -0.84 -42.02
CA GLY A 1370 26.65 -0.42 -42.74
C GLY A 1370 26.35 -1.39 -43.86
N THR A 1371 25.09 -1.75 -44.06
CA THR A 1371 24.74 -2.80 -44.99
C THR A 1371 23.47 -2.40 -45.73
N GLN A 1372 23.46 -2.66 -47.04
CA GLN A 1372 22.28 -2.50 -47.88
C GLN A 1372 21.87 -3.86 -48.41
N VAL A 1373 20.63 -3.97 -48.85
CA VAL A 1373 20.15 -5.16 -49.54
C VAL A 1373 19.66 -4.71 -50.90
N ILE A 1374 20.41 -5.00 -51.92
CA ILE A 1374 20.02 -4.63 -53.27
C ILE A 1374 19.48 -5.86 -53.97
N MET A 1375 18.52 -5.65 -54.87
CA MET A 1375 17.97 -6.74 -55.66
C MET A 1375 17.45 -6.19 -56.97
N ASN A 1376 16.85 -7.07 -57.76
CA ASN A 1376 16.17 -6.66 -58.99
C ASN A 1376 14.97 -5.79 -58.67
N ALA A 1377 14.59 -4.95 -59.62
CA ALA A 1377 13.31 -4.29 -59.47
C ALA A 1377 12.18 -5.24 -59.77
N GLU A 1378 12.38 -6.20 -60.67
CA GLU A 1378 11.32 -7.16 -61.00
C GLU A 1378 11.11 -8.14 -59.87
N LEU A 1379 12.17 -8.53 -59.17
CA LEU A 1379 12.02 -9.41 -58.02
C LEU A 1379 11.43 -8.67 -56.84
N ALA A 1380 11.75 -7.38 -56.69
CA ALA A 1380 11.25 -6.64 -55.54
C ALA A 1380 9.77 -6.34 -55.65
N ILE A 1381 9.26 -6.13 -56.86
CA ILE A 1381 7.82 -5.97 -57.03
C ILE A 1381 7.11 -7.29 -56.80
N LYS A 1382 7.75 -8.40 -57.13
CA LYS A 1382 7.13 -9.71 -56.94
C LYS A 1382 7.08 -10.11 -55.47
N MET A 1383 8.17 -9.89 -54.74
CA MET A 1383 8.15 -10.21 -53.31
C MET A 1383 7.30 -9.23 -52.52
N GLY A 1384 7.13 -8.01 -53.04
CA GLY A 1384 6.41 -7.00 -52.32
C GLY A 1384 7.21 -6.44 -51.17
N VAL A 1385 8.49 -6.17 -51.40
CA VAL A 1385 9.37 -5.63 -50.38
C VAL A 1385 9.43 -4.12 -50.57
N PRO A 1386 9.75 -3.33 -49.55
CA PRO A 1386 9.86 -1.89 -49.76
C PRO A 1386 11.06 -1.52 -50.58
N ILE A 1387 10.89 -0.51 -51.42
CA ILE A 1387 11.96 -0.02 -52.28
C ILE A 1387 12.34 1.36 -51.78
N TYR A 1388 13.58 1.51 -51.34
CA TYR A 1388 14.03 2.76 -50.76
C TYR A 1388 14.72 3.65 -51.78
N ALA A 1389 15.34 3.08 -52.81
CA ALA A 1389 16.16 3.85 -53.72
C ALA A 1389 16.32 3.07 -55.01
N ILE A 1390 16.90 3.72 -56.00
CA ILE A 1390 17.31 3.10 -57.25
C ILE A 1390 18.78 3.40 -57.43
N VAL A 1391 19.61 2.37 -57.60
CA VAL A 1391 21.03 2.58 -57.86
C VAL A 1391 21.16 2.83 -59.36
N ALA A 1392 21.38 4.09 -59.73
CA ALA A 1392 21.40 4.49 -61.13
C ALA A 1392 22.68 4.02 -61.82
N LEU A 1393 23.83 4.41 -61.29
CA LEU A 1393 25.06 3.74 -61.67
C LEU A 1393 25.96 3.62 -60.45
N THR A 1394 27.00 2.83 -60.62
CA THR A 1394 28.13 2.83 -59.71
C THR A 1394 29.39 2.76 -60.56
N ALA A 1395 30.40 3.51 -60.18
CA ALA A 1395 31.66 3.51 -60.89
C ALA A 1395 32.80 3.38 -59.90
N THR A 1396 33.97 3.04 -60.43
CA THR A 1396 35.19 2.97 -59.66
C THR A 1396 36.31 3.42 -60.58
N ALA A 1397 37.28 4.15 -60.06
CA ALA A 1397 38.32 4.69 -60.92
C ALA A 1397 39.59 4.92 -60.11
N THR A 1398 40.72 4.53 -60.66
CA THR A 1398 42.00 4.85 -60.06
C THR A 1398 42.47 6.22 -60.56
N ASP A 1399 43.70 6.56 -60.22
CA ASP A 1399 44.29 7.86 -60.45
C ASP A 1399 45.51 7.68 -61.35
N LYS A 1400 46.28 8.75 -61.50
CA LYS A 1400 47.46 8.75 -62.36
C LYS A 1400 48.65 8.11 -61.65
N ILE A 1401 49.84 8.30 -62.23
CA ILE A 1401 51.08 7.80 -61.64
C ILE A 1401 51.56 8.76 -60.57
N GLY A 1402 51.85 8.22 -59.39
CA GLY A 1402 52.49 8.98 -58.34
C GLY A 1402 53.38 8.08 -57.52
N ARG A 1403 53.93 8.59 -56.43
CA ARG A 1403 54.70 7.77 -55.50
C ARG A 1403 54.14 7.91 -54.09
N SER A 1404 52.86 8.27 -53.97
CA SER A 1404 52.23 8.49 -52.68
C SER A 1404 50.89 7.76 -52.67
N VAL A 1405 50.81 6.69 -51.88
CA VAL A 1405 49.60 5.90 -51.75
C VAL A 1405 48.42 6.69 -51.17
N PRO A 1406 48.48 7.34 -49.94
CA PRO A 1406 47.26 7.94 -49.38
C PRO A 1406 47.00 9.37 -49.87
N ALA A 1407 47.11 9.57 -51.17
CA ALA A 1407 46.87 10.87 -51.78
C ALA A 1407 45.74 10.73 -52.78
N PRO A 1408 44.67 11.51 -52.68
CA PRO A 1408 43.56 11.39 -53.63
C PRO A 1408 43.89 12.07 -54.94
N GLY A 1409 43.09 11.77 -55.95
CA GLY A 1409 43.26 12.38 -57.24
C GLY A 1409 41.93 12.49 -57.95
N LYS A 1410 41.97 13.10 -59.13
CA LYS A 1410 40.76 13.42 -59.88
C LYS A 1410 40.37 12.26 -60.79
N GLY A 1411 40.34 11.04 -60.25
CA GLY A 1411 40.18 9.87 -61.10
C GLY A 1411 38.74 9.56 -61.43
N ILE A 1412 37.82 9.88 -60.51
CA ILE A 1412 36.40 9.64 -60.73
C ILE A 1412 35.77 10.68 -61.63
N LEU A 1413 36.56 11.63 -62.16
CA LEU A 1413 36.09 12.59 -63.14
C LEU A 1413 35.68 11.93 -64.45
N THR A 1414 36.12 10.71 -64.71
CA THR A 1414 35.74 9.98 -65.92
C THR A 1414 34.35 9.38 -65.84
N THR A 1415 33.61 9.58 -64.74
CA THR A 1415 32.23 9.14 -64.74
C THR A 1415 31.30 10.12 -65.43
N ALA A 1416 31.79 11.32 -65.75
CA ALA A 1416 31.08 12.26 -66.60
C ALA A 1416 32.03 12.61 -67.71
N ARG A 1417 32.09 11.77 -68.73
CA ARG A 1417 32.96 11.99 -69.87
C ARG A 1417 32.10 12.00 -71.12
N GLU A 1418 32.36 12.97 -71.99
CA GLU A 1418 31.47 13.16 -73.12
C GLU A 1418 32.24 13.83 -74.23
N HIS A 1419 32.00 13.40 -75.46
CA HIS A 1419 32.64 13.99 -76.62
C HIS A 1419 31.65 14.92 -77.28
N HIS A 1420 31.96 16.21 -77.30
CA HIS A 1420 31.17 17.21 -77.99
C HIS A 1420 32.10 18.16 -78.74
N GLY A 1421 33.06 17.61 -79.46
CA GLY A 1421 34.09 18.39 -80.12
C GLY A 1421 33.59 19.32 -81.21
N SER A 1422 33.09 18.76 -82.31
CA SER A 1422 32.49 19.56 -83.37
C SER A 1422 31.08 19.11 -83.70
N LEU A 1423 30.48 18.29 -82.84
CA LEU A 1423 29.16 17.76 -83.13
C LEU A 1423 28.11 18.85 -82.96
N LYS A 1424 27.28 19.03 -83.99
CA LYS A 1424 26.36 20.15 -84.03
C LYS A 1424 24.93 19.76 -83.67
N THR A 1425 24.61 18.47 -83.67
CA THR A 1425 23.30 18.00 -83.27
C THR A 1425 23.37 17.35 -81.90
N LYS A 1426 22.21 17.13 -81.31
CA LYS A 1426 22.14 16.34 -80.10
C LYS A 1426 22.26 14.87 -80.44
N SER A 1427 22.49 14.05 -79.42
CA SER A 1427 22.32 12.62 -79.59
C SER A 1427 20.83 12.35 -79.79
N PRO A 1428 20.45 11.64 -80.86
CA PRO A 1428 19.02 11.50 -81.16
C PRO A 1428 18.26 10.65 -80.17
N LYS A 1429 18.94 9.82 -79.39
CA LYS A 1429 18.30 9.02 -78.36
C LYS A 1429 18.32 9.69 -77.01
N LEU A 1430 18.50 11.00 -76.96
CA LEU A 1430 18.42 11.70 -75.70
C LEU A 1430 17.01 12.17 -75.35
N ASP A 1431 16.05 11.99 -76.25
CA ASP A 1431 14.67 12.30 -75.95
C ASP A 1431 13.84 11.02 -75.94
N ILE A 1432 12.86 10.98 -75.04
CA ILE A 1432 12.11 9.76 -74.80
C ILE A 1432 11.08 9.50 -75.87
N LYS A 1433 10.82 10.47 -76.74
CA LYS A 1433 9.83 10.31 -77.79
C LYS A 1433 10.35 9.36 -78.85
N TYR A 1434 11.64 9.48 -79.16
CA TYR A 1434 12.30 8.67 -80.16
C TYR A 1434 12.52 7.26 -79.66
N ARG A 1435 12.91 7.11 -78.40
CA ARG A 1435 13.21 5.81 -77.84
C ARG A 1435 11.95 4.98 -77.62
N THR A 1436 10.83 5.62 -77.30
CA THR A 1436 9.56 4.91 -77.26
C THR A 1436 9.04 4.59 -78.64
N ARG A 1437 9.51 5.27 -79.67
CA ARG A 1437 9.05 5.00 -81.02
C ARG A 1437 9.81 3.83 -81.62
N GLN A 1438 11.10 3.70 -81.31
CA GLN A 1438 11.86 2.57 -81.80
C GLN A 1438 11.53 1.30 -81.02
N LEU A 1439 11.27 1.43 -79.73
CA LEU A 1439 10.95 0.26 -78.92
C LEU A 1439 9.58 -0.30 -79.25
N ASN A 1440 8.62 0.57 -79.61
CA ASN A 1440 7.28 0.09 -79.88
C ASN A 1440 7.19 -0.59 -81.24
N LYS A 1441 8.07 -0.22 -82.18
CA LYS A 1441 8.10 -0.93 -83.44
C LYS A 1441 8.98 -2.17 -83.37
N ARG A 1442 9.84 -2.27 -82.36
CA ARG A 1442 10.55 -3.52 -82.11
C ARG A 1442 9.68 -4.48 -81.33
N LYS A 1443 8.76 -3.97 -80.52
CA LYS A 1443 7.79 -4.81 -79.83
C LYS A 1443 6.76 -5.39 -80.77
N ASP A 1444 6.61 -4.82 -81.97
CA ASP A 1444 5.72 -5.36 -82.97
C ASP A 1444 6.38 -6.42 -83.84
N GLN A 1445 7.70 -6.36 -84.00
CA GLN A 1445 8.40 -7.43 -84.69
C GLN A 1445 8.46 -8.68 -83.84
N ILE A 1446 8.46 -8.54 -82.52
CA ILE A 1446 8.48 -9.70 -81.63
C ILE A 1446 7.14 -10.40 -81.67
N LYS A 1447 6.04 -9.65 -81.78
CA LYS A 1447 4.73 -10.26 -81.88
C LYS A 1447 4.55 -10.95 -83.23
N GLN A 1448 5.22 -10.47 -84.27
CA GLN A 1448 5.23 -11.19 -85.53
C GLN A 1448 6.12 -12.41 -85.45
N TRP A 1449 7.20 -12.33 -84.67
CA TRP A 1449 8.13 -13.45 -84.55
C TRP A 1449 7.49 -14.63 -83.82
N VAL A 1450 6.56 -14.37 -82.91
CA VAL A 1450 5.87 -15.46 -82.23
C VAL A 1450 4.92 -16.17 -83.18
N GLU A 1451 4.20 -15.39 -84.00
CA GLU A 1451 3.26 -15.98 -84.94
C GLU A 1451 3.98 -16.71 -86.07
N ASP A 1452 5.17 -16.23 -86.45
CA ASP A 1452 5.94 -16.92 -87.47
C ASP A 1452 6.57 -18.19 -86.94
N GLU A 1453 6.81 -18.25 -85.64
CA GLU A 1453 7.42 -19.44 -85.05
C GLU A 1453 6.40 -20.43 -84.53
N LEU A 1454 5.20 -19.98 -84.15
CA LEU A 1454 4.20 -20.90 -83.67
C LEU A 1454 3.63 -21.78 -84.78
N GLU A 1455 3.54 -21.23 -85.99
CA GLU A 1455 3.14 -22.05 -87.14
C GLU A 1455 4.24 -23.01 -87.55
N TYR A 1456 5.50 -22.69 -87.23
CA TYR A 1456 6.61 -23.59 -87.47
C TYR A 1456 6.56 -24.80 -86.54
N ILE A 1457 6.06 -24.61 -85.32
CA ILE A 1457 5.93 -25.73 -84.39
C ILE A 1457 4.85 -26.69 -84.89
N ARG A 1458 3.77 -26.17 -85.48
CA ARG A 1458 2.80 -27.04 -86.14
C ARG A 1458 3.41 -27.70 -87.36
N GLU A 1459 4.17 -26.93 -88.14
CA GLU A 1459 4.77 -27.41 -89.37
C GLU A 1459 5.91 -28.39 -89.14
N GLU A 1460 6.40 -28.53 -87.90
CA GLU A 1460 7.38 -29.56 -87.60
C GLU A 1460 6.81 -30.71 -86.77
N ALA A 1461 5.68 -30.49 -86.09
CA ALA A 1461 5.03 -31.61 -85.43
C ALA A 1461 4.25 -32.45 -86.42
N ALA A 1462 3.81 -31.87 -87.52
CA ALA A 1462 3.36 -32.64 -88.68
C ALA A 1462 4.42 -32.63 -89.78
N GLU A 1463 5.61 -33.15 -89.47
CA GLU A 1463 6.66 -33.24 -90.47
C GLU A 1463 7.50 -34.51 -90.33
N LEU A 1464 7.16 -35.40 -89.40
CA LEU A 1464 7.94 -36.60 -89.17
C LEU A 1464 7.47 -37.77 -90.05
N ALA A 1465 6.86 -37.46 -91.21
CA ALA A 1465 6.12 -38.37 -92.08
C ALA A 1465 5.00 -39.08 -91.33
N ASN A 1466 4.49 -38.42 -90.29
CA ASN A 1466 3.55 -38.98 -89.31
C ASN A 1466 4.04 -40.33 -88.78
N SER A 1467 5.28 -40.34 -88.32
CA SER A 1467 5.84 -41.49 -87.63
C SER A 1467 5.16 -41.65 -86.28
N ASP A 1468 4.48 -42.78 -86.08
CA ASP A 1468 3.79 -43.02 -84.82
C ASP A 1468 4.73 -43.51 -83.71
N ALA A 1469 6.03 -43.56 -83.98
CA ALA A 1469 7.05 -43.75 -82.96
C ALA A 1469 6.96 -42.61 -81.96
N LYS A 1470 7.18 -41.38 -82.44
CA LYS A 1470 6.85 -40.18 -81.66
C LYS A 1470 5.35 -39.97 -81.82
N PHE A 1471 4.60 -40.67 -80.97
CA PHE A 1471 3.15 -40.51 -80.98
C PHE A 1471 2.73 -39.25 -80.25
N ASP A 1472 3.54 -38.79 -79.30
CA ASP A 1472 3.14 -37.70 -78.41
C ASP A 1472 3.62 -36.37 -78.99
N ALA A 1473 2.88 -35.90 -80.00
CA ALA A 1473 3.03 -34.55 -80.49
C ALA A 1473 2.32 -33.54 -79.62
N VAL A 1474 1.58 -33.99 -78.60
CA VAL A 1474 0.93 -33.07 -77.68
C VAL A 1474 1.95 -32.41 -76.78
N SER A 1475 2.84 -33.20 -76.19
CA SER A 1475 3.89 -32.67 -75.34
C SER A 1475 5.14 -32.26 -76.12
N PHE A 1476 5.08 -32.26 -77.45
CA PHE A 1476 6.09 -31.59 -78.25
C PHE A 1476 5.70 -30.14 -78.49
N VAL A 1477 4.46 -29.90 -78.88
CA VAL A 1477 3.97 -28.52 -79.01
C VAL A 1477 3.59 -27.90 -77.69
N SER A 1478 3.72 -28.63 -76.59
CA SER A 1478 3.57 -28.04 -75.27
C SER A 1478 4.88 -27.45 -74.78
N GLU A 1479 5.96 -28.22 -74.87
CA GLU A 1479 7.26 -27.78 -74.41
C GLU A 1479 7.97 -26.87 -75.40
N ARG A 1480 7.48 -26.76 -76.63
CA ARG A 1480 8.09 -25.85 -77.60
C ARG A 1480 7.23 -24.63 -77.88
N THR A 1481 6.09 -24.51 -77.22
CA THR A 1481 5.34 -23.26 -77.16
C THR A 1481 5.67 -22.49 -75.89
N GLU A 1482 5.92 -23.21 -74.80
CA GLU A 1482 6.54 -22.60 -73.62
C GLU A 1482 7.91 -22.04 -73.93
N GLU A 1483 8.65 -22.70 -74.82
CA GLU A 1483 9.98 -22.22 -75.18
C GLU A 1483 9.90 -20.99 -76.08
N VAL A 1484 8.90 -20.89 -76.94
CA VAL A 1484 8.82 -19.72 -77.81
C VAL A 1484 8.27 -18.51 -77.07
N TYR A 1485 7.57 -18.72 -75.94
CA TYR A 1485 7.12 -17.60 -75.14
C TYR A 1485 8.19 -17.12 -74.19
N ARG A 1486 9.12 -18.01 -73.82
CA ARG A 1486 10.26 -17.59 -73.02
C ARG A 1486 11.29 -16.83 -73.82
N GLU A 1487 11.28 -16.97 -75.14
CA GLU A 1487 12.22 -16.22 -75.96
C GLU A 1487 11.64 -14.90 -76.43
N ALA A 1488 10.31 -14.80 -76.53
CA ALA A 1488 9.70 -13.51 -76.77
C ALA A 1488 9.88 -12.59 -75.57
N THR A 1489 9.82 -13.15 -74.37
CA THR A 1489 10.10 -12.39 -73.16
C THR A 1489 11.55 -11.94 -73.11
N LYS A 1490 12.46 -12.81 -73.54
CA LYS A 1490 13.88 -12.43 -73.63
C LYS A 1490 14.10 -11.39 -74.70
N GLN A 1491 13.31 -11.41 -75.77
CA GLN A 1491 13.49 -10.45 -76.84
C GLN A 1491 12.87 -9.10 -76.51
N VAL A 1492 11.79 -9.09 -75.74
CA VAL A 1492 11.19 -7.85 -75.29
C VAL A 1492 12.13 -7.15 -74.32
N LYS A 1493 12.66 -7.89 -73.36
CA LYS A 1493 13.56 -7.35 -72.36
C LYS A 1493 14.93 -6.98 -72.90
N MET A 1494 15.25 -7.38 -74.13
CA MET A 1494 16.46 -6.91 -74.76
C MET A 1494 16.24 -5.63 -75.56
N ALA A 1495 15.05 -5.46 -76.12
CA ALA A 1495 14.69 -4.17 -76.71
C ALA A 1495 14.53 -3.11 -75.63
N GLN A 1496 14.04 -3.50 -74.46
CA GLN A 1496 13.83 -2.55 -73.39
C GLN A 1496 15.12 -2.07 -72.77
N GLN A 1497 16.24 -2.74 -73.03
CA GLN A 1497 17.51 -2.22 -72.55
C GLN A 1497 18.36 -1.64 -73.65
N GLU A 1498 18.05 -1.91 -74.92
CA GLU A 1498 18.69 -1.14 -75.97
C GLU A 1498 18.10 0.26 -76.04
N TRP A 1499 16.79 0.37 -75.90
CA TRP A 1499 16.11 1.64 -76.11
C TRP A 1499 15.60 2.30 -74.84
N GLY A 1500 15.49 1.58 -73.74
CA GLY A 1500 14.90 2.21 -72.59
C GLY A 1500 15.80 2.36 -71.39
N ASN A 1501 16.73 1.43 -71.21
CA ASN A 1501 17.32 1.22 -69.90
C ASN A 1501 18.82 1.44 -69.90
N GLU A 1502 19.55 0.94 -70.89
CA GLU A 1502 20.98 1.17 -70.96
C GLU A 1502 21.39 1.52 -72.39
N PHE A 1503 20.69 2.49 -72.97
CA PHE A 1503 20.97 3.01 -74.29
C PHE A 1503 22.27 3.80 -74.39
N TRP A 1504 22.92 4.10 -73.27
CA TRP A 1504 23.92 5.15 -73.19
C TRP A 1504 25.31 4.62 -72.84
N LYS A 1505 25.52 3.30 -72.90
CA LYS A 1505 26.61 2.69 -72.15
C LYS A 1505 27.97 3.01 -72.74
N ASN A 1506 28.21 2.58 -73.97
CA ASN A 1506 29.47 2.88 -74.63
C ASN A 1506 29.25 3.93 -75.72
N ASP A 1507 28.31 4.82 -75.48
CA ASP A 1507 28.10 5.96 -76.35
C ASP A 1507 29.11 7.05 -75.99
N PRO A 1508 29.93 7.50 -76.94
CA PRO A 1508 30.85 8.61 -76.63
C PRO A 1508 30.18 9.97 -76.58
N ARG A 1509 28.90 10.07 -76.94
CA ARG A 1509 28.19 11.34 -76.92
C ARG A 1509 27.36 11.53 -75.67
N ILE A 1510 27.16 10.48 -74.87
CA ILE A 1510 26.38 10.56 -73.65
C ILE A 1510 27.28 10.15 -72.51
N ALA A 1511 27.33 10.98 -71.48
CA ALA A 1511 28.12 10.66 -70.31
C ALA A 1511 27.48 9.53 -69.54
N PRO A 1512 28.26 8.80 -68.74
CA PRO A 1512 27.64 7.83 -67.82
C PRO A 1512 26.75 8.50 -66.79
N LEU A 1513 27.23 9.57 -66.14
CA LEU A 1513 26.44 10.27 -65.13
C LEU A 1513 25.25 10.99 -65.75
N ARG A 1514 25.34 11.39 -67.00
CA ARG A 1514 24.19 11.99 -67.67
C ARG A 1514 23.18 10.92 -68.09
N GLY A 1515 23.65 9.82 -68.67
CA GLY A 1515 22.75 8.79 -69.13
C GLY A 1515 22.12 7.96 -68.05
N ALA A 1516 22.75 7.90 -66.88
CA ALA A 1516 22.14 7.19 -65.76
C ALA A 1516 20.94 7.91 -65.20
N LEU A 1517 20.86 9.22 -65.42
CA LEU A 1517 19.67 9.99 -65.10
C LEU A 1517 18.72 10.09 -66.28
N ALA A 1518 19.23 10.00 -67.50
CA ALA A 1518 18.39 10.11 -68.68
C ALA A 1518 17.52 8.89 -68.90
N THR A 1519 17.83 7.77 -68.25
CA THR A 1519 16.99 6.58 -68.38
C THR A 1519 15.68 6.73 -67.61
N PHE A 1520 15.60 7.66 -66.67
CA PHE A 1520 14.36 7.99 -66.00
C PHE A 1520 13.82 9.34 -66.46
N ASN A 1521 14.26 9.81 -67.62
CA ASN A 1521 13.91 11.10 -68.21
C ASN A 1521 14.24 12.27 -67.30
N LEU A 1522 15.30 12.13 -66.51
CA LEU A 1522 15.79 13.21 -65.67
C LEU A 1522 16.96 13.90 -66.36
N THR A 1523 17.31 15.07 -65.85
CA THR A 1523 18.36 15.87 -66.45
C THR A 1523 19.54 15.89 -65.48
N VAL A 1524 20.64 16.54 -65.88
CA VAL A 1524 21.76 16.71 -64.97
C VAL A 1524 21.43 17.69 -63.87
N ASP A 1525 20.45 18.59 -64.09
CA ASP A 1525 20.02 19.54 -63.09
C ASP A 1525 19.13 18.93 -62.03
N ASP A 1526 18.79 17.65 -62.14
CA ASP A 1526 17.96 16.98 -61.15
C ASP A 1526 18.77 16.20 -60.13
N LEU A 1527 20.10 16.19 -60.25
CA LEU A 1527 20.96 15.68 -59.20
C LEU A 1527 20.98 16.71 -58.07
N GLY A 1528 20.17 16.49 -57.05
CA GLY A 1528 20.02 17.48 -56.01
C GLY A 1528 21.17 17.55 -55.04
N VAL A 1529 21.40 16.45 -54.32
CA VAL A 1529 22.36 16.39 -53.23
C VAL A 1529 23.60 15.65 -53.72
N ALA A 1530 24.76 16.08 -53.25
CA ALA A 1530 26.00 15.35 -53.49
C ALA A 1530 26.59 15.04 -52.12
N SER A 1531 26.45 13.81 -51.67
CA SER A 1531 26.99 13.41 -50.38
C SER A 1531 28.49 13.24 -50.53
N PHE A 1532 29.24 14.20 -50.02
CA PHE A 1532 30.68 14.20 -50.17
C PHE A 1532 31.32 13.14 -49.29
N HIS A 1533 32.53 12.73 -49.66
CA HIS A 1533 33.36 11.92 -48.77
C HIS A 1533 33.67 12.74 -47.53
N GLY A 1534 34.41 13.83 -47.71
CA GLY A 1534 34.52 14.90 -46.72
C GLY A 1534 35.05 14.49 -45.37
N THR A 1535 36.31 14.12 -45.31
CA THR A 1535 36.86 13.54 -44.10
C THR A 1535 37.47 14.57 -43.17
N SER A 1536 37.31 15.86 -43.45
CA SER A 1536 37.96 16.96 -42.73
C SER A 1536 39.48 16.86 -42.83
N THR A 1537 39.96 16.46 -43.99
CA THR A 1537 41.37 16.42 -44.32
C THR A 1537 41.66 17.58 -45.26
N LYS A 1538 42.84 18.20 -45.12
CA LYS A 1538 43.19 19.36 -45.91
C LYS A 1538 43.23 19.05 -47.40
N ALA A 1539 43.80 17.91 -47.76
CA ALA A 1539 43.94 17.57 -49.17
C ALA A 1539 42.68 16.96 -49.75
N ASN A 1540 41.90 16.25 -48.93
CA ASN A 1540 40.73 15.54 -49.44
C ASN A 1540 39.61 16.50 -49.80
N ASP A 1541 39.27 17.43 -48.91
CA ASP A 1541 38.07 18.24 -49.08
C ASP A 1541 38.21 19.24 -50.21
N LYS A 1542 39.44 19.68 -50.50
CA LYS A 1542 39.65 20.55 -51.65
C LYS A 1542 39.58 19.75 -52.95
N ASN A 1543 40.18 18.56 -52.96
CA ASN A 1543 40.22 17.72 -54.14
C ASN A 1543 38.85 17.19 -54.54
N GLU A 1544 38.00 16.88 -53.57
CA GLU A 1544 36.66 16.41 -53.88
C GLU A 1544 35.78 17.49 -54.44
N SER A 1545 35.96 18.74 -54.00
CA SER A 1545 35.13 19.83 -54.51
C SER A 1545 35.54 20.20 -55.93
N ILE A 1546 36.78 19.93 -56.31
CA ILE A 1546 37.22 20.17 -57.68
C ILE A 1546 36.51 19.24 -58.64
N THR A 1547 36.39 17.96 -58.27
CA THR A 1547 35.80 16.97 -59.17
C THR A 1547 34.31 17.17 -59.35
N ILE A 1548 33.57 17.43 -58.26
CA ILE A 1548 32.13 17.60 -58.37
C ILE A 1548 31.78 18.89 -59.08
N ASN A 1549 32.60 19.92 -58.92
CA ASN A 1549 32.41 21.13 -59.71
C ASN A 1549 32.73 20.89 -61.18
N LYS A 1550 33.81 20.17 -61.46
CA LYS A 1550 34.21 19.94 -62.85
C LYS A 1550 33.31 18.93 -63.53
N MET A 1551 32.70 18.02 -62.77
CA MET A 1551 31.68 17.14 -63.34
C MET A 1551 30.46 17.93 -63.77
N MET A 1552 29.99 18.84 -62.92
CA MET A 1552 28.80 19.61 -63.23
C MET A 1552 29.09 20.68 -64.26
N GLN A 1553 30.32 21.17 -64.31
CA GLN A 1553 30.66 22.20 -65.30
C GLN A 1553 30.79 21.60 -66.69
N HIS A 1554 31.34 20.39 -66.77
CA HIS A 1554 31.50 19.74 -68.07
C HIS A 1554 30.16 19.25 -68.61
N LEU A 1555 29.29 18.77 -67.73
CA LEU A 1555 27.99 18.28 -68.15
C LEU A 1555 26.98 19.38 -68.43
N GLY A 1556 27.36 20.64 -68.29
CA GLY A 1556 26.45 21.71 -68.59
C GLY A 1556 25.33 21.86 -67.59
N ARG A 1557 25.61 21.66 -66.31
CA ARG A 1557 24.66 22.04 -65.30
C ARG A 1557 24.53 23.55 -65.30
N SER A 1558 23.31 24.02 -65.13
CA SER A 1558 23.04 25.43 -65.33
C SER A 1558 23.57 26.24 -64.15
N GLU A 1559 24.05 27.44 -64.44
CA GLU A 1559 24.63 28.29 -63.41
C GLU A 1559 23.56 28.81 -62.49
N GLY A 1560 23.87 28.84 -61.20
CA GLY A 1560 22.88 29.09 -60.20
C GLY A 1560 22.21 27.85 -59.66
N ASN A 1561 22.60 26.68 -60.15
CA ASN A 1561 22.12 25.41 -59.65
C ASN A 1561 23.30 24.67 -59.06
N PRO A 1562 23.56 24.81 -57.77
CA PRO A 1562 24.57 23.99 -57.12
C PRO A 1562 23.98 22.73 -56.51
N VAL A 1563 24.85 21.76 -56.29
CA VAL A 1563 24.46 20.59 -55.53
C VAL A 1563 24.65 20.91 -54.04
N PHE A 1564 23.78 20.35 -53.21
CA PHE A 1564 23.87 20.59 -51.77
C PHE A 1564 24.84 19.59 -51.21
N GLY A 1565 26.08 20.00 -51.01
CA GLY A 1565 27.08 19.09 -50.48
C GLY A 1565 26.89 18.78 -49.02
N VAL A 1566 26.49 17.56 -48.69
CA VAL A 1566 26.34 17.16 -47.29
C VAL A 1566 27.57 16.36 -46.89
N PHE A 1567 27.98 16.52 -45.64
CA PHE A 1567 29.23 15.99 -45.13
C PHE A 1567 28.87 15.27 -43.83
N GLN A 1568 28.51 13.99 -43.94
CA GLN A 1568 27.97 13.25 -42.80
C GLN A 1568 28.99 13.06 -41.68
N LYS A 1569 30.28 13.11 -41.98
CA LYS A 1569 31.31 12.71 -41.03
C LYS A 1569 31.64 13.79 -40.00
N TYR A 1570 30.79 14.78 -39.81
CA TYR A 1570 31.00 15.69 -38.70
C TYR A 1570 30.52 15.10 -37.40
N LEU A 1571 29.51 14.21 -37.44
CA LEU A 1571 28.97 13.66 -36.21
C LEU A 1571 29.18 12.17 -36.06
N THR A 1572 29.65 11.48 -37.10
CA THR A 1572 29.96 10.06 -36.97
C THR A 1572 31.44 9.76 -36.99
N GLY A 1573 32.26 10.62 -37.57
CA GLY A 1573 33.65 10.29 -37.77
C GLY A 1573 33.85 9.47 -39.02
N HIS A 1574 35.09 9.13 -39.28
CA HIS A 1574 35.44 8.41 -40.50
C HIS A 1574 35.68 6.95 -40.17
N PRO A 1575 34.74 6.04 -40.44
CA PRO A 1575 34.92 4.64 -40.05
C PRO A 1575 35.72 3.82 -41.04
N LYS A 1576 36.44 4.47 -41.96
CA LYS A 1576 37.52 3.95 -42.81
C LYS A 1576 37.13 2.66 -43.55
N GLY A 1577 35.90 2.63 -44.06
CA GLY A 1577 35.46 1.50 -44.82
C GLY A 1577 33.99 1.16 -44.69
N ALA A 1578 33.40 1.49 -43.56
CA ALA A 1578 31.95 1.54 -43.44
C ALA A 1578 31.41 2.90 -43.85
N ALA A 1579 32.26 3.78 -44.37
CA ALA A 1579 31.90 5.16 -44.62
C ALA A 1579 30.94 5.28 -45.79
N GLY A 1580 31.26 4.64 -46.91
CA GLY A 1580 30.40 4.68 -48.06
C GLY A 1580 29.07 3.97 -47.90
N ALA A 1581 28.93 3.17 -46.86
CA ALA A 1581 27.64 2.57 -46.51
C ALA A 1581 26.83 3.47 -45.60
N TRP A 1582 27.49 4.21 -44.71
CA TRP A 1582 26.77 5.21 -43.92
C TRP A 1582 26.32 6.36 -44.78
N MET A 1583 27.15 6.76 -45.73
CA MET A 1583 26.76 7.83 -46.65
C MET A 1583 25.70 7.37 -47.63
N LEU A 1584 25.62 6.07 -47.89
CA LEU A 1584 24.57 5.58 -48.76
C LEU A 1584 23.28 5.36 -47.99
N ASN A 1585 23.38 5.03 -46.70
CA ASN A 1585 22.20 4.99 -45.86
C ASN A 1585 21.65 6.39 -45.62
N GLY A 1586 22.54 7.36 -45.48
CA GLY A 1586 22.10 8.73 -45.24
C GLY A 1586 21.51 9.36 -46.48
N ALA A 1587 22.05 9.06 -47.65
CA ALA A 1587 21.52 9.62 -48.89
C ALA A 1587 20.20 9.01 -49.29
N ILE A 1588 19.87 7.82 -48.79
CA ILE A 1588 18.54 7.25 -49.04
C ILE A 1588 17.49 7.99 -48.24
N GLN A 1589 17.79 8.31 -46.98
CA GLN A 1589 16.85 9.02 -46.13
C GLN A 1589 16.66 10.46 -46.55
N ILE A 1590 17.60 11.04 -47.29
CA ILE A 1590 17.39 12.36 -47.88
C ILE A 1590 16.34 12.27 -48.98
N LEU A 1591 16.28 11.15 -49.70
CA LEU A 1591 15.32 11.02 -50.78
C LEU A 1591 13.90 10.86 -50.25
N GLN A 1592 13.70 9.98 -49.27
CA GLN A 1592 12.35 9.68 -48.86
C GLN A 1592 11.76 10.75 -47.95
N THR A 1593 12.59 11.55 -47.29
CA THR A 1593 12.08 12.65 -46.48
C THR A 1593 12.12 13.98 -47.20
N GLY A 1594 13.18 14.26 -47.93
CA GLY A 1594 13.35 15.56 -48.54
C GLY A 1594 14.21 16.51 -47.74
N ILE A 1595 14.58 16.14 -46.52
CA ILE A 1595 15.42 16.99 -45.67
C ILE A 1595 16.86 16.84 -46.12
N VAL A 1596 17.49 17.97 -46.44
CA VAL A 1596 18.92 17.97 -46.74
C VAL A 1596 19.64 18.43 -45.48
N PRO A 1597 20.31 17.53 -44.76
CA PRO A 1597 20.90 17.92 -43.48
C PRO A 1597 22.13 18.81 -43.67
N GLY A 1598 22.48 19.51 -42.60
CA GLY A 1598 23.50 20.54 -42.65
C GLY A 1598 24.71 20.17 -41.82
N ASN A 1599 25.88 20.55 -42.32
CA ASN A 1599 27.15 20.37 -41.62
C ASN A 1599 27.19 21.32 -40.43
N ARG A 1600 26.80 20.85 -39.26
CA ARG A 1600 26.73 21.72 -38.09
C ARG A 1600 28.10 22.05 -37.51
N ASN A 1601 29.17 21.41 -37.98
CA ASN A 1601 30.52 21.78 -37.61
C ASN A 1601 31.17 22.70 -38.63
N ALA A 1602 30.48 23.00 -39.72
CA ALA A 1602 30.93 24.02 -40.67
C ALA A 1602 30.61 25.36 -40.05
N ASP A 1603 31.61 26.00 -39.47
CA ASP A 1603 31.43 27.33 -38.93
C ASP A 1603 32.02 28.40 -39.83
N ASN A 1604 33.04 28.05 -40.60
CA ASN A 1604 33.59 28.97 -41.59
C ASN A 1604 34.14 28.10 -42.72
N VAL A 1605 33.37 27.98 -43.80
CA VAL A 1605 33.81 27.17 -44.91
C VAL A 1605 34.97 27.85 -45.61
N ASP A 1606 35.81 27.04 -46.24
CA ASP A 1606 37.13 27.47 -46.67
C ASP A 1606 37.05 28.48 -47.80
N LYS A 1607 37.98 29.43 -47.80
CA LYS A 1607 37.99 30.52 -48.76
C LYS A 1607 38.22 30.03 -50.18
N ILE A 1608 38.95 28.93 -50.35
CA ILE A 1608 39.24 28.40 -51.68
C ILE A 1608 37.98 27.81 -52.31
N LEU A 1609 37.02 27.38 -51.51
CA LEU A 1609 35.84 26.68 -51.98
C LEU A 1609 34.77 27.58 -52.56
N GLU A 1610 35.04 28.86 -52.77
CA GLU A 1610 34.05 29.72 -53.39
C GLU A 1610 34.24 29.83 -54.89
N ASP A 1611 35.36 29.35 -55.42
CA ASP A 1611 35.52 29.25 -56.87
C ASP A 1611 34.74 28.08 -57.44
N PHE A 1612 34.27 27.19 -56.60
CA PHE A 1612 33.46 26.05 -57.03
C PHE A 1612 32.01 26.47 -56.88
N GLU A 1613 31.50 27.12 -57.91
CA GLU A 1613 30.18 27.73 -57.89
C GLU A 1613 29.06 26.72 -58.08
N TYR A 1614 29.38 25.46 -58.34
CA TYR A 1614 28.38 24.42 -58.50
C TYR A 1614 28.19 23.61 -57.23
N VAL A 1615 28.76 24.05 -56.12
CA VAL A 1615 28.64 23.35 -54.84
C VAL A 1615 28.16 24.35 -53.80
N LEU A 1616 27.15 23.96 -53.04
CA LEU A 1616 26.66 24.73 -51.90
C LEU A 1616 26.87 23.91 -50.64
N TYR A 1617 27.38 24.54 -49.59
CA TYR A 1617 27.71 23.87 -48.33
C TYR A 1617 26.80 24.38 -47.22
N PRO A 1618 25.67 23.74 -46.99
CA PRO A 1618 24.77 24.21 -45.93
C PRO A 1618 25.30 23.86 -44.55
N SER A 1619 24.87 24.65 -43.57
CA SER A 1619 25.22 24.44 -42.18
C SER A 1619 24.03 24.11 -41.30
N ARG A 1620 22.83 24.02 -41.87
CA ARG A 1620 21.68 23.58 -41.10
C ARG A 1620 20.72 22.89 -42.05
N SER A 1621 19.84 22.07 -41.48
CA SER A 1621 18.98 21.21 -42.27
C SER A 1621 17.87 22.02 -42.92
N ILE A 1622 17.69 21.83 -44.22
CA ILE A 1622 16.67 22.53 -44.99
C ILE A 1622 15.69 21.49 -45.51
N GLN A 1623 14.40 21.78 -45.39
CA GLN A 1623 13.34 20.91 -45.86
C GLN A 1623 13.00 21.29 -47.30
N THR A 1624 13.53 20.53 -48.25
CA THR A 1624 13.26 20.72 -49.66
C THR A 1624 11.87 20.15 -49.97
N ASP A 1625 11.27 20.63 -51.07
CA ASP A 1625 10.02 20.04 -51.53
C ASP A 1625 10.22 18.63 -52.09
N GLY A 1626 11.43 18.31 -52.54
CA GLY A 1626 11.73 16.97 -52.99
C GLY A 1626 13.09 16.85 -53.62
N ILE A 1627 13.82 15.80 -53.27
CA ILE A 1627 15.10 15.48 -53.86
C ILE A 1627 14.89 14.32 -54.81
N LYS A 1628 15.40 14.45 -56.04
CA LYS A 1628 15.20 13.41 -57.04
C LYS A 1628 16.38 12.46 -57.19
N ALA A 1629 17.59 12.91 -56.90
CA ALA A 1629 18.77 12.08 -57.08
C ALA A 1629 19.89 12.57 -56.18
N CYS A 1630 20.64 11.64 -55.62
CA CYS A 1630 21.82 11.94 -54.82
C CYS A 1630 23.06 11.36 -55.50
N SER A 1631 24.21 11.55 -54.85
CA SER A 1631 25.47 11.14 -55.44
C SER A 1631 26.47 10.90 -54.31
N VAL A 1632 26.75 9.64 -54.04
CA VAL A 1632 27.65 9.24 -52.95
C VAL A 1632 29.01 8.95 -53.56
N THR A 1633 29.99 9.81 -53.32
CA THR A 1633 31.34 9.59 -53.78
C THR A 1633 32.28 9.41 -52.60
N SER A 1634 33.26 8.54 -52.76
CA SER A 1634 34.23 8.28 -51.71
C SER A 1634 35.57 7.95 -52.32
N PHE A 1635 36.63 8.19 -51.55
CA PHE A 1635 37.99 8.04 -52.01
C PHE A 1635 38.78 7.21 -51.00
N GLY A 1636 39.58 6.29 -51.52
CA GLY A 1636 40.30 5.38 -50.64
C GLY A 1636 41.80 5.50 -50.76
N PHE A 1637 42.52 4.94 -49.79
CA PHE A 1637 43.97 4.95 -49.84
C PHE A 1637 44.44 3.95 -50.89
N GLY A 1638 45.10 4.45 -51.93
CA GLY A 1638 45.58 3.57 -52.96
C GLY A 1638 44.85 3.77 -54.27
N GLN A 1639 44.44 5.02 -54.53
CA GLN A 1639 43.74 5.45 -55.73
C GLN A 1639 42.44 4.66 -55.93
N LYS A 1640 41.52 4.87 -55.01
CA LYS A 1640 40.31 4.07 -54.94
C LYS A 1640 39.07 4.95 -54.99
N GLY A 1641 39.01 5.84 -55.98
CA GLY A 1641 37.83 6.67 -56.13
C GLY A 1641 36.64 5.86 -56.59
N GLY A 1642 35.46 6.21 -56.07
CA GLY A 1642 34.23 5.55 -56.44
C GLY A 1642 33.09 6.52 -56.34
N GLN A 1643 31.98 6.19 -57.00
CA GLN A 1643 30.82 7.08 -57.04
C GLN A 1643 29.56 6.26 -57.32
N ALA A 1644 28.54 6.46 -56.50
CA ALA A 1644 27.24 5.86 -56.73
C ALA A 1644 26.20 6.97 -56.88
N ILE A 1645 25.24 6.74 -57.77
CA ILE A 1645 24.13 7.67 -57.98
C ILE A 1645 22.86 6.96 -57.61
N VAL A 1646 22.01 7.64 -56.86
CA VAL A 1646 20.87 7.05 -56.20
C VAL A 1646 19.65 7.90 -56.52
N VAL A 1647 18.65 7.30 -57.14
CA VAL A 1647 17.46 8.00 -57.65
C VAL A 1647 16.29 7.70 -56.73
N HIS A 1648 15.38 8.66 -56.61
CA HIS A 1648 14.16 8.46 -55.83
C HIS A 1648 13.33 7.33 -56.41
N PRO A 1649 12.78 6.44 -55.57
CA PRO A 1649 12.11 5.24 -56.09
C PRO A 1649 10.81 5.48 -56.81
N ASP A 1650 10.28 6.70 -56.85
CA ASP A 1650 9.05 6.98 -57.58
C ASP A 1650 9.24 6.98 -59.08
N TYR A 1651 10.48 6.99 -59.56
CA TYR A 1651 10.76 6.88 -60.98
C TYR A 1651 10.78 5.44 -61.45
N LEU A 1652 10.73 4.49 -60.52
CA LEU A 1652 10.49 3.10 -60.87
C LEU A 1652 9.00 2.84 -61.01
N PHE A 1653 8.21 3.35 -60.08
CA PHE A 1653 6.78 3.12 -60.06
C PHE A 1653 6.06 3.84 -61.19
N ALA A 1654 6.69 4.84 -61.80
CA ALA A 1654 6.16 5.40 -63.03
C ALA A 1654 6.16 4.36 -64.14
N SER A 1655 7.22 3.56 -64.22
CA SER A 1655 7.39 2.60 -65.29
C SER A 1655 6.46 1.41 -65.19
N LEU A 1656 5.78 1.22 -64.07
CA LEU A 1656 4.82 0.13 -63.95
C LEU A 1656 3.48 0.59 -64.53
N ASP A 1657 2.53 -0.32 -64.60
CA ASP A 1657 1.16 0.04 -64.91
C ASP A 1657 0.38 0.11 -63.62
N SER A 1658 -0.91 0.46 -63.72
CA SER A 1658 -1.72 0.59 -62.52
C SER A 1658 -2.07 -0.77 -61.93
N GLU A 1659 -2.08 -1.82 -62.75
CA GLU A 1659 -2.40 -3.15 -62.22
C GLU A 1659 -1.20 -3.77 -61.52
N THR A 1660 0.01 -3.52 -62.02
CA THR A 1660 1.19 -4.03 -61.36
C THR A 1660 1.48 -3.27 -60.07
N PHE A 1661 1.22 -1.96 -60.08
CA PHE A 1661 1.53 -1.14 -58.91
C PHE A 1661 0.56 -1.42 -57.77
N GLU A 1662 -0.73 -1.56 -58.06
CA GLU A 1662 -1.69 -1.79 -57.00
C GLU A 1662 -1.55 -3.19 -56.41
N GLU A 1663 -1.17 -4.17 -57.22
CA GLU A 1663 -0.85 -5.49 -56.71
C GLU A 1663 0.41 -5.46 -55.87
N TYR A 1664 1.37 -4.62 -56.23
CA TYR A 1664 2.55 -4.42 -55.40
C TYR A 1664 2.21 -3.73 -54.10
N LYS A 1665 1.35 -2.70 -54.16
CA LYS A 1665 1.07 -1.86 -53.01
C LYS A 1665 0.34 -2.62 -51.91
N THR A 1666 -0.49 -3.59 -52.27
CA THR A 1666 -1.14 -4.39 -51.25
C THR A 1666 -0.25 -5.49 -50.70
N LYS A 1667 0.83 -5.83 -51.41
CA LYS A 1667 1.76 -6.81 -50.91
C LYS A 1667 2.77 -6.20 -49.94
N VAL A 1668 3.15 -4.94 -50.17
CA VAL A 1668 4.10 -4.28 -49.28
C VAL A 1668 3.42 -3.80 -48.01
N GLU A 1669 2.12 -3.52 -48.05
CA GLU A 1669 1.42 -3.16 -46.83
C GLU A 1669 1.04 -4.39 -46.02
N ALA A 1670 0.92 -5.55 -46.64
CA ALA A 1670 0.74 -6.78 -45.89
C ALA A 1670 2.06 -7.31 -45.33
N ARG A 1671 3.18 -6.93 -45.94
CA ARG A 1671 4.49 -7.28 -45.41
C ARG A 1671 4.87 -6.36 -44.26
N TYR A 1672 4.43 -5.10 -44.30
CA TYR A 1672 4.75 -4.15 -43.24
C TYR A 1672 4.11 -4.56 -41.93
N LYS A 1673 2.91 -5.12 -41.97
CA LYS A 1673 2.26 -5.59 -40.76
C LYS A 1673 2.94 -6.83 -40.20
N SER A 1674 3.63 -7.60 -41.04
CA SER A 1674 4.34 -8.78 -40.55
C SER A 1674 5.65 -8.42 -39.89
N THR A 1675 6.33 -7.38 -40.36
CA THR A 1675 7.58 -6.96 -39.75
C THR A 1675 7.37 -5.91 -38.67
N TYR A 1676 6.20 -5.27 -38.60
CA TYR A 1676 5.88 -4.48 -37.43
C TYR A 1676 5.70 -5.37 -36.22
N ARG A 1677 5.00 -6.49 -36.39
CA ARG A 1677 4.77 -7.42 -35.30
C ARG A 1677 6.05 -8.08 -34.85
N TYR A 1678 6.93 -8.42 -35.79
CA TYR A 1678 8.21 -9.04 -35.47
C TYR A 1678 9.10 -8.07 -34.72
N MET A 1679 9.23 -6.84 -35.21
CA MET A 1679 10.17 -5.91 -34.62
C MET A 1679 9.71 -5.42 -33.27
N HIS A 1680 8.40 -5.40 -33.02
CA HIS A 1680 7.94 -5.05 -31.68
C HIS A 1680 8.12 -6.20 -30.71
N ASN A 1681 8.01 -7.42 -31.18
CA ASN A 1681 8.31 -8.56 -30.32
C ASN A 1681 9.79 -8.63 -30.03
N ALA A 1682 10.62 -8.50 -31.07
CA ALA A 1682 12.05 -8.73 -30.94
C ALA A 1682 12.78 -7.66 -30.13
N ILE A 1683 12.17 -6.49 -29.96
CA ILE A 1683 12.79 -5.45 -29.14
C ILE A 1683 12.68 -5.81 -27.66
N ILE A 1684 11.48 -6.20 -27.24
CA ILE A 1684 11.25 -6.48 -25.82
C ILE A 1684 11.71 -7.87 -25.41
N ARG A 1685 12.01 -8.75 -26.35
CA ARG A 1685 12.45 -10.10 -26.03
C ARG A 1685 13.91 -10.35 -26.39
N ASN A 1686 14.57 -9.39 -27.04
CA ASN A 1686 15.97 -9.48 -27.47
C ASN A 1686 16.21 -10.67 -28.40
N THR A 1687 15.35 -10.81 -29.40
CA THR A 1687 15.46 -11.90 -30.36
C THR A 1687 15.30 -11.38 -31.78
N MET A 1688 16.02 -10.32 -32.11
CA MET A 1688 16.11 -9.87 -33.49
C MET A 1688 16.83 -10.90 -34.34
N PHE A 1689 18.01 -11.32 -33.89
CA PHE A 1689 18.79 -12.36 -34.55
C PHE A 1689 18.34 -13.70 -34.03
N VAL A 1690 17.77 -14.52 -34.90
CA VAL A 1690 17.50 -15.91 -34.59
C VAL A 1690 18.42 -16.72 -35.49
N ALA A 1691 19.52 -17.22 -34.93
CA ALA A 1691 20.50 -17.95 -35.73
C ALA A 1691 19.93 -19.31 -36.12
N LYS A 1692 20.04 -19.64 -37.39
CA LYS A 1692 19.55 -20.92 -37.86
C LYS A 1692 20.54 -22.02 -37.51
N SER A 1693 20.00 -23.21 -37.30
CA SER A 1693 20.83 -24.37 -37.00
C SER A 1693 20.97 -25.31 -38.18
N ASP A 1694 19.99 -25.34 -39.07
CA ASP A 1694 19.95 -26.26 -40.19
C ASP A 1694 19.73 -25.49 -41.49
N PRO A 1695 20.30 -25.97 -42.59
CA PRO A 1695 19.97 -25.42 -43.90
C PRO A 1695 18.56 -25.82 -44.30
N PRO A 1696 17.97 -25.18 -45.34
CA PRO A 1696 16.58 -25.50 -45.68
C PRO A 1696 16.35 -26.85 -46.35
N TYR A 1697 17.38 -27.68 -46.43
CA TYR A 1697 17.29 -29.03 -46.94
C TYR A 1697 17.94 -29.98 -45.96
N THR A 1698 17.77 -31.27 -46.18
CA THR A 1698 18.48 -32.27 -45.39
C THR A 1698 19.79 -32.59 -46.12
N ASP A 1699 20.51 -33.61 -45.64
CA ASP A 1699 21.81 -33.90 -46.21
C ASP A 1699 21.71 -34.56 -47.58
N GLU A 1700 20.83 -35.52 -47.74
CA GLU A 1700 20.54 -36.10 -49.05
C GLU A 1700 19.41 -35.42 -49.78
N LEU A 1701 19.16 -34.16 -49.46
CA LEU A 1701 18.51 -33.23 -50.38
C LEU A 1701 19.43 -32.09 -50.76
N GLU A 1702 20.62 -32.04 -50.18
CA GLU A 1702 21.52 -30.90 -50.38
C GLU A 1702 22.05 -30.84 -51.81
N GLN A 1703 22.50 -31.98 -52.33
CA GLN A 1703 22.96 -32.06 -53.71
C GLN A 1703 21.86 -32.09 -54.76
N PRO A 1704 20.69 -32.74 -54.57
CA PRO A 1704 19.61 -32.58 -55.56
C PRO A 1704 19.06 -31.17 -55.68
N VAL A 1705 19.06 -30.39 -54.61
CA VAL A 1705 18.58 -29.01 -54.68
C VAL A 1705 19.54 -28.16 -55.49
N TYR A 1706 20.84 -28.36 -55.32
CA TYR A 1706 21.86 -27.55 -55.99
C TYR A 1706 21.84 -27.74 -57.50
N LEU A 1707 21.39 -28.89 -57.97
CA LEU A 1707 21.38 -29.19 -59.39
C LEU A 1707 20.05 -28.88 -60.05
N ASP A 1708 19.05 -28.44 -59.30
CA ASP A 1708 17.76 -28.08 -59.88
C ASP A 1708 17.55 -26.58 -59.76
N PRO A 1709 17.56 -25.82 -60.85
CA PRO A 1709 17.38 -24.37 -60.74
C PRO A 1709 15.95 -23.94 -60.47
N LEU A 1710 14.98 -24.85 -60.50
CA LEU A 1710 13.59 -24.52 -60.25
C LEU A 1710 13.07 -25.10 -58.96
N ALA A 1711 13.96 -25.40 -58.01
CA ALA A 1711 13.56 -25.95 -56.73
C ALA A 1711 13.36 -24.81 -55.74
N ARG A 1712 12.12 -24.63 -55.29
CA ARG A 1712 11.79 -23.55 -54.38
C ARG A 1712 11.27 -24.09 -53.07
N VAL A 1713 11.51 -23.32 -52.01
CA VAL A 1713 11.07 -23.70 -50.67
C VAL A 1713 9.57 -23.51 -50.56
N ASN A 1714 8.89 -24.51 -50.02
CA ASN A 1714 7.53 -24.32 -49.53
C ASN A 1714 7.49 -24.62 -48.04
N ASN A 1715 6.34 -24.42 -47.43
CA ASN A 1715 6.19 -24.59 -45.98
C ASN A 1715 6.20 -26.07 -45.62
N CYS A 1716 6.73 -26.37 -44.44
CA CYS A 1716 6.61 -27.72 -43.91
C CYS A 1716 5.20 -27.94 -43.39
N LYS A 1717 4.86 -29.21 -43.16
CA LYS A 1717 3.53 -29.56 -42.69
C LYS A 1717 3.47 -29.77 -41.20
N LYS A 1718 4.49 -30.38 -40.61
CA LYS A 1718 4.51 -30.62 -39.17
C LYS A 1718 4.91 -29.37 -38.39
N ASN A 1719 5.44 -28.36 -39.08
CA ASN A 1719 5.78 -27.07 -38.47
C ASN A 1719 5.66 -26.05 -39.59
N PRO A 1720 4.50 -25.38 -39.71
CA PRO A 1720 4.33 -24.42 -40.82
C PRO A 1720 5.15 -23.16 -40.66
N SER A 1721 5.63 -22.86 -39.46
CA SER A 1721 6.52 -21.73 -39.25
C SER A 1721 7.91 -21.98 -39.83
N LYS A 1722 8.32 -23.24 -39.96
CA LYS A 1722 9.56 -23.59 -40.62
C LYS A 1722 9.29 -23.95 -42.07
N LEU A 1723 10.10 -23.40 -42.98
CA LEU A 1723 9.90 -23.55 -44.41
C LEU A 1723 11.16 -24.16 -45.01
N VAL A 1724 11.01 -25.33 -45.64
CA VAL A 1724 12.13 -26.19 -46.00
C VAL A 1724 11.90 -26.76 -47.40
N PHE A 1725 12.99 -27.27 -47.98
CA PHE A 1725 12.92 -28.02 -49.22
C PHE A 1725 12.45 -29.44 -48.93
N VAL A 1726 11.42 -29.89 -49.63
CA VAL A 1726 11.00 -31.28 -49.56
C VAL A 1726 11.33 -31.93 -50.90
N ASN A 1727 11.11 -33.25 -50.97
CA ASN A 1727 11.51 -34.00 -52.15
C ASN A 1727 10.62 -33.69 -53.36
N ALA A 1728 9.38 -33.27 -53.13
CA ALA A 1728 8.50 -32.97 -54.24
C ALA A 1728 8.84 -31.65 -54.94
N ASP A 1729 9.57 -30.76 -54.27
CA ASP A 1729 10.01 -29.53 -54.91
C ASP A 1729 11.17 -29.74 -55.86
N VAL A 1730 11.89 -30.84 -55.70
CA VAL A 1730 13.16 -31.06 -56.39
C VAL A 1730 12.91 -31.91 -57.62
N GLN A 1731 13.28 -31.38 -58.78
CA GLN A 1731 13.05 -31.98 -60.10
C GLN A 1731 11.58 -32.33 -60.28
N SER A 1732 10.73 -31.36 -59.99
CA SER A 1732 9.29 -31.57 -60.01
C SER A 1732 8.79 -31.63 -61.44
N LYS A 1733 7.50 -31.92 -61.57
CA LYS A 1733 6.89 -32.15 -62.87
C LYS A 1733 5.97 -31.00 -63.29
N GLN A 1734 5.84 -29.97 -62.46
CA GLN A 1734 5.02 -28.80 -62.76
C GLN A 1734 5.86 -27.52 -62.80
N ASN A 1735 7.18 -27.65 -62.90
CA ASN A 1735 8.07 -26.50 -62.72
C ASN A 1735 8.29 -25.70 -63.99
N PHE A 1736 8.60 -26.36 -65.10
CA PHE A 1736 8.85 -25.66 -66.35
C PHE A 1736 7.56 -25.34 -67.09
N VAL A 1737 6.59 -26.23 -67.04
CA VAL A 1737 5.33 -26.10 -67.75
C VAL A 1737 4.41 -25.15 -67.00
N GLY A 1738 3.79 -24.22 -67.73
CA GLY A 1738 3.06 -23.13 -67.12
C GLY A 1738 1.60 -23.07 -67.57
N LYS A 1739 1.08 -21.85 -67.59
CA LYS A 1739 -0.34 -21.59 -67.78
C LYS A 1739 -0.69 -21.09 -69.18
N SER A 1740 0.08 -20.13 -69.70
CA SER A 1740 -0.29 -19.45 -70.93
C SER A 1740 -0.08 -20.29 -72.17
N ALA A 1741 0.78 -21.31 -72.11
CA ALA A 1741 1.10 -22.11 -73.29
C ALA A 1741 0.69 -23.56 -73.18
N ASN A 1742 0.19 -23.99 -72.03
CA ASN A 1742 -0.11 -25.40 -71.81
C ASN A 1742 -1.55 -25.66 -71.39
N ASP A 1743 -2.14 -24.80 -70.56
CA ASP A 1743 -3.59 -24.78 -70.44
C ASP A 1743 -4.24 -24.16 -71.67
N THR A 1744 -3.49 -23.32 -72.40
CA THR A 1744 -3.88 -22.87 -73.73
C THR A 1744 -3.10 -23.62 -74.79
N ALA A 1745 -2.87 -24.91 -74.54
CA ALA A 1745 -2.43 -25.85 -75.57
C ALA A 1745 -3.57 -26.79 -75.94
N LYS A 1746 -4.78 -26.25 -75.97
CA LYS A 1746 -5.93 -26.96 -76.52
C LYS A 1746 -6.27 -26.47 -77.91
N VAL A 1747 -5.53 -25.47 -78.41
CA VAL A 1747 -5.60 -25.07 -79.80
C VAL A 1747 -4.33 -25.42 -80.57
N ILE A 1748 -3.25 -25.78 -79.87
CA ILE A 1748 -2.01 -26.20 -80.52
C ILE A 1748 -1.78 -27.71 -80.42
N SER A 1749 -2.45 -28.39 -79.49
CA SER A 1749 -2.43 -29.85 -79.43
C SER A 1749 -3.70 -30.46 -79.99
N SER A 1750 -4.61 -29.66 -80.53
CA SER A 1750 -5.80 -30.18 -81.17
C SER A 1750 -5.59 -30.54 -82.63
N LEU A 1751 -4.43 -30.23 -83.19
CA LEU A 1751 -4.11 -30.65 -84.55
C LEU A 1751 -2.92 -31.60 -84.54
N ARG B 10 -22.79 -53.14 69.06
CA ARG B 10 -21.46 -52.57 68.95
C ARG B 10 -20.90 -52.72 67.56
N PRO B 11 -20.12 -51.73 67.09
CA PRO B 11 -19.57 -51.82 65.73
C PRO B 11 -18.26 -52.60 65.65
N LEU B 12 -17.74 -52.76 64.43
CA LEU B 12 -16.49 -53.48 64.21
C LEU B 12 -15.91 -53.04 62.87
N VAL B 13 -14.63 -52.70 62.86
CA VAL B 13 -13.96 -52.18 61.67
C VAL B 13 -13.14 -53.28 61.02
N LEU B 14 -13.04 -53.24 59.69
CA LEU B 14 -12.21 -54.16 58.92
C LEU B 14 -11.49 -53.41 57.80
N ASN B 15 -10.89 -52.28 58.16
CA ASN B 15 -10.29 -51.37 57.20
C ASN B 15 -9.06 -51.97 56.51
N HIS B 16 -8.65 -51.32 55.42
CA HIS B 16 -7.43 -51.67 54.70
C HIS B 16 -6.92 -50.42 54.02
N GLY B 17 -5.90 -49.80 54.61
CA GLY B 17 -5.29 -48.64 54.01
C GLY B 17 -6.14 -47.40 54.05
N SER B 18 -6.69 -47.01 52.91
CA SER B 18 -7.35 -45.71 52.77
C SER B 18 -8.86 -45.77 52.90
N ILE B 19 -9.44 -46.95 53.08
CA ILE B 19 -10.88 -47.08 53.26
C ILE B 19 -11.14 -47.69 54.64
N GLU B 20 -11.72 -46.89 55.52
CA GLU B 20 -12.07 -47.29 56.87
C GLU B 20 -13.58 -47.46 57.07
N SER B 21 -14.37 -47.18 56.04
CA SER B 21 -15.80 -46.95 56.20
C SER B 21 -16.60 -48.23 56.44
N THR B 22 -16.06 -49.39 56.04
CA THR B 22 -16.80 -50.64 56.12
C THR B 22 -16.94 -51.10 57.57
N ILE B 23 -18.16 -50.99 58.10
CA ILE B 23 -18.45 -51.26 59.51
C ILE B 23 -19.59 -52.27 59.57
N LEU B 24 -19.32 -53.41 60.18
CA LEU B 24 -20.36 -54.38 60.47
C LEU B 24 -20.66 -54.34 61.97
N ILE B 25 -21.86 -54.78 62.33
CA ILE B 25 -22.34 -54.71 63.71
C ILE B 25 -22.51 -56.13 64.24
N PRO B 26 -21.51 -56.69 64.92
CA PRO B 26 -21.68 -58.00 65.54
C PRO B 26 -22.38 -57.87 66.88
N THR B 27 -22.52 -59.00 67.55
CA THR B 27 -23.04 -58.99 68.92
C THR B 27 -21.98 -58.48 69.89
N THR B 28 -22.32 -58.49 71.16
CA THR B 28 -21.38 -58.00 72.16
C THR B 28 -20.33 -59.04 72.52
N GLU B 29 -20.58 -60.30 72.19
CA GLU B 29 -19.60 -61.37 72.37
C GLU B 29 -18.58 -61.29 71.25
N TYR B 30 -17.53 -60.49 71.47
CA TYR B 30 -16.61 -60.08 70.42
C TYR B 30 -15.21 -60.66 70.60
N HIS B 31 -15.05 -61.58 71.56
CA HIS B 31 -13.80 -62.33 71.66
C HIS B 31 -13.55 -63.15 70.40
N PHE B 32 -14.61 -63.72 69.83
CA PHE B 32 -14.47 -64.50 68.61
C PHE B 32 -14.20 -63.61 67.41
N TYR B 33 -14.83 -62.44 67.35
CA TYR B 33 -14.60 -61.57 66.21
C TYR B 33 -13.27 -60.84 66.28
N GLN B 34 -12.74 -60.65 67.49
CA GLN B 34 -11.41 -60.05 67.59
C GLN B 34 -10.34 -61.03 67.18
N THR B 35 -10.47 -62.30 67.57
CA THR B 35 -9.53 -63.30 67.09
C THR B 35 -9.82 -63.75 65.68
N LEU B 36 -10.95 -63.34 65.11
CA LEU B 36 -11.22 -63.60 63.70
C LEU B 36 -10.37 -62.69 62.82
N LEU B 37 -10.53 -61.38 62.97
CA LEU B 37 -9.94 -60.44 62.04
C LEU B 37 -8.45 -60.22 62.27
N GLU B 38 -7.87 -60.71 63.36
CA GLU B 38 -6.45 -60.53 63.57
C GLU B 38 -5.64 -61.39 62.61
N GLY B 39 -6.21 -62.49 62.13
CA GLY B 39 -5.62 -63.20 61.00
C GLY B 39 -6.00 -62.58 59.68
N PHE B 40 -7.21 -62.01 59.60
CA PHE B 40 -7.65 -61.35 58.37
C PHE B 40 -6.87 -60.06 58.13
N ARG B 41 -6.40 -59.42 59.20
CA ARG B 41 -5.67 -58.16 59.04
C ARG B 41 -4.32 -58.36 58.37
N LYS B 42 -3.73 -59.55 58.49
CA LYS B 42 -2.51 -59.88 57.79
C LYS B 42 -2.75 -60.73 56.55
N SER B 43 -3.96 -61.27 56.37
CA SER B 43 -4.26 -62.14 55.25
C SER B 43 -4.31 -61.40 53.93
N LEU B 44 -4.57 -60.12 53.94
CA LEU B 44 -4.70 -59.37 52.71
C LEU B 44 -3.45 -58.53 52.47
N PRO B 45 -3.05 -58.36 51.20
CA PRO B 45 -1.76 -57.73 50.93
C PRO B 45 -1.80 -56.23 51.17
N GLN B 46 -0.60 -55.65 51.22
CA GLN B 46 -0.43 -54.25 51.56
C GLN B 46 -0.88 -53.36 50.40
N VAL B 47 -0.96 -52.06 50.69
CA VAL B 47 -1.63 -51.11 49.83
C VAL B 47 -0.74 -50.78 48.63
N THR B 48 -1.31 -50.92 47.44
CA THR B 48 -0.59 -50.56 46.21
C THR B 48 -0.97 -49.16 45.72
N GLU B 49 -0.67 -48.15 46.54
CA GLU B 49 -0.68 -46.69 46.25
C GLU B 49 -1.87 -46.22 45.42
N GLY B 50 -3.04 -46.77 45.72
CA GLY B 50 -4.21 -46.49 44.90
C GLY B 50 -4.98 -47.73 44.54
N PHE B 51 -4.67 -48.84 45.22
CA PHE B 51 -5.31 -50.14 45.08
C PHE B 51 -5.22 -50.66 43.65
N ALA B 52 -3.98 -50.91 43.21
CA ALA B 52 -3.72 -51.41 41.88
C ALA B 52 -3.50 -52.93 41.83
N ASP B 53 -3.34 -53.58 42.98
CA ASP B 53 -3.14 -55.02 43.00
C ASP B 53 -4.47 -55.72 42.77
N ASP B 54 -4.38 -56.96 42.28
CA ASP B 54 -5.56 -57.76 42.00
C ASP B 54 -6.04 -58.55 43.20
N ASP B 55 -5.15 -58.86 44.14
CA ASP B 55 -5.52 -59.54 45.38
C ASP B 55 -5.90 -58.57 46.48
N GLU B 56 -6.10 -57.30 46.16
CA GLU B 56 -6.25 -56.26 47.15
C GLU B 56 -7.57 -55.52 46.95
N PRO B 57 -8.37 -55.36 48.00
CA PRO B 57 -9.70 -54.78 47.84
C PRO B 57 -9.65 -53.29 47.60
N SER B 58 -10.47 -52.82 46.67
CA SER B 58 -10.47 -51.43 46.25
C SER B 58 -11.76 -50.68 46.54
N SER B 59 -12.82 -51.36 46.96
CA SER B 59 -14.06 -50.69 47.31
C SER B 59 -14.43 -50.99 48.75
N LYS B 60 -15.54 -50.40 49.18
CA LYS B 60 -16.05 -50.65 50.52
C LYS B 60 -16.64 -52.05 50.63
N ALA B 61 -17.24 -52.55 49.55
CA ALA B 61 -17.82 -53.88 49.57
C ALA B 61 -16.80 -54.97 49.29
N GLU B 62 -15.71 -54.65 48.60
CA GLU B 62 -14.68 -55.65 48.35
C GLU B 62 -13.87 -55.97 49.59
N LEU B 63 -13.92 -55.10 50.61
CA LEU B 63 -13.36 -55.44 51.91
C LEU B 63 -14.28 -56.37 52.69
N LEU B 64 -15.59 -56.16 52.60
CA LEU B 64 -16.52 -56.96 53.36
C LEU B 64 -16.68 -58.35 52.76
N MET B 65 -16.51 -58.49 51.45
CA MET B 65 -16.72 -59.79 50.83
C MET B 65 -15.52 -60.69 50.98
N LYS B 66 -14.31 -60.14 50.83
CA LYS B 66 -13.15 -60.98 51.07
C LYS B 66 -12.87 -61.16 52.56
N PHE B 67 -13.53 -60.40 53.42
CA PHE B 67 -13.60 -60.79 54.83
C PHE B 67 -14.49 -62.01 55.00
N LEU B 68 -15.61 -62.05 54.28
CA LEU B 68 -16.43 -63.25 54.29
C LEU B 68 -15.69 -64.42 53.67
N GLY B 69 -14.96 -64.17 52.59
CA GLY B 69 -14.11 -65.20 52.00
C GLY B 69 -13.00 -65.68 52.92
N TYR B 70 -12.58 -64.84 53.87
CA TYR B 70 -11.63 -65.29 54.88
C TYR B 70 -12.29 -66.26 55.84
N ILE B 71 -13.46 -65.90 56.37
CA ILE B 71 -14.05 -66.68 57.47
C ILE B 71 -14.80 -67.91 56.98
N VAL B 72 -14.82 -68.19 55.70
CA VAL B 72 -15.33 -69.45 55.18
C VAL B 72 -14.20 -70.36 54.72
N GLN B 73 -13.23 -69.81 54.00
CA GLN B 73 -12.14 -70.63 53.48
C GLN B 73 -11.09 -70.92 54.56
N SER B 74 -10.75 -69.93 55.37
CA SER B 74 -9.81 -70.13 56.47
C SER B 74 -10.58 -70.43 57.75
N GLY B 75 -11.20 -71.61 57.75
CA GLY B 75 -12.00 -72.04 58.89
C GLY B 75 -11.17 -72.67 59.98
N VAL B 76 -11.09 -72.02 61.13
CA VAL B 76 -10.29 -72.49 62.25
C VAL B 76 -11.16 -72.89 63.43
N SER B 77 -12.27 -72.21 63.65
CA SER B 77 -13.11 -72.46 64.80
C SER B 77 -14.08 -73.59 64.51
N ASN B 78 -15.08 -73.75 65.36
CA ASN B 78 -16.11 -74.75 65.16
C ASN B 78 -17.02 -74.36 64.01
N GLN B 79 -17.82 -75.32 63.56
CA GLN B 79 -18.78 -75.04 62.49
C GLN B 79 -19.97 -74.24 62.98
N GLN B 80 -20.21 -74.20 64.29
CA GLN B 80 -21.36 -73.44 64.79
C GLN B 80 -21.11 -71.95 64.74
N GLU B 81 -19.86 -71.51 64.84
CA GLU B 81 -19.54 -70.09 64.79
C GLU B 81 -19.02 -69.64 63.44
N GLN B 82 -18.52 -70.57 62.62
CA GLN B 82 -18.23 -70.23 61.24
C GLN B 82 -19.51 -69.96 60.47
N LEU B 83 -20.54 -70.78 60.72
CA LEU B 83 -21.83 -70.59 60.06
C LEU B 83 -22.54 -69.33 60.52
N ALA B 84 -22.39 -68.97 61.79
CA ALA B 84 -23.07 -67.79 62.32
C ALA B 84 -22.39 -66.50 61.87
N ALA B 85 -21.06 -66.49 61.84
CA ALA B 85 -20.35 -65.28 61.44
C ALA B 85 -20.45 -65.04 59.96
N ALA B 86 -20.57 -66.10 59.16
CA ALA B 86 -20.70 -65.95 57.72
C ALA B 86 -22.03 -65.30 57.37
N LYS B 87 -23.12 -65.76 57.97
CA LYS B 87 -24.42 -65.16 57.71
C LYS B 87 -24.65 -63.87 58.47
N LEU B 88 -23.67 -63.42 59.27
CA LEU B 88 -23.73 -62.06 59.79
C LEU B 88 -23.12 -61.08 58.80
N VAL B 89 -21.97 -61.42 58.22
CA VAL B 89 -21.38 -60.61 57.15
C VAL B 89 -22.27 -60.64 55.92
N LEU B 90 -22.93 -61.78 55.66
CA LEU B 90 -23.78 -61.91 54.50
C LEU B 90 -25.03 -61.05 54.62
N ASN B 91 -25.54 -60.88 55.84
CA ASN B 91 -26.77 -60.11 56.02
C ASN B 91 -26.52 -58.63 56.11
N GLU B 92 -25.37 -58.21 56.67
CA GLU B 92 -25.02 -56.79 56.63
C GLU B 92 -24.67 -56.33 55.23
N PHE B 93 -24.24 -57.25 54.36
CA PHE B 93 -23.95 -56.92 52.98
C PHE B 93 -25.19 -56.93 52.11
N GLU B 94 -26.11 -57.86 52.35
CA GLU B 94 -27.34 -57.96 51.58
C GLU B 94 -28.43 -57.01 52.04
N SER B 95 -28.14 -56.14 53.01
CA SER B 95 -29.10 -55.16 53.48
C SER B 95 -28.60 -53.73 53.45
N ARG B 96 -27.31 -53.52 53.23
CA ARG B 96 -26.74 -52.19 53.16
C ARG B 96 -26.19 -51.85 51.79
N PHE B 97 -25.39 -52.75 51.21
CA PHE B 97 -24.77 -52.47 49.91
C PHE B 97 -25.73 -52.74 48.78
N LEU B 98 -26.16 -54.00 48.62
CA LEU B 98 -27.20 -54.35 47.69
C LEU B 98 -28.49 -54.55 48.47
N GLN B 99 -29.52 -53.81 48.10
CA GLN B 99 -30.85 -54.03 48.63
C GLN B 99 -31.80 -54.12 47.45
N GLY B 100 -32.59 -55.18 47.41
CA GLY B 100 -33.43 -55.42 46.25
C GLY B 100 -32.65 -56.05 45.12
N LEU B 101 -31.78 -55.27 44.47
CA LEU B 101 -31.00 -55.80 43.36
C LEU B 101 -29.94 -56.77 43.84
N ASN B 102 -29.63 -57.75 43.01
CA ASN B 102 -28.73 -58.84 43.37
C ASN B 102 -27.28 -58.46 43.06
N LEU B 103 -26.39 -59.45 43.01
CA LEU B 103 -24.97 -59.21 43.16
C LEU B 103 -24.33 -58.64 41.90
N HIS B 104 -24.54 -59.29 40.75
CA HIS B 104 -23.85 -58.83 39.55
C HIS B 104 -24.46 -57.54 39.03
N SER B 105 -25.76 -57.33 39.27
CA SER B 105 -26.37 -56.04 38.97
C SER B 105 -25.80 -54.93 39.85
N TYR B 106 -25.47 -55.26 41.09
CA TYR B 106 -24.71 -54.33 41.93
C TYR B 106 -23.26 -54.28 41.49
N ALA B 107 -22.72 -55.39 40.98
CA ALA B 107 -21.37 -55.37 40.43
C ALA B 107 -21.31 -54.73 39.07
N ALA B 108 -22.46 -54.55 38.41
CA ALA B 108 -22.48 -53.83 37.14
C ALA B 108 -22.17 -52.36 37.35
N ILE B 109 -22.82 -51.73 38.33
CA ILE B 109 -22.57 -50.32 38.61
C ILE B 109 -21.30 -50.13 39.43
N LEU B 110 -20.78 -51.19 40.05
CA LEU B 110 -19.55 -51.05 40.81
C LEU B 110 -18.33 -51.00 39.89
N LEU B 111 -18.42 -51.62 38.71
CA LEU B 111 -17.28 -51.63 37.80
C LEU B 111 -17.12 -50.29 37.09
N LYS B 112 -18.22 -49.65 36.70
CA LYS B 112 -18.17 -48.33 36.10
C LYS B 112 -18.33 -47.26 37.18
N SER B 113 -17.36 -47.22 38.09
CA SER B 113 -17.33 -46.28 39.19
C SER B 113 -16.03 -45.50 39.11
N GLU B 114 -16.14 -44.19 38.87
CA GLU B 114 -14.96 -43.35 38.75
C GLU B 114 -14.27 -43.13 40.09
N THR B 115 -15.05 -43.01 41.17
CA THR B 115 -14.50 -42.75 42.49
C THR B 115 -13.79 -43.96 43.10
N PHE B 116 -13.93 -45.13 42.51
CA PHE B 116 -13.20 -46.32 42.93
C PHE B 116 -12.82 -47.11 41.70
N PRO B 117 -11.60 -46.92 41.20
CA PRO B 117 -11.22 -47.57 39.94
C PRO B 117 -10.88 -49.05 40.11
N THR B 118 -11.92 -49.86 40.25
CA THR B 118 -11.73 -51.30 40.23
C THR B 118 -11.80 -51.82 38.80
N THR B 119 -11.25 -53.01 38.59
CA THR B 119 -11.25 -53.66 37.29
C THR B 119 -12.02 -54.97 37.36
N LEU B 120 -11.98 -55.72 36.26
CA LEU B 120 -12.81 -56.91 36.13
C LEU B 120 -12.26 -58.09 36.94
N LEU B 121 -10.94 -58.28 36.93
CA LEU B 121 -10.37 -59.37 37.70
C LEU B 121 -10.39 -59.08 39.19
N LYS B 122 -10.41 -57.82 39.59
CA LYS B 122 -10.62 -57.50 40.99
C LYS B 122 -12.06 -57.78 41.40
N ILE B 123 -13.03 -57.44 40.55
CA ILE B 123 -14.42 -57.52 40.96
C ILE B 123 -14.94 -58.95 40.89
N LYS B 124 -14.33 -59.83 40.10
CA LYS B 124 -14.79 -61.21 40.03
C LYS B 124 -14.16 -62.09 41.09
N GLU B 125 -12.91 -61.80 41.46
CA GLU B 125 -12.19 -62.57 42.47
C GLU B 125 -12.55 -62.15 43.88
N ASN B 126 -12.60 -60.85 44.16
CA ASN B 126 -12.90 -60.39 45.51
C ASN B 126 -14.40 -60.46 45.80
N LEU B 127 -15.23 -59.97 44.89
CA LEU B 127 -16.64 -59.78 45.19
C LEU B 127 -17.51 -60.95 44.75
N ILE B 128 -17.45 -61.33 43.48
CA ILE B 128 -18.37 -62.33 42.93
C ILE B 128 -18.09 -63.71 43.51
N LYS B 129 -16.82 -64.09 43.60
CA LYS B 129 -16.47 -65.44 44.02
C LYS B 129 -16.74 -65.65 45.50
N ASN B 130 -16.38 -64.67 46.34
CA ASN B 130 -16.53 -64.82 47.77
C ASN B 130 -17.98 -64.76 48.22
N TYR B 131 -18.85 -64.15 47.42
CA TYR B 131 -20.26 -64.11 47.78
C TYR B 131 -20.90 -65.49 47.70
N TYR B 132 -20.62 -66.23 46.63
CA TYR B 132 -21.21 -67.54 46.46
C TYR B 132 -20.51 -68.61 47.29
N LEU B 133 -19.37 -68.29 47.89
CA LEU B 133 -18.85 -69.14 48.95
C LEU B 133 -19.67 -68.98 50.22
N GLY B 134 -20.06 -67.73 50.52
CA GLY B 134 -20.95 -67.50 51.65
C GLY B 134 -22.35 -68.01 51.41
N ARG B 135 -22.79 -68.04 50.15
CA ARG B 135 -24.05 -68.66 49.79
C ARG B 135 -23.95 -70.18 49.68
N ALA B 136 -22.79 -70.76 49.98
CA ALA B 136 -22.58 -72.19 49.89
C ALA B 136 -22.60 -72.88 51.25
N LEU B 137 -21.92 -72.32 52.25
CA LEU B 137 -21.98 -72.90 53.59
C LEU B 137 -23.27 -72.53 54.30
N VAL B 138 -23.89 -71.42 53.92
CA VAL B 138 -25.25 -71.09 54.32
C VAL B 138 -26.16 -71.52 53.18
N TYR B 139 -27.32 -72.11 53.52
CA TYR B 139 -28.31 -72.64 52.59
C TYR B 139 -27.67 -73.68 51.66
N LEU B 140 -27.28 -74.80 52.27
CA LEU B 140 -26.33 -75.70 51.60
C LEU B 140 -26.94 -76.44 50.40
N PRO B 141 -28.16 -77.05 50.47
CA PRO B 141 -28.74 -77.53 49.20
C PRO B 141 -29.30 -76.41 48.34
N GLY B 142 -29.98 -75.45 48.98
CA GLY B 142 -30.61 -74.38 48.26
C GLY B 142 -32.05 -74.69 47.89
N GLN B 143 -32.84 -75.11 48.87
CA GLN B 143 -34.23 -75.51 48.65
C GLN B 143 -35.22 -74.56 49.32
N ARG B 144 -34.75 -73.45 49.86
CA ARG B 144 -35.60 -72.58 50.68
C ARG B 144 -35.00 -71.17 50.66
N GLY B 145 -35.70 -70.24 51.31
CA GLY B 145 -35.19 -68.90 51.47
C GLY B 145 -35.25 -68.08 50.20
N LEU B 146 -36.47 -67.74 49.77
CA LEU B 146 -36.69 -66.99 48.53
C LEU B 146 -36.30 -65.53 48.78
N VAL B 147 -35.00 -65.27 48.68
CA VAL B 147 -34.49 -63.91 48.65
C VAL B 147 -34.11 -63.49 47.23
N TYR B 148 -34.44 -64.31 46.24
CA TYR B 148 -34.01 -64.06 44.88
C TYR B 148 -34.88 -62.96 44.26
N PRO B 149 -34.27 -61.92 43.71
CA PRO B 149 -35.04 -60.78 43.22
C PRO B 149 -35.78 -61.12 41.94
N PRO B 150 -36.84 -60.36 41.63
CA PRO B 150 -37.57 -60.60 40.38
C PRO B 150 -36.85 -60.08 39.15
N SER B 151 -36.06 -60.94 38.49
CA SER B 151 -35.47 -60.62 37.19
C SER B 151 -36.50 -60.13 36.18
N ALA B 152 -36.42 -58.87 35.79
CA ALA B 152 -37.49 -58.25 35.02
C ALA B 152 -37.44 -58.56 33.54
N LEU B 153 -36.28 -58.99 33.03
CA LEU B 153 -36.23 -59.42 31.63
C LEU B 153 -36.94 -60.76 31.45
N LEU B 154 -36.62 -61.73 32.30
CA LEU B 154 -37.27 -63.03 32.21
C LEU B 154 -38.72 -62.99 32.69
N ASN B 155 -39.06 -62.02 33.54
CA ASN B 155 -40.45 -61.85 33.93
C ASN B 155 -41.27 -61.28 32.78
N ALA B 156 -40.69 -60.34 32.03
CA ALA B 156 -41.39 -59.75 30.90
C ALA B 156 -41.50 -60.72 29.74
N GLY B 157 -40.54 -61.62 29.59
CA GLY B 157 -40.65 -62.64 28.56
C GLY B 157 -41.65 -63.72 28.90
N LYS B 158 -41.88 -63.95 30.19
CA LYS B 158 -42.83 -64.97 30.60
C LYS B 158 -44.26 -64.55 30.25
N SER B 159 -44.59 -63.29 30.50
CA SER B 159 -45.87 -62.73 30.08
C SER B 159 -45.61 -61.27 29.73
N GLY B 160 -45.69 -60.96 28.46
CA GLY B 160 -45.42 -59.60 28.00
C GLY B 160 -44.84 -59.62 26.60
N SER B 161 -44.56 -58.42 26.11
CA SER B 161 -44.03 -58.23 24.75
C SER B 161 -42.51 -58.18 24.75
N ALA B 162 -41.88 -59.17 25.36
CA ALA B 162 -40.43 -59.23 25.45
C ALA B 162 -39.93 -60.65 25.20
N GLN B 163 -40.35 -61.25 24.09
CA GLN B 163 -40.07 -62.67 23.83
C GLN B 163 -38.58 -62.96 23.69
N ILE B 164 -38.12 -63.96 24.42
CA ILE B 164 -36.71 -64.27 24.60
C ILE B 164 -36.40 -65.50 23.77
N TYR B 165 -35.22 -65.53 23.16
CA TYR B 165 -34.77 -66.67 22.37
C TYR B 165 -33.37 -67.05 22.82
N ALA B 166 -33.14 -68.34 22.99
CA ALA B 166 -31.85 -68.84 23.43
C ALA B 166 -31.03 -69.30 22.24
N ILE B 167 -29.72 -69.09 22.32
CA ILE B 167 -28.80 -69.42 21.23
C ILE B 167 -27.59 -70.11 21.85
N PHE B 168 -27.16 -71.22 21.27
CA PHE B 168 -26.02 -71.96 21.77
C PHE B 168 -24.95 -72.05 20.71
N GLY B 169 -23.73 -71.70 21.08
CA GLY B 169 -22.63 -71.69 20.15
C GLY B 169 -22.15 -73.09 19.81
N GLY B 170 -21.22 -73.13 18.87
CA GLY B 170 -20.68 -74.40 18.44
C GLY B 170 -19.19 -74.52 18.72
N GLN B 171 -18.40 -74.59 17.66
CA GLN B 171 -16.97 -74.79 17.77
C GLN B 171 -16.25 -73.77 16.91
N GLY B 172 -15.07 -73.37 17.36
CA GLY B 172 -14.26 -72.44 16.60
C GLY B 172 -14.44 -70.99 16.94
N ASN B 173 -15.14 -70.68 18.03
CA ASN B 173 -15.28 -69.28 18.44
C ASN B 173 -14.00 -68.78 19.08
N THR B 174 -13.42 -69.57 19.97
CA THR B 174 -12.16 -69.26 20.59
C THR B 174 -11.25 -70.48 20.56
N ASP B 175 -9.94 -70.23 20.52
CA ASP B 175 -8.98 -71.32 20.52
C ASP B 175 -8.74 -71.86 21.92
N ASP B 176 -8.70 -71.00 22.92
CA ASP B 176 -8.55 -71.45 24.31
C ASP B 176 -9.93 -71.47 24.95
N TYR B 177 -10.71 -72.48 24.59
CA TYR B 177 -12.04 -72.62 25.15
C TYR B 177 -12.00 -73.13 26.58
N PHE B 178 -10.93 -73.82 26.98
CA PHE B 178 -10.86 -74.41 28.29
C PHE B 178 -10.67 -73.37 29.39
N GLU B 179 -10.12 -72.20 29.05
CA GLU B 179 -10.01 -71.13 30.02
C GLU B 179 -11.35 -70.48 30.34
N GLU B 180 -12.39 -70.79 29.57
CA GLU B 180 -13.75 -70.44 29.97
C GLU B 180 -14.28 -71.41 31.01
N LEU B 181 -14.05 -72.72 30.81
CA LEU B 181 -14.47 -73.70 31.80
C LEU B 181 -13.63 -73.60 33.06
N ARG B 182 -12.37 -73.20 32.94
CA ARG B 182 -11.55 -72.92 34.10
C ARG B 182 -12.10 -71.73 34.88
N ASP B 183 -12.61 -70.73 34.16
CA ASP B 183 -13.07 -69.51 34.81
C ASP B 183 -14.40 -69.72 35.53
N ILE B 184 -15.31 -70.46 34.90
CA ILE B 184 -16.62 -70.66 35.53
C ILE B 184 -16.52 -71.62 36.70
N TYR B 185 -15.59 -72.58 36.63
CA TYR B 185 -15.33 -73.43 37.79
C TYR B 185 -14.58 -72.70 38.88
N HIS B 186 -13.93 -71.58 38.56
CA HIS B 186 -13.19 -70.87 39.60
C HIS B 186 -14.09 -69.93 40.38
N ILE B 187 -14.91 -69.16 39.69
CA ILE B 187 -15.73 -68.16 40.36
C ILE B 187 -16.98 -68.81 40.96
N TYR B 188 -17.62 -69.70 40.21
CA TYR B 188 -18.85 -70.36 40.61
C TYR B 188 -18.61 -71.79 41.04
N GLN B 189 -17.54 -72.01 41.82
CA GLN B 189 -17.08 -73.34 42.20
C GLN B 189 -18.13 -74.11 43.00
N GLY B 190 -18.95 -73.40 43.78
CA GLY B 190 -20.01 -74.09 44.51
C GLY B 190 -21.19 -74.44 43.64
N LEU B 191 -21.42 -73.69 42.58
CA LEU B 191 -22.58 -73.94 41.73
C LEU B 191 -22.30 -75.07 40.76
N VAL B 192 -21.34 -74.89 39.86
CA VAL B 192 -21.00 -75.92 38.87
C VAL B 192 -19.87 -76.76 39.48
N SER B 193 -20.26 -77.65 40.38
CA SER B 193 -19.41 -78.76 40.77
C SER B 193 -20.16 -80.06 40.91
N ASP B 194 -21.47 -80.03 41.17
CA ASP B 194 -22.28 -81.23 41.15
C ASP B 194 -22.38 -81.79 39.75
N PHE B 195 -22.31 -80.96 38.73
CA PHE B 195 -22.40 -81.42 37.36
C PHE B 195 -21.07 -81.78 36.74
N VAL B 196 -20.02 -81.03 37.06
CA VAL B 196 -18.71 -81.29 36.44
C VAL B 196 -18.09 -82.55 37.03
N THR B 197 -18.32 -82.81 38.32
CA THR B 197 -17.83 -84.06 38.90
C THR B 197 -18.65 -85.26 38.44
N LYS B 198 -19.86 -85.04 37.95
CA LYS B 198 -20.66 -86.13 37.42
C LYS B 198 -20.61 -86.22 35.91
N ALA B 199 -20.11 -85.19 35.24
CA ALA B 199 -19.79 -85.31 33.82
C ALA B 199 -18.41 -85.90 33.59
N GLN B 200 -17.47 -85.62 34.49
CA GLN B 200 -16.19 -86.30 34.45
C GLN B 200 -16.34 -87.78 34.73
N LEU B 201 -17.16 -88.13 35.73
CA LEU B 201 -17.45 -89.53 36.01
C LEU B 201 -18.50 -90.13 35.09
N LYS B 202 -19.01 -89.36 34.12
CA LYS B 202 -19.78 -89.97 33.06
C LYS B 202 -18.87 -90.37 31.91
N LEU B 203 -17.89 -89.53 31.61
CA LEU B 203 -16.99 -89.77 30.49
C LEU B 203 -15.98 -90.86 30.81
N GLN B 204 -15.14 -90.63 31.82
CA GLN B 204 -14.03 -91.52 32.08
C GLN B 204 -14.45 -92.84 32.71
N GLU B 205 -15.65 -92.92 33.27
CA GLU B 205 -16.06 -94.07 34.05
C GLU B 205 -17.07 -94.96 33.33
N LEU B 206 -17.77 -94.44 32.34
CA LEU B 206 -18.73 -95.25 31.61
C LEU B 206 -18.35 -95.48 30.17
N ILE B 207 -17.72 -94.50 29.52
CA ILE B 207 -17.51 -94.56 28.08
C ILE B 207 -16.09 -94.30 27.63
N ARG B 208 -15.17 -93.86 28.49
CA ARG B 208 -13.77 -93.83 28.12
C ARG B 208 -13.01 -95.06 28.58
N THR B 209 -13.47 -95.72 29.65
CA THR B 209 -12.88 -97.00 30.02
C THR B 209 -13.47 -98.15 29.22
N THR B 210 -14.73 -98.04 28.77
CA THR B 210 -15.33 -99.04 27.89
C THR B 210 -15.82 -98.48 26.55
N PRO B 211 -14.91 -97.98 25.67
CA PRO B 211 -15.26 -97.95 24.25
C PRO B 211 -14.73 -99.21 23.57
N GLU B 212 -14.81 -99.28 22.25
CA GLU B 212 -14.23 -100.43 21.55
C GLU B 212 -12.71 -100.41 21.62
N THR B 213 -12.09 -99.23 21.57
CA THR B 213 -10.64 -99.05 21.56
C THR B 213 -10.37 -97.58 21.82
N ASP B 214 -9.18 -97.29 22.35
CA ASP B 214 -8.88 -95.94 22.81
C ASP B 214 -7.37 -95.74 22.92
N ARG B 215 -6.80 -95.00 21.96
CA ARG B 215 -5.48 -94.40 22.12
C ARG B 215 -5.54 -92.91 21.88
N ILE B 216 -6.74 -92.34 21.77
CA ILE B 216 -6.90 -90.94 21.46
C ILE B 216 -6.96 -90.05 22.69
N TYR B 217 -7.21 -90.63 23.87
CA TYR B 217 -7.16 -89.90 25.13
C TYR B 217 -5.86 -90.30 25.83
N THR B 218 -4.78 -89.59 25.52
CA THR B 218 -3.48 -89.97 26.04
C THR B 218 -3.34 -89.58 27.51
N GLN B 219 -3.65 -88.33 27.84
CA GLN B 219 -3.46 -87.80 29.18
C GLN B 219 -4.61 -88.10 30.12
N GLY B 220 -5.56 -88.92 29.69
CA GLY B 220 -6.75 -89.16 30.47
C GLY B 220 -7.72 -87.99 30.36
N LEU B 221 -8.81 -88.10 31.09
CA LEU B 221 -9.80 -87.04 31.13
C LEU B 221 -10.12 -86.69 32.58
N ASP B 222 -9.07 -86.45 33.36
CA ASP B 222 -9.26 -85.93 34.70
C ASP B 222 -9.63 -84.46 34.60
N LEU B 223 -10.93 -84.19 34.52
CA LEU B 223 -11.39 -82.83 34.24
C LEU B 223 -11.24 -81.93 35.46
N ILE B 224 -11.60 -82.44 36.65
CA ILE B 224 -11.57 -81.64 37.86
C ILE B 224 -10.15 -81.27 38.24
N ASN B 225 -9.20 -82.18 37.99
CA ASN B 225 -7.80 -81.92 38.30
C ASN B 225 -7.21 -80.86 37.38
N TRP B 226 -7.74 -80.69 36.18
CA TRP B 226 -7.20 -79.69 35.27
C TRP B 226 -7.73 -78.31 35.57
N LEU B 227 -8.94 -78.21 36.12
CA LEU B 227 -9.56 -76.92 36.34
C LEU B 227 -8.90 -76.18 37.50
N GLU B 228 -8.50 -76.90 38.54
CA GLU B 228 -7.85 -76.26 39.67
C GLU B 228 -6.34 -76.23 39.55
N ASN B 229 -5.77 -76.90 38.57
CA ASN B 229 -4.32 -76.97 38.37
C ASN B 229 -4.05 -76.72 36.90
N LYS B 230 -3.56 -75.53 36.56
CA LYS B 230 -3.29 -75.22 35.17
C LYS B 230 -1.94 -75.71 34.69
N ASP B 231 -1.21 -76.46 35.52
CA ASP B 231 -0.02 -77.15 35.08
C ASP B 231 -0.27 -78.60 34.70
N LYS B 232 -1.45 -79.13 35.03
CA LYS B 232 -1.86 -80.45 34.59
C LYS B 232 -2.71 -80.42 33.34
N THR B 233 -2.96 -79.25 32.79
CA THR B 233 -3.81 -79.13 31.63
C THR B 233 -3.01 -79.38 30.36
N PRO B 234 -3.53 -80.19 29.43
CA PRO B 234 -2.90 -80.31 28.12
C PRO B 234 -2.99 -79.01 27.34
N ASP B 235 -1.99 -78.75 26.53
CA ASP B 235 -1.76 -77.43 25.95
C ASP B 235 -2.32 -77.33 24.53
N GLN B 236 -3.58 -76.89 24.44
CA GLN B 236 -4.08 -76.07 23.35
C GLN B 236 -4.25 -76.80 22.01
N GLN B 237 -3.66 -77.98 21.86
CA GLN B 237 -3.85 -78.78 20.66
C GLN B 237 -4.43 -80.14 20.97
N GLN B 238 -4.09 -80.71 22.12
CA GLN B 238 -4.84 -81.85 22.61
C GLN B 238 -6.24 -81.44 23.03
N LEU B 239 -6.40 -80.20 23.52
CA LEU B 239 -7.72 -79.74 23.94
C LEU B 239 -8.60 -79.40 22.74
N LEU B 240 -8.03 -78.83 21.69
CA LEU B 240 -8.80 -78.56 20.48
C LEU B 240 -9.13 -79.80 19.68
N SER B 241 -8.53 -80.95 20.02
CA SER B 241 -8.86 -82.19 19.35
C SER B 241 -10.28 -82.60 19.68
N ILE B 242 -10.96 -83.12 18.67
CA ILE B 242 -12.41 -83.38 18.68
C ILE B 242 -12.89 -84.38 19.74
N PRO B 243 -12.16 -85.44 20.13
CA PRO B 243 -12.64 -86.27 21.24
C PRO B 243 -12.75 -85.57 22.59
N MET B 244 -11.99 -84.52 22.84
CA MET B 244 -12.16 -83.80 24.09
C MET B 244 -12.39 -82.32 23.85
N SER B 245 -12.91 -81.98 22.69
CA SER B 245 -13.52 -80.68 22.49
C SER B 245 -15.02 -80.74 22.30
N CYS B 246 -15.54 -81.81 21.74
CA CYS B 246 -16.99 -81.92 21.62
C CYS B 246 -17.71 -82.17 22.95
N PRO B 247 -17.24 -83.02 23.88
CA PRO B 247 -17.92 -83.04 25.18
C PRO B 247 -17.64 -81.80 26.01
N LEU B 248 -16.45 -81.22 25.89
CA LEU B 248 -16.06 -80.14 26.78
C LEU B 248 -16.70 -78.81 26.40
N ILE B 249 -17.02 -78.58 25.12
CA ILE B 249 -17.78 -77.41 24.75
C ILE B 249 -19.21 -77.53 25.27
N CYS B 250 -19.78 -78.75 25.20
CA CYS B 250 -21.14 -78.98 25.68
C CYS B 250 -21.23 -78.84 27.20
N VAL B 251 -20.15 -79.11 27.92
CA VAL B 251 -20.14 -78.87 29.36
C VAL B 251 -20.14 -77.37 29.64
N ILE B 252 -19.43 -76.59 28.82
CA ILE B 252 -19.34 -75.14 29.00
C ILE B 252 -20.69 -74.47 28.81
N GLN B 253 -21.46 -74.91 27.82
CA GLN B 253 -22.78 -74.33 27.58
C GLN B 253 -23.77 -74.74 28.66
N LEU B 254 -23.71 -75.98 29.13
CA LEU B 254 -24.62 -76.40 30.18
C LEU B 254 -24.24 -75.81 31.52
N CYS B 255 -22.95 -75.55 31.73
CA CYS B 255 -22.56 -74.84 32.95
C CYS B 255 -22.99 -73.39 32.92
N HIS B 256 -23.07 -72.78 31.74
CA HIS B 256 -23.62 -71.43 31.64
C HIS B 256 -25.14 -71.43 31.84
N TYR B 257 -25.79 -72.56 31.61
CA TYR B 257 -27.22 -72.68 31.85
C TYR B 257 -27.52 -73.10 33.29
N ILE B 258 -26.61 -73.81 33.93
CA ILE B 258 -26.77 -74.15 35.34
C ILE B 258 -26.53 -72.93 36.20
N VAL B 259 -25.50 -72.15 35.88
CA VAL B 259 -25.18 -70.96 36.67
C VAL B 259 -26.29 -69.93 36.57
N THR B 260 -26.79 -69.68 35.35
CA THR B 260 -27.86 -68.69 35.16
C THR B 260 -29.15 -69.10 35.85
N CYS B 261 -29.42 -70.40 35.89
CA CYS B 261 -30.57 -70.90 36.64
C CYS B 261 -30.34 -70.89 38.15
N ARG B 262 -29.11 -70.67 38.62
CA ARG B 262 -28.83 -70.67 40.04
C ARG B 262 -28.55 -69.29 40.61
N ILE B 263 -28.20 -68.31 39.78
CA ILE B 263 -28.22 -66.93 40.25
C ILE B 263 -29.65 -66.51 40.55
N LEU B 264 -30.60 -66.95 39.73
CA LEU B 264 -31.99 -66.59 39.89
C LEU B 264 -32.74 -67.51 40.84
N GLY B 265 -32.18 -68.66 41.18
CA GLY B 265 -32.83 -69.55 42.11
C GLY B 265 -34.06 -70.23 41.55
N ILE B 266 -34.07 -70.51 40.25
CA ILE B 266 -35.20 -71.12 39.60
C ILE B 266 -34.77 -72.48 39.05
N THR B 267 -35.75 -73.26 38.62
CA THR B 267 -35.44 -74.53 37.99
C THR B 267 -35.19 -74.31 36.50
N PRO B 268 -34.54 -75.26 35.82
CA PRO B 268 -34.43 -75.15 34.36
C PRO B 268 -35.77 -75.15 33.63
N GLY B 269 -36.77 -75.82 34.16
CA GLY B 269 -38.10 -75.69 33.59
C GLY B 269 -38.82 -74.42 33.96
N GLN B 270 -38.26 -73.64 34.88
CA GLN B 270 -38.79 -72.34 35.24
C GLN B 270 -38.15 -71.21 34.45
N LEU B 271 -36.96 -71.44 33.90
CA LEU B 271 -36.41 -70.57 32.87
C LEU B 271 -36.93 -70.97 31.50
N ARG B 272 -37.53 -72.15 31.37
CA ARG B 272 -37.93 -72.66 30.06
C ARG B 272 -39.18 -71.95 29.54
N ASP B 273 -40.18 -71.76 30.39
CA ASP B 273 -41.41 -71.11 29.98
C ASP B 273 -41.24 -69.63 29.71
N SER B 274 -40.17 -69.02 30.21
CA SER B 274 -39.92 -67.60 30.03
C SER B 274 -39.31 -67.27 28.68
N LEU B 275 -39.17 -68.23 27.78
CA LEU B 275 -38.60 -67.98 26.47
C LEU B 275 -39.19 -68.95 25.46
N LYS B 276 -38.60 -69.00 24.28
CA LYS B 276 -39.00 -69.89 23.20
C LYS B 276 -37.79 -70.09 22.30
N GLY B 277 -37.99 -70.80 21.20
CA GLY B 277 -36.92 -70.77 20.22
C GLY B 277 -35.82 -71.79 20.39
N THR B 278 -34.78 -71.41 21.13
CA THR B 278 -33.68 -72.24 21.65
C THR B 278 -33.09 -73.19 20.60
N THR B 279 -32.43 -72.58 19.62
CA THR B 279 -31.65 -73.34 18.67
C THR B 279 -30.16 -73.21 18.98
N GLY B 280 -29.36 -73.95 18.22
CA GLY B 280 -27.93 -73.94 18.39
C GLY B 280 -27.25 -73.99 17.04
N HIS B 281 -25.93 -73.85 17.04
CA HIS B 281 -25.26 -73.69 15.75
C HIS B 281 -24.97 -75.01 15.08
N SER B 282 -23.96 -75.74 15.56
CA SER B 282 -23.77 -77.11 15.12
C SER B 282 -23.69 -78.03 16.32
N GLN B 283 -22.72 -77.72 17.18
CA GLN B 283 -22.43 -78.48 18.37
C GLN B 283 -23.44 -78.18 19.45
N GLY B 284 -23.96 -76.95 19.46
CA GLY B 284 -24.91 -76.48 20.44
C GLY B 284 -26.35 -76.77 20.14
N LEU B 285 -26.63 -77.38 18.99
CA LEU B 285 -27.99 -77.84 18.75
C LEU B 285 -28.32 -79.03 19.64
N VAL B 286 -27.30 -79.78 20.08
CA VAL B 286 -27.53 -80.82 21.07
C VAL B 286 -27.87 -80.21 22.42
N THR B 287 -27.20 -79.10 22.76
CA THR B 287 -27.56 -78.35 23.96
C THR B 287 -28.92 -77.68 23.81
N ALA B 288 -29.33 -77.42 22.58
CA ALA B 288 -30.62 -76.79 22.33
C ALA B 288 -31.78 -77.74 22.60
N VAL B 289 -31.57 -79.05 22.56
CA VAL B 289 -32.65 -79.98 22.83
C VAL B 289 -32.81 -80.23 24.34
N VAL B 290 -31.70 -80.34 25.06
CA VAL B 290 -31.76 -80.61 26.50
C VAL B 290 -32.33 -79.42 27.25
N VAL B 291 -32.12 -78.20 26.74
CA VAL B 291 -32.71 -77.03 27.37
C VAL B 291 -34.21 -76.99 27.11
N SER B 292 -34.62 -77.31 25.88
CA SER B 292 -36.04 -77.29 25.53
C SER B 292 -36.82 -78.45 26.13
N SER B 293 -36.14 -79.46 26.66
CA SER B 293 -36.82 -80.62 27.21
C SER B 293 -36.54 -80.84 28.69
N ALA B 294 -35.79 -79.95 29.34
CA ALA B 294 -35.59 -80.06 30.78
C ALA B 294 -36.84 -79.61 31.51
N ASP B 295 -37.09 -80.22 32.66
CA ASP B 295 -38.24 -79.89 33.48
C ASP B 295 -37.85 -79.44 34.88
N SER B 296 -36.98 -80.19 35.55
CA SER B 296 -36.61 -79.93 36.93
C SER B 296 -35.10 -79.92 37.06
N TRP B 297 -34.58 -79.93 38.29
CA TRP B 297 -33.14 -80.03 38.46
C TRP B 297 -32.64 -81.45 38.37
N GLU B 298 -33.54 -82.44 38.39
CA GLU B 298 -33.15 -83.83 38.17
C GLU B 298 -33.55 -84.34 36.80
N SER B 299 -34.56 -83.72 36.17
CA SER B 299 -34.83 -84.01 34.77
C SER B 299 -33.78 -83.39 33.88
N PHE B 300 -33.14 -82.32 34.34
CA PHE B 300 -32.05 -81.71 33.60
C PHE B 300 -30.81 -82.60 33.62
N GLU B 301 -30.39 -83.00 34.83
CA GLU B 301 -29.14 -83.74 35.00
C GLU B 301 -29.19 -85.11 34.37
N LYS B 302 -30.35 -85.76 34.38
CA LYS B 302 -30.51 -87.00 33.64
C LYS B 302 -30.43 -86.78 32.15
N LEU B 303 -30.79 -85.58 31.68
CA LEU B 303 -30.78 -85.27 30.27
C LEU B 303 -29.53 -84.53 29.84
N ALA B 304 -28.87 -83.81 30.76
CA ALA B 304 -27.63 -83.13 30.42
C ALA B 304 -26.48 -84.11 30.28
N LEU B 305 -26.53 -85.23 31.01
CA LEU B 305 -25.51 -86.26 30.83
C LEU B 305 -25.72 -87.05 29.55
N GLN B 306 -26.94 -87.08 29.02
CA GLN B 306 -27.16 -87.70 27.72
C GLN B 306 -26.53 -86.89 26.61
N ALA B 307 -26.54 -85.56 26.74
CA ALA B 307 -25.91 -84.71 25.75
C ALA B 307 -24.39 -84.77 25.82
N VAL B 308 -23.84 -85.16 26.96
CA VAL B 308 -22.39 -85.38 27.05
C VAL B 308 -22.04 -86.71 26.39
N GLU B 309 -22.84 -87.74 26.61
CA GLU B 309 -22.62 -89.03 25.96
C GLU B 309 -22.88 -88.96 24.47
N PHE B 310 -23.75 -88.04 24.04
CA PHE B 310 -23.94 -87.79 22.62
C PHE B 310 -22.67 -87.22 22.00
N MET B 311 -22.15 -86.14 22.59
CA MET B 311 -20.98 -85.48 22.02
C MET B 311 -19.69 -86.24 22.24
N PHE B 312 -19.69 -87.26 23.11
CA PHE B 312 -18.53 -88.12 23.20
C PHE B 312 -18.41 -89.00 21.97
N TYR B 313 -19.54 -89.50 21.47
CA TYR B 313 -19.51 -90.40 20.33
C TYR B 313 -19.25 -89.67 19.03
N ILE B 314 -19.61 -88.38 18.95
CA ILE B 314 -19.31 -87.62 17.75
C ILE B 314 -17.84 -87.26 17.70
N GLY B 315 -17.26 -86.93 18.85
CA GLY B 315 -15.84 -86.60 18.88
C GLY B 315 -14.95 -87.81 18.66
N VAL B 316 -15.36 -88.96 19.19
CA VAL B 316 -14.54 -90.16 19.06
C VAL B 316 -14.65 -90.73 17.64
N ARG B 317 -15.88 -90.90 17.15
CA ARG B 317 -16.05 -91.45 15.81
C ARG B 317 -15.72 -90.45 14.72
N GLY B 318 -15.78 -89.15 15.00
CA GLY B 318 -15.37 -88.18 14.01
C GLY B 318 -13.87 -88.09 13.82
N LEU B 319 -13.10 -88.63 14.76
CA LEU B 319 -11.66 -88.71 14.60
C LEU B 319 -11.22 -90.01 13.96
N GLN B 320 -12.01 -91.07 14.10
CA GLN B 320 -11.66 -92.34 13.50
C GLN B 320 -12.00 -92.42 12.02
N THR B 321 -12.74 -91.44 11.48
CA THR B 321 -13.04 -91.42 10.06
C THR B 321 -12.36 -90.28 9.32
N TYR B 322 -11.81 -89.29 10.02
CA TYR B 322 -10.95 -88.29 9.42
C TYR B 322 -9.98 -87.80 10.47
N PRO B 323 -8.87 -88.51 10.68
CA PRO B 323 -7.91 -88.11 11.70
C PRO B 323 -7.17 -86.84 11.32
N ASN B 324 -6.65 -86.17 12.35
CA ASN B 324 -5.91 -84.93 12.17
C ASN B 324 -4.60 -85.21 11.44
N THR B 325 -4.12 -84.22 10.72
CA THR B 325 -2.90 -84.38 9.95
C THR B 325 -2.06 -83.12 10.04
N SER B 326 -0.75 -83.30 9.85
CA SER B 326 0.20 -82.20 9.86
C SER B 326 0.53 -81.80 8.42
N LEU B 327 0.58 -80.51 8.19
CA LEU B 327 0.86 -79.97 6.87
C LEU B 327 2.36 -79.72 6.72
N PRO B 328 2.83 -79.55 5.48
CA PRO B 328 4.21 -79.08 5.27
C PRO B 328 4.43 -77.73 5.92
N PRO B 329 5.53 -77.55 6.63
CA PRO B 329 5.77 -76.29 7.34
C PRO B 329 6.11 -75.11 6.45
N SER B 330 6.23 -75.29 5.14
CA SER B 330 6.25 -74.16 4.23
C SER B 330 4.85 -73.73 3.83
N ILE B 331 3.86 -74.58 4.05
CA ILE B 331 2.46 -74.18 3.90
C ILE B 331 1.98 -73.47 5.15
N VAL B 332 2.34 -74.01 6.32
CA VAL B 332 1.89 -73.47 7.59
C VAL B 332 2.51 -72.11 7.85
N GLN B 333 3.82 -71.97 7.63
CA GLN B 333 4.48 -70.70 7.84
C GLN B 333 4.05 -69.65 6.81
N ASP B 334 3.62 -70.08 5.63
CA ASP B 334 3.15 -69.12 4.63
C ASP B 334 1.81 -68.53 5.03
N SER B 335 0.86 -69.38 5.45
CA SER B 335 -0.46 -68.90 5.81
C SER B 335 -0.45 -68.12 7.11
N GLU B 336 0.43 -68.48 8.04
CA GLU B 336 0.49 -67.78 9.31
C GLU B 336 1.09 -66.40 9.21
N GLU B 337 1.88 -66.13 8.17
CA GLU B 337 2.48 -64.82 8.00
C GLU B 337 1.75 -63.96 6.97
N ASN B 338 0.83 -64.54 6.20
CA ASN B 338 -0.03 -63.80 5.29
C ASN B 338 -1.37 -63.47 5.91
N ALA B 339 -1.40 -63.29 7.23
CA ALA B 339 -2.58 -62.92 8.02
C ALA B 339 -3.70 -63.95 7.92
N GLU B 340 -3.34 -65.20 8.23
CA GLU B 340 -4.32 -66.24 8.54
C GLU B 340 -3.83 -67.00 9.75
N GLY B 341 -4.44 -68.14 10.06
CA GLY B 341 -4.03 -68.95 11.17
C GLY B 341 -3.35 -70.23 10.71
N THR B 342 -3.35 -71.22 11.59
CA THR B 342 -2.91 -72.55 11.22
C THR B 342 -3.91 -73.13 10.24
N PRO B 343 -3.47 -73.78 9.16
CA PRO B 343 -4.40 -74.42 8.23
C PRO B 343 -5.18 -75.54 8.88
N SER B 344 -6.49 -75.36 8.94
CA SER B 344 -7.44 -76.24 9.60
C SER B 344 -8.50 -76.62 8.60
N PRO B 345 -9.30 -77.66 8.86
CA PRO B 345 -10.33 -78.06 7.89
C PRO B 345 -11.50 -77.10 7.75
N MET B 346 -11.54 -75.96 8.46
CA MET B 346 -12.62 -75.00 8.33
C MET B 346 -12.02 -73.63 8.09
N LEU B 347 -12.35 -73.01 6.96
CA LEU B 347 -11.88 -71.67 6.63
C LEU B 347 -13.07 -70.75 6.45
N SER B 348 -13.04 -69.60 7.12
CA SER B 348 -14.17 -68.68 7.18
C SER B 348 -13.92 -67.50 6.24
N VAL B 349 -14.71 -67.40 5.19
CA VAL B 349 -14.65 -66.26 4.28
C VAL B 349 -15.69 -65.25 4.73
N ARG B 350 -15.23 -64.05 5.07
CA ARG B 350 -16.12 -63.00 5.55
C ARG B 350 -16.06 -61.80 4.63
N ASP B 351 -17.18 -61.08 4.57
CA ASP B 351 -17.37 -59.85 3.79
C ASP B 351 -17.15 -60.07 2.30
N LEU B 352 -17.54 -61.23 1.80
CA LEU B 352 -17.53 -61.51 0.37
C LEU B 352 -18.91 -62.04 0.00
N SER B 353 -19.43 -61.56 -1.12
CA SER B 353 -20.76 -61.95 -1.57
C SER B 353 -20.77 -63.41 -1.97
N TYR B 354 -21.96 -64.02 -1.89
CA TYR B 354 -22.07 -65.47 -2.02
C TYR B 354 -21.90 -65.92 -3.46
N ASP B 355 -22.27 -65.09 -4.42
CA ASP B 355 -22.15 -65.50 -5.82
C ASP B 355 -20.74 -65.30 -6.35
N GLN B 356 -19.86 -64.65 -5.60
CA GLN B 356 -18.46 -64.59 -5.98
C GLN B 356 -17.66 -65.74 -5.40
N LEU B 357 -17.90 -66.11 -4.16
CA LEU B 357 -17.20 -67.26 -3.61
C LEU B 357 -17.85 -68.59 -3.96
N VAL B 358 -18.93 -68.59 -4.75
CA VAL B 358 -19.38 -69.87 -5.28
C VAL B 358 -18.59 -70.23 -6.53
N LYS B 359 -17.97 -69.26 -7.19
CA LYS B 359 -17.12 -69.55 -8.33
C LYS B 359 -15.63 -69.49 -7.99
N PHE B 360 -15.26 -68.86 -6.88
CA PHE B 360 -13.90 -69.00 -6.39
C PHE B 360 -13.66 -70.40 -5.88
N VAL B 361 -14.68 -71.02 -5.30
CA VAL B 361 -14.59 -72.43 -4.90
C VAL B 361 -14.63 -73.32 -6.14
N ASN B 362 -15.49 -72.99 -7.11
CA ASN B 362 -15.63 -73.82 -8.30
C ASN B 362 -14.40 -73.77 -9.19
N GLU B 363 -13.70 -72.63 -9.24
CA GLU B 363 -12.46 -72.57 -10.00
C GLU B 363 -11.31 -73.25 -9.30
N THR B 364 -11.47 -73.64 -8.04
CA THR B 364 -10.50 -74.46 -7.34
C THR B 364 -10.92 -75.92 -7.25
N ASN B 365 -12.23 -76.18 -7.22
CA ASN B 365 -12.73 -77.54 -7.16
C ASN B 365 -12.51 -78.30 -8.47
N GLN B 366 -12.36 -77.60 -9.59
CA GLN B 366 -12.25 -78.27 -10.88
C GLN B 366 -10.87 -78.87 -11.10
N HIS B 367 -9.85 -78.33 -10.45
CA HIS B 367 -8.50 -78.87 -10.54
C HIS B 367 -8.21 -79.89 -9.44
N LEU B 368 -9.24 -80.47 -8.85
CA LEU B 368 -9.10 -81.32 -7.68
C LEU B 368 -9.92 -82.58 -7.88
N PRO B 369 -9.58 -83.68 -7.20
CA PRO B 369 -10.42 -84.88 -7.26
C PRO B 369 -11.75 -84.72 -6.57
N GLU B 370 -12.59 -85.75 -6.65
CA GLU B 370 -13.91 -85.67 -6.03
C GLU B 370 -13.84 -85.78 -4.52
N ALA B 371 -12.84 -86.47 -3.99
CA ALA B 371 -12.72 -86.60 -2.55
C ALA B 371 -12.14 -85.36 -1.90
N LYS B 372 -11.25 -84.66 -2.58
CA LYS B 372 -10.65 -83.44 -2.04
C LYS B 372 -11.39 -82.20 -2.55
N HIS B 373 -12.69 -82.17 -2.29
CA HIS B 373 -13.51 -81.03 -2.65
C HIS B 373 -13.71 -80.11 -1.46
N ILE B 374 -14.03 -78.86 -1.77
CA ILE B 374 -14.28 -77.82 -0.77
C ILE B 374 -15.77 -77.50 -0.81
N ASP B 375 -16.45 -77.68 0.31
CA ASP B 375 -17.88 -77.43 0.40
C ASP B 375 -18.14 -76.22 1.27
N ILE B 376 -19.14 -75.42 0.90
CA ILE B 376 -19.64 -74.35 1.75
C ILE B 376 -20.43 -75.03 2.86
N SER B 377 -19.85 -75.08 4.06
CA SER B 377 -20.42 -75.92 5.10
C SER B 377 -21.51 -75.22 5.88
N LEU B 378 -21.37 -73.92 6.13
CA LEU B 378 -22.38 -73.21 6.87
C LEU B 378 -22.38 -71.74 6.50
N ILE B 379 -23.57 -71.19 6.37
CA ILE B 379 -23.81 -69.83 5.92
C ILE B 379 -24.34 -69.05 7.11
N ASN B 380 -23.46 -68.33 7.79
CA ASN B 380 -23.87 -67.56 8.95
C ASN B 380 -24.57 -66.26 8.58
N GLY B 381 -24.34 -65.75 7.38
CA GLY B 381 -24.96 -64.52 6.94
C GLY B 381 -24.76 -64.31 5.46
N PRO B 382 -25.20 -63.16 4.95
CA PRO B 382 -25.06 -62.89 3.51
C PRO B 382 -23.63 -62.58 3.10
N ARG B 383 -22.78 -62.20 4.05
CA ARG B 383 -21.37 -61.95 3.78
C ARG B 383 -20.50 -62.69 4.79
N ASN B 384 -21.00 -63.81 5.31
CA ASN B 384 -20.28 -64.53 6.36
C ASN B 384 -20.61 -66.01 6.21
N VAL B 385 -19.73 -66.74 5.52
CA VAL B 385 -19.81 -68.18 5.41
C VAL B 385 -18.49 -68.74 5.92
N VAL B 386 -18.48 -70.05 6.18
CA VAL B 386 -17.21 -70.74 6.32
C VAL B 386 -17.19 -71.87 5.30
N LEU B 387 -16.00 -72.24 4.87
CA LEU B 387 -15.80 -73.32 3.93
C LEU B 387 -15.12 -74.49 4.62
N THR B 388 -15.27 -75.66 4.04
CA THR B 388 -14.79 -76.87 4.68
C THR B 388 -14.31 -77.85 3.63
N GLY B 389 -13.05 -78.26 3.74
CA GLY B 389 -12.50 -79.31 2.93
C GLY B 389 -11.27 -79.88 3.61
N PRO B 390 -10.38 -80.49 2.83
CA PRO B 390 -9.07 -80.82 3.37
C PRO B 390 -8.27 -79.56 3.63
N PRO B 391 -7.39 -79.56 4.64
CA PRO B 391 -6.65 -78.34 4.96
C PRO B 391 -5.64 -77.94 3.90
N GLN B 392 -5.05 -78.91 3.21
CA GLN B 392 -4.17 -78.57 2.10
C GLN B 392 -4.97 -78.10 0.90
N SER B 393 -6.21 -78.55 0.79
CA SER B 393 -7.09 -78.11 -0.29
C SER B 393 -7.71 -76.76 0.00
N LEU B 394 -7.95 -76.45 1.28
CA LEU B 394 -8.45 -75.13 1.64
C LEU B 394 -7.37 -74.08 1.50
N TYR B 395 -6.10 -74.49 1.61
CA TYR B 395 -4.99 -73.62 1.26
C TYR B 395 -4.93 -73.38 -0.24
N GLY B 396 -5.56 -74.23 -1.04
CA GLY B 396 -5.73 -74.04 -2.45
C GLY B 396 -6.40 -72.72 -2.82
N LEU B 397 -7.65 -72.55 -2.42
CA LEU B 397 -8.33 -71.30 -2.77
C LEU B 397 -7.91 -70.14 -1.90
N ASN B 398 -7.13 -70.38 -0.85
CA ASN B 398 -6.53 -69.27 -0.13
C ASN B 398 -5.48 -68.57 -0.99
N LEU B 399 -4.79 -69.32 -1.85
CA LEU B 399 -3.88 -68.71 -2.79
C LEU B 399 -4.62 -68.07 -3.95
N ASN B 400 -5.77 -68.65 -4.35
CA ASN B 400 -6.60 -68.05 -5.37
C ASN B 400 -7.22 -66.74 -4.89
N LEU B 401 -7.67 -66.71 -3.63
CA LEU B 401 -8.23 -65.50 -3.07
C LEU B 401 -7.16 -64.45 -2.79
N ARG B 402 -5.90 -64.86 -2.70
CA ARG B 402 -4.82 -63.92 -2.38
C ARG B 402 -4.51 -63.01 -3.56
N LYS B 403 -4.77 -63.46 -4.78
CA LYS B 403 -4.49 -62.66 -5.96
C LYS B 403 -5.67 -61.80 -6.39
N ALA B 404 -6.80 -61.89 -5.71
CA ALA B 404 -7.96 -61.06 -5.97
C ALA B 404 -8.31 -60.20 -4.76
N LYS B 405 -7.33 -59.96 -3.90
CA LYS B 405 -7.51 -59.16 -2.70
C LYS B 405 -6.82 -57.82 -2.85
N ALA B 406 -7.46 -56.79 -2.34
CA ALA B 406 -6.84 -55.47 -2.40
C ALA B 406 -5.84 -55.30 -1.25
N PRO B 407 -4.74 -54.59 -1.46
CA PRO B 407 -3.87 -54.22 -0.35
C PRO B 407 -4.44 -53.08 0.48
N SER B 408 -3.70 -52.63 1.50
CA SER B 408 -4.20 -51.57 2.38
C SER B 408 -4.23 -50.20 1.71
N GLY B 409 -3.51 -50.02 0.60
CA GLY B 409 -3.45 -48.73 -0.06
C GLY B 409 -3.88 -48.77 -1.51
N LEU B 410 -4.92 -49.54 -1.81
CA LEU B 410 -5.41 -49.62 -3.19
C LEU B 410 -6.07 -48.32 -3.62
N ASP B 411 -6.84 -47.71 -2.71
CA ASP B 411 -7.51 -46.41 -2.88
C ASP B 411 -8.46 -46.42 -4.08
N GLN B 412 -9.50 -47.24 -3.95
CA GLN B 412 -10.70 -47.10 -4.79
C GLN B 412 -11.71 -46.17 -4.11
N ALA B 413 -11.21 -45.02 -3.70
CA ALA B 413 -12.02 -44.03 -3.00
C ALA B 413 -11.76 -42.67 -3.61
N ARG B 414 -10.54 -42.47 -4.10
CA ARG B 414 -10.22 -41.38 -5.00
C ARG B 414 -10.16 -41.84 -6.45
N ILE B 415 -10.34 -43.13 -6.69
CA ILE B 415 -10.40 -43.73 -8.02
C ILE B 415 -11.75 -44.42 -8.13
N PRO B 416 -12.49 -44.30 -9.24
CA PRO B 416 -13.77 -45.02 -9.36
C PRO B 416 -13.58 -46.51 -9.57
N PHE B 417 -14.68 -47.21 -9.85
CA PHE B 417 -14.66 -48.67 -10.02
C PHE B 417 -13.97 -49.00 -11.34
N SER B 418 -12.64 -49.03 -11.28
CA SER B 418 -11.80 -49.43 -12.40
C SER B 418 -11.06 -50.72 -12.09
N GLU B 419 -10.38 -50.78 -10.95
CA GLU B 419 -9.78 -52.00 -10.46
C GLU B 419 -10.84 -52.92 -9.88
N ARG B 420 -10.65 -54.22 -10.11
CA ARG B 420 -11.59 -55.25 -9.66
C ARG B 420 -11.07 -55.96 -8.41
N LYS B 421 -10.35 -55.24 -7.56
CA LYS B 421 -9.84 -55.79 -6.31
C LYS B 421 -10.88 -55.64 -5.22
N LEU B 422 -11.15 -56.73 -4.52
CA LEU B 422 -12.19 -56.81 -3.52
C LEU B 422 -11.60 -56.70 -2.12
N ARG B 423 -12.41 -56.17 -1.20
CA ARG B 423 -11.98 -55.90 0.17
C ARG B 423 -12.71 -56.87 1.09
N PHE B 424 -12.12 -58.03 1.30
CA PHE B 424 -12.66 -59.04 2.20
C PHE B 424 -11.53 -59.64 3.02
N SER B 425 -11.86 -60.65 3.82
CA SER B 425 -10.88 -61.27 4.69
C SER B 425 -11.30 -62.71 4.95
N ASN B 426 -10.35 -63.63 4.76
CA ASN B 426 -10.56 -65.03 5.01
C ASN B 426 -9.53 -65.52 6.01
N ARG B 427 -9.98 -66.30 6.98
CA ARG B 427 -9.09 -66.83 8.00
C ARG B 427 -9.56 -68.21 8.38
N PHE B 428 -8.60 -69.06 8.77
CA PHE B 428 -8.88 -70.42 9.19
C PHE B 428 -9.50 -70.42 10.59
N LEU B 429 -10.56 -71.19 10.75
CA LEU B 429 -11.17 -71.36 12.06
C LEU B 429 -10.32 -72.30 12.92
N PRO B 430 -10.43 -72.22 14.25
CA PRO B 430 -9.75 -73.17 15.14
C PRO B 430 -10.51 -74.48 15.37
N ILE B 431 -10.94 -75.12 14.29
CA ILE B 431 -11.64 -76.39 14.36
C ILE B 431 -10.75 -77.44 13.70
N MET B 432 -10.67 -78.62 14.31
CA MET B 432 -9.75 -79.65 13.86
C MET B 432 -10.45 -80.77 13.11
N SER B 433 -11.69 -80.58 12.69
CA SER B 433 -12.37 -81.60 11.90
C SER B 433 -13.32 -80.99 10.89
N PRO B 434 -13.45 -81.60 9.72
CA PRO B 434 -14.40 -81.13 8.71
C PRO B 434 -15.87 -81.43 9.00
N PHE B 435 -16.49 -80.59 9.82
CA PHE B 435 -17.91 -80.70 10.05
C PHE B 435 -18.70 -80.26 8.82
N HIS B 436 -19.89 -80.84 8.65
CA HIS B 436 -20.83 -80.52 7.58
C HIS B 436 -20.22 -80.69 6.20
N SER B 437 -19.62 -81.86 5.98
CA SER B 437 -18.97 -82.13 4.71
C SER B 437 -19.04 -83.61 4.41
N HIS B 438 -18.58 -83.98 3.22
CA HIS B 438 -18.51 -85.38 2.84
C HIS B 438 -17.40 -86.12 3.55
N LEU B 439 -16.42 -85.40 4.11
CA LEU B 439 -15.31 -86.04 4.77
C LEU B 439 -15.67 -86.64 6.12
N LEU B 440 -16.77 -86.20 6.73
CA LEU B 440 -17.18 -86.71 8.04
C LEU B 440 -18.43 -87.56 8.00
N SER B 441 -19.24 -87.44 6.95
CA SER B 441 -20.45 -88.23 6.74
C SER B 441 -20.30 -89.76 6.72
N PRO B 442 -19.13 -90.37 6.48
CA PRO B 442 -18.98 -91.79 6.81
C PRO B 442 -19.17 -92.13 8.28
N SER B 443 -18.97 -91.17 9.18
CA SER B 443 -19.16 -91.40 10.61
C SER B 443 -20.58 -91.07 11.05
N THR B 444 -21.58 -91.63 10.38
CA THR B 444 -22.96 -91.39 10.79
C THR B 444 -23.66 -92.67 11.21
N GLU B 445 -23.66 -93.69 10.35
CA GLU B 445 -24.28 -94.95 10.71
C GLU B 445 -23.48 -95.70 11.77
N LYS B 446 -22.21 -95.38 11.93
CA LYS B 446 -21.44 -95.88 13.05
C LYS B 446 -21.89 -95.26 14.37
N ILE B 447 -22.37 -94.02 14.33
CA ILE B 447 -22.79 -93.31 15.54
C ILE B 447 -24.22 -93.65 15.92
N VAL B 448 -25.12 -93.73 14.94
CA VAL B 448 -26.52 -94.04 15.19
C VAL B 448 -26.67 -95.46 15.74
N ALA B 449 -25.89 -96.40 15.20
CA ALA B 449 -25.86 -97.73 15.77
C ALA B 449 -25.14 -97.79 17.12
N ASP B 450 -24.42 -96.75 17.49
CA ASP B 450 -23.78 -96.67 18.80
C ASP B 450 -24.60 -95.89 19.81
N LEU B 451 -25.35 -94.87 19.38
CA LEU B 451 -26.28 -94.22 20.28
C LEU B 451 -27.45 -95.14 20.61
N LYS B 452 -27.77 -96.06 19.70
CA LYS B 452 -28.79 -97.07 19.96
C LYS B 452 -28.34 -98.13 20.95
N LYS B 453 -27.04 -98.25 21.20
CA LYS B 453 -26.56 -99.19 22.21
C LYS B 453 -26.91 -98.73 23.60
N ALA B 454 -26.84 -97.42 23.84
CA ALA B 454 -27.26 -96.85 25.11
C ALA B 454 -28.62 -96.17 24.95
N GLY B 455 -29.05 -95.50 26.00
CA GLY B 455 -30.28 -94.74 25.93
C GLY B 455 -30.06 -93.27 25.64
N VAL B 456 -29.52 -92.97 24.46
CA VAL B 456 -29.13 -91.59 24.14
C VAL B 456 -30.06 -91.15 23.01
N GLU B 457 -31.28 -91.65 23.03
CA GLU B 457 -32.31 -91.18 22.12
C GLU B 457 -33.17 -90.16 22.86
N PHE B 458 -33.20 -88.93 22.35
CA PHE B 458 -34.06 -87.91 22.94
C PHE B 458 -35.50 -88.15 22.54
N SER B 459 -36.42 -87.62 23.36
CA SER B 459 -37.77 -88.15 23.38
C SER B 459 -38.65 -87.61 22.25
N GLN B 460 -38.34 -86.43 21.73
CA GLN B 460 -39.00 -85.74 20.61
C GLN B 460 -40.41 -85.25 20.94
N SER B 461 -40.93 -85.56 22.13
CA SER B 461 -42.23 -85.07 22.56
C SER B 461 -42.20 -84.52 23.98
N SER B 462 -41.14 -84.74 24.73
CA SER B 462 -40.98 -84.12 26.04
C SER B 462 -40.23 -82.80 25.95
N MET B 463 -40.06 -82.26 24.75
CA MET B 463 -39.52 -80.93 24.57
C MET B 463 -40.67 -79.98 24.27
N LYS B 464 -40.79 -78.93 25.07
CA LYS B 464 -41.95 -78.05 25.03
C LYS B 464 -41.70 -76.78 24.24
N LEU B 465 -40.53 -76.20 24.35
CA LEU B 465 -40.16 -75.13 23.43
C LEU B 465 -39.90 -75.73 22.05
N PRO B 466 -40.04 -74.94 21.00
CA PRO B 466 -39.54 -75.36 19.69
C PRO B 466 -38.02 -75.44 19.70
N VAL B 467 -37.48 -76.17 18.74
CA VAL B 467 -36.05 -76.18 18.42
C VAL B 467 -35.93 -76.13 16.91
N PHE B 468 -35.36 -75.06 16.39
CA PHE B 468 -35.29 -74.90 14.96
C PHE B 468 -34.09 -75.64 14.39
N ASP B 469 -34.34 -76.45 13.37
CA ASP B 469 -33.29 -77.17 12.67
C ASP B 469 -32.33 -76.20 12.02
N THR B 470 -31.09 -76.62 11.86
CA THR B 470 -30.08 -75.77 11.25
C THR B 470 -30.00 -75.96 9.76
N TYR B 471 -30.51 -77.09 9.24
CA TYR B 471 -30.45 -77.32 7.80
C TYR B 471 -31.55 -76.55 7.08
N ASP B 472 -32.79 -76.73 7.49
CA ASP B 472 -33.93 -76.15 6.80
C ASP B 472 -34.77 -75.23 7.66
N GLY B 473 -34.41 -75.01 8.92
CA GLY B 473 -35.13 -74.08 9.76
C GLY B 473 -36.42 -74.59 10.35
N LYS B 474 -36.79 -75.84 10.08
CA LYS B 474 -38.03 -76.39 10.61
C LYS B 474 -37.88 -76.68 12.10
N ASP B 475 -39.02 -76.78 12.77
CA ASP B 475 -39.03 -77.15 14.18
C ASP B 475 -38.77 -78.64 14.33
N LEU B 476 -38.07 -79.00 15.39
CA LEU B 476 -37.75 -80.39 15.65
C LEU B 476 -38.82 -81.11 16.47
N ARG B 477 -39.82 -80.38 16.96
CA ARG B 477 -40.93 -81.06 17.63
C ARG B 477 -41.81 -81.76 16.62
N SER B 478 -42.07 -81.13 15.48
CA SER B 478 -42.85 -81.72 14.41
C SER B 478 -41.92 -82.31 13.36
N TYR B 479 -41.16 -83.31 13.80
CA TYR B 479 -40.23 -84.03 12.93
C TYR B 479 -40.45 -85.51 13.14
N SER B 480 -40.80 -86.23 12.07
CA SER B 480 -40.95 -87.67 12.16
C SER B 480 -39.58 -88.34 12.03
N GLY B 481 -39.34 -89.31 12.89
CA GLY B 481 -38.08 -90.03 12.91
C GLY B 481 -37.37 -89.86 14.23
N SER B 482 -36.20 -90.50 14.31
CA SER B 482 -35.40 -90.41 15.52
C SER B 482 -34.71 -89.05 15.59
N ILE B 483 -34.95 -88.33 16.67
CA ILE B 483 -34.43 -86.97 16.75
C ILE B 483 -32.94 -86.97 17.09
N ALA B 484 -32.45 -88.04 17.74
CA ALA B 484 -31.01 -88.15 17.95
C ALA B 484 -30.29 -88.53 16.65
N ALA B 485 -30.96 -89.31 15.80
CA ALA B 485 -30.37 -89.64 14.50
C ALA B 485 -30.41 -88.45 13.55
N ARG B 486 -31.31 -87.50 13.77
CA ARG B 486 -31.30 -86.28 12.99
C ARG B 486 -30.21 -85.32 13.46
N LEU B 487 -29.89 -85.33 14.75
CA LEU B 487 -28.89 -84.41 15.28
C LEU B 487 -27.49 -84.75 14.81
N VAL B 488 -27.19 -86.02 14.56
CA VAL B 488 -25.87 -86.36 14.04
C VAL B 488 -25.79 -86.04 12.55
N GLU B 489 -26.93 -86.08 11.85
CA GLU B 489 -26.97 -85.63 10.46
C GLU B 489 -26.68 -84.14 10.35
N CYS B 490 -27.17 -83.35 11.29
CA CYS B 490 -26.99 -81.90 11.23
C CYS B 490 -25.58 -81.46 11.58
N ILE B 491 -24.76 -82.33 12.16
CA ILE B 491 -23.40 -82.00 12.51
C ILE B 491 -22.40 -82.61 11.55
N THR B 492 -22.63 -83.86 11.13
CA THR B 492 -21.65 -84.53 10.29
C THR B 492 -21.74 -84.08 8.83
N LYS B 493 -22.94 -84.06 8.25
CA LYS B 493 -23.04 -83.90 6.81
C LYS B 493 -23.90 -82.74 6.32
N LEU B 494 -24.83 -82.24 7.12
CA LEU B 494 -25.80 -81.29 6.61
C LEU B 494 -25.32 -79.86 6.82
N ARG B 495 -25.63 -79.00 5.85
CA ARG B 495 -25.19 -77.62 5.90
C ARG B 495 -26.01 -76.84 6.91
N VAL B 496 -25.34 -76.06 7.76
CA VAL B 496 -26.03 -75.19 8.69
C VAL B 496 -26.46 -73.93 7.95
N ASN B 497 -27.75 -73.74 7.78
CA ASN B 497 -28.32 -72.60 7.09
C ASN B 497 -28.86 -71.65 8.15
N TRP B 498 -27.99 -70.78 8.65
CA TRP B 498 -28.25 -70.06 9.88
C TRP B 498 -29.28 -68.95 9.72
N GLU B 499 -29.47 -68.45 8.49
CA GLU B 499 -30.38 -67.32 8.30
C GLU B 499 -31.83 -67.75 8.45
N LEU B 500 -32.21 -68.87 7.85
CA LEU B 500 -33.55 -69.40 8.03
C LEU B 500 -33.67 -70.34 9.22
N SER B 501 -32.57 -70.63 9.90
CA SER B 501 -32.67 -71.28 11.19
C SER B 501 -33.00 -70.30 12.30
N THR B 502 -32.77 -69.01 12.07
CA THR B 502 -33.05 -67.96 13.03
C THR B 502 -33.95 -66.90 12.43
N GLU B 503 -34.96 -67.32 11.66
CA GLU B 503 -35.90 -66.35 11.11
C GLU B 503 -37.10 -66.17 12.02
N PHE B 504 -36.84 -65.93 13.29
CA PHE B 504 -37.91 -65.69 14.25
C PHE B 504 -37.98 -64.21 14.59
N ASN B 505 -39.00 -63.86 15.36
CA ASN B 505 -39.19 -62.49 15.83
C ASN B 505 -38.79 -62.45 17.30
N SER B 506 -37.68 -61.79 17.58
CA SER B 506 -37.07 -61.80 18.90
C SER B 506 -36.83 -60.38 19.36
N THR B 507 -37.18 -60.10 20.61
CA THR B 507 -36.81 -58.83 21.20
C THR B 507 -35.47 -58.93 21.90
N HIS B 508 -35.19 -60.06 22.52
CA HIS B 508 -33.88 -60.31 23.10
C HIS B 508 -33.44 -61.72 22.76
N VAL B 509 -32.12 -61.87 22.63
CA VAL B 509 -31.49 -63.12 22.20
C VAL B 509 -30.41 -63.46 23.21
N LEU B 510 -30.50 -64.64 23.82
CA LEU B 510 -29.53 -65.06 24.82
C LEU B 510 -28.56 -66.03 24.20
N ASP B 511 -27.28 -65.75 24.36
CA ASP B 511 -26.23 -66.59 23.81
C ASP B 511 -25.44 -67.18 24.96
N PHE B 512 -25.64 -68.47 25.23
CA PHE B 512 -24.82 -69.19 26.19
C PHE B 512 -23.62 -69.83 25.52
N GLY B 513 -22.90 -69.04 24.75
CA GLY B 513 -21.90 -69.58 23.87
C GLY B 513 -20.61 -69.88 24.60
N PRO B 514 -19.77 -70.67 23.96
CA PRO B 514 -18.42 -70.89 24.49
C PRO B 514 -17.43 -69.85 24.02
N GLY B 515 -17.91 -68.75 23.44
CA GLY B 515 -17.00 -67.73 22.96
C GLY B 515 -17.06 -66.48 23.82
N GLY B 516 -18.21 -66.26 24.43
CA GLY B 516 -18.40 -65.08 25.26
C GLY B 516 -18.57 -63.84 24.41
N ALA B 517 -17.56 -62.98 24.42
CA ALA B 517 -17.55 -61.79 23.59
C ALA B 517 -17.11 -62.07 22.16
N SER B 518 -16.89 -63.33 21.81
CA SER B 518 -16.53 -63.72 20.45
C SER B 518 -17.37 -64.88 19.95
N GLY B 519 -18.45 -65.23 20.65
CA GLY B 519 -19.28 -66.36 20.28
C GLY B 519 -20.26 -66.02 19.18
N LEU B 520 -21.38 -66.74 19.16
CA LEU B 520 -22.40 -66.54 18.14
C LEU B 520 -23.13 -65.21 18.24
N GLY B 521 -23.03 -64.52 19.36
CA GLY B 521 -23.71 -63.26 19.50
C GLY B 521 -23.11 -62.20 18.61
N VAL B 522 -21.85 -61.86 18.87
CA VAL B 522 -21.18 -60.83 18.10
C VAL B 522 -20.81 -61.29 16.70
N LEU B 523 -20.86 -62.59 16.43
CA LEU B 523 -20.55 -63.09 15.09
C LEU B 523 -21.68 -62.81 14.13
N THR B 524 -22.88 -63.28 14.45
CA THR B 524 -24.07 -63.06 13.65
C THR B 524 -24.84 -61.83 14.10
N HIS B 525 -24.15 -60.83 14.63
CA HIS B 525 -24.81 -59.65 15.15
C HIS B 525 -25.35 -58.77 14.03
N ARG B 526 -24.56 -58.58 12.97
CA ARG B 526 -24.94 -57.76 11.83
C ARG B 526 -26.05 -58.37 11.00
N ASN B 527 -26.37 -59.64 11.23
CA ASN B 527 -27.42 -60.33 10.50
C ASN B 527 -28.79 -59.76 10.82
N LYS B 528 -28.98 -59.26 12.04
CA LYS B 528 -30.26 -58.73 12.52
C LYS B 528 -30.05 -57.41 13.23
N GLU B 529 -29.35 -56.49 12.56
CA GLU B 529 -28.86 -55.27 13.20
C GLU B 529 -29.99 -54.32 13.56
N GLY B 530 -30.73 -53.85 12.57
CA GLY B 530 -31.70 -52.81 12.84
C GLY B 530 -33.14 -53.28 12.87
N THR B 531 -33.36 -54.48 13.40
CA THR B 531 -34.70 -55.02 13.52
C THR B 531 -35.10 -55.27 14.96
N GLY B 532 -34.37 -54.68 15.92
CA GLY B 532 -34.78 -54.69 17.30
C GLY B 532 -34.65 -56.03 18.01
N SER B 533 -33.44 -56.58 18.05
CA SER B 533 -33.18 -57.83 18.76
C SER B 533 -31.84 -57.68 19.47
N ARG B 534 -31.88 -57.38 20.76
CA ARG B 534 -30.68 -57.18 21.53
C ARG B 534 -30.11 -58.54 21.90
N VAL B 535 -28.90 -58.82 21.48
CA VAL B 535 -28.26 -60.08 21.81
C VAL B 535 -27.50 -59.90 23.13
N ILE B 536 -27.72 -60.84 24.04
CA ILE B 536 -27.20 -60.78 25.39
C ILE B 536 -26.26 -61.96 25.55
N VAL B 537 -24.96 -61.68 25.67
CA VAL B 537 -24.03 -62.77 25.96
C VAL B 537 -24.17 -63.15 27.42
N ALA B 538 -24.39 -64.43 27.67
CA ALA B 538 -24.85 -64.88 28.97
C ALA B 538 -23.82 -65.71 29.72
N GLY B 539 -22.54 -65.39 29.55
CA GLY B 539 -21.52 -66.12 30.28
C GLY B 539 -20.45 -65.25 30.90
N VAL B 540 -20.33 -64.00 30.46
CA VAL B 540 -19.28 -63.11 30.94
C VAL B 540 -19.92 -61.81 31.40
N LEU B 541 -19.34 -61.21 32.44
CA LEU B 541 -19.93 -60.04 33.09
C LEU B 541 -19.62 -58.75 32.35
N ASP B 542 -18.35 -58.31 32.40
CA ASP B 542 -17.76 -57.20 31.62
C ASP B 542 -18.65 -55.97 31.50
N ALA B 543 -18.91 -55.33 32.66
CA ALA B 543 -19.93 -54.29 32.77
C ALA B 543 -19.63 -53.04 31.95
N GLU B 544 -18.41 -52.87 31.46
CA GLU B 544 -18.14 -51.83 30.48
C GLU B 544 -18.84 -52.21 29.18
N SER B 545 -19.98 -51.58 28.93
CA SER B 545 -20.67 -51.67 27.64
C SER B 545 -21.30 -50.31 27.39
N GLU B 546 -20.54 -49.43 26.73
CA GLU B 546 -21.01 -48.10 26.37
C GLU B 546 -21.77 -48.12 25.05
N ASP B 547 -21.27 -48.83 24.05
CA ASP B 547 -22.02 -49.04 22.84
C ASP B 547 -23.09 -50.09 23.05
N SER B 548 -24.13 -50.03 22.21
CA SER B 548 -25.37 -50.76 22.42
C SER B 548 -25.63 -51.80 21.34
N GLU B 549 -24.62 -52.57 20.97
CA GLU B 549 -24.79 -53.60 19.95
C GLU B 549 -24.96 -55.00 20.54
N PHE B 550 -24.46 -55.24 21.75
CA PHE B 550 -24.69 -56.49 22.45
C PHE B 550 -24.58 -56.24 23.94
N GLY B 551 -25.43 -56.92 24.70
CA GLY B 551 -25.49 -56.75 26.14
C GLY B 551 -24.50 -57.63 26.86
N TYR B 552 -24.82 -57.94 28.11
CA TYR B 552 -23.96 -58.77 28.93
C TYR B 552 -24.82 -59.51 29.94
N LYS B 553 -24.18 -60.35 30.76
CA LYS B 553 -24.90 -61.21 31.71
C LYS B 553 -25.65 -60.44 32.78
N GLN B 554 -25.25 -59.20 33.05
CA GLN B 554 -25.96 -58.37 34.00
C GLN B 554 -27.32 -57.90 33.50
N GLU B 555 -27.64 -58.15 32.23
CA GLU B 555 -28.94 -57.78 31.68
C GLU B 555 -29.92 -58.94 31.64
N ILE B 556 -29.49 -60.16 31.99
CA ILE B 556 -30.41 -61.28 32.14
C ILE B 556 -31.38 -60.97 33.27
N PHE B 557 -30.85 -60.43 34.36
CA PHE B 557 -31.59 -60.13 35.56
C PHE B 557 -31.55 -58.63 35.82
N GLU B 558 -32.70 -58.09 36.21
CA GLU B 558 -32.79 -56.71 36.63
C GLU B 558 -34.01 -56.63 37.53
N SER B 559 -33.92 -55.82 38.57
CA SER B 559 -35.05 -55.70 39.48
C SER B 559 -36.21 -54.95 38.85
N ASN B 560 -35.93 -53.75 38.34
CA ASN B 560 -36.99 -52.92 37.78
C ASN B 560 -37.22 -53.24 36.31
N GLU B 561 -38.49 -53.10 35.89
CA GLU B 561 -38.84 -53.34 34.50
C GLU B 561 -38.33 -52.26 33.57
N LYS B 562 -38.01 -51.08 34.09
CA LYS B 562 -37.67 -49.94 33.27
C LYS B 562 -36.18 -49.83 32.96
N ALA B 563 -35.37 -50.78 33.40
CA ALA B 563 -33.95 -50.80 33.07
C ALA B 563 -33.63 -51.88 32.04
N ILE B 564 -34.62 -52.36 31.31
CA ILE B 564 -34.41 -53.30 30.22
C ILE B 564 -33.95 -52.50 29.01
N LYS B 565 -32.69 -52.64 28.63
CA LYS B 565 -32.20 -52.02 27.40
C LYS B 565 -32.68 -52.82 26.20
N TYR B 566 -33.22 -52.13 25.22
CA TYR B 566 -33.72 -52.75 24.00
C TYR B 566 -32.74 -52.47 22.86
N ALA B 567 -33.13 -52.89 21.68
CA ALA B 567 -32.31 -52.72 20.50
C ALA B 567 -32.97 -51.77 19.51
N PRO B 568 -32.19 -51.04 18.72
CA PRO B 568 -32.78 -50.03 17.83
C PRO B 568 -33.51 -50.60 16.62
N ASN B 569 -34.80 -50.86 16.76
CA ASN B 569 -35.64 -51.15 15.59
C ASN B 569 -35.74 -49.88 14.74
N TRP B 570 -34.99 -49.83 13.64
CA TRP B 570 -34.93 -48.62 12.83
C TRP B 570 -36.21 -48.33 12.10
N LEU B 571 -36.95 -49.36 11.71
CA LEU B 571 -38.24 -49.14 11.06
C LEU B 571 -39.23 -48.54 12.01
N LYS B 572 -39.21 -48.96 13.27
CA LYS B 572 -40.21 -48.48 14.22
C LYS B 572 -39.90 -47.06 14.69
N GLU B 573 -38.62 -46.74 14.89
CA GLU B 573 -38.28 -45.40 15.37
C GLU B 573 -38.44 -44.34 14.29
N TYR B 574 -37.88 -44.61 13.11
CA TYR B 574 -37.80 -43.60 12.05
C TYR B 574 -38.84 -43.82 10.97
N LYS B 575 -40.00 -44.29 11.35
CA LYS B 575 -41.08 -44.43 10.39
C LYS B 575 -41.69 -43.07 10.11
N PRO B 576 -41.94 -42.73 8.85
CA PRO B 576 -42.62 -41.46 8.55
C PRO B 576 -44.09 -41.55 8.94
N LYS B 577 -44.56 -40.54 9.64
CA LYS B 577 -45.96 -40.45 10.03
C LYS B 577 -46.53 -39.15 9.49
N LEU B 578 -47.80 -38.93 9.76
CA LEU B 578 -48.48 -37.70 9.35
C LEU B 578 -48.95 -36.97 10.59
N VAL B 579 -48.98 -35.64 10.50
CA VAL B 579 -49.60 -34.79 11.49
C VAL B 579 -50.45 -33.75 10.77
N LYS B 580 -51.59 -33.44 11.35
CA LYS B 580 -52.49 -32.44 10.80
C LYS B 580 -52.60 -31.29 11.79
N THR B 581 -52.32 -30.08 11.34
CA THR B 581 -52.53 -28.93 12.20
C THR B 581 -54.03 -28.68 12.35
N SER B 582 -54.37 -27.76 13.24
CA SER B 582 -55.78 -27.41 13.41
C SER B 582 -56.20 -26.29 12.47
N ALA B 583 -55.80 -26.43 11.21
CA ALA B 583 -56.33 -25.64 10.11
C ALA B 583 -56.44 -26.46 8.84
N GLY B 584 -56.10 -27.75 8.88
CA GLY B 584 -56.20 -28.59 7.72
C GLY B 584 -54.95 -28.70 6.87
N LYS B 585 -53.78 -28.66 7.49
CA LYS B 585 -52.50 -28.76 6.78
C LYS B 585 -51.79 -30.02 7.22
N ILE B 586 -51.72 -31.01 6.32
CA ILE B 586 -51.05 -32.26 6.64
C ILE B 586 -49.56 -32.11 6.37
N PHE B 587 -48.74 -32.42 7.35
CA PHE B 587 -47.31 -32.55 7.19
C PHE B 587 -46.93 -34.02 7.21
N VAL B 588 -45.68 -34.29 6.91
CA VAL B 588 -45.10 -35.61 7.08
C VAL B 588 -44.18 -35.53 8.29
N ASP B 589 -44.56 -36.20 9.37
CA ASP B 589 -43.82 -36.16 10.62
C ASP B 589 -42.52 -36.91 10.42
N THR B 590 -41.45 -36.16 10.19
CA THR B 590 -40.13 -36.72 10.01
C THR B 590 -39.18 -35.94 10.91
N LYS B 591 -38.02 -36.53 11.20
CA LYS B 591 -37.05 -35.88 12.09
C LYS B 591 -36.47 -34.62 11.47
N PHE B 592 -36.41 -34.54 10.14
CA PHE B 592 -35.99 -33.31 9.47
C PHE B 592 -37.12 -32.31 9.40
N SER B 593 -38.35 -32.79 9.23
CA SER B 593 -39.51 -31.92 9.17
C SER B 593 -39.87 -31.35 10.52
N ARG B 594 -39.52 -32.04 11.61
CA ARG B 594 -39.69 -31.46 12.94
C ARG B 594 -38.70 -30.34 13.19
N LEU B 595 -37.54 -30.39 12.53
CA LEU B 595 -36.50 -29.39 12.75
C LEU B 595 -36.86 -28.06 12.11
N LEU B 596 -37.44 -28.10 10.92
CA LEU B 596 -37.77 -26.87 10.21
C LEU B 596 -39.20 -26.41 10.44
N GLY B 597 -40.09 -27.29 10.86
CA GLY B 597 -41.50 -26.94 10.82
C GLY B 597 -42.06 -26.83 9.43
N ARG B 598 -41.42 -27.46 8.45
CA ARG B 598 -41.90 -27.51 7.07
C ARG B 598 -41.91 -28.94 6.57
N ALA B 599 -42.09 -29.10 5.27
CA ALA B 599 -42.03 -30.40 4.62
C ALA B 599 -40.62 -30.98 4.72
N PRO B 600 -40.46 -32.31 4.69
CA PRO B 600 -39.13 -32.91 4.81
C PRO B 600 -38.21 -32.72 3.61
N LEU B 601 -38.63 -32.05 2.55
CA LEU B 601 -37.83 -31.95 1.34
C LEU B 601 -37.34 -30.52 1.15
N MET B 602 -36.04 -30.38 0.88
CA MET B 602 -35.39 -29.08 0.77
C MET B 602 -34.67 -28.99 -0.57
N VAL B 603 -34.09 -27.82 -0.83
CA VAL B 603 -33.30 -27.59 -2.03
C VAL B 603 -31.91 -27.13 -1.57
N PRO B 604 -30.83 -27.77 -2.00
CA PRO B 604 -29.50 -27.39 -1.54
C PRO B 604 -28.98 -26.08 -2.11
N GLY B 605 -27.74 -25.76 -1.79
CA GLY B 605 -27.12 -24.56 -2.32
C GLY B 605 -26.44 -24.86 -3.62
N MET B 606 -27.12 -24.61 -4.72
CA MET B 606 -26.59 -24.86 -6.04
C MET B 606 -26.05 -23.57 -6.61
N THR B 607 -24.87 -23.65 -7.26
CA THR B 607 -24.10 -22.44 -7.53
C THR B 607 -24.71 -21.56 -8.62
N PRO B 608 -25.07 -22.03 -9.83
CA PRO B 608 -25.62 -21.08 -10.79
C PRO B 608 -27.08 -20.73 -10.56
N THR B 609 -27.87 -21.55 -9.86
CA THR B 609 -29.32 -21.33 -9.84
C THR B 609 -29.88 -20.91 -8.50
N THR B 610 -29.26 -21.29 -7.37
CA THR B 610 -29.69 -20.77 -6.08
C THR B 610 -28.88 -19.56 -5.66
N VAL B 611 -28.19 -18.91 -6.59
CA VAL B 611 -27.45 -17.71 -6.28
C VAL B 611 -28.35 -16.49 -6.31
N SER B 612 -29.45 -16.54 -7.05
CA SER B 612 -30.30 -15.38 -7.19
C SER B 612 -31.24 -15.28 -5.98
N PRO B 613 -31.33 -14.11 -5.35
CA PRO B 613 -32.27 -13.96 -4.23
C PRO B 613 -33.73 -14.00 -4.65
N ASP B 614 -34.04 -13.76 -5.91
CA ASP B 614 -35.43 -13.81 -6.36
C ASP B 614 -35.96 -15.23 -6.44
N PHE B 615 -35.07 -16.22 -6.56
CA PHE B 615 -35.50 -17.61 -6.61
C PHE B 615 -35.46 -18.27 -5.23
N VAL B 616 -34.47 -17.92 -4.42
CA VAL B 616 -34.38 -18.44 -3.05
C VAL B 616 -35.60 -17.98 -2.25
N ALA B 617 -36.03 -16.74 -2.43
CA ALA B 617 -37.25 -16.26 -1.79
C ALA B 617 -38.50 -16.88 -2.38
N ALA B 618 -38.44 -17.37 -3.62
CA ALA B 618 -39.62 -17.97 -4.21
C ALA B 618 -39.90 -19.35 -3.64
N THR B 619 -38.84 -20.12 -3.36
CA THR B 619 -38.99 -21.43 -2.76
C THR B 619 -39.01 -21.40 -1.24
N LEU B 620 -38.79 -20.25 -0.61
CA LEU B 620 -39.08 -20.09 0.80
C LEU B 620 -40.53 -19.72 1.05
N ASN B 621 -41.13 -18.96 0.15
CA ASN B 621 -42.54 -18.65 0.25
C ASN B 621 -43.42 -19.85 -0.08
N ALA B 622 -42.87 -20.83 -0.79
CA ALA B 622 -43.59 -22.06 -1.08
C ALA B 622 -43.68 -22.98 0.13
N GLY B 623 -42.99 -22.66 1.23
CA GLY B 623 -43.03 -23.48 2.41
C GLY B 623 -41.98 -24.56 2.44
N PHE B 624 -40.84 -24.32 1.81
CA PHE B 624 -39.77 -25.31 1.77
C PHE B 624 -38.46 -24.63 2.12
N HIS B 625 -37.52 -25.43 2.60
CA HIS B 625 -36.23 -24.91 3.01
C HIS B 625 -35.27 -24.89 1.83
N THR B 626 -34.46 -23.85 1.78
CA THR B 626 -33.44 -23.72 0.76
C THR B 626 -32.26 -22.96 1.35
N GLU B 627 -31.27 -22.73 0.52
CA GLU B 627 -30.07 -22.04 0.98
C GLU B 627 -29.39 -21.37 -0.20
N ILE B 628 -29.09 -20.09 -0.05
CA ILE B 628 -28.47 -19.32 -1.12
C ILE B 628 -26.98 -19.60 -1.14
N ALA B 629 -26.47 -19.99 -2.30
CA ALA B 629 -25.13 -20.50 -2.43
C ALA B 629 -24.10 -19.38 -2.34
N GLY B 630 -23.01 -19.65 -1.64
CA GLY B 630 -21.94 -18.70 -1.52
C GLY B 630 -20.91 -18.77 -2.61
N GLY B 631 -21.06 -19.69 -3.56
CA GLY B 631 -20.12 -19.78 -4.66
C GLY B 631 -20.25 -18.67 -5.66
N GLY B 632 -21.42 -18.06 -5.77
CA GLY B 632 -21.63 -17.00 -6.73
C GLY B 632 -21.46 -15.61 -6.17
N TYR B 633 -20.81 -15.50 -5.01
CA TYR B 633 -20.55 -14.22 -4.39
C TYR B 633 -19.06 -14.12 -4.05
N PHE B 634 -18.53 -12.90 -4.17
CA PHE B 634 -17.08 -12.70 -4.09
C PHE B 634 -16.65 -11.65 -3.09
N ALA B 635 -17.58 -10.97 -2.41
CA ALA B 635 -17.24 -10.01 -1.38
C ALA B 635 -18.40 -9.95 -0.41
N PRO B 636 -18.14 -9.76 0.89
CA PRO B 636 -19.23 -9.83 1.88
C PRO B 636 -20.25 -8.71 1.80
N SER B 637 -19.95 -7.61 1.12
CA SER B 637 -20.93 -6.55 1.02
C SER B 637 -22.02 -6.87 0.01
N ILE B 638 -21.64 -7.46 -1.13
CA ILE B 638 -22.61 -7.82 -2.14
C ILE B 638 -23.44 -9.01 -1.68
N MET B 639 -22.84 -9.92 -0.92
CA MET B 639 -23.57 -11.07 -0.42
C MET B 639 -24.56 -10.67 0.67
N LYS B 640 -24.18 -9.74 1.54
CA LYS B 640 -25.09 -9.25 2.57
C LYS B 640 -26.24 -8.47 1.95
N ALA B 641 -25.99 -7.79 0.83
CA ALA B 641 -27.07 -7.13 0.12
C ALA B 641 -27.95 -8.11 -0.63
N ALA B 642 -27.42 -9.30 -0.93
CA ALA B 642 -28.24 -10.32 -1.58
C ALA B 642 -29.04 -11.13 -0.57
N LEU B 643 -28.47 -11.35 0.62
CA LEU B 643 -29.22 -11.98 1.70
C LEU B 643 -30.38 -11.11 2.15
N GLN B 644 -30.15 -9.80 2.22
CA GLN B 644 -31.21 -8.86 2.56
C GLN B 644 -32.30 -8.83 1.51
N ARG B 645 -31.93 -9.01 0.24
CA ARG B 645 -32.91 -9.03 -0.84
C ARG B 645 -33.83 -10.25 -0.79
N VAL B 646 -33.44 -11.31 -0.09
CA VAL B 646 -34.37 -12.39 0.18
C VAL B 646 -35.39 -11.96 1.24
N ILE B 647 -34.92 -11.24 2.26
CA ILE B 647 -35.72 -10.91 3.43
C ILE B 647 -36.79 -9.87 3.10
N ASP B 648 -36.59 -9.05 2.06
CA ASP B 648 -37.63 -8.10 1.68
C ASP B 648 -38.84 -8.79 1.09
N GLN B 649 -38.63 -9.68 0.12
CA GLN B 649 -39.71 -10.31 -0.60
C GLN B 649 -40.18 -11.62 0.01
N VAL B 650 -39.89 -11.83 1.29
CA VAL B 650 -40.39 -12.99 2.02
C VAL B 650 -41.12 -12.48 3.26
N THR B 651 -42.07 -13.27 3.75
CA THR B 651 -42.86 -12.86 4.89
C THR B 651 -42.02 -12.93 6.16
N PRO B 652 -42.27 -12.04 7.12
CA PRO B 652 -41.48 -12.04 8.36
C PRO B 652 -41.68 -13.29 9.20
N GLY B 653 -40.58 -13.79 9.74
CA GLY B 653 -40.58 -15.03 10.50
C GLY B 653 -39.94 -16.20 9.81
N THR B 654 -39.51 -16.05 8.56
CA THR B 654 -38.86 -17.12 7.84
C THR B 654 -37.36 -16.93 7.82
N GLY B 655 -36.65 -18.04 7.66
CA GLY B 655 -35.22 -18.00 7.68
C GLY B 655 -34.59 -18.41 6.37
N VAL B 656 -33.27 -18.22 6.25
CA VAL B 656 -32.53 -18.62 5.07
C VAL B 656 -31.45 -19.58 5.52
N GLY B 657 -30.88 -20.28 4.54
CA GLY B 657 -29.69 -21.07 4.78
C GLY B 657 -28.54 -20.50 4.01
N ILE B 658 -27.32 -20.92 4.31
CA ILE B 658 -26.13 -20.42 3.62
C ILE B 658 -25.27 -21.62 3.28
N ASN B 659 -24.92 -21.77 2.01
CA ASN B 659 -24.05 -22.84 1.57
C ASN B 659 -22.69 -22.25 1.22
N LEU B 660 -21.68 -22.57 2.02
CA LEU B 660 -20.31 -22.17 1.76
C LEU B 660 -19.50 -23.37 1.35
N ILE B 661 -18.58 -23.17 0.41
CA ILE B 661 -17.78 -24.25 -0.15
C ILE B 661 -16.46 -24.31 0.60
N TYR B 662 -16.07 -25.52 1.00
CA TYR B 662 -14.92 -25.65 1.87
C TYR B 662 -13.60 -25.65 1.12
N VAL B 663 -13.59 -25.96 -0.18
CA VAL B 663 -12.33 -26.14 -0.89
C VAL B 663 -11.70 -24.85 -1.36
N ASN B 664 -12.30 -23.70 -1.05
CA ASN B 664 -11.58 -22.44 -1.13
C ASN B 664 -11.55 -21.77 0.24
N PRO B 665 -10.38 -21.52 0.81
CA PRO B 665 -10.33 -20.76 2.06
C PRO B 665 -10.66 -19.28 1.87
N ARG B 666 -10.63 -18.79 0.64
CA ARG B 666 -10.91 -17.38 0.36
C ARG B 666 -12.36 -17.03 0.68
N MET B 667 -13.29 -17.94 0.38
CA MET B 667 -14.69 -17.70 0.71
C MET B 667 -14.94 -17.80 2.20
N LEU B 668 -14.19 -18.64 2.90
CA LEU B 668 -14.30 -18.72 4.35
C LEU B 668 -13.54 -17.61 5.05
N GLN B 669 -12.76 -16.81 4.32
CA GLN B 669 -12.14 -15.64 4.93
C GLN B 669 -13.17 -14.58 5.28
N TRP B 670 -14.16 -14.39 4.42
CA TRP B 670 -15.23 -13.44 4.71
C TRP B 670 -16.52 -14.10 5.16
N GLY B 671 -16.79 -15.33 4.68
CA GLY B 671 -18.12 -15.90 4.86
C GLY B 671 -18.43 -16.27 6.29
N ILE B 672 -17.48 -16.88 6.98
CA ILE B 672 -17.62 -17.24 8.39
C ILE B 672 -17.66 -15.99 9.28
N PRO B 673 -16.85 -14.93 9.08
CA PRO B 673 -17.11 -13.71 9.87
C PRO B 673 -18.42 -13.03 9.56
N MET B 674 -18.87 -13.03 8.28
CA MET B 674 -20.09 -12.30 7.91
C MET B 674 -21.31 -12.92 8.56
N ILE B 675 -21.33 -14.24 8.72
CA ILE B 675 -22.41 -14.90 9.43
C ILE B 675 -22.38 -14.53 10.90
N LYS B 676 -21.18 -14.41 11.47
CA LYS B 676 -21.06 -14.03 12.88
C LYS B 676 -21.48 -12.59 13.12
N GLU B 677 -21.14 -11.69 12.18
CA GLU B 677 -21.58 -10.30 12.35
C GLU B 677 -23.07 -10.16 12.07
N LEU B 678 -23.64 -11.04 11.25
CA LEU B 678 -25.06 -10.95 10.98
C LEU B 678 -25.87 -11.58 12.10
N ARG B 679 -25.36 -12.63 12.73
CA ARG B 679 -26.16 -13.32 13.74
C ARG B 679 -26.22 -12.57 15.06
N GLU B 680 -25.12 -11.96 15.49
CA GLU B 680 -25.16 -11.27 16.77
C GLU B 680 -25.84 -9.92 16.67
N GLN B 681 -25.94 -9.38 15.45
CA GLN B 681 -26.77 -8.22 15.24
C GLN B 681 -28.23 -8.58 15.02
N GLY B 682 -28.52 -9.86 14.81
CA GLY B 682 -29.87 -10.31 14.61
C GLY B 682 -30.19 -10.35 13.14
N PHE B 683 -30.30 -11.56 12.59
CA PHE B 683 -30.62 -11.73 11.18
C PHE B 683 -31.21 -13.12 11.02
N PRO B 684 -32.18 -13.30 10.14
CA PRO B 684 -32.85 -14.61 10.05
C PRO B 684 -32.06 -15.75 9.44
N ILE B 685 -30.74 -15.59 9.27
CA ILE B 685 -29.92 -16.71 8.81
C ILE B 685 -29.93 -17.82 9.86
N GLN B 686 -30.53 -18.96 9.49
CA GLN B 686 -30.79 -20.03 10.43
C GLN B 686 -29.91 -21.25 10.23
N SER B 687 -29.19 -21.34 9.12
CA SER B 687 -28.50 -22.57 8.78
C SER B 687 -27.19 -22.27 8.10
N LEU B 688 -26.32 -23.27 8.07
CA LEU B 688 -25.06 -23.17 7.37
C LEU B 688 -24.64 -24.57 6.96
N SER B 689 -24.60 -24.82 5.66
CA SER B 689 -24.09 -26.06 5.13
C SER B 689 -22.70 -25.83 4.57
N ILE B 690 -21.81 -26.78 4.81
CA ILE B 690 -20.45 -26.71 4.31
C ILE B 690 -20.35 -27.73 3.18
N GLY B 691 -20.33 -27.26 1.95
CA GLY B 691 -20.28 -28.14 0.81
C GLY B 691 -18.86 -28.51 0.42
N ALA B 692 -18.74 -29.69 -0.18
CA ALA B 692 -17.49 -30.23 -0.75
C ALA B 692 -16.39 -30.35 0.30
N GLY B 693 -16.67 -31.15 1.33
CA GLY B 693 -15.69 -31.39 2.36
C GLY B 693 -16.22 -31.13 3.76
N VAL B 694 -15.84 -31.97 4.70
CA VAL B 694 -16.22 -31.82 6.10
C VAL B 694 -15.11 -31.08 6.81
N PRO B 695 -15.41 -30.04 7.59
CA PRO B 695 -14.37 -29.38 8.37
C PRO B 695 -13.92 -30.28 9.51
N SER B 696 -12.69 -30.02 9.98
CA SER B 696 -12.17 -30.78 11.09
C SER B 696 -12.88 -30.39 12.39
N LEU B 697 -12.64 -31.17 13.44
CA LEU B 697 -13.45 -31.06 14.65
C LEU B 697 -13.21 -29.76 15.39
N GLU B 698 -11.99 -29.22 15.35
CA GLU B 698 -11.73 -27.97 16.06
C GLU B 698 -12.35 -26.78 15.34
N VAL B 699 -12.25 -26.73 14.01
CA VAL B 699 -12.80 -25.61 13.28
C VAL B 699 -14.32 -25.74 13.14
N ALA B 700 -14.86 -26.93 13.38
CA ALA B 700 -16.32 -27.09 13.34
C ALA B 700 -16.98 -26.45 14.55
N THR B 701 -16.38 -26.57 15.73
CA THR B 701 -17.00 -26.00 16.94
C THR B 701 -16.93 -24.48 16.98
N GLU B 702 -16.14 -23.84 16.13
CA GLU B 702 -16.32 -22.41 15.93
C GLU B 702 -17.57 -22.09 15.13
N TYR B 703 -18.13 -23.06 14.42
CA TYR B 703 -19.37 -22.83 13.68
C TYR B 703 -20.59 -23.09 14.53
N ILE B 704 -20.53 -24.09 15.40
CA ILE B 704 -21.65 -24.38 16.30
C ILE B 704 -21.75 -23.32 17.39
N GLU B 705 -20.65 -23.05 18.08
CA GLU B 705 -20.72 -22.23 19.28
C GLU B 705 -20.77 -20.75 18.96
N THR B 706 -19.90 -20.25 18.09
CA THR B 706 -19.79 -18.81 17.91
C THR B 706 -20.90 -18.26 17.01
N LEU B 707 -21.22 -18.96 15.92
CA LEU B 707 -22.31 -18.52 15.07
C LEU B 707 -23.65 -18.89 15.71
N GLY B 708 -24.67 -18.10 15.42
CA GLY B 708 -25.96 -18.34 16.01
C GLY B 708 -26.87 -19.21 15.17
N LEU B 709 -26.34 -20.28 14.61
CA LEU B 709 -27.11 -21.12 13.70
C LEU B 709 -28.09 -21.99 14.46
N ALA B 710 -29.11 -22.45 13.74
CA ALA B 710 -30.06 -23.40 14.32
C ALA B 710 -29.68 -24.84 14.02
N HIS B 711 -29.10 -25.08 12.85
CA HIS B 711 -28.67 -26.42 12.48
C HIS B 711 -27.57 -26.33 11.43
N LEU B 712 -26.58 -27.20 11.54
CA LEU B 712 -25.42 -27.20 10.66
C LEU B 712 -25.58 -28.27 9.60
N GLY B 713 -25.45 -27.88 8.33
CA GLY B 713 -25.48 -28.84 7.25
C GLY B 713 -24.08 -29.34 6.94
N LEU B 714 -23.99 -30.61 6.59
CA LEU B 714 -22.72 -31.22 6.25
C LEU B 714 -22.93 -32.18 5.09
N LYS B 715 -22.00 -32.17 4.13
CA LYS B 715 -22.09 -33.02 2.94
C LYS B 715 -20.86 -33.93 2.89
N PRO B 716 -20.87 -35.05 3.61
CA PRO B 716 -19.74 -35.97 3.52
C PRO B 716 -19.80 -36.79 2.24
N GLY B 717 -18.66 -36.91 1.59
CA GLY B 717 -18.60 -37.64 0.33
C GLY B 717 -18.06 -39.05 0.51
N SER B 718 -17.02 -39.18 1.30
CA SER B 718 -16.33 -40.45 1.46
C SER B 718 -16.96 -41.22 2.63
N ILE B 719 -16.30 -42.30 3.06
CA ILE B 719 -16.76 -43.06 4.22
C ILE B 719 -15.98 -42.71 5.47
N ASP B 720 -14.84 -42.03 5.36
CA ASP B 720 -14.17 -41.52 6.54
C ASP B 720 -14.74 -40.16 6.96
N ALA B 721 -15.30 -39.42 6.01
CA ALA B 721 -15.94 -38.15 6.33
C ALA B 721 -17.22 -38.38 7.12
N VAL B 722 -17.95 -39.45 6.79
CA VAL B 722 -19.14 -39.82 7.57
C VAL B 722 -18.74 -40.18 8.99
N ASN B 723 -17.60 -40.84 9.16
CA ASN B 723 -17.03 -41.04 10.49
C ASN B 723 -16.54 -39.74 11.09
N GLN B 724 -16.10 -38.80 10.25
CA GLN B 724 -15.64 -37.52 10.76
C GLN B 724 -16.79 -36.63 11.19
N VAL B 725 -17.96 -36.79 10.56
CA VAL B 725 -19.16 -36.06 10.97
C VAL B 725 -19.58 -36.51 12.36
N ILE B 726 -19.49 -37.81 12.62
CA ILE B 726 -19.92 -38.39 13.90
C ILE B 726 -19.05 -37.91 15.05
N THR B 727 -17.76 -37.70 14.81
CA THR B 727 -16.92 -37.11 15.84
C THR B 727 -17.24 -35.64 16.10
N ILE B 728 -17.87 -34.96 15.14
CA ILE B 728 -18.39 -33.63 15.43
C ILE B 728 -19.72 -33.73 16.15
N ALA B 729 -20.53 -34.72 15.79
CA ALA B 729 -21.83 -34.88 16.44
C ALA B 729 -21.70 -35.41 17.86
N LYS B 730 -20.78 -36.35 18.09
CA LYS B 730 -20.58 -36.87 19.42
C LYS B 730 -19.85 -35.90 20.33
N ALA B 731 -19.23 -34.86 19.77
CA ALA B 731 -18.59 -33.84 20.60
C ALA B 731 -19.63 -33.02 21.35
N HIS B 732 -20.80 -32.84 20.77
CA HIS B 732 -21.90 -32.14 21.42
C HIS B 732 -23.22 -32.68 20.88
N PRO B 733 -23.97 -33.41 21.70
CA PRO B 733 -25.16 -34.12 21.19
C PRO B 733 -26.41 -33.28 21.11
N ASN B 734 -26.35 -32.00 21.43
CA ASN B 734 -27.56 -31.18 21.49
C ASN B 734 -27.77 -30.31 20.27
N PHE B 735 -26.84 -30.32 19.32
CA PHE B 735 -27.00 -29.45 18.16
C PHE B 735 -27.42 -30.27 16.95
N PRO B 736 -28.38 -29.82 16.17
CA PRO B 736 -28.88 -30.62 15.04
C PRO B 736 -27.95 -30.63 13.84
N ILE B 737 -26.98 -31.54 13.82
CA ILE B 737 -26.05 -31.62 12.70
C ILE B 737 -26.73 -32.39 11.58
N VAL B 738 -27.02 -31.69 10.48
CA VAL B 738 -27.76 -32.27 9.37
C VAL B 738 -26.76 -32.88 8.38
N LEU B 739 -26.89 -34.19 8.15
CA LEU B 739 -25.99 -34.93 7.27
C LEU B 739 -26.69 -35.08 5.92
N GLN B 740 -26.15 -34.44 4.90
CA GLN B 740 -26.71 -34.50 3.55
C GLN B 740 -25.87 -35.49 2.76
N TRP B 741 -26.41 -36.67 2.53
CA TRP B 741 -25.68 -37.72 1.84
C TRP B 741 -26.01 -37.69 0.36
N THR B 742 -25.01 -37.40 -0.46
CA THR B 742 -25.13 -37.43 -1.91
C THR B 742 -24.03 -38.33 -2.46
N GLY B 743 -24.43 -39.31 -3.26
CA GLY B 743 -23.47 -40.26 -3.82
C GLY B 743 -22.80 -39.73 -5.06
N GLY B 744 -22.40 -40.66 -5.93
CA GLY B 744 -21.73 -40.28 -7.16
C GLY B 744 -22.72 -39.81 -8.22
N ARG B 745 -23.86 -40.46 -8.29
CA ARG B 745 -24.89 -40.10 -9.26
C ARG B 745 -25.60 -38.83 -8.83
N GLY B 746 -26.41 -38.28 -9.74
CA GLY B 746 -27.36 -37.25 -9.40
C GLY B 746 -26.82 -35.83 -9.20
N GLY B 747 -25.58 -35.70 -8.76
CA GLY B 747 -25.06 -34.40 -8.37
C GLY B 747 -24.36 -33.66 -9.48
N GLY B 748 -23.99 -32.41 -9.18
CA GLY B 748 -23.07 -31.67 -10.02
C GLY B 748 -21.62 -32.03 -9.79
N HIS B 749 -21.30 -32.64 -8.65
CA HIS B 749 -19.98 -33.18 -8.37
C HIS B 749 -20.15 -34.64 -7.93
N HIS B 750 -19.04 -35.29 -7.63
CA HIS B 750 -19.08 -36.69 -7.22
C HIS B 750 -18.78 -36.85 -5.73
N SER B 751 -19.10 -38.04 -5.24
CA SER B 751 -18.50 -38.58 -4.02
C SER B 751 -17.54 -39.72 -4.33
N PHE B 752 -17.31 -39.99 -5.63
CA PHE B 752 -16.37 -40.94 -6.23
C PHE B 752 -16.76 -42.40 -6.05
N GLU B 753 -17.81 -42.68 -5.27
CA GLU B 753 -18.16 -44.04 -4.87
C GLU B 753 -19.60 -44.33 -5.26
N ASP B 754 -20.07 -45.52 -4.86
CA ASP B 754 -21.47 -45.84 -4.99
C ASP B 754 -22.29 -44.99 -4.02
N PHE B 755 -23.57 -44.81 -4.35
CA PHE B 755 -24.43 -44.00 -3.52
C PHE B 755 -24.79 -44.72 -2.24
N HIS B 756 -25.42 -45.88 -2.37
CA HIS B 756 -25.96 -46.62 -1.22
C HIS B 756 -25.11 -47.79 -0.79
N GLN B 757 -23.83 -47.78 -1.12
CA GLN B 757 -22.90 -48.70 -0.48
C GLN B 757 -22.33 -48.22 0.86
N PRO B 758 -21.88 -46.95 1.03
CA PRO B 758 -21.36 -46.58 2.36
C PRO B 758 -22.43 -46.41 3.42
N ILE B 759 -23.59 -45.85 3.08
CA ILE B 759 -24.68 -45.76 4.05
C ILE B 759 -25.33 -47.10 4.33
N LEU B 760 -25.08 -48.12 3.51
CA LEU B 760 -25.45 -49.47 3.87
C LEU B 760 -24.56 -50.01 4.98
N GLN B 761 -23.37 -49.45 5.14
CA GLN B 761 -22.46 -49.84 6.21
C GLN B 761 -22.42 -48.87 7.37
N MET B 762 -22.82 -47.62 7.14
CA MET B 762 -22.70 -46.58 8.16
C MET B 762 -24.04 -46.12 8.70
N TYR B 763 -25.14 -46.81 8.40
CA TYR B 763 -26.42 -46.42 8.94
C TYR B 763 -26.52 -46.71 10.44
N SER B 764 -25.87 -47.78 10.89
CA SER B 764 -25.90 -48.10 12.31
C SER B 764 -25.05 -47.14 13.13
N LYS B 765 -23.93 -46.67 12.57
CA LYS B 765 -23.10 -45.71 13.28
C LYS B 765 -23.74 -44.34 13.30
N ILE B 766 -24.48 -43.99 12.25
CA ILE B 766 -25.11 -42.68 12.16
C ILE B 766 -26.27 -42.58 13.15
N ARG B 767 -27.11 -43.61 13.19
CA ARG B 767 -28.33 -43.52 13.98
C ARG B 767 -28.09 -43.64 15.47
N LYS B 768 -26.89 -44.04 15.90
CA LYS B 768 -26.57 -43.99 17.32
C LYS B 768 -26.39 -42.55 17.79
N CYS B 769 -25.91 -41.67 16.92
CA CYS B 769 -25.92 -40.24 17.19
C CYS B 769 -27.33 -39.72 16.94
N LYS B 770 -28.05 -39.39 18.00
CA LYS B 770 -29.45 -39.04 17.89
C LYS B 770 -29.68 -37.56 17.64
N ASN B 771 -28.65 -36.84 17.18
CA ASN B 771 -28.81 -35.49 16.68
C ASN B 771 -28.51 -35.37 15.20
N ILE B 772 -27.99 -36.43 14.58
CA ILE B 772 -27.71 -36.41 13.14
C ILE B 772 -28.99 -36.66 12.39
N ILE B 773 -29.29 -35.78 11.44
CA ILE B 773 -30.45 -35.90 10.57
C ILE B 773 -29.95 -36.28 9.18
N LEU B 774 -30.45 -37.40 8.68
CA LEU B 774 -29.89 -38.05 7.50
C LEU B 774 -30.77 -37.76 6.29
N ILE B 775 -30.20 -37.15 5.27
CA ILE B 775 -30.93 -36.66 4.11
C ILE B 775 -30.32 -37.25 2.85
N ALA B 776 -31.16 -37.84 2.00
CA ALA B 776 -30.71 -38.48 0.78
C ALA B 776 -30.75 -37.53 -0.40
N GLY B 777 -29.73 -37.59 -1.25
CA GLY B 777 -29.70 -36.80 -2.46
C GLY B 777 -29.57 -37.64 -3.71
N SER B 778 -28.70 -37.20 -4.63
CA SER B 778 -28.30 -37.94 -5.83
C SER B 778 -29.49 -38.21 -6.75
N GLY B 779 -30.08 -37.12 -7.25
CA GLY B 779 -31.00 -37.24 -8.36
C GLY B 779 -32.36 -37.84 -8.08
N PHE B 780 -33.18 -37.15 -7.30
CA PHE B 780 -34.57 -37.51 -7.10
C PHE B 780 -35.44 -36.49 -7.82
N GLY B 781 -36.58 -36.95 -8.34
CA GLY B 781 -37.43 -36.01 -9.04
C GLY B 781 -38.93 -36.17 -8.98
N SER B 782 -39.44 -37.11 -8.20
CA SER B 782 -40.88 -37.33 -8.12
C SER B 782 -41.19 -38.01 -6.80
N ALA B 783 -42.48 -38.16 -6.52
CA ALA B 783 -42.90 -38.74 -5.25
C ALA B 783 -42.60 -40.23 -5.19
N GLU B 784 -42.89 -40.97 -6.26
CA GLU B 784 -42.59 -42.39 -6.28
C GLU B 784 -41.10 -42.68 -6.42
N ASP B 785 -40.30 -41.69 -6.81
CA ASP B 785 -38.85 -41.88 -6.91
C ASP B 785 -38.24 -41.97 -5.53
N THR B 786 -38.68 -41.14 -4.60
CA THR B 786 -38.03 -41.01 -3.31
C THR B 786 -38.85 -41.58 -2.16
N TYR B 787 -40.05 -42.09 -2.43
CA TYR B 787 -40.80 -42.78 -1.39
C TYR B 787 -40.12 -44.04 -0.83
N PRO B 788 -39.35 -44.85 -1.57
CA PRO B 788 -38.56 -45.90 -0.89
C PRO B 788 -37.48 -45.38 0.03
N TYR B 789 -37.07 -44.12 -0.11
CA TYR B 789 -36.02 -43.59 0.75
C TYR B 789 -36.56 -43.01 2.04
N LEU B 790 -37.79 -42.49 2.05
CA LEU B 790 -38.37 -42.02 3.30
C LEU B 790 -38.79 -43.17 4.19
N THR B 791 -39.23 -44.28 3.60
CA THR B 791 -39.79 -45.37 4.37
C THR B 791 -38.79 -46.45 4.70
N GLY B 792 -37.67 -46.51 3.99
CA GLY B 792 -36.66 -47.51 4.25
C GLY B 792 -36.72 -48.73 3.36
N SER B 793 -37.61 -48.75 2.38
CA SER B 793 -37.73 -49.87 1.47
C SER B 793 -36.77 -49.78 0.29
N TRP B 794 -35.69 -49.02 0.42
CA TRP B 794 -34.64 -48.98 -0.58
C TRP B 794 -33.57 -50.01 -0.32
N SER B 795 -33.36 -50.39 0.95
CA SER B 795 -32.36 -51.37 1.30
C SER B 795 -32.90 -52.79 1.31
N HIS B 796 -34.15 -52.98 0.89
CA HIS B 796 -34.72 -54.32 0.87
C HIS B 796 -34.11 -55.16 -0.23
N GLN B 797 -33.63 -54.52 -1.28
CA GLN B 797 -33.02 -55.20 -2.41
C GLN B 797 -31.57 -55.60 -2.16
N PHE B 798 -31.05 -55.40 -0.95
CA PHE B 798 -29.70 -55.83 -0.60
C PHE B 798 -29.68 -56.83 0.54
N SER B 799 -30.84 -57.43 0.88
CA SER B 799 -31.04 -58.26 2.08
C SER B 799 -30.63 -57.51 3.34
N TYR B 800 -31.04 -56.26 3.43
CA TYR B 800 -30.83 -55.40 4.58
C TYR B 800 -32.16 -54.97 5.16
N PRO B 801 -32.22 -54.59 6.44
CA PRO B 801 -33.49 -54.11 7.00
C PRO B 801 -33.89 -52.74 6.49
N SER B 802 -35.04 -52.25 6.94
CA SER B 802 -35.48 -50.91 6.57
C SER B 802 -34.56 -49.87 7.19
N MET B 803 -33.95 -49.04 6.35
CA MET B 803 -33.12 -47.93 6.79
C MET B 803 -33.72 -46.63 6.28
N PRO B 804 -34.71 -46.08 6.98
CA PRO B 804 -35.39 -44.88 6.47
C PRO B 804 -34.62 -43.61 6.72
N PHE B 805 -34.79 -42.67 5.79
CA PHE B 805 -34.14 -41.37 5.82
C PHE B 805 -35.03 -40.32 6.47
N ASP B 806 -34.39 -39.26 6.95
CA ASP B 806 -35.11 -38.08 7.44
C ASP B 806 -35.10 -37.03 6.35
N GLY B 807 -36.03 -37.17 5.41
CA GLY B 807 -36.15 -36.21 4.34
C GLY B 807 -35.13 -36.41 3.24
N VAL B 808 -35.41 -35.76 2.10
CA VAL B 808 -34.56 -35.81 0.92
C VAL B 808 -34.37 -34.39 0.42
N LEU B 809 -33.58 -34.25 -0.64
CA LEU B 809 -33.32 -32.92 -1.17
C LEU B 809 -33.19 -32.97 -2.69
N PHE B 810 -33.80 -31.99 -3.35
CA PHE B 810 -33.91 -31.94 -4.80
C PHE B 810 -32.97 -30.89 -5.36
N GLY B 811 -32.06 -31.32 -6.23
CA GLY B 811 -31.08 -30.47 -6.87
C GLY B 811 -31.50 -30.17 -8.29
N SER B 812 -30.99 -30.94 -9.25
CA SER B 812 -31.17 -30.69 -10.68
C SER B 812 -32.62 -30.75 -11.15
N ARG B 813 -33.54 -31.33 -10.38
CA ARG B 813 -34.95 -31.29 -10.76
C ARG B 813 -35.55 -29.91 -10.60
N VAL B 814 -34.99 -29.09 -9.73
CA VAL B 814 -35.52 -27.77 -9.44
C VAL B 814 -35.11 -26.74 -10.50
N MET B 815 -34.13 -27.08 -11.36
CA MET B 815 -33.51 -26.10 -12.24
C MET B 815 -34.44 -25.58 -13.32
N THR B 816 -35.40 -26.38 -13.76
CA THR B 816 -36.41 -25.92 -14.71
C THR B 816 -37.69 -25.46 -14.01
N ALA B 817 -37.57 -24.59 -13.03
CA ALA B 817 -38.74 -24.00 -12.40
C ALA B 817 -39.04 -22.67 -13.08
N LYS B 818 -40.21 -22.11 -12.76
CA LYS B 818 -40.59 -20.84 -13.36
C LYS B 818 -39.73 -19.71 -12.81
N GLU B 819 -39.50 -19.69 -11.51
CA GLU B 819 -38.74 -18.62 -10.87
C GLU B 819 -37.24 -18.85 -10.92
N ALA B 820 -36.79 -19.98 -11.47
CA ALA B 820 -35.36 -20.20 -11.62
C ALA B 820 -34.81 -19.29 -12.71
N LYS B 821 -33.68 -18.66 -12.44
CA LYS B 821 -33.11 -17.69 -13.37
C LYS B 821 -32.26 -18.32 -14.46
N THR B 822 -32.34 -19.63 -14.66
CA THR B 822 -31.74 -20.22 -15.85
C THR B 822 -32.56 -19.81 -17.07
N SER B 823 -31.89 -19.75 -18.19
CA SER B 823 -32.50 -19.21 -19.39
C SER B 823 -33.44 -20.25 -20.03
N PRO B 824 -34.50 -19.80 -20.71
CA PRO B 824 -35.48 -20.74 -21.24
C PRO B 824 -34.97 -21.63 -22.35
N ALA B 825 -33.90 -21.25 -23.04
CA ALA B 825 -33.29 -22.17 -23.99
C ALA B 825 -32.49 -23.25 -23.27
N ALA B 826 -32.03 -22.97 -22.05
CA ALA B 826 -31.31 -23.94 -21.25
C ALA B 826 -32.23 -24.77 -20.39
N LYS B 827 -33.47 -24.32 -20.17
CA LYS B 827 -34.43 -25.14 -19.44
C LYS B 827 -34.88 -26.32 -20.28
N GLN B 828 -35.14 -26.09 -21.57
CA GLN B 828 -35.53 -27.17 -22.46
C GLN B 828 -34.37 -28.09 -22.80
N ALA B 829 -33.14 -27.62 -22.69
CA ALA B 829 -32.00 -28.51 -22.85
C ALA B 829 -31.84 -29.47 -21.69
N ILE B 830 -32.44 -29.15 -20.54
CA ILE B 830 -32.49 -30.09 -19.42
C ILE B 830 -33.60 -31.12 -19.65
N ALA B 831 -34.73 -30.67 -20.20
CA ALA B 831 -35.86 -31.56 -20.41
C ALA B 831 -35.59 -32.59 -21.50
N ASP B 832 -34.91 -32.18 -22.58
CA ASP B 832 -34.57 -33.11 -23.65
C ASP B 832 -33.45 -34.05 -23.27
N CYS B 833 -32.69 -33.74 -22.23
CA CYS B 833 -31.72 -34.68 -21.69
C CYS B 833 -32.45 -35.82 -21.00
N THR B 834 -32.12 -37.05 -21.36
CA THR B 834 -32.75 -38.21 -20.78
C THR B 834 -31.87 -38.81 -19.68
N GLY B 835 -32.52 -39.36 -18.66
CA GLY B 835 -31.85 -39.80 -17.45
C GLY B 835 -31.63 -41.29 -17.42
N VAL B 836 -30.73 -41.71 -16.54
CA VAL B 836 -30.45 -43.12 -16.34
C VAL B 836 -30.93 -43.55 -14.97
N ASP B 837 -30.91 -44.85 -14.72
CA ASP B 837 -31.33 -45.39 -13.44
C ASP B 837 -30.20 -45.25 -12.40
N ASN B 838 -30.47 -45.74 -11.19
CA ASN B 838 -29.54 -45.60 -10.08
C ASN B 838 -28.31 -46.51 -10.20
N SER B 839 -28.29 -47.40 -11.20
CA SER B 839 -27.24 -48.39 -11.36
C SER B 839 -26.20 -47.97 -12.40
N GLN B 840 -26.64 -47.69 -13.63
CA GLN B 840 -25.72 -47.39 -14.73
C GLN B 840 -25.50 -45.88 -14.81
N TRP B 841 -24.90 -45.34 -13.76
CA TRP B 841 -24.42 -43.97 -13.78
C TRP B 841 -22.91 -43.87 -13.96
N GLU B 842 -22.18 -44.98 -13.89
CA GLU B 842 -20.72 -44.95 -13.94
C GLU B 842 -20.18 -44.94 -15.36
N ASN B 843 -21.04 -44.97 -16.37
CA ASN B 843 -20.60 -44.85 -17.75
C ASN B 843 -20.62 -43.40 -18.23
N THR B 844 -20.44 -42.44 -17.32
CA THR B 844 -20.44 -41.04 -17.73
C THR B 844 -19.06 -40.61 -18.22
N TYR B 845 -17.99 -41.20 -17.68
CA TYR B 845 -16.64 -40.84 -18.14
C TYR B 845 -16.23 -41.62 -19.38
N LYS B 846 -17.14 -42.38 -19.99
CA LYS B 846 -16.89 -43.00 -21.28
C LYS B 846 -17.78 -42.42 -22.37
N LYS B 847 -19.08 -42.46 -22.18
CA LYS B 847 -20.06 -42.07 -23.20
C LYS B 847 -21.06 -41.09 -22.59
N PRO B 848 -21.75 -40.31 -23.43
CA PRO B 848 -22.90 -39.56 -22.95
C PRO B 848 -24.06 -40.48 -22.57
N THR B 849 -24.52 -40.35 -21.33
CA THR B 849 -25.60 -41.20 -20.83
C THR B 849 -26.93 -40.48 -20.98
N GLY B 850 -27.38 -40.42 -22.23
CA GLY B 850 -28.54 -39.62 -22.56
C GLY B 850 -28.26 -38.15 -22.74
N GLY B 851 -27.00 -37.73 -22.65
CA GLY B 851 -26.65 -36.34 -22.81
C GLY B 851 -25.94 -35.75 -21.61
N ILE B 852 -25.27 -36.57 -20.81
CA ILE B 852 -24.53 -36.10 -19.64
C ILE B 852 -23.20 -36.83 -19.58
N ILE B 853 -22.11 -36.07 -19.50
CA ILE B 853 -20.77 -36.60 -19.30
C ILE B 853 -20.17 -35.95 -18.05
N THR B 854 -18.98 -36.41 -17.68
CA THR B 854 -18.19 -35.76 -16.64
C THR B 854 -16.89 -35.24 -17.24
N VAL B 855 -16.51 -34.04 -16.84
CA VAL B 855 -15.23 -33.45 -17.19
C VAL B 855 -14.52 -33.07 -15.89
N ARG B 856 -13.26 -32.67 -16.02
CA ARG B 856 -12.54 -32.20 -14.85
C ARG B 856 -13.02 -30.79 -14.49
N SER B 857 -12.78 -30.41 -13.25
CA SER B 857 -13.17 -29.10 -12.79
C SER B 857 -12.01 -28.12 -12.97
N GLU B 858 -12.16 -26.92 -12.40
CA GLU B 858 -11.12 -25.90 -12.48
C GLU B 858 -9.90 -26.33 -11.67
N MET B 859 -10.11 -26.92 -10.49
CA MET B 859 -9.07 -27.50 -9.69
C MET B 859 -8.89 -28.99 -9.95
N GLY B 860 -9.88 -29.63 -10.57
CA GLY B 860 -9.83 -31.02 -10.98
C GLY B 860 -10.72 -31.88 -10.11
N GLU B 861 -11.96 -32.07 -10.55
CA GLU B 861 -13.00 -32.84 -9.89
C GLU B 861 -13.90 -33.30 -11.02
N PRO B 862 -14.39 -34.52 -10.97
CA PRO B 862 -15.31 -34.98 -12.00
C PRO B 862 -16.69 -34.38 -11.89
N ILE B 863 -16.83 -33.20 -12.48
CA ILE B 863 -18.04 -32.41 -12.40
C ILE B 863 -18.99 -32.85 -13.51
N HIS B 864 -20.26 -33.05 -13.15
CA HIS B 864 -21.27 -33.48 -14.11
C HIS B 864 -21.78 -32.30 -14.92
N LYS B 865 -21.96 -32.50 -16.21
CA LYS B 865 -22.50 -31.48 -17.10
C LYS B 865 -23.38 -32.14 -18.14
N ILE B 866 -24.31 -31.36 -18.67
CA ILE B 866 -25.06 -31.77 -19.85
C ILE B 866 -24.09 -31.82 -21.03
N ALA B 867 -24.07 -32.95 -21.75
CA ALA B 867 -23.16 -33.12 -22.87
C ALA B 867 -23.63 -32.28 -24.05
N THR B 868 -23.22 -31.01 -24.02
CA THR B 868 -23.40 -30.10 -25.13
C THR B 868 -22.10 -30.02 -25.92
N ARG B 869 -22.09 -29.19 -26.96
CA ARG B 869 -20.91 -29.07 -27.80
C ARG B 869 -19.77 -28.36 -27.09
N GLY B 870 -20.07 -27.54 -26.08
CA GLY B 870 -19.04 -26.92 -25.29
C GLY B 870 -18.40 -27.87 -24.32
N VAL B 871 -19.18 -28.79 -23.77
CA VAL B 871 -18.63 -29.75 -22.83
C VAL B 871 -17.90 -30.87 -23.57
N MET B 872 -18.35 -31.22 -24.78
CA MET B 872 -17.59 -32.17 -25.58
C MET B 872 -16.24 -31.62 -25.99
N LEU B 873 -16.15 -30.30 -26.19
CA LEU B 873 -14.84 -29.68 -26.39
C LEU B 873 -14.07 -29.62 -25.08
N TRP B 874 -14.77 -29.39 -23.96
CA TRP B 874 -14.15 -29.42 -22.64
C TRP B 874 -13.61 -30.81 -22.33
N LYS B 875 -14.37 -31.85 -22.69
CA LYS B 875 -13.92 -33.21 -22.45
C LYS B 875 -12.74 -33.57 -23.33
N GLU B 876 -12.76 -33.13 -24.59
CA GLU B 876 -11.70 -33.46 -25.53
C GLU B 876 -10.38 -32.81 -25.15
N LEU B 877 -10.42 -31.56 -24.71
CA LEU B 877 -9.19 -30.87 -24.31
C LEU B 877 -8.64 -31.39 -22.99
N ASP B 878 -9.47 -32.00 -22.14
CA ASP B 878 -8.94 -32.64 -20.94
C ASP B 878 -8.11 -33.88 -21.30
N ASP B 879 -8.58 -34.66 -22.27
CA ASP B 879 -7.95 -35.92 -22.59
C ASP B 879 -6.89 -35.80 -23.69
N THR B 880 -6.62 -34.59 -24.16
CA THR B 880 -5.63 -34.40 -25.21
C THR B 880 -4.61 -33.33 -24.87
N ILE B 881 -5.00 -32.30 -24.12
CA ILE B 881 -4.09 -31.20 -23.83
C ILE B 881 -3.97 -30.96 -22.33
N PHE B 882 -5.11 -30.81 -21.64
CA PHE B 882 -5.11 -30.29 -20.27
C PHE B 882 -4.53 -31.25 -19.23
N THR B 883 -4.31 -32.50 -19.58
CA THR B 883 -3.71 -33.48 -18.68
C THR B 883 -2.35 -33.93 -19.19
N LEU B 884 -1.54 -32.98 -19.63
CA LEU B 884 -0.19 -33.18 -20.13
C LEU B 884 0.80 -32.49 -19.21
N PRO B 885 2.09 -32.86 -19.28
CA PRO B 885 3.10 -32.11 -18.51
C PRO B 885 3.32 -30.71 -19.05
N LYS B 886 4.16 -29.95 -18.30
CA LYS B 886 4.66 -28.64 -18.72
C LYS B 886 5.19 -28.60 -20.15
N ASN B 887 6.12 -29.48 -20.48
CA ASN B 887 6.78 -29.38 -21.77
C ASN B 887 5.90 -29.88 -22.91
N LYS B 888 5.22 -31.01 -22.72
CA LYS B 888 4.51 -31.66 -23.83
C LYS B 888 3.20 -30.97 -24.18
N MET B 889 2.71 -30.08 -23.31
CA MET B 889 1.42 -29.42 -23.57
C MET B 889 1.53 -28.42 -24.70
N LEU B 890 2.67 -27.74 -24.81
CA LEU B 890 2.78 -26.59 -25.71
C LEU B 890 2.84 -27.01 -27.17
N GLU B 891 3.45 -28.16 -27.50
CA GLU B 891 3.44 -28.58 -28.90
C GLU B 891 2.12 -29.23 -29.28
N ALA B 892 1.43 -29.87 -28.32
CA ALA B 892 0.08 -30.34 -28.60
C ALA B 892 -0.87 -29.17 -28.80
N ILE B 893 -0.59 -28.05 -28.12
CA ILE B 893 -1.23 -26.78 -28.46
C ILE B 893 -0.77 -26.34 -29.84
N ALA B 894 0.53 -26.42 -30.11
CA ALA B 894 1.07 -25.95 -31.39
C ALA B 894 0.66 -26.84 -32.56
N LYS B 895 0.43 -28.13 -32.31
CA LYS B 895 -0.02 -29.00 -33.38
C LYS B 895 -1.46 -28.72 -33.75
N LYS B 896 -2.32 -28.54 -32.76
CA LYS B 896 -3.76 -28.40 -32.98
C LYS B 896 -4.23 -26.97 -32.75
N LYS B 897 -3.36 -25.99 -32.96
CA LYS B 897 -3.74 -24.58 -32.78
C LYS B 897 -4.80 -24.17 -33.78
N ASP B 898 -4.63 -24.57 -35.04
CA ASP B 898 -5.62 -24.28 -36.06
C ASP B 898 -6.90 -25.07 -35.83
N TYR B 899 -6.80 -26.23 -35.19
CA TYR B 899 -7.97 -27.06 -34.96
C TYR B 899 -8.75 -26.61 -33.74
N ILE B 900 -8.05 -26.14 -32.70
CA ILE B 900 -8.72 -25.67 -31.48
C ILE B 900 -9.51 -24.40 -31.75
N ILE B 901 -8.95 -23.49 -32.56
CA ILE B 901 -9.55 -22.18 -32.81
C ILE B 901 -10.87 -22.31 -33.55
N LYS B 902 -10.96 -23.29 -34.46
CA LYS B 902 -12.24 -23.55 -35.12
C LYS B 902 -13.28 -24.09 -34.16
N LYS B 903 -12.85 -24.78 -33.11
CA LYS B 903 -13.78 -25.30 -32.12
C LYS B 903 -14.22 -24.22 -31.14
N LEU B 904 -13.30 -23.34 -30.75
CA LEU B 904 -13.64 -22.28 -29.81
C LEU B 904 -14.61 -21.28 -30.43
N ASN B 905 -14.40 -20.95 -31.70
CA ASN B 905 -15.26 -19.98 -32.36
C ASN B 905 -16.60 -20.56 -32.79
N ALA B 906 -16.79 -21.87 -32.68
CA ALA B 906 -18.02 -22.50 -33.13
C ALA B 906 -18.71 -23.37 -32.10
N ASP B 907 -17.98 -23.88 -31.09
CA ASP B 907 -18.58 -24.79 -30.13
C ASP B 907 -18.48 -24.36 -28.69
N TYR B 908 -17.64 -23.40 -28.34
CA TYR B 908 -17.47 -23.02 -26.94
C TYR B 908 -18.06 -21.64 -26.69
N GLN B 909 -18.44 -21.40 -25.43
CA GLN B 909 -19.06 -20.15 -25.03
C GLN B 909 -18.06 -19.01 -24.92
N LYS B 910 -16.78 -19.31 -24.80
CA LYS B 910 -15.72 -18.30 -24.80
C LYS B 910 -15.02 -18.38 -26.14
N PRO B 911 -15.43 -17.60 -27.14
CA PRO B 911 -14.88 -17.75 -28.48
C PRO B 911 -13.44 -17.24 -28.56
N TRP B 912 -12.79 -17.60 -29.65
CA TRP B 912 -11.47 -17.07 -29.94
C TRP B 912 -11.57 -15.59 -30.23
N PHE B 913 -10.80 -14.79 -29.48
CA PHE B 913 -10.98 -13.35 -29.49
C PHE B 913 -10.53 -12.74 -30.81
N ALA B 914 -9.33 -13.07 -31.25
CA ALA B 914 -8.68 -12.36 -32.34
C ALA B 914 -9.33 -12.68 -33.68
N LYS B 915 -9.60 -11.64 -34.44
CA LYS B 915 -10.35 -11.74 -35.68
C LYS B 915 -10.14 -10.46 -36.47
N ASN B 916 -9.87 -10.59 -37.76
CA ASN B 916 -9.85 -9.44 -38.65
C ASN B 916 -10.48 -9.91 -39.97
N GLU B 917 -10.29 -9.13 -41.02
CA GLU B 917 -10.56 -9.67 -42.34
C GLU B 917 -9.52 -10.74 -42.67
N LYS B 918 -9.88 -11.60 -43.62
CA LYS B 918 -9.22 -12.90 -43.86
C LYS B 918 -9.18 -13.74 -42.57
N GLY B 919 -10.35 -13.90 -41.97
CA GLY B 919 -10.58 -14.87 -40.92
C GLY B 919 -9.93 -14.55 -39.58
N THR B 920 -9.71 -15.62 -38.81
CA THR B 920 -9.12 -15.50 -37.49
C THR B 920 -7.62 -15.24 -37.61
N CYS B 921 -7.03 -14.80 -36.51
CA CYS B 921 -5.64 -14.39 -36.48
C CYS B 921 -5.14 -14.49 -35.04
N ASP B 922 -3.99 -13.89 -34.78
CA ASP B 922 -3.48 -13.69 -33.44
C ASP B 922 -3.84 -12.29 -32.96
N LEU B 923 -3.60 -12.04 -31.67
CA LEU B 923 -3.91 -10.73 -31.11
C LEU B 923 -3.05 -9.64 -31.69
N GLU B 924 -1.84 -9.97 -32.12
CA GLU B 924 -0.92 -8.99 -32.70
C GLU B 924 -1.21 -8.71 -34.16
N ASP B 925 -2.24 -9.28 -34.74
CA ASP B 925 -2.60 -9.02 -36.12
C ASP B 925 -3.77 -8.06 -36.26
N MET B 926 -4.35 -7.62 -35.15
CA MET B 926 -5.47 -6.69 -35.19
C MET B 926 -5.00 -5.27 -34.93
N THR B 927 -5.65 -4.32 -35.59
CA THR B 927 -5.37 -2.92 -35.32
C THR B 927 -6.01 -2.53 -33.99
N TYR B 928 -5.69 -1.32 -33.53
CA TYR B 928 -6.21 -0.85 -32.26
C TYR B 928 -7.71 -0.61 -32.31
N LYS B 929 -8.25 -0.32 -33.49
CA LYS B 929 -9.69 -0.16 -33.63
C LYS B 929 -10.39 -1.51 -33.68
N GLN B 930 -9.77 -2.49 -34.32
CA GLN B 930 -10.38 -3.82 -34.42
C GLN B 930 -10.45 -4.52 -33.07
N ILE B 931 -9.54 -4.19 -32.16
CA ILE B 931 -9.61 -4.76 -30.83
C ILE B 931 -10.72 -4.09 -30.02
N ALA B 932 -10.79 -2.76 -30.08
CA ALA B 932 -11.72 -2.00 -29.24
C ALA B 932 -13.17 -2.23 -29.63
N GLU B 933 -13.45 -2.64 -30.86
CA GLU B 933 -14.81 -2.92 -31.27
C GLU B 933 -15.12 -4.41 -31.32
N ARG B 934 -14.12 -5.26 -31.07
CA ARG B 934 -14.39 -6.67 -30.82
C ARG B 934 -14.74 -6.92 -29.37
N LEU B 935 -14.20 -6.08 -28.46
CA LEU B 935 -14.61 -6.13 -27.07
C LEU B 935 -16.09 -5.79 -26.91
N VAL B 936 -16.53 -4.70 -27.54
CA VAL B 936 -17.94 -4.33 -27.53
C VAL B 936 -18.80 -5.37 -28.25
N GLU B 937 -18.21 -6.07 -29.21
CA GLU B 937 -18.90 -7.19 -29.82
C GLU B 937 -19.05 -8.36 -28.86
N LEU B 938 -18.16 -8.49 -27.89
CA LEU B 938 -18.12 -9.66 -27.03
C LEU B 938 -18.59 -9.42 -25.61
N MET B 939 -18.36 -8.25 -25.03
CA MET B 939 -18.78 -8.02 -23.65
C MET B 939 -19.81 -6.90 -23.53
N TYR B 940 -20.52 -6.59 -24.59
CA TYR B 940 -21.65 -5.66 -24.52
C TYR B 940 -22.83 -6.28 -25.24
N VAL B 941 -23.97 -6.34 -24.56
CA VAL B 941 -25.18 -6.91 -25.13
C VAL B 941 -25.95 -5.81 -25.85
N ARG B 942 -26.42 -6.12 -27.05
CA ARG B 942 -27.11 -5.12 -27.86
C ARG B 942 -28.61 -5.12 -27.65
N LYS B 943 -29.22 -6.28 -27.41
CA LYS B 943 -30.66 -6.36 -27.25
C LYS B 943 -31.09 -5.77 -25.91
N SER B 944 -30.37 -6.10 -24.85
CA SER B 944 -30.71 -5.62 -23.53
C SER B 944 -29.94 -4.36 -23.13
N GLN B 945 -28.99 -3.92 -23.97
CA GLN B 945 -28.26 -2.66 -23.84
C GLN B 945 -27.52 -2.56 -22.50
N ARG B 946 -26.61 -3.50 -22.29
CA ARG B 946 -25.83 -3.52 -21.06
C ARG B 946 -24.50 -4.20 -21.33
N TRP B 947 -23.56 -3.98 -20.43
CA TRP B 947 -22.34 -4.75 -20.42
C TRP B 947 -22.55 -6.05 -19.66
N ILE B 948 -21.57 -6.94 -19.73
CA ILE B 948 -21.64 -8.15 -18.94
C ILE B 948 -21.36 -7.84 -17.49
N ASP B 949 -20.34 -7.05 -17.23
CA ASP B 949 -19.96 -6.66 -15.89
C ASP B 949 -19.49 -5.20 -15.93
N VAL B 950 -19.53 -4.55 -14.77
CA VAL B 950 -19.00 -3.20 -14.68
C VAL B 950 -17.48 -3.22 -14.75
N THR B 951 -16.85 -4.31 -14.30
CA THR B 951 -15.39 -4.43 -14.42
C THR B 951 -14.98 -4.71 -15.86
N LEU B 952 -15.86 -5.31 -16.65
CA LEU B 952 -15.59 -5.48 -18.07
C LEU B 952 -15.82 -4.20 -18.85
N ARG B 953 -16.58 -3.26 -18.31
CA ARG B 953 -16.70 -1.96 -18.95
C ARG B 953 -15.47 -1.11 -18.67
N ASN B 954 -14.92 -1.20 -17.46
CA ASN B 954 -13.71 -0.46 -17.16
C ASN B 954 -12.48 -1.08 -17.83
N PHE B 955 -12.52 -2.37 -18.13
CA PHE B 955 -11.43 -2.99 -18.88
C PHE B 955 -11.41 -2.49 -20.31
N THR B 956 -12.59 -2.24 -20.89
CA THR B 956 -12.66 -1.61 -22.20
C THR B 956 -12.24 -0.15 -22.13
N GLY B 957 -12.54 0.53 -21.03
CA GLY B 957 -12.15 1.92 -20.90
C GLY B 957 -10.67 2.08 -20.61
N LYS B 958 -10.09 1.13 -19.87
CA LYS B 958 -8.65 1.16 -19.64
C LYS B 958 -7.89 0.85 -20.92
N PHE B 959 -8.51 0.12 -21.85
CA PHE B 959 -7.89 -0.08 -23.15
C PHE B 959 -7.97 1.17 -23.99
N LEU B 960 -9.10 1.89 -23.94
CA LEU B 960 -9.25 3.13 -24.71
C LEU B 960 -8.35 4.23 -24.19
N ARG B 961 -8.00 4.20 -22.90
CA ARG B 961 -7.00 5.12 -22.39
C ARG B 961 -5.59 4.71 -22.79
N ARG B 962 -5.39 3.46 -23.19
CA ARG B 962 -4.11 3.04 -23.73
C ARG B 962 -3.98 3.41 -25.20
N ILE B 963 -5.11 3.55 -25.90
CA ILE B 963 -5.08 4.10 -27.26
C ILE B 963 -4.61 5.55 -27.23
N GLU B 964 -5.20 6.35 -26.33
CA GLU B 964 -4.86 7.76 -26.26
C GLU B 964 -3.46 7.99 -25.73
N GLU B 965 -2.99 7.12 -24.84
CA GLU B 965 -1.62 7.25 -24.34
C GLU B 965 -0.60 6.94 -25.42
N ARG B 966 -0.93 6.04 -26.34
CA ARG B 966 0.04 5.60 -27.33
C ARG B 966 0.28 6.66 -28.39
N PHE B 967 -0.77 7.35 -28.81
CA PHE B 967 -0.73 8.24 -29.97
C PHE B 967 -0.77 9.71 -29.57
N ALA B 968 -0.12 10.06 -28.47
CA ALA B 968 -0.42 11.29 -27.76
C ALA B 968 0.50 12.45 -28.11
N THR B 969 0.39 13.50 -27.30
CA THR B 969 0.93 14.85 -27.47
C THR B 969 2.34 14.97 -26.90
N LYS B 970 2.78 16.21 -26.68
CA LYS B 970 4.11 16.48 -26.15
C LYS B 970 4.23 16.07 -24.69
N VAL B 971 3.38 16.61 -23.82
CA VAL B 971 3.55 16.40 -22.39
C VAL B 971 2.29 15.95 -21.67
N GLY B 972 1.09 16.12 -22.23
CA GLY B 972 -0.09 15.66 -21.53
C GLY B 972 -1.32 16.49 -21.80
N THR B 973 -2.43 15.82 -22.12
CA THR B 973 -3.67 16.50 -22.49
C THR B 973 -4.83 15.75 -21.87
N ILE B 974 -6.02 16.11 -22.31
CA ILE B 974 -7.26 15.72 -21.66
C ILE B 974 -7.75 14.42 -22.26
N SER B 975 -8.02 13.44 -21.40
CA SER B 975 -8.58 12.18 -21.85
C SER B 975 -10.00 12.37 -22.37
N LEU B 976 -10.29 11.73 -23.50
CA LEU B 976 -11.65 11.78 -24.03
C LEU B 976 -12.60 10.94 -23.21
N ILE B 977 -12.07 9.93 -22.52
CA ILE B 977 -12.86 9.12 -21.59
C ILE B 977 -12.50 9.65 -20.20
N GLN B 978 -13.26 10.64 -19.74
CA GLN B 978 -12.94 11.26 -18.46
C GLN B 978 -13.42 10.40 -17.30
N ASN B 979 -14.48 9.61 -17.52
CA ASN B 979 -14.88 8.56 -16.60
C ASN B 979 -15.51 7.46 -17.44
N PHE B 980 -15.46 6.24 -16.92
CA PHE B 980 -15.94 5.10 -17.70
C PHE B 980 -17.45 4.99 -17.76
N SER B 981 -18.18 5.92 -17.15
CA SER B 981 -19.63 5.91 -17.19
C SER B 981 -20.18 6.29 -18.56
N GLN B 982 -19.36 6.90 -19.42
CA GLN B 982 -19.81 7.28 -20.75
C GLN B 982 -19.67 6.15 -21.75
N LEU B 983 -19.30 4.96 -21.29
CA LEU B 983 -19.23 3.78 -22.15
C LEU B 983 -20.53 3.00 -22.15
N GLU B 984 -21.60 3.56 -21.58
CA GLU B 984 -22.90 2.93 -21.75
C GLU B 984 -23.42 3.11 -23.17
N GLU B 985 -23.02 4.18 -23.82
CA GLU B 985 -23.15 4.32 -25.26
C GLU B 985 -21.78 4.09 -25.86
N PRO B 986 -21.46 2.84 -26.24
CA PRO B 986 -20.05 2.52 -26.54
C PRO B 986 -19.57 3.03 -27.89
N GLU B 987 -20.47 3.23 -28.86
CA GLU B 987 -20.03 3.77 -30.14
C GLU B 987 -19.65 5.23 -30.04
N LYS B 988 -20.32 5.99 -29.17
CA LYS B 988 -20.03 7.40 -29.04
C LYS B 988 -18.68 7.65 -28.38
N ALA B 989 -18.22 6.71 -27.56
CA ALA B 989 -16.89 6.82 -26.96
C ALA B 989 -15.82 6.24 -27.86
N ILE B 990 -16.16 5.25 -28.68
CA ILE B 990 -15.18 4.68 -29.59
C ILE B 990 -14.90 5.65 -30.74
N ASP B 991 -15.95 6.17 -31.37
CA ASP B 991 -15.77 7.07 -32.50
C ASP B 991 -15.15 8.40 -32.11
N SER B 992 -15.24 8.80 -30.86
CA SER B 992 -14.57 10.01 -30.41
C SER B 992 -13.08 9.79 -30.18
N VAL B 993 -12.66 8.54 -29.94
CA VAL B 993 -11.24 8.28 -29.72
C VAL B 993 -10.50 8.12 -31.04
N PHE B 994 -11.09 7.36 -31.96
CA PHE B 994 -10.46 7.19 -33.27
C PHE B 994 -10.73 8.33 -34.22
N LYS B 995 -11.37 9.40 -33.76
CA LYS B 995 -11.37 10.68 -34.45
C LYS B 995 -10.18 11.53 -34.04
N ALA B 996 -9.86 11.55 -32.75
CA ALA B 996 -8.69 12.29 -32.28
C ALA B 996 -7.39 11.61 -32.67
N TYR B 997 -7.41 10.28 -32.78
CA TYR B 997 -6.22 9.49 -33.09
C TYR B 997 -6.55 8.59 -34.26
N PRO B 998 -6.52 9.12 -35.48
CA PRO B 998 -7.05 8.36 -36.64
C PRO B 998 -6.14 7.25 -37.11
N GLU B 999 -4.84 7.30 -36.83
CA GLU B 999 -3.98 6.20 -37.27
C GLU B 999 -4.02 5.02 -36.31
N ALA B 1000 -4.75 5.13 -35.20
CA ALA B 1000 -5.06 3.96 -34.40
C ALA B 1000 -5.99 3.00 -35.11
N ALA B 1001 -6.75 3.48 -36.10
CA ALA B 1001 -7.64 2.63 -36.87
C ALA B 1001 -6.90 1.81 -37.92
N SER B 1002 -5.60 2.00 -38.09
CA SER B 1002 -4.85 1.29 -39.11
C SER B 1002 -3.57 0.64 -38.60
N GLN B 1003 -3.05 1.03 -37.45
CA GLN B 1003 -1.81 0.47 -36.93
C GLN B 1003 -2.11 -0.71 -36.02
N LEU B 1004 -1.38 -1.80 -36.19
CA LEU B 1004 -1.54 -2.96 -35.33
C LEU B 1004 -1.05 -2.66 -33.93
N ILE B 1005 -1.42 -3.52 -33.00
CA ILE B 1005 -1.11 -3.32 -31.60
C ILE B 1005 0.31 -3.78 -31.32
N ASN B 1006 1.04 -3.04 -30.49
CA ASN B 1006 2.38 -3.42 -30.08
C ASN B 1006 2.36 -4.70 -29.27
N GLU B 1007 3.51 -5.34 -29.15
CA GLU B 1007 3.62 -6.48 -28.26
C GLU B 1007 3.68 -6.04 -26.81
N GLU B 1008 4.05 -4.79 -26.55
CA GLU B 1008 3.99 -4.28 -25.19
C GLU B 1008 2.55 -4.05 -24.76
N ASP B 1009 1.71 -3.54 -25.65
CA ASP B 1009 0.30 -3.39 -25.33
C ASP B 1009 -0.45 -4.71 -25.35
N CYS B 1010 0.07 -5.72 -26.05
CA CYS B 1010 -0.51 -7.05 -25.97
C CYS B 1010 -0.21 -7.70 -24.63
N ASP B 1011 0.96 -7.42 -24.06
CA ASP B 1011 1.26 -7.90 -22.72
C ASP B 1011 0.39 -7.21 -21.68
N TRP B 1012 0.02 -5.95 -21.93
CA TRP B 1012 -0.93 -5.27 -21.06
C TRP B 1012 -2.32 -5.89 -21.17
N PHE B 1013 -2.72 -6.25 -22.39
CA PHE B 1013 -4.05 -6.82 -22.61
C PHE B 1013 -4.17 -8.20 -21.99
N LEU B 1014 -3.08 -8.95 -21.93
CA LEU B 1014 -3.13 -10.29 -21.37
C LEU B 1014 -2.87 -10.30 -19.87
N LEU B 1015 -2.20 -9.29 -19.34
CA LEU B 1015 -2.03 -9.20 -17.90
C LEU B 1015 -3.25 -8.59 -17.21
N GLU B 1016 -3.97 -7.72 -17.91
CA GLU B 1016 -5.20 -7.19 -17.35
C GLU B 1016 -6.32 -8.20 -17.38
N ALA B 1017 -6.27 -9.15 -18.32
CA ALA B 1017 -7.30 -10.17 -18.38
C ALA B 1017 -7.17 -11.18 -17.25
N GLN B 1018 -5.95 -11.43 -16.79
CA GLN B 1018 -5.71 -12.27 -15.61
C GLN B 1018 -5.60 -11.44 -14.35
N SER B 1019 -6.56 -10.57 -14.10
CA SER B 1019 -6.43 -9.77 -12.90
C SER B 1019 -7.55 -10.08 -11.93
N PRO B 1020 -7.26 -10.14 -10.63
CA PRO B 1020 -8.33 -10.26 -9.64
C PRO B 1020 -9.09 -8.95 -9.53
N THR B 1021 -10.20 -9.01 -8.78
CA THR B 1021 -11.21 -7.94 -8.70
C THR B 1021 -11.71 -7.56 -10.09
N GLN B 1022 -11.92 -8.58 -10.93
CA GLN B 1022 -12.38 -8.40 -12.29
C GLN B 1022 -13.01 -9.71 -12.73
N LYS B 1023 -14.13 -9.60 -13.43
CA LYS B 1023 -14.73 -10.79 -14.03
C LYS B 1023 -13.78 -11.33 -15.08
N PRO B 1024 -13.54 -12.63 -15.14
CA PRO B 1024 -12.75 -13.21 -16.24
C PRO B 1024 -13.39 -12.94 -17.59
N VAL B 1025 -12.53 -12.82 -18.59
CA VAL B 1025 -12.94 -12.35 -19.91
C VAL B 1025 -13.81 -13.40 -20.59
N PRO B 1026 -14.83 -13.00 -21.35
CA PRO B 1026 -15.70 -13.98 -22.00
C PRO B 1026 -15.15 -14.53 -23.29
N PHE B 1027 -13.85 -14.42 -23.51
CA PHE B 1027 -13.20 -14.93 -24.70
C PHE B 1027 -11.92 -15.63 -24.29
N ILE B 1028 -11.22 -16.18 -25.28
CA ILE B 1028 -9.90 -16.74 -25.06
C ILE B 1028 -8.93 -15.95 -25.93
N PRO B 1029 -7.99 -15.24 -25.35
CA PRO B 1029 -7.10 -14.39 -26.15
C PRO B 1029 -5.89 -15.11 -26.71
N VAL B 1030 -5.43 -16.15 -26.03
CA VAL B 1030 -4.15 -16.77 -26.35
C VAL B 1030 -4.20 -18.25 -26.01
N LEU B 1031 -3.50 -19.05 -26.82
CA LEU B 1031 -3.17 -20.44 -26.49
C LEU B 1031 -1.75 -20.47 -25.96
N ASP B 1032 -1.60 -20.86 -24.70
CA ASP B 1032 -0.35 -20.72 -23.99
C ASP B 1032 -0.40 -21.73 -22.85
N GLU B 1033 0.50 -21.60 -21.87
CA GLU B 1033 0.36 -22.37 -20.65
C GLU B 1033 -0.84 -21.93 -19.84
N ARG B 1034 -1.29 -20.69 -20.02
CA ARG B 1034 -2.45 -20.15 -19.34
C ARG B 1034 -3.73 -20.35 -20.12
N PHE B 1035 -3.73 -21.27 -21.10
CA PHE B 1035 -4.94 -21.57 -21.85
C PHE B 1035 -5.96 -22.26 -20.96
N GLU B 1036 -5.52 -23.10 -20.02
CA GLU B 1036 -6.43 -23.71 -19.08
C GLU B 1036 -7.01 -22.70 -18.10
N PHE B 1037 -6.32 -21.58 -17.86
CA PHE B 1037 -6.91 -20.53 -17.05
C PHE B 1037 -8.07 -19.87 -17.78
N PHE B 1038 -7.87 -19.49 -19.03
CA PHE B 1038 -8.92 -18.79 -19.77
C PHE B 1038 -10.06 -19.71 -20.19
N PHE B 1039 -9.83 -21.02 -20.27
CA PHE B 1039 -10.87 -21.92 -20.75
C PHE B 1039 -11.85 -22.27 -19.64
N LYS B 1040 -11.36 -22.86 -18.55
CA LYS B 1040 -12.19 -23.27 -17.43
C LYS B 1040 -12.01 -22.30 -16.28
N LYS B 1041 -12.78 -21.21 -16.34
CA LYS B 1041 -12.84 -20.22 -15.28
C LYS B 1041 -14.07 -19.34 -15.48
N ASP B 1042 -14.88 -19.21 -14.43
CA ASP B 1042 -16.10 -18.40 -14.40
C ASP B 1042 -17.04 -18.82 -15.53
N SER B 1043 -17.19 -20.12 -15.68
CA SER B 1043 -18.02 -20.69 -16.71
C SER B 1043 -19.16 -21.43 -16.04
N LEU B 1044 -20.10 -20.67 -15.49
CA LEU B 1044 -21.36 -21.20 -14.98
C LEU B 1044 -22.54 -20.26 -15.20
N TRP B 1045 -22.30 -18.99 -15.46
CA TRP B 1045 -23.36 -17.98 -15.50
C TRP B 1045 -23.99 -17.86 -16.86
N GLN B 1046 -23.40 -18.46 -17.89
CA GLN B 1046 -23.93 -18.34 -19.23
C GLN B 1046 -25.23 -19.09 -19.40
N SER B 1047 -25.51 -20.07 -18.54
CA SER B 1047 -26.81 -20.72 -18.55
C SER B 1047 -27.90 -19.80 -18.07
N GLU B 1048 -27.56 -18.81 -17.24
CA GLU B 1048 -28.56 -17.91 -16.67
C GLU B 1048 -29.05 -16.91 -17.71
N ASP B 1049 -28.15 -16.11 -18.27
CA ASP B 1049 -28.45 -15.30 -19.44
C ASP B 1049 -27.60 -15.79 -20.60
N LEU B 1050 -28.24 -16.29 -21.64
CA LEU B 1050 -27.50 -16.68 -22.82
C LEU B 1050 -27.68 -15.67 -23.94
N GLU B 1051 -28.19 -14.48 -23.62
CA GLU B 1051 -28.01 -13.34 -24.52
C GLU B 1051 -26.55 -12.94 -24.59
N ALA B 1052 -25.79 -13.24 -23.55
CA ALA B 1052 -24.38 -12.89 -23.51
C ALA B 1052 -23.54 -13.75 -24.45
N VAL B 1053 -23.93 -15.00 -24.66
CA VAL B 1053 -23.11 -15.91 -25.46
C VAL B 1053 -23.35 -15.61 -26.94
N VAL B 1054 -22.50 -16.16 -27.79
CA VAL B 1054 -22.45 -15.80 -29.20
C VAL B 1054 -23.65 -16.43 -29.91
N GLY B 1055 -24.58 -15.60 -30.36
CA GLY B 1055 -25.72 -16.08 -31.11
C GLY B 1055 -26.78 -16.78 -30.30
N GLU B 1056 -26.70 -16.70 -28.96
CA GLU B 1056 -27.62 -17.35 -28.01
C GLU B 1056 -27.66 -18.86 -28.22
N ASP B 1057 -26.53 -19.45 -28.58
CA ASP B 1057 -26.44 -20.89 -28.73
C ASP B 1057 -26.41 -21.55 -27.37
N VAL B 1058 -27.33 -22.48 -27.14
CA VAL B 1058 -27.32 -23.20 -25.87
C VAL B 1058 -26.29 -24.31 -25.87
N GLN B 1059 -25.81 -24.73 -27.04
CA GLN B 1059 -24.91 -25.85 -27.14
C GLN B 1059 -23.48 -25.49 -26.81
N ARG B 1060 -23.17 -24.23 -26.60
CA ARG B 1060 -21.84 -23.83 -26.19
C ARG B 1060 -21.74 -23.60 -24.68
N THR B 1061 -22.86 -23.62 -23.96
CA THR B 1061 -22.86 -23.37 -22.53
C THR B 1061 -22.50 -24.63 -21.75
N CYS B 1062 -22.50 -24.51 -20.43
CA CYS B 1062 -22.18 -25.61 -19.52
C CYS B 1062 -23.25 -25.66 -18.44
N ILE B 1063 -24.19 -26.60 -18.57
CA ILE B 1063 -25.26 -26.78 -17.60
C ILE B 1063 -24.96 -28.01 -16.77
N LEU B 1064 -24.81 -27.84 -15.46
CA LEU B 1064 -24.54 -28.98 -14.59
C LEU B 1064 -25.81 -29.75 -14.34
N HIS B 1065 -25.72 -31.08 -14.44
CA HIS B 1065 -26.88 -31.94 -14.27
C HIS B 1065 -26.40 -33.35 -13.98
N GLY B 1066 -26.96 -33.97 -12.95
CA GLY B 1066 -26.64 -35.33 -12.63
C GLY B 1066 -27.35 -36.30 -13.54
N PRO B 1067 -26.79 -37.50 -13.71
CA PRO B 1067 -27.29 -38.40 -14.75
C PRO B 1067 -28.65 -39.00 -14.43
N VAL B 1068 -28.90 -39.33 -13.17
CA VAL B 1068 -30.22 -39.77 -12.77
C VAL B 1068 -31.15 -38.54 -12.71
N ALA B 1069 -32.46 -38.80 -12.79
CA ALA B 1069 -33.53 -37.81 -12.69
C ALA B 1069 -33.47 -36.78 -13.83
N ALA B 1070 -33.70 -37.31 -15.04
CA ALA B 1070 -33.94 -36.44 -16.19
C ALA B 1070 -35.03 -36.94 -17.12
N GLN B 1071 -35.75 -38.01 -16.77
CA GLN B 1071 -36.64 -38.69 -17.71
C GLN B 1071 -38.11 -38.26 -17.57
N PHE B 1072 -38.39 -37.15 -16.90
CA PHE B 1072 -39.76 -36.75 -16.62
C PHE B 1072 -40.02 -35.27 -16.82
N SER B 1073 -39.00 -34.49 -17.17
CA SER B 1073 -39.01 -33.04 -16.98
C SER B 1073 -39.66 -32.29 -18.12
N ASN B 1074 -40.56 -32.95 -18.88
CA ASN B 1074 -41.21 -32.32 -20.03
C ASN B 1074 -42.07 -31.13 -19.64
N LYS B 1075 -42.53 -31.08 -18.40
CA LYS B 1075 -43.21 -29.89 -17.89
C LYS B 1075 -42.16 -28.88 -17.49
N VAL B 1076 -42.00 -27.85 -18.32
CA VAL B 1076 -41.01 -26.80 -18.13
C VAL B 1076 -41.77 -25.50 -17.84
N ASP B 1077 -41.13 -24.61 -17.07
CA ASP B 1077 -41.67 -23.29 -16.67
C ASP B 1077 -42.92 -23.46 -15.81
N GLU B 1078 -42.83 -24.36 -14.84
CA GLU B 1078 -43.69 -24.76 -13.75
C GLU B 1078 -43.33 -23.98 -12.49
N PRO B 1079 -44.30 -23.51 -11.72
CA PRO B 1079 -43.99 -22.77 -10.49
C PRO B 1079 -43.40 -23.69 -9.43
N ILE B 1080 -42.60 -23.09 -8.54
CA ILE B 1080 -41.90 -23.88 -7.53
C ILE B 1080 -42.85 -24.39 -6.44
N LYS B 1081 -44.02 -23.77 -6.27
CA LYS B 1081 -44.99 -24.29 -5.33
C LYS B 1081 -45.76 -25.47 -5.88
N ASP B 1082 -45.57 -25.82 -7.15
CA ASP B 1082 -46.20 -26.98 -7.74
C ASP B 1082 -45.22 -28.10 -8.03
N ILE B 1083 -43.93 -27.78 -8.24
CA ILE B 1083 -42.94 -28.83 -8.41
C ILE B 1083 -42.70 -29.56 -7.09
N LEU B 1084 -42.79 -28.87 -5.97
CA LEU B 1084 -42.41 -29.45 -4.70
C LEU B 1084 -43.57 -29.86 -3.82
N GLU B 1085 -44.74 -29.22 -3.94
CA GLU B 1085 -45.88 -29.67 -3.18
C GLU B 1085 -46.46 -30.96 -3.73
N ASN B 1086 -46.38 -31.16 -5.05
CA ASN B 1086 -46.87 -32.41 -5.64
C ASN B 1086 -46.02 -33.61 -5.24
N ILE B 1087 -44.74 -33.38 -4.92
CA ILE B 1087 -43.96 -34.43 -4.28
C ILE B 1087 -44.41 -34.60 -2.84
N HIS B 1088 -44.72 -33.49 -2.17
CA HIS B 1088 -45.17 -33.57 -0.77
C HIS B 1088 -46.57 -34.14 -0.69
N LYS B 1089 -47.48 -33.69 -1.56
CA LYS B 1089 -48.83 -34.26 -1.56
C LYS B 1089 -48.84 -35.69 -2.06
N GLY B 1090 -47.89 -36.06 -2.91
CA GLY B 1090 -47.77 -37.44 -3.34
C GLY B 1090 -47.28 -38.36 -2.26
N HIS B 1091 -46.54 -37.83 -1.29
CA HIS B 1091 -46.13 -38.62 -0.14
C HIS B 1091 -47.27 -38.75 0.87
N ILE B 1092 -48.01 -37.66 1.08
CA ILE B 1092 -49.12 -37.66 2.02
C ILE B 1092 -50.21 -38.62 1.56
N LYS B 1093 -50.51 -38.60 0.26
CA LYS B 1093 -51.50 -39.52 -0.31
C LYS B 1093 -51.03 -40.97 -0.21
N SER B 1094 -49.73 -41.20 -0.18
CA SER B 1094 -49.23 -42.56 -0.10
C SER B 1094 -49.12 -43.05 1.35
N LEU B 1095 -48.99 -42.15 2.32
CA LEU B 1095 -48.98 -42.57 3.71
C LEU B 1095 -50.38 -42.78 4.26
N VAL B 1096 -51.40 -42.13 3.67
CA VAL B 1096 -52.76 -42.27 4.17
C VAL B 1096 -53.28 -43.67 3.93
N LYS B 1097 -53.12 -44.17 2.70
CA LYS B 1097 -53.59 -45.51 2.38
C LYS B 1097 -52.74 -46.61 3.01
N GLU B 1098 -51.54 -46.28 3.50
CA GLU B 1098 -50.61 -47.29 3.98
C GLU B 1098 -50.67 -47.50 5.48
N VAL B 1099 -50.39 -46.46 6.26
CA VAL B 1099 -50.31 -46.59 7.71
C VAL B 1099 -51.49 -45.96 8.42
N TYR B 1100 -52.43 -45.35 7.69
CA TYR B 1100 -53.65 -44.85 8.29
C TYR B 1100 -54.88 -45.47 7.67
N ASN B 1101 -54.71 -46.57 6.93
CA ASN B 1101 -55.78 -47.41 6.37
C ASN B 1101 -56.69 -46.63 5.42
N GLY B 1102 -56.17 -45.58 4.79
CA GLY B 1102 -56.99 -44.78 3.91
C GLY B 1102 -57.99 -43.91 4.62
N ASP B 1103 -57.70 -43.49 5.84
CA ASP B 1103 -58.62 -42.67 6.62
C ASP B 1103 -57.87 -41.46 7.15
N GLU B 1104 -58.39 -40.28 6.86
CA GLU B 1104 -57.84 -39.02 7.32
C GLU B 1104 -58.23 -38.72 8.77
N SER B 1105 -59.24 -39.39 9.31
CA SER B 1105 -59.68 -39.12 10.67
C SER B 1105 -58.75 -39.70 11.74
N LYS B 1106 -57.72 -40.45 11.34
CA LYS B 1106 -56.79 -41.05 12.30
C LYS B 1106 -55.47 -40.29 12.38
N ILE B 1107 -55.37 -39.12 11.77
CA ILE B 1107 -54.15 -38.32 11.80
C ILE B 1107 -54.05 -37.68 13.19
N PRO B 1108 -52.86 -37.66 13.81
CA PRO B 1108 -52.71 -37.03 15.14
C PRO B 1108 -52.81 -35.53 15.10
N VAL B 1109 -54.03 -35.00 15.22
CA VAL B 1109 -54.31 -33.57 15.05
C VAL B 1109 -53.59 -32.74 16.10
N VAL B 1110 -52.81 -31.77 15.65
CA VAL B 1110 -52.07 -30.87 16.53
C VAL B 1110 -52.58 -29.45 16.33
N GLU B 1111 -52.08 -28.54 17.16
CA GLU B 1111 -52.40 -27.13 17.00
C GLU B 1111 -51.39 -26.43 16.10
N TYR B 1112 -50.12 -26.58 16.41
CA TYR B 1112 -49.03 -26.16 15.54
C TYR B 1112 -48.03 -27.28 15.47
N PHE B 1113 -47.06 -27.14 14.58
CA PHE B 1113 -46.17 -28.25 14.24
C PHE B 1113 -44.73 -27.80 14.42
N SER B 1114 -44.05 -28.37 15.40
CA SER B 1114 -42.62 -28.16 15.59
C SER B 1114 -42.08 -29.33 16.38
N SER B 1115 -40.81 -29.23 16.76
CA SER B 1115 -40.18 -30.29 17.54
C SER B 1115 -40.61 -30.22 19.00
N VAL B 1116 -40.82 -31.38 19.60
CA VAL B 1116 -41.21 -31.50 21.00
C VAL B 1116 -40.26 -32.47 21.68
N ASP B 1117 -39.67 -32.04 22.79
CA ASP B 1117 -38.64 -32.81 23.46
C ASP B 1117 -39.21 -33.53 24.67
N SER B 1118 -38.57 -34.65 25.02
CA SER B 1118 -39.10 -35.60 25.98
C SER B 1118 -38.59 -35.30 27.38
N PHE B 1119 -39.52 -34.99 28.29
CA PHE B 1119 -39.22 -34.86 29.71
C PHE B 1119 -40.31 -35.54 30.52
N SER B 1120 -40.58 -36.81 30.19
CA SER B 1120 -41.81 -37.51 30.53
C SER B 1120 -42.04 -37.63 32.04
N ASP B 1121 -41.04 -38.10 32.78
CA ASP B 1121 -41.18 -38.22 34.22
C ASP B 1121 -40.96 -36.88 34.89
N THR B 1122 -41.84 -36.55 35.84
CA THR B 1122 -41.75 -35.28 36.58
C THR B 1122 -40.88 -35.51 37.81
N ALA B 1123 -39.57 -35.39 37.60
CA ALA B 1123 -38.57 -35.61 38.63
C ALA B 1123 -37.56 -34.46 38.63
N ILE B 1124 -38.05 -33.23 38.61
CA ILE B 1124 -37.18 -32.07 38.67
C ILE B 1124 -36.60 -31.96 40.09
N GLU B 1125 -35.38 -31.43 40.17
CA GLU B 1125 -34.57 -31.59 41.37
C GLU B 1125 -35.09 -30.75 42.53
N GLY B 1126 -35.06 -29.43 42.39
CA GLY B 1126 -35.64 -28.62 43.46
C GLY B 1126 -36.87 -27.87 43.05
N VAL B 1127 -38.03 -28.39 43.43
CA VAL B 1127 -39.35 -27.83 43.12
C VAL B 1127 -40.29 -28.23 44.24
N LYS B 1128 -41.42 -27.55 44.32
CA LYS B 1128 -42.51 -27.92 45.20
C LYS B 1128 -43.82 -27.83 44.44
N ILE B 1129 -43.87 -28.53 43.31
CA ILE B 1129 -45.07 -28.63 42.48
C ILE B 1129 -46.25 -29.11 43.31
N GLU B 1130 -47.30 -28.30 43.38
CA GLU B 1130 -48.60 -28.79 43.81
C GLU B 1130 -49.66 -28.32 42.83
N ARG B 1131 -50.67 -29.17 42.61
CA ARG B 1131 -51.77 -28.90 41.69
C ARG B 1131 -53.04 -28.96 42.51
N SER B 1132 -53.54 -27.80 42.94
CA SER B 1132 -54.67 -27.73 43.85
C SER B 1132 -55.86 -27.05 43.16
N ARG B 1133 -56.61 -27.83 42.38
CA ARG B 1133 -57.91 -27.46 41.82
C ARG B 1133 -57.80 -26.19 40.96
N ASN B 1134 -57.14 -26.38 39.81
CA ASN B 1134 -56.68 -25.34 38.87
C ASN B 1134 -56.01 -24.16 39.60
N THR B 1135 -54.89 -24.49 40.23
CA THR B 1135 -53.85 -23.53 40.61
C THR B 1135 -52.58 -24.34 40.80
N GLU B 1136 -51.53 -23.98 40.08
CA GLU B 1136 -50.30 -24.77 40.04
C GLU B 1136 -49.15 -23.92 40.56
N THR B 1137 -48.80 -24.09 41.84
CA THR B 1137 -47.71 -23.34 42.44
C THR B 1137 -46.41 -24.12 42.34
N PHE B 1138 -45.37 -23.48 41.82
CA PHE B 1138 -44.12 -24.15 41.43
C PHE B 1138 -42.93 -23.50 42.10
N THR B 1139 -42.95 -23.39 43.43
CA THR B 1139 -41.88 -22.74 44.19
C THR B 1139 -40.58 -23.52 44.01
N VAL B 1140 -39.65 -22.99 43.21
CA VAL B 1140 -38.35 -23.62 43.05
C VAL B 1140 -37.55 -23.44 44.34
N THR B 1141 -37.12 -24.55 44.92
CA THR B 1141 -36.63 -24.53 46.29
C THR B 1141 -35.18 -24.07 46.35
N SER B 1142 -34.28 -24.86 45.80
CA SER B 1142 -32.85 -24.68 46.06
C SER B 1142 -32.06 -25.04 44.82
N GLY B 1143 -30.79 -24.67 44.84
CA GLY B 1143 -29.78 -24.97 43.85
C GLY B 1143 -30.15 -24.42 42.48
N ASN B 1144 -29.77 -25.17 41.46
CA ASN B 1144 -30.19 -24.91 40.09
C ASN B 1144 -30.95 -26.13 39.58
N VAL B 1145 -32.16 -25.91 39.08
CA VAL B 1145 -32.87 -26.99 38.42
C VAL B 1145 -32.36 -27.06 37.00
N ASP B 1146 -32.70 -28.14 36.30
CA ASP B 1146 -32.51 -28.16 34.85
C ASP B 1146 -33.45 -27.13 34.25
N ASN B 1147 -32.89 -26.15 33.56
CA ASN B 1147 -33.70 -25.10 32.96
C ASN B 1147 -34.55 -25.65 31.85
N GLN B 1148 -33.99 -26.55 31.04
CA GLN B 1148 -34.73 -27.16 29.94
C GLN B 1148 -35.89 -28.01 30.45
N GLN B 1149 -35.73 -28.62 31.62
CA GLN B 1149 -36.83 -29.30 32.28
C GLN B 1149 -37.77 -28.33 32.99
N TRP B 1150 -37.29 -27.14 33.34
CA TRP B 1150 -38.12 -26.19 34.07
C TRP B 1150 -39.16 -25.56 33.16
N PHE B 1151 -38.78 -25.21 31.93
CA PHE B 1151 -39.71 -24.65 30.98
C PHE B 1151 -40.65 -25.69 30.40
N ASP B 1152 -40.31 -26.97 30.54
CA ASP B 1152 -41.24 -28.03 30.16
C ASP B 1152 -42.39 -28.12 31.16
N LEU B 1153 -42.08 -28.01 32.46
CA LEU B 1153 -43.12 -27.94 33.47
C LEU B 1153 -43.91 -26.64 33.36
N LEU B 1154 -43.22 -25.56 32.98
CA LEU B 1154 -43.82 -24.23 32.99
C LEU B 1154 -44.92 -24.09 31.94
N ALA B 1155 -44.85 -24.86 30.86
CA ALA B 1155 -45.89 -24.87 29.84
C ALA B 1155 -45.93 -26.27 29.27
N GLY B 1156 -46.82 -27.11 29.79
CA GLY B 1156 -46.75 -28.53 29.51
C GLY B 1156 -48.11 -29.12 29.17
N LYS B 1157 -48.04 -30.34 28.63
CA LYS B 1157 -49.15 -31.27 28.44
C LYS B 1157 -50.21 -30.79 27.46
N GLU B 1158 -49.90 -29.79 26.64
CA GLU B 1158 -50.83 -29.30 25.62
C GLU B 1158 -50.00 -28.83 24.44
N LEU B 1159 -50.64 -28.10 23.53
CA LEU B 1159 -49.96 -27.42 22.43
C LEU B 1159 -50.51 -26.01 22.26
N SER B 1160 -50.80 -25.34 23.36
CA SER B 1160 -51.46 -24.04 23.29
C SER B 1160 -50.46 -22.94 22.99
N TRP B 1161 -50.90 -21.70 23.15
CA TRP B 1161 -50.02 -20.55 22.99
C TRP B 1161 -48.94 -20.52 24.06
N ARG B 1162 -49.22 -21.10 25.22
CA ARG B 1162 -48.27 -21.06 26.32
C ARG B 1162 -47.06 -21.94 26.04
N ARG B 1163 -47.28 -23.13 25.48
CA ARG B 1163 -46.14 -23.98 25.13
C ARG B 1163 -45.38 -23.41 23.94
N ALA B 1164 -46.06 -22.71 23.05
CA ALA B 1164 -45.38 -22.03 21.97
C ALA B 1164 -44.59 -20.83 22.44
N PHE B 1165 -44.91 -20.28 23.61
CA PHE B 1165 -44.18 -19.11 24.10
C PHE B 1165 -42.99 -19.50 24.98
N ILE B 1166 -43.20 -20.43 25.90
CA ILE B 1166 -42.15 -20.75 26.87
C ILE B 1166 -41.07 -21.61 26.24
N THR B 1167 -41.41 -22.47 25.30
CA THR B 1167 -40.46 -23.40 24.72
C THR B 1167 -39.96 -22.98 23.34
N ALA B 1168 -40.22 -21.75 22.92
CA ALA B 1168 -39.76 -21.29 21.62
C ALA B 1168 -38.27 -20.99 21.66
N ALA B 1169 -37.58 -21.38 20.59
CA ALA B 1169 -36.15 -21.12 20.50
C ALA B 1169 -35.83 -19.80 19.83
N ARG B 1170 -36.84 -19.10 19.30
CA ARG B 1170 -36.62 -17.88 18.56
C ARG B 1170 -37.73 -16.90 18.85
N LEU B 1171 -37.39 -15.62 18.78
CA LEU B 1171 -38.37 -14.54 18.77
C LEU B 1171 -38.11 -13.68 17.55
N VAL B 1172 -39.16 -13.29 16.85
CA VAL B 1172 -39.04 -12.53 15.62
C VAL B 1172 -39.30 -11.07 15.93
N GLN B 1173 -38.24 -10.27 15.90
CA GLN B 1173 -38.36 -8.82 16.06
C GLN B 1173 -38.56 -8.13 14.71
N GLY B 1174 -39.52 -8.59 13.91
CA GLY B 1174 -39.67 -8.00 12.60
C GLY B 1174 -38.53 -8.37 11.68
N THR B 1175 -38.50 -9.64 11.24
CA THR B 1175 -37.42 -10.24 10.43
C THR B 1175 -36.10 -10.17 11.18
N ASN B 1176 -36.12 -10.58 12.45
CA ASN B 1176 -34.92 -10.57 13.29
C ASN B 1176 -35.06 -11.68 14.31
N PHE B 1177 -34.27 -12.74 14.16
CA PHE B 1177 -34.28 -13.85 15.11
C PHE B 1177 -33.41 -13.48 16.30
N VAL B 1178 -34.04 -13.26 17.45
CA VAL B 1178 -33.32 -12.97 18.67
C VAL B 1178 -33.61 -14.09 19.66
N SER B 1179 -33.05 -13.99 20.85
CA SER B 1179 -33.30 -14.99 21.88
C SER B 1179 -34.70 -14.82 22.45
N ASN B 1180 -35.26 -15.90 22.94
CA ASN B 1180 -36.61 -15.88 23.47
C ASN B 1180 -36.62 -15.18 24.82
N PRO B 1181 -37.55 -14.25 25.06
CA PRO B 1181 -37.55 -13.55 26.35
C PRO B 1181 -37.99 -14.39 27.52
N ALA B 1182 -38.76 -15.46 27.29
CA ALA B 1182 -39.25 -16.29 28.37
C ALA B 1182 -38.16 -17.12 29.02
N HIS B 1183 -37.02 -17.28 28.36
CA HIS B 1183 -35.88 -17.95 28.97
C HIS B 1183 -35.04 -17.02 29.82
N SER B 1184 -35.44 -15.77 29.95
CA SER B 1184 -34.77 -14.77 30.78
C SER B 1184 -35.68 -14.19 31.84
N VAL B 1185 -36.92 -13.88 31.51
CA VAL B 1185 -37.87 -13.38 32.49
C VAL B 1185 -38.45 -14.48 33.35
N LEU B 1186 -38.25 -15.74 33.00
CA LEU B 1186 -38.74 -16.86 33.78
C LEU B 1186 -37.64 -17.87 34.06
N ALA B 1187 -36.40 -17.45 34.02
CA ALA B 1187 -35.29 -18.33 34.35
C ALA B 1187 -35.36 -18.69 35.83
N PRO B 1188 -35.21 -19.96 36.18
CA PRO B 1188 -35.43 -20.37 37.56
C PRO B 1188 -34.32 -19.92 38.49
N SER B 1189 -34.59 -18.89 39.27
CA SER B 1189 -33.67 -18.41 40.27
C SER B 1189 -34.08 -18.99 41.62
N LYS B 1190 -33.33 -18.64 42.66
CA LYS B 1190 -33.67 -19.10 44.00
C LYS B 1190 -34.93 -18.42 44.47
N ASP B 1191 -35.77 -19.16 45.20
CA ASP B 1191 -36.96 -18.69 45.90
C ASP B 1191 -38.05 -18.18 44.95
N LEU B 1192 -37.90 -18.38 43.64
CA LEU B 1192 -38.91 -17.94 42.69
C LEU B 1192 -40.16 -18.81 42.81
N VAL B 1193 -41.30 -18.23 42.41
CA VAL B 1193 -42.57 -18.92 42.47
C VAL B 1193 -43.50 -18.46 41.35
N VAL B 1194 -43.98 -19.42 40.56
CA VAL B 1194 -44.96 -19.12 39.53
C VAL B 1194 -46.27 -19.77 39.92
N LYS B 1195 -47.36 -19.25 39.36
CA LYS B 1195 -48.70 -19.73 39.69
C LYS B 1195 -49.53 -19.69 38.43
N ILE B 1196 -49.76 -20.85 37.83
CA ILE B 1196 -50.53 -20.97 36.60
C ILE B 1196 -51.98 -21.22 36.98
N GLU B 1197 -52.89 -20.46 36.41
CA GLU B 1197 -54.27 -20.51 36.90
C GLU B 1197 -55.00 -21.72 36.34
N ASN B 1198 -55.29 -21.75 35.04
CA ASN B 1198 -55.94 -22.93 34.47
C ASN B 1198 -55.25 -23.33 33.17
N GLY B 1199 -53.94 -23.49 33.24
CA GLY B 1199 -53.15 -23.81 32.06
C GLY B 1199 -53.46 -25.17 31.46
N SER B 1200 -53.98 -26.10 32.27
CA SER B 1200 -54.49 -27.35 31.76
C SER B 1200 -55.99 -27.30 31.50
N ASP B 1201 -56.56 -26.12 31.29
CA ASP B 1201 -57.97 -26.04 30.94
C ASP B 1201 -58.20 -25.41 29.58
N ALA B 1202 -57.81 -24.15 29.36
CA ALA B 1202 -58.36 -23.41 28.24
C ALA B 1202 -57.46 -22.23 27.89
N LYS B 1203 -58.01 -21.29 27.11
CA LYS B 1203 -57.37 -20.06 26.70
C LYS B 1203 -57.31 -19.02 27.81
N LYS B 1204 -57.92 -19.28 28.97
CA LYS B 1204 -57.98 -18.33 30.06
C LYS B 1204 -56.79 -18.44 31.01
N THR B 1205 -55.69 -19.01 30.55
CA THR B 1205 -54.49 -19.18 31.36
C THR B 1205 -53.88 -17.86 31.75
N VAL B 1206 -53.61 -17.68 33.03
CA VAL B 1206 -52.89 -16.52 33.55
C VAL B 1206 -51.69 -17.06 34.32
N LEU B 1207 -50.53 -17.07 33.70
CA LEU B 1207 -49.30 -17.40 34.41
C LEU B 1207 -48.79 -16.16 35.12
N THR B 1208 -48.36 -16.34 36.37
CA THR B 1208 -47.90 -15.21 37.17
C THR B 1208 -46.72 -15.66 38.01
N ALA B 1209 -45.54 -15.15 37.71
CA ALA B 1209 -44.34 -15.41 38.50
C ALA B 1209 -44.25 -14.38 39.61
N PHE B 1210 -43.97 -14.84 40.82
CA PHE B 1210 -43.76 -13.98 41.97
C PHE B 1210 -42.31 -14.09 42.40
N GLN B 1211 -41.78 -13.02 42.99
CA GLN B 1211 -40.43 -13.04 43.50
C GLN B 1211 -40.40 -12.25 44.80
N ARG B 1212 -39.32 -12.44 45.56
CA ARG B 1212 -39.21 -11.91 46.90
C ARG B 1212 -38.36 -10.65 46.92
N VAL B 1213 -38.96 -9.51 47.22
CA VAL B 1213 -38.22 -8.32 47.61
C VAL B 1213 -38.66 -7.93 49.02
N ARG B 1214 -37.69 -7.53 49.84
CA ARG B 1214 -37.87 -7.12 51.24
C ARG B 1214 -38.56 -8.19 52.09
N GLY B 1215 -38.37 -9.46 51.73
CA GLY B 1215 -39.00 -10.56 52.44
C GLY B 1215 -40.41 -10.89 52.00
N LYS B 1216 -41.00 -10.14 51.06
CA LYS B 1216 -42.38 -10.36 50.66
C LYS B 1216 -42.45 -10.75 49.19
N TYR B 1217 -43.42 -11.59 48.86
CA TYR B 1217 -43.64 -11.99 47.47
C TYR B 1217 -44.42 -10.92 46.74
N VAL B 1218 -43.82 -10.39 45.67
CA VAL B 1218 -44.46 -9.34 44.87
C VAL B 1218 -44.71 -9.91 43.48
N PRO B 1219 -45.73 -9.44 42.75
CA PRO B 1219 -46.00 -10.00 41.42
C PRO B 1219 -45.03 -9.52 40.37
N ALA B 1220 -43.91 -10.21 40.18
CA ALA B 1220 -42.89 -9.77 39.24
C ALA B 1220 -43.37 -9.86 37.79
N VAL B 1221 -43.67 -11.07 37.33
CA VAL B 1221 -43.99 -11.32 35.93
C VAL B 1221 -45.43 -11.79 35.83
N SER B 1222 -46.16 -11.28 34.84
CA SER B 1222 -47.48 -11.78 34.50
C SER B 1222 -47.52 -12.13 33.03
N LEU B 1223 -48.44 -13.01 32.66
CA LEU B 1223 -48.50 -13.52 31.29
C LEU B 1223 -49.90 -14.03 31.03
N LYS B 1224 -50.51 -13.58 29.93
CA LYS B 1224 -51.87 -13.96 29.61
C LYS B 1224 -52.10 -13.74 28.13
N SER B 1225 -53.20 -14.29 27.64
CA SER B 1225 -53.57 -14.20 26.23
C SER B 1225 -54.75 -13.25 26.09
N ILE B 1226 -54.46 -12.02 25.74
CA ILE B 1226 -55.51 -11.04 25.44
C ILE B 1226 -55.96 -11.25 24.01
N GLY B 1227 -57.28 -11.24 23.82
CA GLY B 1227 -57.83 -11.49 22.50
C GLY B 1227 -57.54 -12.91 22.04
N ASP B 1228 -57.20 -13.04 20.76
CA ASP B 1228 -56.75 -14.31 20.22
C ASP B 1228 -55.59 -14.07 19.28
N LEU B 1229 -54.66 -15.04 19.26
CA LEU B 1229 -53.37 -14.95 18.57
C LEU B 1229 -52.56 -13.74 19.02
N LYS B 1230 -52.75 -13.31 20.25
CA LYS B 1230 -52.05 -12.18 20.84
C LYS B 1230 -51.73 -12.57 22.27
N ILE B 1231 -50.48 -12.37 22.67
CA ILE B 1231 -50.01 -12.70 24.00
C ILE B 1231 -49.57 -11.41 24.68
N LYS B 1232 -49.95 -11.23 25.94
CA LYS B 1232 -49.55 -10.07 26.71
C LYS B 1232 -48.61 -10.50 27.83
N LEU B 1233 -47.38 -10.03 27.77
CA LEU B 1233 -46.40 -10.27 28.81
C LEU B 1233 -46.09 -8.93 29.48
N GLU B 1234 -46.34 -8.83 30.77
CA GLU B 1234 -46.08 -7.61 31.51
C GLU B 1234 -45.15 -7.89 32.68
N LEU B 1235 -44.00 -7.22 32.68
CA LEU B 1235 -43.03 -7.31 33.75
C LEU B 1235 -43.25 -6.14 34.70
N ILE B 1236 -43.39 -6.43 35.98
CA ILE B 1236 -43.84 -5.46 36.97
C ILE B 1236 -42.69 -5.15 37.91
N GLU B 1237 -42.47 -3.86 38.16
CA GLU B 1237 -41.52 -3.40 39.17
C GLU B 1237 -42.28 -2.67 40.26
N THR B 1238 -41.96 -3.00 41.51
CA THR B 1238 -42.69 -2.52 42.68
C THR B 1238 -42.02 -1.35 43.37
N ARG B 1239 -40.70 -1.25 43.29
CA ARG B 1239 -39.96 -0.14 43.88
C ARG B 1239 -39.96 1.01 42.89
N THR B 1240 -40.92 1.91 43.02
CA THR B 1240 -41.12 3.00 42.09
C THR B 1240 -40.97 4.33 42.83
N ALA B 1241 -41.31 5.42 42.13
CA ALA B 1241 -41.26 6.74 42.73
C ALA B 1241 -42.34 6.90 43.79
N ASP B 1242 -43.60 6.74 43.39
CA ASP B 1242 -44.73 6.91 44.29
C ASP B 1242 -45.08 5.64 45.05
N LYS B 1243 -44.19 4.63 45.02
CA LYS B 1243 -44.30 3.39 45.79
C LYS B 1243 -45.58 2.61 45.44
N SER B 1244 -45.88 2.58 44.15
CA SER B 1244 -46.94 1.73 43.61
C SER B 1244 -46.42 1.06 42.36
N ALA B 1245 -46.81 -0.19 42.15
CA ALA B 1245 -46.20 -1.00 41.11
C ALA B 1245 -46.73 -0.65 39.73
N VAL B 1246 -45.82 -0.54 38.77
CA VAL B 1246 -46.17 -0.27 37.38
C VAL B 1246 -45.73 -1.46 36.54
N ALA B 1247 -46.41 -1.67 35.42
CA ALA B 1247 -46.22 -2.85 34.60
C ALA B 1247 -45.83 -2.45 33.18
N LEU B 1248 -44.87 -3.19 32.62
CA LEU B 1248 -44.35 -2.94 31.27
C LEU B 1248 -45.05 -3.89 30.32
N GLU B 1249 -46.14 -3.42 29.71
CA GLU B 1249 -46.95 -4.27 28.85
C GLU B 1249 -46.24 -4.47 27.52
N LEU B 1250 -45.89 -5.72 27.21
CA LEU B 1250 -45.29 -6.10 25.95
C LEU B 1250 -46.19 -7.12 25.27
N PHE B 1251 -46.52 -6.88 24.01
CA PHE B 1251 -47.46 -7.72 23.30
C PHE B 1251 -46.75 -8.49 22.20
N TYR B 1252 -47.29 -9.66 21.88
CA TYR B 1252 -46.67 -10.56 20.92
C TYR B 1252 -47.75 -11.13 20.00
N ASN B 1253 -47.32 -11.58 18.84
CA ASN B 1253 -48.18 -12.32 17.93
C ASN B 1253 -47.95 -13.81 18.11
N TYR B 1254 -48.89 -14.59 17.63
CA TYR B 1254 -48.76 -16.05 17.72
C TYR B 1254 -49.40 -16.64 16.47
N LYS B 1255 -48.59 -17.15 15.56
CA LYS B 1255 -49.12 -17.86 14.41
C LYS B 1255 -48.79 -19.34 14.53
N PRO B 1256 -49.80 -20.20 14.56
CA PRO B 1256 -49.52 -21.64 14.53
C PRO B 1256 -49.11 -22.17 13.17
N THR B 1257 -49.20 -21.37 12.11
CA THR B 1257 -48.84 -21.84 10.78
C THR B 1257 -47.33 -21.95 10.59
N ASP B 1258 -46.55 -21.27 11.41
CA ASP B 1258 -45.10 -21.47 11.47
C ASP B 1258 -44.75 -22.09 12.81
N GLY B 1259 -43.88 -23.09 12.79
CA GLY B 1259 -43.49 -23.75 14.00
C GLY B 1259 -42.04 -23.53 14.33
N PHE B 1260 -41.26 -23.14 13.32
CA PHE B 1260 -39.86 -22.82 13.57
C PHE B 1260 -39.73 -21.50 14.32
N ALA B 1261 -40.68 -20.59 14.12
CA ALA B 1261 -40.72 -19.33 14.86
C ALA B 1261 -42.17 -18.90 14.93
N PRO B 1262 -42.90 -19.38 15.95
CA PRO B 1262 -44.33 -19.07 16.03
C PRO B 1262 -44.67 -17.79 16.76
N ILE B 1263 -43.68 -17.13 17.38
CA ILE B 1263 -43.93 -15.97 18.23
C ILE B 1263 -43.24 -14.77 17.61
N LEU B 1264 -44.00 -13.70 17.39
CA LEU B 1264 -43.48 -12.46 16.83
C LEU B 1264 -43.88 -11.33 17.76
N GLU B 1265 -42.90 -10.53 18.19
CA GLU B 1265 -43.21 -9.36 18.99
C GLU B 1265 -43.77 -8.28 18.09
N VAL B 1266 -44.90 -7.69 18.47
CA VAL B 1266 -45.35 -6.49 17.79
C VAL B 1266 -44.45 -5.34 18.21
N MET B 1267 -44.02 -4.55 17.24
CA MET B 1267 -43.08 -3.48 17.50
C MET B 1267 -43.65 -2.12 17.19
N GLU B 1268 -44.81 -2.06 16.53
CA GLU B 1268 -45.47 -0.79 16.19
C GLU B 1268 -46.11 -0.22 17.44
N GLY B 1269 -45.28 0.37 18.29
CA GLY B 1269 -45.78 1.07 19.44
C GLY B 1269 -45.21 0.59 20.76
N ARG B 1270 -44.09 -0.12 20.73
CA ARG B 1270 -43.51 -0.58 21.98
C ARG B 1270 -42.48 0.39 22.54
N ASN B 1271 -41.97 1.31 21.73
CA ASN B 1271 -41.03 2.29 22.26
C ASN B 1271 -41.74 3.32 23.11
N THR B 1272 -43.01 3.59 22.82
CA THR B 1272 -43.81 4.38 23.74
C THR B 1272 -44.24 3.56 24.94
N SER B 1273 -44.42 2.25 24.77
CA SER B 1273 -44.84 1.39 25.86
C SER B 1273 -43.76 1.25 26.92
N ILE B 1274 -42.50 1.41 26.52
CA ILE B 1274 -41.42 1.46 27.50
C ILE B 1274 -41.30 2.85 28.08
N LYS B 1275 -41.54 3.88 27.26
CA LYS B 1275 -41.51 5.25 27.76
C LYS B 1275 -42.68 5.55 28.67
N ASN B 1276 -43.84 4.94 28.42
CA ASN B 1276 -44.95 5.06 29.35
C ASN B 1276 -44.64 4.35 30.67
N PHE B 1277 -43.83 3.29 30.61
CA PHE B 1277 -43.46 2.57 31.81
C PHE B 1277 -42.46 3.36 32.64
N TYR B 1278 -41.43 3.88 31.99
CA TYR B 1278 -40.38 4.58 32.72
C TYR B 1278 -40.80 5.97 33.17
N TRP B 1279 -41.83 6.55 32.57
CA TRP B 1279 -42.36 7.80 33.07
C TRP B 1279 -42.99 7.61 34.44
N LYS B 1280 -43.87 6.61 34.56
CA LYS B 1280 -44.57 6.38 35.81
C LYS B 1280 -43.68 5.76 36.88
N LEU B 1281 -42.49 5.32 36.52
CA LEU B 1281 -41.55 4.72 37.46
C LEU B 1281 -40.54 5.73 37.98
N TRP B 1282 -39.99 6.58 37.09
CA TRP B 1282 -39.10 7.64 37.52
C TRP B 1282 -39.87 8.78 38.15
N PHE B 1283 -40.88 9.27 37.46
CA PHE B 1283 -41.76 10.31 37.98
C PHE B 1283 -43.01 9.64 38.52
N GLY B 1284 -43.89 10.42 39.10
CA GLY B 1284 -45.05 9.86 39.74
C GLY B 1284 -46.09 9.38 38.74
N SER B 1285 -47.07 8.65 39.26
CA SER B 1285 -48.28 8.37 38.51
C SER B 1285 -49.27 9.51 38.60
N SER B 1286 -49.00 10.51 39.45
CA SER B 1286 -49.84 11.70 39.50
C SER B 1286 -49.66 12.56 38.26
N VAL B 1287 -48.42 12.80 37.86
CA VAL B 1287 -48.16 13.62 36.67
C VAL B 1287 -48.49 12.81 35.42
N PRO B 1288 -49.25 13.34 34.47
CA PRO B 1288 -49.56 12.59 33.25
C PRO B 1288 -48.34 12.41 32.37
N VAL B 1289 -48.35 11.34 31.60
CA VAL B 1289 -47.22 10.97 30.75
C VAL B 1289 -47.19 11.90 29.54
N ASP B 1290 -46.13 12.71 29.44
CA ASP B 1290 -46.02 13.79 28.47
C ASP B 1290 -44.89 13.44 27.52
N LEU B 1291 -45.21 13.18 26.26
CA LEU B 1291 -44.21 12.91 25.25
C LEU B 1291 -44.20 13.93 24.12
N ASP B 1292 -45.12 14.90 24.13
CA ASP B 1292 -45.16 15.91 23.07
C ASP B 1292 -44.35 17.15 23.46
N PHE B 1293 -43.12 16.91 23.89
CA PHE B 1293 -42.19 17.99 24.13
C PHE B 1293 -41.70 18.57 22.82
N ASP B 1294 -41.08 19.73 22.92
CA ASP B 1294 -40.18 20.23 21.89
C ASP B 1294 -38.78 20.12 22.46
N ALA B 1295 -37.92 19.37 21.79
CA ALA B 1295 -36.58 19.09 22.29
C ALA B 1295 -35.67 20.30 22.28
N ASN B 1296 -36.08 21.40 21.64
CA ASN B 1296 -35.31 22.63 21.66
C ASN B 1296 -35.75 23.60 22.76
N LYS B 1297 -36.95 23.43 23.29
CA LYS B 1297 -37.32 24.25 24.44
C LYS B 1297 -36.64 23.73 25.70
N PRO B 1298 -36.36 24.60 26.67
CA PRO B 1298 -35.78 24.12 27.92
C PRO B 1298 -36.79 23.33 28.73
N ILE B 1299 -36.27 22.47 29.60
CA ILE B 1299 -37.08 21.58 30.42
C ILE B 1299 -36.94 22.01 31.86
N SER B 1300 -38.05 22.41 32.47
CA SER B 1300 -38.04 22.79 33.88
C SER B 1300 -38.20 21.55 34.74
N GLY B 1301 -37.40 21.44 35.79
CA GLY B 1301 -37.45 20.32 36.69
C GLY B 1301 -38.10 20.62 38.03
N GLY B 1302 -38.79 21.73 38.16
CA GLY B 1302 -39.49 22.06 39.38
C GLY B 1302 -38.57 22.51 40.50
N GLU B 1303 -39.20 22.93 41.58
CA GLU B 1303 -38.51 23.45 42.75
C GLU B 1303 -38.24 22.29 43.70
N ALA B 1304 -36.97 22.11 44.06
CA ALA B 1304 -36.57 21.06 44.98
C ALA B 1304 -35.80 21.67 46.15
N SER B 1305 -35.83 20.97 47.27
CA SER B 1305 -35.17 21.44 48.49
C SER B 1305 -34.09 20.45 48.91
N VAL B 1306 -33.26 20.91 49.82
CA VAL B 1306 -32.24 20.07 50.46
C VAL B 1306 -32.67 19.90 51.91
N SER B 1307 -32.46 18.71 52.46
CA SER B 1307 -32.77 18.45 53.85
C SER B 1307 -31.65 17.63 54.47
N SER B 1308 -31.58 17.65 55.80
CA SER B 1308 -30.55 16.90 56.51
C SER B 1308 -30.79 15.41 56.41
N GLN B 1309 -32.05 14.97 56.35
CA GLN B 1309 -32.31 13.56 56.15
C GLN B 1309 -31.96 13.10 54.74
N ALA B 1310 -31.97 14.01 53.77
CA ALA B 1310 -31.58 13.61 52.41
C ALA B 1310 -30.07 13.58 52.25
N ILE B 1311 -29.34 14.46 52.94
CA ILE B 1311 -27.88 14.47 52.82
C ILE B 1311 -27.29 13.25 53.52
N ALA B 1312 -27.72 13.00 54.76
CA ALA B 1312 -27.11 11.96 55.57
C ALA B 1312 -27.39 10.57 55.03
N GLU B 1313 -28.58 10.37 54.45
CA GLU B 1313 -28.86 9.11 53.78
C GLU B 1313 -28.13 8.99 52.45
N PHE B 1314 -27.74 10.11 51.84
CA PHE B 1314 -26.97 10.04 50.61
C PHE B 1314 -25.53 9.64 50.88
N THR B 1315 -24.86 10.35 51.80
CA THR B 1315 -23.44 10.11 52.04
C THR B 1315 -23.17 8.77 52.70
N HIS B 1316 -24.15 8.20 53.40
CA HIS B 1316 -24.01 6.83 53.87
C HIS B 1316 -24.11 5.85 52.71
N ALA B 1317 -25.02 6.13 51.77
CA ALA B 1317 -25.24 5.23 50.64
C ALA B 1317 -24.06 5.17 49.69
N VAL B 1318 -23.19 6.19 49.69
CA VAL B 1318 -22.01 6.19 48.83
C VAL B 1318 -20.72 6.11 49.60
N GLY B 1319 -20.74 6.30 50.91
CA GLY B 1319 -19.52 6.23 51.70
C GLY B 1319 -18.71 7.50 51.69
N ASN B 1320 -19.36 8.66 51.77
CA ASN B 1320 -18.70 9.96 51.72
C ASN B 1320 -18.63 10.49 53.14
N SER B 1321 -17.59 10.12 53.86
CA SER B 1321 -17.45 10.53 55.26
C SER B 1321 -16.64 11.81 55.39
N CYS B 1322 -17.02 12.83 54.65
CA CYS B 1322 -16.37 14.14 54.78
C CYS B 1322 -17.04 14.93 55.89
N GLU B 1323 -16.27 15.84 56.48
CA GLU B 1323 -16.74 16.58 57.65
C GLU B 1323 -17.80 17.61 57.29
N ASP B 1324 -17.75 18.13 56.05
CA ASP B 1324 -18.63 19.23 55.69
C ASP B 1324 -20.08 18.81 55.48
N PHE B 1325 -20.34 17.52 55.32
CA PHE B 1325 -21.68 17.05 55.03
C PHE B 1325 -22.41 16.49 56.24
N VAL B 1326 -21.74 16.41 57.39
CA VAL B 1326 -22.36 15.90 58.60
C VAL B 1326 -22.69 17.07 59.52
N PRO B 1327 -23.91 17.14 60.07
CA PRO B 1327 -24.32 18.34 60.81
C PRO B 1327 -23.69 18.47 62.18
N ARG B 1328 -22.50 19.07 62.24
CA ARG B 1328 -21.91 19.46 63.50
C ARG B 1328 -22.62 20.70 64.05
N ALA B 1329 -22.20 21.14 65.22
CA ALA B 1329 -22.75 22.33 65.86
C ALA B 1329 -21.81 23.51 65.63
N GLY B 1330 -22.36 24.61 65.11
CA GLY B 1330 -21.57 25.80 64.87
C GLY B 1330 -21.50 26.23 63.42
N ARG B 1331 -21.38 25.27 62.51
CA ARG B 1331 -21.26 25.57 61.10
C ARG B 1331 -22.44 24.97 60.33
N PRO B 1332 -22.84 25.57 59.21
CA PRO B 1332 -23.94 25.01 58.43
C PRO B 1332 -23.49 23.80 57.63
N GLN B 1333 -24.42 22.86 57.45
CA GLN B 1333 -24.13 21.64 56.72
C GLN B 1333 -24.07 21.91 55.23
N LEU B 1334 -23.12 21.25 54.57
CA LEU B 1334 -22.98 21.35 53.13
C LEU B 1334 -23.55 20.10 52.47
N ALA B 1335 -23.72 20.18 51.16
CA ALA B 1335 -24.16 19.05 50.35
C ALA B 1335 -23.15 18.81 49.23
N PRO B 1336 -22.91 17.57 48.85
CA PRO B 1336 -21.93 17.29 47.79
C PRO B 1336 -22.43 17.72 46.43
N MET B 1337 -21.51 17.73 45.46
CA MET B 1337 -21.90 17.98 44.08
C MET B 1337 -22.73 16.83 43.51
N ASP B 1338 -22.56 15.63 44.05
CA ASP B 1338 -23.34 14.48 43.63
C ASP B 1338 -24.81 14.59 44.00
N PHE B 1339 -25.15 15.49 44.92
CA PHE B 1339 -26.55 15.74 45.23
C PHE B 1339 -27.26 16.52 44.13
N ALA B 1340 -26.53 17.04 43.14
CA ALA B 1340 -27.17 17.75 42.04
C ALA B 1340 -27.88 16.82 41.08
N ILE B 1341 -27.36 15.60 40.89
CA ILE B 1341 -28.06 14.62 40.07
C ILE B 1341 -29.27 14.04 40.81
N VAL B 1342 -29.35 14.23 42.12
CA VAL B 1342 -30.60 13.95 42.82
C VAL B 1342 -31.60 15.07 42.59
N LEU B 1343 -31.15 16.32 42.72
CA LEU B 1343 -32.03 17.46 42.55
C LEU B 1343 -32.39 17.68 41.09
N GLY B 1344 -31.48 17.38 40.17
CA GLY B 1344 -31.75 17.60 38.78
C GLY B 1344 -32.13 16.34 38.04
N TRP B 1345 -32.63 15.33 38.77
CA TRP B 1345 -33.00 14.08 38.14
C TRP B 1345 -34.25 14.22 37.30
N LYS B 1346 -35.22 14.99 37.79
CA LYS B 1346 -36.49 15.12 37.08
C LYS B 1346 -36.36 15.97 35.82
N ALA B 1347 -35.39 16.88 35.79
CA ALA B 1347 -35.18 17.68 34.60
C ALA B 1347 -34.37 16.93 33.55
N ILE B 1348 -33.34 16.21 33.99
CA ILE B 1348 -32.40 15.59 33.05
C ILE B 1348 -33.03 14.38 32.38
N MET B 1349 -33.72 13.55 33.15
CA MET B 1349 -34.29 12.35 32.56
C MET B 1349 -35.53 12.61 31.73
N LYS B 1350 -36.13 13.80 31.84
CA LYS B 1350 -37.23 14.16 30.96
C LYS B 1350 -36.75 14.49 29.55
N ALA B 1351 -35.45 14.51 29.30
CA ALA B 1351 -34.92 14.91 28.01
C ALA B 1351 -34.84 13.76 27.02
N ILE B 1352 -34.72 12.52 27.49
CA ILE B 1352 -34.68 11.38 26.58
C ILE B 1352 -36.07 10.94 26.14
N PHE B 1353 -37.10 11.39 26.82
CA PHE B 1353 -38.50 11.05 26.61
C PHE B 1353 -39.29 11.56 25.40
N PRO B 1354 -39.00 12.70 24.74
CA PRO B 1354 -39.84 13.15 23.62
C PRO B 1354 -40.00 12.15 22.46
N LYS B 1355 -41.00 12.41 21.62
CA LYS B 1355 -41.21 11.58 20.45
C LYS B 1355 -40.11 11.78 19.42
N THR B 1356 -39.47 12.95 19.44
CA THR B 1356 -38.44 13.25 18.47
C THR B 1356 -37.15 12.50 18.76
N VAL B 1357 -36.80 12.34 20.03
CA VAL B 1357 -35.67 11.54 20.44
C VAL B 1357 -36.19 10.16 20.78
N ASP B 1358 -36.07 9.24 19.83
CA ASP B 1358 -36.74 7.96 19.90
C ASP B 1358 -35.75 6.86 20.23
N GLY B 1359 -36.27 5.77 20.78
CA GLY B 1359 -35.47 4.65 21.22
C GLY B 1359 -36.13 4.01 22.42
N ASP B 1360 -35.68 2.83 22.81
CA ASP B 1360 -36.19 2.18 24.01
C ASP B 1360 -35.26 2.48 25.17
N ILE B 1361 -35.86 2.67 26.36
CA ILE B 1361 -35.08 2.89 27.55
C ILE B 1361 -34.37 1.61 27.98
N LEU B 1362 -34.85 0.45 27.54
CA LEU B 1362 -34.23 -0.82 27.88
C LEU B 1362 -32.92 -1.07 27.13
N LYS B 1363 -32.57 -0.23 26.16
CA LYS B 1363 -31.24 -0.25 25.56
C LYS B 1363 -30.45 1.00 25.88
N LEU B 1364 -30.93 1.81 26.82
CA LEU B 1364 -30.29 3.08 27.12
C LEU B 1364 -29.06 2.87 27.98
N VAL B 1365 -27.96 3.50 27.58
CA VAL B 1365 -26.71 3.47 28.33
C VAL B 1365 -26.42 4.89 28.80
N HIS B 1366 -25.98 5.01 30.05
CA HIS B 1366 -25.50 6.29 30.58
C HIS B 1366 -24.00 6.30 30.35
N LEU B 1367 -23.54 7.06 29.36
CA LEU B 1367 -22.13 7.00 28.98
C LEU B 1367 -21.26 7.75 29.97
N SER B 1368 -21.52 9.04 30.15
CA SER B 1368 -20.70 9.88 31.00
C SER B 1368 -21.60 10.86 31.73
N ASN B 1369 -21.04 11.46 32.77
CA ASN B 1369 -21.75 12.48 33.54
C ASN B 1369 -20.73 13.32 34.26
N GLY B 1370 -20.82 14.63 34.09
CA GLY B 1370 -19.89 15.55 34.72
C GLY B 1370 -20.61 16.67 35.41
N TYR B 1371 -19.98 17.17 36.48
CA TYR B 1371 -20.43 18.35 37.18
C TYR B 1371 -19.41 19.46 36.99
N LYS B 1372 -19.88 20.70 37.09
CA LYS B 1372 -19.00 21.85 37.02
C LYS B 1372 -19.66 22.98 37.79
N MET B 1373 -18.94 23.53 38.76
CA MET B 1373 -19.45 24.63 39.55
C MET B 1373 -19.11 25.95 38.88
N PHE B 1374 -20.08 26.85 38.87
CA PHE B 1374 -19.86 28.17 38.31
C PHE B 1374 -18.90 28.95 39.20
N PRO B 1375 -18.11 29.86 38.64
CA PRO B 1375 -17.10 30.57 39.43
C PRO B 1375 -17.75 31.54 40.42
N GLY B 1376 -17.21 31.54 41.64
CA GLY B 1376 -17.76 32.37 42.69
C GLY B 1376 -19.00 31.81 43.34
N ALA B 1377 -19.19 30.50 43.31
CA ALA B 1377 -20.39 29.87 43.86
C ALA B 1377 -20.03 29.01 45.05
N ASP B 1378 -20.81 29.15 46.10
CA ASP B 1378 -20.69 28.32 47.29
C ASP B 1378 -21.45 27.01 47.08
N PRO B 1379 -21.09 25.95 47.82
CA PRO B 1379 -21.84 24.70 47.68
C PRO B 1379 -23.25 24.78 48.25
N LEU B 1380 -24.01 23.71 48.09
CA LEU B 1380 -25.38 23.70 48.56
C LEU B 1380 -25.42 23.56 50.07
N LYS B 1381 -26.22 24.40 50.71
CA LYS B 1381 -26.32 24.39 52.16
C LYS B 1381 -27.36 23.36 52.60
N LYS B 1382 -27.65 23.34 53.90
CA LYS B 1382 -28.67 22.43 54.41
C LYS B 1382 -30.06 22.90 54.03
N GLY B 1383 -30.42 24.12 54.41
CA GLY B 1383 -31.75 24.62 54.11
C GLY B 1383 -31.83 25.38 52.80
N ASP B 1384 -31.20 24.83 51.77
CA ASP B 1384 -31.18 25.46 50.46
C ASP B 1384 -32.31 24.92 49.61
N VAL B 1385 -32.98 25.81 48.88
CA VAL B 1385 -34.00 25.44 47.91
C VAL B 1385 -33.49 25.86 46.53
N VAL B 1386 -33.61 24.95 45.56
CA VAL B 1386 -33.01 25.14 44.26
C VAL B 1386 -34.05 24.86 43.18
N SER B 1387 -33.77 25.37 42.00
CA SER B 1387 -34.52 25.04 40.81
C SER B 1387 -33.55 24.62 39.72
N THR B 1388 -34.04 23.78 38.81
CA THR B 1388 -33.19 23.25 37.75
C THR B 1388 -33.85 23.43 36.40
N VAL B 1389 -33.02 23.81 35.42
CA VAL B 1389 -33.44 23.94 34.03
C VAL B 1389 -32.49 23.10 33.20
N ALA B 1390 -33.02 22.17 32.43
CA ALA B 1390 -32.22 21.34 31.55
C ALA B 1390 -32.62 21.61 30.11
N HIS B 1391 -31.69 21.34 29.19
CA HIS B 1391 -31.97 21.37 27.77
C HIS B 1391 -31.00 20.44 27.07
N ILE B 1392 -31.36 20.07 25.84
CA ILE B 1392 -30.62 19.09 25.06
C ILE B 1392 -29.72 19.82 24.08
N ARG B 1393 -28.49 19.36 23.96
CA ARG B 1393 -27.54 19.95 23.03
C ARG B 1393 -27.45 19.19 21.71
N SER B 1394 -27.33 17.87 21.75
CA SER B 1394 -27.08 17.12 20.53
C SER B 1394 -27.80 15.78 20.59
N VAL B 1395 -28.48 15.42 19.50
CA VAL B 1395 -29.22 14.18 19.38
C VAL B 1395 -28.64 13.46 18.15
N VAL B 1396 -27.32 13.54 17.98
CA VAL B 1396 -26.67 12.99 16.79
C VAL B 1396 -26.82 11.47 16.70
N ASN B 1397 -26.78 10.97 15.47
CA ASN B 1397 -26.83 9.54 15.19
C ASN B 1397 -25.44 9.03 14.85
N GLY B 1398 -25.32 7.71 14.78
CA GLY B 1398 -24.06 7.11 14.44
C GLY B 1398 -24.26 5.79 13.72
N GLU B 1399 -23.16 5.04 13.63
CA GLU B 1399 -23.25 3.68 13.11
C GLU B 1399 -24.04 2.80 14.06
N THR B 1400 -23.81 2.94 15.36
CA THR B 1400 -24.67 2.37 16.39
C THR B 1400 -25.73 3.43 16.67
N GLY B 1401 -26.46 3.33 17.77
CA GLY B 1401 -27.56 4.24 18.00
C GLY B 1401 -27.14 5.65 18.37
N LYS B 1402 -28.13 6.43 18.79
CA LYS B 1402 -27.98 7.86 18.92
C LYS B 1402 -27.47 8.25 20.30
N THR B 1403 -26.79 9.39 20.35
CA THR B 1403 -26.19 9.91 21.57
C THR B 1403 -26.85 11.23 21.92
N VAL B 1404 -27.41 11.30 23.13
CA VAL B 1404 -28.13 12.47 23.61
C VAL B 1404 -27.29 13.16 24.67
N GLU B 1405 -27.06 14.46 24.49
CA GLU B 1405 -26.28 15.25 25.43
C GLU B 1405 -27.19 16.27 26.08
N VAL B 1406 -27.33 16.19 27.40
CA VAL B 1406 -28.24 17.03 28.17
C VAL B 1406 -27.42 17.83 29.15
N VAL B 1407 -27.60 19.15 29.13
CA VAL B 1407 -26.98 20.05 30.10
C VAL B 1407 -28.07 20.65 30.97
N GLY B 1408 -27.98 20.41 32.26
CA GLY B 1408 -28.88 21.02 33.22
C GLY B 1408 -28.09 21.86 34.20
N VAL B 1409 -28.62 23.03 34.53
CA VAL B 1409 -27.99 23.90 35.52
C VAL B 1409 -28.87 23.92 36.76
N ILE B 1410 -28.23 24.17 37.90
CA ILE B 1410 -28.93 24.30 39.17
C ILE B 1410 -28.84 25.76 39.59
N SER B 1411 -29.97 26.33 40.01
CA SER B 1411 -30.06 27.74 40.34
C SER B 1411 -30.50 27.88 41.78
N ARG B 1412 -29.70 28.57 42.58
CA ARG B 1412 -30.04 28.87 43.97
C ARG B 1412 -30.42 30.33 44.05
N ASP B 1413 -31.72 30.59 44.31
CA ASP B 1413 -32.28 31.93 44.50
C ASP B 1413 -32.06 32.82 43.28
N GLY B 1414 -32.20 32.25 42.08
CA GLY B 1414 -32.02 32.97 40.84
C GLY B 1414 -30.61 32.91 40.30
N LYS B 1415 -29.60 32.92 41.17
CA LYS B 1415 -28.26 32.85 40.61
C LYS B 1415 -27.84 31.40 40.43
N PRO B 1416 -27.18 31.08 39.31
CA PRO B 1416 -26.77 29.70 39.07
C PRO B 1416 -25.58 29.31 39.94
N VAL B 1417 -25.61 28.08 40.44
CA VAL B 1417 -24.54 27.58 41.29
C VAL B 1417 -23.66 26.56 40.56
N LEU B 1418 -24.25 25.59 39.86
CA LEU B 1418 -23.46 24.61 39.15
C LEU B 1418 -24.27 24.05 38.00
N GLU B 1419 -23.56 23.54 37.00
CA GLU B 1419 -24.18 22.84 35.88
C GLU B 1419 -23.75 21.40 35.89
N VAL B 1420 -24.59 20.54 35.32
CA VAL B 1420 -24.31 19.13 35.16
C VAL B 1420 -24.66 18.72 33.73
N ASN B 1421 -23.70 18.12 33.04
CA ASN B 1421 -23.92 17.65 31.68
C ASN B 1421 -23.75 16.14 31.64
N SER B 1422 -24.74 15.47 31.07
CA SER B 1422 -24.77 14.03 30.97
C SER B 1422 -24.67 13.62 29.51
N GLN B 1423 -24.67 12.31 29.27
CA GLN B 1423 -24.47 11.79 27.92
C GLN B 1423 -25.07 10.40 27.86
N PHE B 1424 -26.19 10.27 27.16
CA PHE B 1424 -26.93 9.02 27.07
C PHE B 1424 -26.76 8.41 25.69
N PHE B 1425 -27.11 7.13 25.58
CA PHE B 1425 -26.84 6.38 24.36
C PHE B 1425 -27.95 5.35 24.16
N TYR B 1426 -28.96 5.71 23.37
CA TYR B 1426 -29.94 4.75 22.91
C TYR B 1426 -29.26 3.79 21.94
N ARG B 1427 -29.15 2.51 22.29
CA ARG B 1427 -28.59 1.56 21.35
C ARG B 1427 -29.60 1.22 20.26
N GLY B 1428 -29.09 0.86 19.10
CA GLY B 1428 -29.93 0.48 17.99
C GLY B 1428 -29.37 0.98 16.68
N LYS B 1429 -30.20 0.94 15.65
CA LYS B 1429 -29.87 1.44 14.32
C LYS B 1429 -30.97 2.42 13.93
N TYR B 1430 -30.62 3.70 13.84
CA TYR B 1430 -31.61 4.74 13.67
C TYR B 1430 -31.34 5.52 12.40
N GLN B 1431 -32.41 5.97 11.75
CA GLN B 1431 -32.32 6.72 10.51
C GLN B 1431 -33.10 8.03 10.59
N ASP B 1432 -33.56 8.42 11.77
CA ASP B 1432 -34.29 9.68 11.95
C ASP B 1432 -33.28 10.82 12.05
N PHE B 1433 -33.01 11.47 10.91
CA PHE B 1433 -32.06 12.56 10.88
C PHE B 1433 -32.73 13.93 10.87
N GLY B 1434 -34.04 13.98 10.64
CA GLY B 1434 -34.75 15.24 10.73
C GLY B 1434 -34.82 15.78 12.14
N ASN B 1435 -34.70 14.92 13.14
CA ASN B 1435 -34.69 15.32 14.54
C ASN B 1435 -33.28 15.48 15.08
N SER B 1436 -32.28 14.96 14.39
CA SER B 1436 -30.90 15.02 14.86
C SER B 1436 -30.37 16.44 14.70
N PHE B 1437 -29.76 16.96 15.76
CA PHE B 1437 -29.09 18.25 15.70
C PHE B 1437 -27.87 18.20 16.61
N LYS B 1438 -27.13 19.32 16.63
CA LYS B 1438 -25.96 19.45 17.50
C LYS B 1438 -25.65 20.93 17.61
N LYS B 1439 -25.75 21.49 18.81
CA LYS B 1439 -25.34 22.86 19.05
C LYS B 1439 -24.15 22.86 20.00
N THR B 1440 -23.19 23.74 19.72
CA THR B 1440 -21.95 23.80 20.48
C THR B 1440 -21.63 25.24 20.84
N THR B 1441 -20.58 25.40 21.64
CA THR B 1441 -19.84 26.64 21.80
C THR B 1441 -18.40 26.30 21.49
N GLU B 1442 -17.87 26.84 20.40
CA GLU B 1442 -16.57 26.41 19.93
C GLU B 1442 -15.46 27.04 20.77
N THR B 1443 -14.26 26.50 20.60
CA THR B 1443 -13.14 26.91 21.40
C THR B 1443 -12.67 28.31 21.03
N PRO B 1444 -12.09 29.05 21.98
CA PRO B 1444 -11.59 30.39 21.67
C PRO B 1444 -10.31 30.41 20.86
N VAL B 1445 -10.42 30.40 19.55
CA VAL B 1445 -9.25 30.47 18.68
C VAL B 1445 -8.75 31.91 18.63
N GLN B 1446 -7.44 32.09 18.75
CA GLN B 1446 -6.79 33.39 18.57
C GLN B 1446 -6.02 33.39 17.26
N VAL B 1447 -6.32 34.36 16.39
CA VAL B 1447 -5.69 34.47 15.08
C VAL B 1447 -4.91 35.78 15.02
N ALA B 1448 -3.65 35.70 14.63
CA ALA B 1448 -2.78 36.86 14.47
C ALA B 1448 -2.64 37.21 12.99
N PHE B 1449 -2.46 38.50 12.71
CA PHE B 1449 -2.37 39.01 11.35
C PHE B 1449 -1.06 39.78 11.21
N LYS B 1450 0.00 39.09 10.79
CA LYS B 1450 1.31 39.67 10.67
C LYS B 1450 1.67 40.01 9.23
N SER B 1451 0.67 40.11 8.35
CA SER B 1451 0.90 40.51 6.97
C SER B 1451 -0.37 41.12 6.43
N ALA B 1452 -0.24 41.77 5.28
CA ALA B 1452 -1.39 42.43 4.67
C ALA B 1452 -2.23 41.49 3.84
N LYS B 1453 -1.75 40.28 3.54
CA LYS B 1453 -2.59 39.33 2.84
C LYS B 1453 -3.49 38.57 3.78
N ASP B 1454 -3.10 38.45 5.06
CA ASP B 1454 -3.93 37.75 6.03
C ASP B 1454 -5.20 38.53 6.33
N ILE B 1455 -5.14 39.85 6.28
CA ILE B 1455 -6.34 40.66 6.43
C ILE B 1455 -7.22 40.56 5.19
N ALA B 1456 -6.60 40.44 4.01
CA ALA B 1456 -7.38 40.36 2.79
C ALA B 1456 -8.01 38.99 2.60
N VAL B 1457 -7.35 37.93 3.09
CA VAL B 1457 -7.96 36.61 3.13
C VAL B 1457 -9.19 36.62 4.03
N LEU B 1458 -9.06 37.25 5.19
CA LEU B 1458 -10.15 37.29 6.16
C LEU B 1458 -11.31 38.14 5.66
N LYS B 1459 -11.01 39.27 5.02
CA LYS B 1459 -12.07 40.15 4.55
C LYS B 1459 -12.79 39.60 3.32
N SER B 1460 -12.17 38.66 2.60
CA SER B 1460 -12.80 38.07 1.43
C SER B 1460 -13.91 37.11 1.81
N LYS B 1461 -13.94 36.65 3.05
CA LYS B 1461 -14.98 35.74 3.51
C LYS B 1461 -16.26 36.52 3.78
N GLU B 1462 -17.37 36.04 3.22
CA GLU B 1462 -18.65 36.72 3.38
C GLU B 1462 -19.19 36.60 4.79
N TRP B 1463 -18.73 35.62 5.56
CA TRP B 1463 -19.21 35.44 6.93
C TRP B 1463 -18.49 36.32 7.93
N PHE B 1464 -17.64 37.22 7.48
CA PHE B 1464 -16.89 38.12 8.34
C PHE B 1464 -17.46 39.52 8.16
N HIS B 1465 -18.25 39.95 9.11
CA HIS B 1465 -18.91 41.26 9.06
C HIS B 1465 -18.06 42.22 9.89
N LEU B 1466 -17.20 42.97 9.22
CA LEU B 1466 -16.32 43.90 9.93
C LEU B 1466 -17.11 45.12 10.36
N GLU B 1467 -17.25 45.29 11.67
CA GLU B 1467 -18.07 46.38 12.21
C GLU B 1467 -17.27 47.67 12.35
N LYS B 1468 -16.22 47.63 13.14
CA LYS B 1468 -15.38 48.80 13.40
C LYS B 1468 -14.12 48.69 12.54
N ASP B 1469 -13.99 49.59 11.57
CA ASP B 1469 -12.86 49.56 10.66
C ASP B 1469 -11.59 50.00 11.39
N ILE B 1470 -10.61 49.11 11.45
CA ILE B 1470 -9.37 49.37 12.17
C ILE B 1470 -8.28 48.53 11.51
N ASP B 1471 -7.05 49.02 11.56
CA ASP B 1471 -5.93 48.30 10.98
C ASP B 1471 -5.54 47.13 11.86
N LEU B 1472 -5.68 45.91 11.33
CA LEU B 1472 -5.42 44.69 12.07
C LEU B 1472 -4.01 44.15 11.85
N LEU B 1473 -3.10 44.98 11.35
CA LEU B 1473 -1.75 44.52 11.06
C LEU B 1473 -0.94 44.41 12.34
N ASN B 1474 -0.26 43.27 12.51
CA ASN B 1474 0.51 42.92 13.70
C ASN B 1474 -0.35 42.97 14.96
N GLN B 1475 -1.60 42.52 14.83
CA GLN B 1475 -2.52 42.45 15.95
C GLN B 1475 -3.22 41.10 15.92
N THR B 1476 -3.90 40.78 17.02
CA THR B 1476 -4.49 39.47 17.22
C THR B 1476 -5.97 39.59 17.50
N LEU B 1477 -6.77 38.76 16.84
CA LEU B 1477 -8.20 38.67 17.09
C LEU B 1477 -8.52 37.37 17.81
N THR B 1478 -9.54 37.42 18.66
CA THR B 1478 -10.02 36.25 19.38
C THR B 1478 -11.46 35.96 18.96
N PHE B 1479 -11.74 34.70 18.64
CA PHE B 1479 -13.03 34.31 18.07
C PHE B 1479 -13.80 33.48 19.09
N ARG B 1480 -14.93 33.99 19.55
CA ARG B 1480 -15.85 33.26 20.42
C ARG B 1480 -17.05 32.86 19.57
N CYS B 1481 -16.96 31.69 18.93
CA CYS B 1481 -17.97 31.25 17.99
C CYS B 1481 -18.81 30.12 18.58
N GLU B 1482 -20.07 30.05 18.15
CA GLU B 1482 -20.97 28.98 18.55
C GLU B 1482 -21.78 28.53 17.34
N SER B 1483 -22.03 27.24 17.25
CA SER B 1483 -22.61 26.64 16.05
C SER B 1483 -23.97 26.04 16.36
N TYR B 1484 -24.67 25.68 15.29
CA TYR B 1484 -25.94 24.97 15.40
C TYR B 1484 -26.15 24.21 14.10
N VAL B 1485 -26.00 22.89 14.14
CA VAL B 1485 -25.96 22.05 12.96
C VAL B 1485 -27.18 21.14 12.95
N LYS B 1486 -27.82 21.01 11.79
CA LYS B 1486 -28.74 19.93 11.53
C LYS B 1486 -28.07 18.88 10.65
N PHE B 1487 -28.55 17.65 10.75
CA PHE B 1487 -27.94 16.53 10.07
C PHE B 1487 -28.87 15.96 9.03
N LYS B 1488 -28.28 15.38 7.99
CA LYS B 1488 -29.06 14.75 6.92
C LYS B 1488 -28.75 13.28 6.76
N SER B 1489 -27.47 12.90 6.67
CA SER B 1489 -27.14 11.48 6.52
C SER B 1489 -25.90 11.08 7.30
N SER B 1490 -25.65 11.72 8.44
CA SER B 1490 -24.58 11.49 9.41
C SER B 1490 -23.19 11.82 8.90
N THR B 1491 -23.04 12.20 7.63
CA THR B 1491 -21.77 12.71 7.12
C THR B 1491 -21.93 13.99 6.32
N VAL B 1492 -23.12 14.32 5.84
CA VAL B 1492 -23.41 15.64 5.31
C VAL B 1492 -24.33 16.32 6.30
N PHE B 1493 -24.34 17.64 6.26
CA PHE B 1493 -25.17 18.44 7.15
C PHE B 1493 -26.43 18.87 6.40
N ALA B 1494 -27.33 19.51 7.13
CA ALA B 1494 -28.56 19.97 6.52
C ALA B 1494 -28.72 21.49 6.59
N SER B 1495 -28.35 22.10 7.71
CA SER B 1495 -28.41 23.56 7.81
C SER B 1495 -27.39 23.97 8.88
N VAL B 1496 -26.26 24.46 8.45
CA VAL B 1496 -25.21 24.92 9.35
C VAL B 1496 -25.44 26.39 9.67
N LYS B 1497 -25.28 26.75 10.94
CA LYS B 1497 -25.40 28.14 11.37
C LYS B 1497 -24.33 28.39 12.43
N THR B 1498 -23.28 29.10 12.06
CA THR B 1498 -22.25 29.51 12.99
C THR B 1498 -22.37 31.02 13.19
N THR B 1499 -22.61 31.45 14.42
CA THR B 1499 -22.83 32.85 14.73
C THR B 1499 -21.96 33.21 15.94
N GLY B 1500 -20.80 33.79 15.68
CA GLY B 1500 -19.92 34.18 16.75
C GLY B 1500 -19.51 35.63 16.66
N GLN B 1501 -18.50 36.01 17.43
CA GLN B 1501 -17.99 37.37 17.46
C GLN B 1501 -16.48 37.33 17.28
N ALA B 1502 -15.88 38.51 17.18
CA ALA B 1502 -14.44 38.64 17.11
C ALA B 1502 -14.07 39.92 17.82
N LEU B 1503 -12.90 39.91 18.48
CA LEU B 1503 -12.55 41.05 19.33
C LEU B 1503 -11.05 41.18 19.46
N LEU B 1504 -10.62 42.40 19.77
CA LEU B 1504 -9.22 42.81 19.75
C LEU B 1504 -8.86 43.45 21.08
N GLU B 1505 -7.65 43.16 21.56
CA GLU B 1505 -7.12 43.78 22.78
C GLU B 1505 -6.34 45.03 22.37
N LEU B 1506 -6.93 46.20 22.60
CA LEU B 1506 -6.24 47.43 22.30
C LEU B 1506 -5.33 47.81 23.48
N PRO B 1507 -4.19 48.50 23.22
CA PRO B 1507 -3.11 48.53 24.23
C PRO B 1507 -3.33 49.36 25.48
N SER B 1508 -4.55 49.80 25.78
CA SER B 1508 -4.83 50.41 27.07
C SER B 1508 -5.54 49.44 28.02
N LYS B 1509 -5.22 48.15 27.91
CA LYS B 1509 -5.87 47.05 28.65
C LYS B 1509 -7.38 47.05 28.44
N GLU B 1510 -7.77 46.85 27.19
CA GLU B 1510 -9.18 47.00 26.83
C GLU B 1510 -9.49 46.11 25.62
N ILE B 1511 -10.61 45.39 25.69
CA ILE B 1511 -11.10 44.57 24.60
C ILE B 1511 -12.31 45.25 23.98
N ILE B 1512 -12.39 45.19 22.65
CA ILE B 1512 -13.49 45.77 21.90
C ILE B 1512 -13.91 44.79 20.82
N GLN B 1513 -15.21 44.68 20.59
CA GLN B 1513 -15.70 43.89 19.47
C GLN B 1513 -15.41 44.63 18.17
N VAL B 1514 -14.69 43.98 17.26
CA VAL B 1514 -14.36 44.58 15.98
C VAL B 1514 -15.13 43.96 14.84
N ALA B 1515 -15.81 42.83 15.04
CA ALA B 1515 -16.42 42.11 13.94
C ALA B 1515 -17.56 41.26 14.48
N GLU B 1516 -18.12 40.43 13.60
CA GLU B 1516 -19.28 39.61 13.92
C GLU B 1516 -19.38 38.51 12.88
N ILE B 1517 -19.45 37.27 13.31
CA ILE B 1517 -19.46 36.13 12.42
C ILE B 1517 -20.90 35.72 12.17
N ASN B 1518 -21.26 35.56 10.90
CA ASN B 1518 -22.61 35.15 10.51
C ASN B 1518 -22.50 34.26 9.29
N TYR B 1519 -22.69 32.96 9.48
CA TYR B 1519 -22.58 31.99 8.40
C TYR B 1519 -23.77 31.04 8.51
N GLU B 1520 -24.78 31.27 7.68
CA GLU B 1520 -26.02 30.49 7.71
C GLU B 1520 -26.14 29.75 6.39
N SER B 1521 -25.51 28.60 6.30
CA SER B 1521 -25.57 27.81 5.08
C SER B 1521 -26.59 26.69 5.24
N GLY B 1522 -26.63 25.80 4.25
CA GLY B 1522 -27.54 24.68 4.30
C GLY B 1522 -27.09 23.60 3.34
N SER B 1523 -27.32 22.35 3.73
CA SER B 1523 -27.01 21.14 2.94
C SER B 1523 -25.54 21.05 2.55
N SER B 1524 -24.66 21.55 3.41
CA SER B 1524 -23.23 21.56 3.12
C SER B 1524 -22.60 20.23 3.55
N TYR B 1525 -21.29 20.21 3.58
CA TYR B 1525 -20.53 19.05 4.01
C TYR B 1525 -19.73 19.29 5.26
N GLY B 1526 -19.24 20.51 5.49
CA GLY B 1526 -18.46 20.81 6.68
C GLY B 1526 -18.56 22.27 7.07
N ASN B 1527 -17.70 22.70 7.99
CA ASN B 1527 -17.79 24.04 8.53
C ASN B 1527 -16.59 24.86 8.07
N PRO B 1528 -16.77 25.81 7.15
CA PRO B 1528 -15.63 26.60 6.69
C PRO B 1528 -15.17 27.66 7.66
N VAL B 1529 -16.05 28.14 8.55
CA VAL B 1529 -15.63 29.06 9.59
C VAL B 1529 -14.68 28.36 10.55
N LEU B 1530 -15.04 27.15 10.98
CA LEU B 1530 -14.18 26.40 11.89
C LEU B 1530 -12.95 25.88 11.18
N ASP B 1531 -13.05 25.61 9.88
CA ASP B 1531 -11.88 25.14 9.15
C ASP B 1531 -10.88 26.26 8.93
N TYR B 1532 -11.36 27.51 8.84
CA TYR B 1532 -10.44 28.63 8.71
C TYR B 1532 -9.70 28.88 10.01
N LEU B 1533 -10.42 28.86 11.14
CA LEU B 1533 -9.81 29.14 12.43
C LEU B 1533 -8.88 28.03 12.87
N THR B 1534 -9.12 26.80 12.41
CA THR B 1534 -8.27 25.68 12.80
C THR B 1534 -6.89 25.80 12.21
N ARG B 1535 -6.80 25.94 10.88
CA ARG B 1535 -5.53 25.94 10.19
C ARG B 1535 -4.86 27.30 10.15
N HIS B 1536 -5.42 28.31 10.81
CA HIS B 1536 -4.76 29.61 10.90
C HIS B 1536 -4.45 30.00 12.33
N GLY B 1537 -5.42 29.95 13.23
CA GLY B 1537 -5.20 30.34 14.60
C GLY B 1537 -5.01 29.15 15.53
N SER B 1538 -4.74 29.48 16.78
CA SER B 1538 -4.51 28.49 17.82
C SER B 1538 -5.49 28.71 18.96
N THR B 1539 -5.84 27.63 19.64
CA THR B 1539 -6.80 27.70 20.73
C THR B 1539 -6.15 28.29 21.97
N ILE B 1540 -6.92 29.08 22.71
CA ILE B 1540 -6.47 29.59 24.00
C ILE B 1540 -7.43 29.06 25.05
N GLU B 1541 -7.14 29.38 26.33
CA GLU B 1541 -7.90 28.92 27.50
C GLU B 1541 -7.98 27.39 27.59
N GLN B 1542 -6.95 26.74 27.20
CA GLN B 1542 -6.95 25.30 27.26
C GLN B 1542 -6.13 24.82 28.45
N PRO B 1543 -6.41 23.62 28.97
CA PRO B 1543 -5.62 23.10 30.10
C PRO B 1543 -4.17 22.83 29.72
N ILE B 1544 -3.29 23.01 30.68
CA ILE B 1544 -1.85 22.94 30.48
C ILE B 1544 -1.34 21.71 31.21
N MET B 1545 -0.94 20.70 30.47
CA MET B 1545 -0.54 19.43 31.05
C MET B 1545 0.95 19.44 31.38
N PHE B 1546 1.30 18.80 32.49
CA PHE B 1546 2.69 18.64 32.87
C PHE B 1546 3.39 17.71 31.89
N GLU B 1547 4.71 17.83 31.83
CA GLU B 1547 5.49 16.88 31.05
C GLU B 1547 5.60 15.54 31.74
N ASN B 1548 5.45 15.50 33.06
CA ASN B 1548 5.41 14.27 33.83
C ASN B 1548 4.34 14.41 34.89
N ALA B 1549 3.32 13.57 34.83
CA ALA B 1549 2.32 13.53 35.88
C ALA B 1549 2.93 12.94 37.15
N ILE B 1550 2.27 13.23 38.28
CA ILE B 1550 2.73 12.77 39.58
C ILE B 1550 1.62 11.94 40.21
N PRO B 1551 1.92 10.72 40.68
CA PRO B 1551 0.89 9.91 41.34
C PRO B 1551 0.55 10.48 42.71
N LEU B 1552 -0.72 10.37 43.08
CA LEU B 1552 -1.23 11.16 44.19
C LEU B 1552 -1.16 10.41 45.51
N ALA B 1553 -1.86 9.28 45.61
CA ALA B 1553 -1.90 8.52 46.87
C ALA B 1553 -0.88 7.39 46.77
N GLN B 1554 0.37 7.76 46.97
CA GLN B 1554 1.45 6.79 46.92
C GLN B 1554 1.53 6.03 48.24
N GLY B 1555 1.84 4.74 48.14
CA GLY B 1555 1.90 3.88 49.31
C GLY B 1555 0.55 3.51 49.90
N THR B 1556 -0.54 3.77 49.18
CA THR B 1556 -1.88 3.45 49.66
C THR B 1556 -2.69 2.95 48.48
N GLU B 1557 -3.32 1.80 48.65
CA GLU B 1557 -4.20 1.23 47.63
C GLU B 1557 -5.62 1.72 47.87
N LEU B 1558 -6.21 2.35 46.87
CA LEU B 1558 -7.51 2.99 47.01
C LEU B 1558 -8.58 2.05 46.47
N THR B 1559 -9.08 1.17 47.33
CA THR B 1559 -10.05 0.16 46.95
C THR B 1559 -11.45 0.59 47.38
N SER B 1560 -12.42 0.41 46.48
CA SER B 1560 -13.75 0.97 46.64
C SER B 1560 -14.82 -0.05 46.24
N LYS B 1561 -14.76 -1.24 46.85
CA LYS B 1561 -15.60 -2.39 46.49
C LYS B 1561 -17.09 -2.08 46.46
N ALA B 1562 -17.73 -2.46 45.34
CA ALA B 1562 -19.12 -2.19 45.05
C ALA B 1562 -20.04 -2.80 46.11
N PRO B 1563 -21.20 -2.21 46.38
CA PRO B 1563 -22.02 -2.67 47.50
C PRO B 1563 -22.73 -3.98 47.17
N GLY B 1564 -23.37 -4.54 48.20
CA GLY B 1564 -24.06 -5.81 48.02
C GLY B 1564 -25.35 -5.67 47.24
N THR B 1565 -26.00 -4.52 47.34
CA THR B 1565 -27.26 -4.30 46.66
C THR B 1565 -27.25 -2.92 46.04
N ASN B 1566 -28.16 -2.71 45.10
CA ASN B 1566 -28.38 -1.40 44.50
C ASN B 1566 -29.68 -0.78 44.97
N GLU B 1567 -30.31 -1.37 45.98
CA GLU B 1567 -31.60 -0.90 46.45
C GLU B 1567 -31.48 0.32 47.36
N THR B 1568 -30.30 0.58 47.91
CA THR B 1568 -30.14 1.73 48.79
C THR B 1568 -29.80 2.99 48.02
N TYR B 1569 -28.95 2.89 46.99
CA TYR B 1569 -28.64 4.05 46.17
C TYR B 1569 -29.83 4.45 45.32
N ALA B 1570 -30.66 3.50 44.91
CA ALA B 1570 -31.83 3.82 44.12
C ALA B 1570 -32.86 4.60 44.91
N ALA B 1571 -32.90 4.40 46.24
CA ALA B 1571 -33.84 5.12 47.06
C ALA B 1571 -33.37 6.53 47.38
N VAL B 1572 -32.05 6.73 47.49
CA VAL B 1572 -31.53 8.06 47.85
C VAL B 1572 -31.36 8.96 46.65
N SER B 1573 -31.53 8.45 45.43
CA SER B 1573 -31.32 9.24 44.23
C SER B 1573 -32.53 9.33 43.32
N GLY B 1574 -33.50 8.43 43.45
CA GLY B 1574 -34.65 8.43 42.58
C GLY B 1574 -34.50 7.63 41.30
N ASP B 1575 -33.30 7.10 41.03
CA ASP B 1575 -33.08 6.27 39.85
C ASP B 1575 -33.62 4.87 40.15
N TYR B 1576 -34.92 4.71 39.97
CA TYR B 1576 -35.60 3.49 40.33
C TYR B 1576 -35.72 2.50 39.17
N ASN B 1577 -34.87 2.59 38.16
CA ASN B 1577 -35.04 1.72 37.00
C ASN B 1577 -34.64 0.30 37.36
N PRO B 1578 -35.43 -0.70 36.95
CA PRO B 1578 -35.26 -2.05 37.50
C PRO B 1578 -34.17 -2.87 36.86
N ILE B 1579 -33.26 -2.30 36.06
CA ILE B 1579 -32.12 -3.08 35.59
C ILE B 1579 -31.01 -3.15 36.63
N HIS B 1580 -31.16 -2.48 37.76
CA HIS B 1580 -30.21 -2.58 38.85
C HIS B 1580 -30.74 -3.30 40.07
N VAL B 1581 -32.06 -3.46 40.20
CA VAL B 1581 -32.62 -4.02 41.41
C VAL B 1581 -33.41 -5.28 41.11
N ASN B 1582 -33.93 -5.41 39.89
CA ASN B 1582 -34.74 -6.54 39.50
C ASN B 1582 -33.97 -7.42 38.54
N LYS B 1583 -33.97 -8.72 38.83
CA LYS B 1583 -33.25 -9.66 37.97
C LYS B 1583 -34.01 -9.98 36.71
N VAL B 1584 -35.33 -9.79 36.71
CA VAL B 1584 -36.13 -10.03 35.53
C VAL B 1584 -35.82 -9.01 34.45
N PHE B 1585 -35.74 -7.74 34.81
CA PHE B 1585 -35.43 -6.70 33.85
C PHE B 1585 -33.97 -6.70 33.43
N ALA B 1586 -33.07 -7.07 34.33
CA ALA B 1586 -31.66 -7.14 33.96
C ALA B 1586 -31.36 -8.30 33.03
N SER B 1587 -32.16 -9.36 33.11
CA SER B 1587 -31.98 -10.48 32.19
C SER B 1587 -32.72 -10.25 30.88
N TYR B 1588 -33.86 -9.56 30.92
CA TYR B 1588 -34.57 -9.22 29.70
C TYR B 1588 -33.78 -8.22 28.87
N ALA B 1589 -33.05 -7.31 29.51
CA ALA B 1589 -32.28 -6.29 28.83
C ALA B 1589 -30.85 -6.73 28.52
N ASN B 1590 -30.60 -8.05 28.51
CA ASN B 1590 -29.35 -8.68 28.06
C ASN B 1590 -28.12 -8.22 28.84
N LEU B 1591 -28.28 -7.94 30.11
CA LEU B 1591 -27.15 -7.55 30.92
C LEU B 1591 -26.54 -8.77 31.59
N PRO B 1592 -25.29 -8.68 32.08
CA PRO B 1592 -24.75 -9.81 32.87
C PRO B 1592 -25.44 -10.00 34.21
N GLY B 1593 -26.08 -8.98 34.75
CA GLY B 1593 -26.79 -9.13 36.00
C GLY B 1593 -27.40 -7.80 36.39
N THR B 1594 -27.84 -7.73 37.64
CA THR B 1594 -28.37 -6.47 38.17
C THR B 1594 -27.19 -5.55 38.46
N ILE B 1595 -26.76 -4.83 37.41
CA ILE B 1595 -25.50 -4.10 37.47
C ILE B 1595 -25.63 -2.87 38.36
N THR B 1596 -24.49 -2.46 38.91
CA THR B 1596 -24.44 -1.31 39.80
C THR B 1596 -24.67 -0.03 39.00
N HIS B 1597 -25.39 0.92 39.62
CA HIS B 1597 -25.58 2.26 39.07
C HIS B 1597 -24.25 2.88 38.65
N GLY B 1598 -24.28 3.57 37.50
CA GLY B 1598 -23.11 4.29 37.06
C GLY B 1598 -22.81 5.48 37.94
N MET B 1599 -23.85 6.21 38.35
CA MET B 1599 -23.68 7.37 39.19
C MET B 1599 -23.27 7.02 40.61
N TYR B 1600 -23.41 5.76 41.02
CA TYR B 1600 -22.77 5.33 42.24
C TYR B 1600 -21.26 5.39 42.10
N SER B 1601 -20.75 4.90 40.97
CA SER B 1601 -19.32 4.78 40.77
C SER B 1601 -18.66 6.15 40.68
N SER B 1602 -19.37 7.14 40.15
CA SER B 1602 -18.85 8.49 40.15
C SER B 1602 -18.85 9.09 41.54
N ALA B 1603 -19.97 8.93 42.26
CA ALA B 1603 -20.10 9.50 43.61
C ALA B 1603 -19.18 8.82 44.61
N ALA B 1604 -18.77 7.58 44.37
CA ALA B 1604 -17.87 6.89 45.28
C ALA B 1604 -16.41 7.17 44.97
N VAL B 1605 -16.07 7.46 43.72
CA VAL B 1605 -14.69 7.82 43.40
C VAL B 1605 -14.48 9.32 43.54
N ARG B 1606 -15.56 10.12 43.58
CA ARG B 1606 -15.41 11.53 43.90
C ARG B 1606 -15.05 11.71 45.37
N ALA B 1607 -15.46 10.79 46.22
CA ALA B 1607 -15.12 10.86 47.63
C ALA B 1607 -13.66 10.50 47.89
N LEU B 1608 -13.00 9.83 46.93
CA LEU B 1608 -11.57 9.60 47.07
C LEU B 1608 -10.76 10.79 46.56
N VAL B 1609 -11.27 11.49 45.55
CA VAL B 1609 -10.65 12.74 45.14
C VAL B 1609 -10.85 13.80 46.21
N GLU B 1610 -12.03 13.82 46.81
CA GLU B 1610 -12.28 14.74 47.92
C GLU B 1610 -11.49 14.37 49.15
N GLN B 1611 -11.01 13.14 49.27
CA GLN B 1611 -10.20 12.75 50.41
C GLN B 1611 -8.72 12.96 50.17
N TRP B 1612 -8.22 12.60 48.98
CA TRP B 1612 -6.80 12.56 48.73
C TRP B 1612 -6.27 13.74 47.92
N ALA B 1613 -7.06 14.29 47.01
CA ALA B 1613 -6.61 15.46 46.27
C ALA B 1613 -6.90 16.74 47.05
N ALA B 1614 -8.16 16.99 47.35
CA ALA B 1614 -8.49 17.95 48.38
C ALA B 1614 -8.36 17.28 49.74
N GLN B 1615 -8.00 18.05 50.76
CA GLN B 1615 -7.79 17.48 52.09
C GLN B 1615 -9.10 17.51 52.88
N ASN B 1616 -10.07 16.77 52.36
CA ASN B 1616 -11.39 16.58 52.96
C ASN B 1616 -12.11 17.90 53.19
N VAL B 1617 -12.05 18.77 52.18
CA VAL B 1617 -12.79 20.03 52.17
C VAL B 1617 -13.51 20.14 50.84
N ALA B 1618 -14.81 20.39 50.89
CA ALA B 1618 -15.66 20.24 49.72
C ALA B 1618 -15.60 21.44 48.80
N THR B 1619 -15.23 22.61 49.31
CA THR B 1619 -15.21 23.81 48.49
C THR B 1619 -14.08 23.80 47.48
N ARG B 1620 -13.07 22.96 47.67
CA ARG B 1620 -11.95 22.91 46.75
C ARG B 1620 -12.21 22.05 45.52
N VAL B 1621 -13.28 21.28 45.51
CA VAL B 1621 -13.64 20.48 44.34
C VAL B 1621 -14.57 21.30 43.47
N ARG B 1622 -14.07 21.75 42.31
CA ARG B 1622 -14.82 22.66 41.47
C ARG B 1622 -15.52 21.99 40.30
N ALA B 1623 -14.97 20.89 39.80
CA ALA B 1623 -15.63 20.13 38.75
C ALA B 1623 -15.16 18.70 38.79
N PHE B 1624 -16.04 17.78 38.44
CA PHE B 1624 -15.70 16.37 38.38
C PHE B 1624 -16.50 15.72 37.27
N LYS B 1625 -15.81 15.06 36.35
CA LYS B 1625 -16.46 14.31 35.30
C LYS B 1625 -15.96 12.88 35.32
N ALA B 1626 -16.74 11.99 34.72
CA ALA B 1626 -16.40 10.58 34.70
C ALA B 1626 -17.07 9.92 33.51
N ASP B 1627 -16.36 8.97 32.88
CA ASP B 1627 -16.90 8.18 31.79
C ASP B 1627 -17.13 6.75 32.29
N PHE B 1628 -18.34 6.25 32.10
CA PHE B 1628 -18.70 4.92 32.58
C PHE B 1628 -18.41 3.91 31.49
N VAL B 1629 -17.16 3.49 31.41
CA VAL B 1629 -16.70 2.57 30.36
C VAL B 1629 -16.60 1.17 30.98
N GLY B 1630 -17.58 0.35 30.68
CA GLY B 1630 -17.62 -0.98 31.27
C GLY B 1630 -18.35 -0.97 32.59
N MET B 1631 -19.11 -2.02 32.87
CA MET B 1631 -20.02 -2.05 33.99
C MET B 1631 -19.45 -2.89 35.12
N VAL B 1632 -19.91 -2.59 36.33
CA VAL B 1632 -19.60 -3.37 37.51
C VAL B 1632 -20.86 -4.05 38.00
N LEU B 1633 -20.70 -5.25 38.47
CA LEU B 1633 -21.72 -6.02 39.15
C LEU B 1633 -21.58 -5.81 40.65
N PRO B 1634 -22.61 -6.05 41.45
CA PRO B 1634 -22.47 -5.86 42.89
C PRO B 1634 -21.54 -6.88 43.51
N ASN B 1635 -20.89 -6.46 44.61
CA ASN B 1635 -19.89 -7.23 45.35
C ASN B 1635 -18.72 -7.62 44.44
N ASP B 1636 -17.98 -6.61 43.99
CA ASP B 1636 -16.70 -6.87 43.36
C ASP B 1636 -15.70 -5.79 43.74
N GLU B 1637 -14.45 -6.20 43.88
CA GLU B 1637 -13.40 -5.31 44.34
C GLU B 1637 -12.85 -4.51 43.16
N LEU B 1638 -12.55 -3.24 43.41
CA LEU B 1638 -12.04 -2.37 42.37
C LEU B 1638 -11.17 -1.29 42.97
N VAL B 1639 -10.07 -0.97 42.28
CA VAL B 1639 -9.08 -0.03 42.77
C VAL B 1639 -9.02 1.15 41.80
N THR B 1640 -8.68 2.33 42.31
CA THR B 1640 -8.52 3.53 41.54
C THR B 1640 -7.05 3.93 41.49
N HIS B 1641 -6.78 5.00 40.74
CA HIS B 1641 -5.41 5.52 40.61
C HIS B 1641 -5.49 7.02 40.40
N LEU B 1642 -5.33 7.78 41.47
CA LEU B 1642 -5.36 9.23 41.41
C LEU B 1642 -3.99 9.75 41.00
N GLU B 1643 -3.96 10.72 40.10
CA GLU B 1643 -2.71 11.37 39.74
C GLU B 1643 -2.99 12.78 39.23
N HIS B 1644 -1.96 13.63 39.34
CA HIS B 1644 -2.07 15.06 39.08
C HIS B 1644 -1.36 15.35 37.76
N VAL B 1645 -2.13 15.64 36.72
CA VAL B 1645 -1.62 15.63 35.35
C VAL B 1645 -1.47 17.00 34.74
N GLY B 1646 -2.06 18.03 35.31
CA GLY B 1646 -1.96 19.35 34.70
C GLY B 1646 -2.70 20.37 35.52
N MET B 1647 -2.66 21.62 35.04
CA MET B 1647 -3.30 22.72 35.72
C MET B 1647 -4.07 23.56 34.71
N ILE B 1648 -5.16 24.17 35.17
CA ILE B 1648 -5.88 25.16 34.39
C ILE B 1648 -6.49 26.17 35.36
N ASN B 1649 -6.23 27.46 35.10
CA ASN B 1649 -6.75 28.59 35.87
C ASN B 1649 -6.37 28.53 37.34
N GLY B 1650 -5.21 27.97 37.66
CA GLY B 1650 -4.82 27.78 39.03
C GLY B 1650 -5.45 26.59 39.71
N ARG B 1651 -6.36 25.88 39.06
CA ARG B 1651 -6.93 24.66 39.59
C ARG B 1651 -6.12 23.46 39.12
N LYS B 1652 -6.07 22.45 39.96
CA LYS B 1652 -5.32 21.23 39.66
C LYS B 1652 -6.20 20.26 38.90
N ILE B 1653 -5.67 19.66 37.86
CA ILE B 1653 -6.38 18.62 37.11
C ILE B 1653 -5.91 17.27 37.64
N ILE B 1654 -6.74 16.65 38.46
CA ILE B 1654 -6.48 15.32 39.00
C ILE B 1654 -7.16 14.33 38.07
N LYS B 1655 -6.38 13.42 37.50
CA LYS B 1655 -6.95 12.40 36.63
C LYS B 1655 -7.17 11.11 37.40
N VAL B 1656 -8.37 10.55 37.29
CA VAL B 1656 -8.70 9.32 37.99
C VAL B 1656 -8.89 8.22 36.95
N GLU B 1657 -8.72 6.98 37.42
CA GLU B 1657 -8.89 5.82 36.55
C GLU B 1657 -9.16 4.63 37.44
N THR B 1658 -10.38 4.11 37.38
CA THR B 1658 -10.81 3.03 38.25
C THR B 1658 -10.90 1.73 37.45
N LYS B 1659 -10.29 0.68 37.98
CA LYS B 1659 -10.33 -0.63 37.36
C LYS B 1659 -10.67 -1.68 38.40
N LYS B 1660 -11.19 -2.80 37.94
CA LYS B 1660 -11.43 -3.95 38.81
C LYS B 1660 -10.11 -4.63 39.11
N VAL B 1661 -9.97 -5.15 40.33
CA VAL B 1661 -8.65 -5.64 40.74
C VAL B 1661 -8.36 -7.03 40.19
N GLU B 1662 -9.37 -7.74 39.71
CA GLU B 1662 -9.25 -9.13 39.30
C GLU B 1662 -9.28 -9.31 37.78
N THR B 1663 -10.29 -8.79 37.09
CA THR B 1663 -10.29 -8.88 35.63
C THR B 1663 -9.46 -7.78 34.98
N GLU B 1664 -9.04 -6.76 35.75
CA GLU B 1664 -8.10 -5.72 35.33
C GLU B 1664 -8.59 -4.88 34.14
N GLU B 1665 -9.89 -4.81 33.95
CA GLU B 1665 -10.46 -3.93 32.93
C GLU B 1665 -10.78 -2.59 33.56
N VAL B 1666 -10.63 -1.53 32.78
CA VAL B 1666 -10.86 -0.18 33.29
C VAL B 1666 -12.36 0.08 33.32
N VAL B 1667 -12.84 0.58 34.46
CA VAL B 1667 -14.26 0.76 34.70
C VAL B 1667 -14.67 2.22 34.60
N LEU B 1668 -13.89 3.12 35.18
CA LEU B 1668 -14.23 4.53 35.17
C LEU B 1668 -13.00 5.33 34.78
N ILE B 1669 -13.16 6.20 33.78
CA ILE B 1669 -12.14 7.17 33.41
C ILE B 1669 -12.73 8.55 33.61
N GLY B 1670 -12.12 9.32 34.50
CA GLY B 1670 -12.61 10.66 34.75
C GLY B 1670 -11.50 11.56 35.22
N GLU B 1671 -11.85 12.83 35.45
CA GLU B 1671 -10.88 13.77 35.98
C GLU B 1671 -11.60 14.87 36.76
N ALA B 1672 -10.85 15.50 37.65
CA ALA B 1672 -11.39 16.49 38.58
C ALA B 1672 -10.63 17.80 38.44
N GLU B 1673 -11.13 18.81 39.15
CA GLU B 1673 -10.67 20.20 39.01
C GLU B 1673 -10.43 20.80 40.39
N ILE B 1674 -9.58 20.14 41.17
CA ILE B 1674 -9.34 20.53 42.55
C ILE B 1674 -8.65 21.89 42.62
N GLU B 1675 -9.23 22.79 43.40
CA GLU B 1675 -8.63 24.10 43.64
C GLU B 1675 -7.36 23.94 44.48
N GLN B 1676 -6.44 24.88 44.30
CA GLN B 1676 -5.23 24.93 45.10
C GLN B 1676 -5.54 25.45 46.50
N PRO B 1677 -4.63 25.27 47.45
CA PRO B 1677 -4.75 25.98 48.73
C PRO B 1677 -4.70 27.48 48.53
N VAL B 1678 -5.29 28.22 49.48
CA VAL B 1678 -5.42 29.66 49.32
C VAL B 1678 -4.06 30.31 49.47
N SER B 1679 -3.76 31.24 48.57
CA SER B 1679 -2.40 31.67 48.31
C SER B 1679 -2.31 33.18 48.32
N THR B 1680 -1.08 33.66 48.49
CA THR B 1680 -0.76 35.09 48.41
C THR B 1680 0.57 35.22 47.69
N PHE B 1681 0.62 36.15 46.74
CA PHE B 1681 1.82 36.43 45.97
C PHE B 1681 2.37 37.76 46.46
N VAL B 1682 3.47 37.71 47.18
CA VAL B 1682 4.14 38.92 47.65
C VAL B 1682 5.28 39.22 46.71
N PHE B 1683 5.53 40.51 46.48
CA PHE B 1683 6.49 40.94 45.49
C PHE B 1683 7.59 41.73 46.18
N THR B 1684 8.83 41.45 45.80
CA THR B 1684 9.99 41.96 46.50
C THR B 1684 10.25 43.42 46.13
N GLY B 1685 10.58 44.23 47.13
CA GLY B 1685 10.99 45.59 46.91
C GLY B 1685 12.43 45.69 46.47
N GLN B 1686 12.99 46.88 46.60
CA GLN B 1686 14.36 47.13 46.18
C GLN B 1686 15.33 46.69 47.26
N GLY B 1687 16.62 46.83 46.96
CA GLY B 1687 17.67 46.37 47.84
C GLY B 1687 18.19 44.99 47.54
N SER B 1688 17.40 44.16 46.88
CA SER B 1688 17.81 42.82 46.46
C SER B 1688 17.80 42.82 44.94
N GLN B 1689 18.97 42.94 44.32
CA GLN B 1689 19.07 42.90 42.88
C GLN B 1689 20.42 42.29 42.54
N GLU B 1690 20.43 41.42 41.55
CA GLU B 1690 21.66 40.76 41.17
C GLU B 1690 21.96 41.06 39.70
N GLN B 1691 23.25 41.14 39.39
CA GLN B 1691 23.65 41.24 38.00
C GLN B 1691 23.37 39.91 37.31
N GLY B 1692 22.37 39.91 36.43
CA GLY B 1692 21.94 38.68 35.80
C GLY B 1692 20.70 38.07 36.40
N MET B 1693 19.86 38.86 37.05
CA MET B 1693 18.64 38.33 37.62
C MET B 1693 17.60 38.10 36.54
N GLY B 1694 16.93 36.96 36.61
CA GLY B 1694 15.92 36.63 35.62
C GLY B 1694 16.43 36.30 34.25
N MET B 1695 17.75 36.18 34.07
CA MET B 1695 18.30 35.89 32.76
C MET B 1695 18.28 34.41 32.43
N ASP B 1696 18.23 33.56 33.45
CA ASP B 1696 18.03 32.13 33.19
C ASP B 1696 16.60 31.85 32.76
N LEU B 1697 15.65 32.59 33.33
CA LEU B 1697 14.26 32.48 32.89
C LEU B 1697 14.07 33.14 31.53
N TYR B 1698 14.88 34.17 31.24
CA TYR B 1698 14.77 34.88 29.98
C TYR B 1698 15.16 33.99 28.81
N ASN B 1699 16.12 33.10 29.00
CA ASN B 1699 16.58 32.22 27.93
C ASN B 1699 15.76 30.96 27.82
N SER B 1700 15.05 30.56 28.87
CA SER B 1700 14.28 29.33 28.86
C SER B 1700 12.81 29.55 28.51
N SER B 1701 12.18 30.58 29.05
CA SER B 1701 10.77 30.81 28.81
C SER B 1701 10.57 31.80 27.67
N GLU B 1702 9.61 31.49 26.80
CA GLU B 1702 9.30 32.34 25.67
C GLU B 1702 8.30 33.43 26.01
N VAL B 1703 7.57 33.28 27.11
CA VAL B 1703 6.69 34.34 27.57
C VAL B 1703 7.39 35.26 28.57
N ALA B 1704 8.44 34.77 29.25
CA ALA B 1704 9.26 35.65 30.07
C ALA B 1704 10.31 36.37 29.24
N LYS B 1705 10.54 35.95 28.00
CA LYS B 1705 11.41 36.66 27.09
C LYS B 1705 10.68 37.78 26.36
N SER B 1706 9.41 37.56 26.04
CA SER B 1706 8.62 38.54 25.31
C SER B 1706 8.12 39.69 26.18
N VAL B 1707 8.44 39.70 27.46
CA VAL B 1707 8.19 40.84 28.33
C VAL B 1707 9.46 41.64 28.60
N TRP B 1708 10.59 40.95 28.70
CA TRP B 1708 11.87 41.66 28.72
C TRP B 1708 12.17 42.32 27.39
N ASP B 1709 11.83 41.65 26.28
CA ASP B 1709 12.05 42.24 24.98
C ASP B 1709 11.09 43.37 24.67
N ARG B 1710 9.85 43.27 25.15
CA ARG B 1710 8.84 44.28 24.85
C ARG B 1710 9.16 45.59 25.56
N ALA B 1711 9.79 45.53 26.72
CA ALA B 1711 10.17 46.74 27.42
C ALA B 1711 11.56 47.25 27.06
N ASP B 1712 12.42 46.38 26.52
CA ASP B 1712 13.73 46.86 26.09
C ASP B 1712 13.64 47.64 24.80
N VAL B 1713 12.67 47.31 23.94
CA VAL B 1713 12.44 48.11 22.74
C VAL B 1713 11.92 49.48 23.11
N HIS B 1714 11.11 49.55 24.17
CA HIS B 1714 10.63 50.84 24.66
C HIS B 1714 11.75 51.63 25.32
N PHE B 1715 12.71 50.97 25.94
CA PHE B 1715 13.80 51.69 26.59
C PHE B 1715 14.80 52.23 25.59
N ILE B 1716 15.04 51.51 24.51
CA ILE B 1716 15.99 51.97 23.50
C ILE B 1716 15.39 53.13 22.71
N ASN B 1717 14.14 52.99 22.30
CA ASN B 1717 13.54 53.97 21.40
C ASN B 1717 13.15 55.26 22.11
N ASN B 1718 12.86 55.21 23.41
CA ASN B 1718 12.41 56.39 24.12
C ASN B 1718 13.44 56.96 25.08
N TYR B 1719 14.41 56.18 25.51
CA TYR B 1719 15.34 56.63 26.52
C TYR B 1719 16.80 56.43 26.18
N GLY B 1720 17.12 55.58 25.21
CA GLY B 1720 18.48 55.49 24.73
C GLY B 1720 19.38 54.53 25.48
N PHE B 1721 18.82 53.54 26.17
CA PHE B 1721 19.62 52.48 26.76
C PHE B 1721 18.82 51.19 26.72
N SER B 1722 19.50 50.09 27.01
CA SER B 1722 18.89 48.78 27.07
C SER B 1722 18.87 48.33 28.51
N ILE B 1723 17.68 47.98 29.01
CA ILE B 1723 17.58 47.46 30.36
C ILE B 1723 18.06 46.02 30.44
N LEU B 1724 18.15 45.31 29.31
CA LEU B 1724 18.79 44.00 29.33
C LEU B 1724 20.29 44.14 29.46
N ASP B 1725 20.85 45.24 28.97
CA ASP B 1725 22.27 45.49 29.12
C ASP B 1725 22.62 45.82 30.56
N ILE B 1726 21.71 46.46 31.29
CA ILE B 1726 21.98 46.79 32.68
C ILE B 1726 22.01 45.51 33.53
N VAL B 1727 21.05 44.62 33.31
CA VAL B 1727 20.90 43.44 34.14
C VAL B 1727 22.01 42.43 33.86
N LYS B 1728 22.34 42.22 32.59
CA LYS B 1728 23.30 41.18 32.22
C LYS B 1728 24.72 41.53 32.63
N ASN B 1729 25.06 42.82 32.64
CA ASN B 1729 26.33 43.28 33.22
C ASN B 1729 26.17 44.74 33.63
N ASN B 1730 26.07 44.99 34.93
CA ASN B 1730 25.91 46.36 35.40
C ASN B 1730 27.19 47.15 35.20
N PRO B 1731 27.15 48.25 34.46
CA PRO B 1731 28.36 49.05 34.25
C PRO B 1731 28.48 50.17 35.28
N THR B 1732 29.64 50.80 35.26
CA THR B 1732 29.86 51.98 36.09
C THR B 1732 29.37 53.24 35.40
N GLU B 1733 29.54 53.31 34.08
CA GLU B 1733 29.06 54.44 33.28
C GLU B 1733 28.07 53.94 32.24
N LEU B 1734 27.23 54.87 31.79
CA LEU B 1734 26.32 54.63 30.66
C LEU B 1734 26.00 55.98 30.05
N THR B 1735 26.52 56.21 28.85
CA THR B 1735 26.33 57.49 28.17
C THR B 1735 25.20 57.35 27.15
N VAL B 1736 24.18 58.17 27.30
CA VAL B 1736 23.10 58.26 26.32
C VAL B 1736 23.50 59.32 25.30
N HIS B 1737 23.34 59.01 24.02
CA HIS B 1737 23.75 59.90 22.96
C HIS B 1737 22.53 60.43 22.21
N PHE B 1738 22.61 61.69 21.79
CA PHE B 1738 21.50 62.37 21.16
C PHE B 1738 21.88 62.80 19.75
N GLY B 1739 22.46 61.90 18.97
CA GLY B 1739 23.04 62.27 17.70
C GLY B 1739 22.08 62.57 16.57
N GLY B 1740 21.37 61.57 16.08
CA GLY B 1740 20.62 61.72 14.85
C GLY B 1740 19.30 62.44 15.02
N ALA B 1741 18.44 62.28 14.04
CA ALA B 1741 17.08 62.79 14.16
C ALA B 1741 16.29 62.01 15.19
N LYS B 1742 16.56 60.71 15.31
CA LYS B 1742 15.95 59.86 16.31
C LYS B 1742 16.70 59.87 17.63
N GLY B 1743 17.77 60.64 17.72
CA GLY B 1743 18.48 60.81 18.97
C GLY B 1743 18.11 62.12 19.62
N ARG B 1744 17.73 63.09 18.80
CA ARG B 1744 17.22 64.35 19.33
C ARG B 1744 15.79 64.21 19.84
N SER B 1745 15.06 63.21 19.38
CA SER B 1745 13.75 62.92 19.94
C SER B 1745 13.86 62.18 21.26
N ILE B 1746 14.93 61.41 21.43
CA ILE B 1746 15.22 60.79 22.73
C ILE B 1746 15.55 61.85 23.75
N ARG B 1747 16.29 62.89 23.34
CA ARG B 1747 16.63 64.00 24.22
C ARG B 1747 15.38 64.78 24.64
N ASN B 1748 14.38 64.86 23.76
CA ASN B 1748 13.13 65.53 24.10
C ASN B 1748 12.38 64.81 25.21
N ASN B 1749 12.61 63.51 25.40
CA ASN B 1749 12.00 62.81 26.52
C ASN B 1749 12.68 63.12 27.85
N TYR B 1750 13.93 63.59 27.83
CA TYR B 1750 14.63 63.94 29.05
C TYR B 1750 14.38 65.38 29.47
N ILE B 1751 14.21 66.29 28.52
CA ILE B 1751 13.87 67.67 28.86
C ILE B 1751 12.43 67.78 29.32
N SER B 1752 11.57 66.85 28.92
CA SER B 1752 10.14 66.95 29.20
C SER B 1752 9.71 66.09 30.39
N MET B 1753 10.54 65.96 31.42
CA MET B 1753 10.09 65.34 32.66
C MET B 1753 10.49 66.23 33.83
N MET B 1754 9.50 66.57 34.66
CA MET B 1754 9.62 67.63 35.66
C MET B 1754 9.40 67.06 37.06
N PHE B 1755 9.86 67.81 38.06
CA PHE B 1755 9.68 67.43 39.44
C PHE B 1755 9.61 68.71 40.29
N GLU B 1756 9.21 68.53 41.55
CA GLU B 1756 9.03 69.64 42.46
C GLU B 1756 9.71 69.35 43.79
N THR B 1757 10.11 70.42 44.48
CA THR B 1757 10.71 70.31 45.80
C THR B 1757 10.48 71.62 46.54
N VAL B 1758 11.02 71.74 47.75
CA VAL B 1758 10.98 73.00 48.48
C VAL B 1758 12.41 73.40 48.80
N ALA B 1759 12.63 74.71 48.93
CA ALA B 1759 13.92 75.24 49.36
C ALA B 1759 13.90 75.38 50.88
N ALA B 1760 14.85 76.15 51.43
CA ALA B 1760 14.81 76.52 52.85
C ALA B 1760 13.50 77.25 53.17
N ASP B 1761 13.11 78.19 52.32
CA ASP B 1761 11.77 78.75 52.36
C ASP B 1761 11.22 78.85 50.95
N GLY B 1762 9.91 79.04 50.82
CA GLY B 1762 9.32 79.10 49.50
C GLY B 1762 8.30 77.99 49.29
N GLN B 1763 8.12 77.63 48.02
CA GLN B 1763 7.11 76.66 47.63
C GLN B 1763 7.64 75.72 46.56
N LEU B 1764 6.73 75.03 45.89
CA LEU B 1764 7.06 74.12 44.80
C LEU B 1764 7.67 74.90 43.63
N LYS B 1765 8.52 74.22 42.85
CA LYS B 1765 9.32 74.90 41.84
C LYS B 1765 9.08 74.46 40.41
N SER B 1766 8.65 73.21 40.18
CA SER B 1766 8.25 72.67 38.87
C SER B 1766 9.40 72.74 37.85
N GLU B 1767 10.57 72.33 38.30
CA GLU B 1767 11.77 72.46 37.49
C GLU B 1767 12.06 71.15 36.74
N LYS B 1768 13.04 71.22 35.84
CA LYS B 1768 13.48 70.04 35.13
C LYS B 1768 14.27 69.13 36.05
N ILE B 1769 14.13 67.82 35.84
CA ILE B 1769 14.94 66.89 36.60
C ILE B 1769 16.38 66.91 36.08
N PHE B 1770 16.54 66.82 34.77
CA PHE B 1770 17.85 66.91 34.13
C PHE B 1770 18.04 68.36 33.73
N LYS B 1771 18.56 69.16 34.66
CA LYS B 1771 18.84 70.56 34.35
C LYS B 1771 20.07 70.69 33.46
N GLU B 1772 20.95 69.70 33.47
CA GLU B 1772 22.14 69.68 32.65
C GLU B 1772 21.90 69.12 31.25
N ILE B 1773 20.65 68.85 30.90
CA ILE B 1773 20.27 68.44 29.55
C ILE B 1773 19.49 69.58 28.93
N ASN B 1774 20.01 70.15 27.85
CA ASN B 1774 19.34 71.25 27.16
C ASN B 1774 19.50 71.04 25.66
N GLU B 1775 19.22 72.09 24.90
CA GLU B 1775 19.10 71.96 23.45
C GLU B 1775 20.46 71.84 22.75
N ASP B 1776 21.55 72.20 23.42
CA ASP B 1776 22.88 72.07 22.85
C ASP B 1776 23.62 70.84 23.37
N THR B 1777 22.91 69.94 24.03
CA THR B 1777 23.51 68.76 24.65
C THR B 1777 23.48 67.60 23.66
N ILE B 1778 24.65 67.03 23.41
CA ILE B 1778 24.76 65.89 22.50
C ILE B 1778 24.85 64.57 23.22
N SER B 1779 25.16 64.55 24.52
CA SER B 1779 25.29 63.30 25.25
C SER B 1779 25.03 63.54 26.72
N PHE B 1780 24.54 62.51 27.39
CA PHE B 1780 24.35 62.54 28.83
C PHE B 1780 24.79 61.19 29.39
N THR B 1781 25.56 61.23 30.48
CA THR B 1781 26.12 60.02 31.06
C THR B 1781 25.57 59.77 32.45
N PHE B 1782 25.30 58.50 32.75
CA PHE B 1782 24.86 58.05 34.06
C PHE B 1782 26.03 57.35 34.73
N LYS B 1783 26.38 57.77 35.94
CA LYS B 1783 27.51 57.20 36.66
C LYS B 1783 27.06 56.67 38.00
N SER B 1784 27.65 55.54 38.39
CA SER B 1784 27.38 54.90 39.67
C SER B 1784 28.60 54.08 40.07
N PRO B 1785 29.27 54.41 41.19
CA PRO B 1785 30.56 53.77 41.49
C PRO B 1785 30.46 52.34 41.97
N THR B 1786 29.26 51.80 42.19
CA THR B 1786 29.07 50.44 42.68
C THR B 1786 28.10 49.69 41.79
N GLY B 1787 28.25 49.83 40.48
CA GLY B 1787 27.35 49.20 39.55
C GLY B 1787 26.07 50.00 39.33
N LEU B 1788 25.45 49.77 38.18
CA LEU B 1788 24.27 50.52 37.83
C LEU B 1788 22.97 49.87 38.27
N LEU B 1789 23.02 48.62 38.74
CA LEU B 1789 21.89 48.08 39.51
C LEU B 1789 21.78 48.73 40.88
N SER B 1790 22.81 49.41 41.36
CA SER B 1790 22.74 50.08 42.64
C SER B 1790 22.09 51.46 42.56
N ALA B 1791 21.83 51.96 41.36
CA ALA B 1791 21.13 53.21 41.19
C ALA B 1791 19.63 52.98 41.18
N THR B 1792 18.88 53.92 41.75
CA THR B 1792 17.48 53.68 42.02
C THR B 1792 16.64 53.76 40.75
N GLN B 1793 17.02 54.62 39.81
CA GLN B 1793 16.25 54.75 38.59
C GLN B 1793 16.50 53.60 37.61
N PHE B 1794 17.50 52.76 37.86
CA PHE B 1794 17.72 51.57 37.07
C PHE B 1794 17.35 50.29 37.78
N THR B 1795 17.35 50.28 39.11
CA THR B 1795 16.94 49.09 39.81
C THR B 1795 15.44 48.95 39.92
N GLN B 1796 14.69 50.02 39.72
CA GLN B 1796 13.24 49.90 39.81
C GLN B 1796 12.60 49.38 38.52
N PRO B 1797 12.94 49.84 37.30
CA PRO B 1797 12.40 49.17 36.12
C PRO B 1797 13.06 47.84 35.80
N ALA B 1798 14.13 47.47 36.47
CA ALA B 1798 14.71 46.14 36.27
C ALA B 1798 14.16 45.11 37.25
N LEU B 1799 13.66 45.55 38.40
CA LEU B 1799 13.05 44.63 39.36
C LEU B 1799 11.59 44.37 39.05
N THR B 1800 10.84 45.40 38.67
CA THR B 1800 9.44 45.18 38.29
C THR B 1800 9.32 44.45 36.97
N LEU B 1801 10.36 44.48 36.14
CA LEU B 1801 10.33 43.73 34.89
C LEU B 1801 10.60 42.26 35.13
N MET B 1802 11.51 41.96 36.05
CA MET B 1802 11.82 40.57 36.36
C MET B 1802 10.67 39.93 37.10
N GLU B 1803 10.04 40.64 38.02
CA GLU B 1803 8.94 40.08 38.77
C GLU B 1803 7.65 40.04 37.97
N LYS B 1804 7.58 40.77 36.87
CA LYS B 1804 6.49 40.56 35.93
C LYS B 1804 6.80 39.40 35.00
N ALA B 1805 8.05 39.27 34.60
CA ALA B 1805 8.48 38.14 33.77
C ALA B 1805 8.35 36.83 34.54
N SER B 1806 8.64 36.84 35.83
CA SER B 1806 8.51 35.64 36.63
C SER B 1806 7.05 35.25 36.81
N PHE B 1807 6.19 36.23 37.07
CA PHE B 1807 4.77 35.95 37.25
C PHE B 1807 4.10 35.53 35.94
N GLU B 1808 4.50 36.13 34.82
CA GLU B 1808 3.86 35.82 33.54
C GLU B 1808 4.22 34.42 33.06
N ASP B 1809 5.36 33.89 33.51
CA ASP B 1809 5.69 32.50 33.19
C ASP B 1809 4.82 31.54 33.98
N MET B 1810 4.53 31.87 35.24
CA MET B 1810 3.66 31.02 36.04
C MET B 1810 2.22 31.08 35.55
N LYS B 1811 1.77 32.27 35.16
CA LYS B 1811 0.39 32.42 34.71
C LYS B 1811 0.16 31.74 33.37
N SER B 1812 1.19 31.65 32.54
CA SER B 1812 1.05 30.95 31.27
C SER B 1812 0.98 29.44 31.44
N LYS B 1813 1.48 28.93 32.56
CA LYS B 1813 1.40 27.52 32.87
C LYS B 1813 0.15 27.15 33.64
N GLY B 1814 -0.67 28.14 34.03
CA GLY B 1814 -1.88 27.87 34.75
C GLY B 1814 -1.69 27.72 36.25
N LEU B 1815 -0.68 28.37 36.81
CA LEU B 1815 -0.26 28.13 38.18
C LEU B 1815 -0.78 29.17 39.15
N VAL B 1816 -1.57 30.13 38.70
CA VAL B 1816 -2.01 31.25 39.54
C VAL B 1816 -3.52 31.10 39.76
N PRO B 1817 -3.99 31.06 41.00
CA PRO B 1817 -5.43 30.94 41.26
C PRO B 1817 -6.26 32.14 40.82
N SER B 1818 -7.57 32.02 40.94
CA SER B 1818 -8.46 33.08 40.51
C SER B 1818 -8.65 34.13 41.60
N GLU B 1819 -8.89 33.70 42.83
CA GLU B 1819 -9.03 34.59 43.97
C GLU B 1819 -7.82 34.35 44.86
N SER B 1820 -6.83 35.22 44.76
CA SER B 1820 -5.64 35.14 45.58
C SER B 1820 -5.18 36.54 45.91
N MET B 1821 -4.81 36.76 47.17
CA MET B 1821 -4.38 38.09 47.59
C MET B 1821 -2.99 38.38 47.08
N PHE B 1822 -2.63 39.67 47.13
CA PHE B 1822 -1.30 40.08 46.70
C PHE B 1822 -0.95 41.40 47.36
N ALA B 1823 0.35 41.58 47.55
CA ALA B 1823 0.90 42.80 48.09
C ALA B 1823 2.33 42.93 47.61
N GLY B 1824 2.87 44.14 47.70
CA GLY B 1824 4.26 44.37 47.42
C GLY B 1824 4.82 45.25 48.51
N HIS B 1825 6.13 45.15 48.71
CA HIS B 1825 6.72 45.77 49.90
C HIS B 1825 6.93 47.27 49.68
N SER B 1826 7.84 47.64 48.81
CA SER B 1826 8.15 49.04 48.58
C SER B 1826 8.24 49.40 47.11
N LEU B 1827 8.50 48.44 46.25
CA LEU B 1827 8.60 48.64 44.82
C LEU B 1827 7.72 47.59 44.16
N GLY B 1828 7.59 46.44 44.82
CA GLY B 1828 6.83 45.33 44.30
C GLY B 1828 5.33 45.57 44.23
N GLU B 1829 4.82 46.59 44.92
CA GLU B 1829 3.40 46.89 44.82
C GLU B 1829 3.06 47.57 43.50
N TYR B 1830 4.06 48.03 42.75
CA TYR B 1830 3.83 48.38 41.35
C TYR B 1830 3.91 47.15 40.47
N SER B 1831 4.78 46.22 40.82
CA SER B 1831 4.86 44.95 40.10
C SER B 1831 3.71 44.02 40.44
N ALA B 1832 3.03 44.24 41.57
CA ALA B 1832 1.89 43.41 41.93
C ALA B 1832 0.69 43.73 41.07
N LEU B 1833 0.36 45.00 40.91
CA LEU B 1833 -0.83 45.39 40.18
C LEU B 1833 -0.59 45.63 38.70
N THR B 1834 0.63 45.46 38.21
CA THR B 1834 0.81 45.33 36.77
C THR B 1834 0.59 43.92 36.28
N SER B 1835 0.51 42.96 37.19
CA SER B 1835 0.41 41.54 36.86
C SER B 1835 -0.84 40.88 37.44
N LEU B 1836 -1.16 41.15 38.70
CA LEU B 1836 -2.40 40.69 39.28
C LEU B 1836 -3.50 41.74 39.28
N GLY B 1837 -3.14 43.01 39.24
CA GLY B 1837 -4.14 44.05 39.14
C GLY B 1837 -4.49 44.33 37.70
N ASP B 1838 -3.47 44.30 36.83
CA ASP B 1838 -3.58 44.55 35.39
C ASP B 1838 -4.20 45.91 35.08
N VAL B 1839 -3.50 46.96 35.50
CA VAL B 1839 -3.96 48.31 35.24
C VAL B 1839 -3.08 49.07 34.26
N MET B 1840 -1.84 48.64 34.05
CA MET B 1840 -1.00 49.29 33.07
C MET B 1840 -0.22 48.25 32.29
N PRO B 1841 0.06 48.50 31.01
CA PRO B 1841 0.89 47.59 30.22
C PRO B 1841 2.35 47.61 30.64
N ILE B 1842 3.18 46.85 29.92
CA ILE B 1842 4.58 46.75 30.27
C ILE B 1842 5.34 48.00 29.86
N GLU B 1843 4.88 48.70 28.83
CA GLU B 1843 5.61 49.89 28.37
C GLU B 1843 5.36 51.07 29.28
N SER B 1844 4.16 51.21 29.81
CA SER B 1844 3.88 52.29 30.74
C SER B 1844 4.21 51.94 32.17
N LEU B 1845 4.43 50.67 32.48
CA LEU B 1845 4.90 50.30 33.82
C LEU B 1845 6.33 50.77 34.02
N VAL B 1846 7.21 50.50 33.05
CA VAL B 1846 8.59 50.92 33.16
C VAL B 1846 8.75 52.42 32.99
N ASP B 1847 7.73 53.10 32.44
CA ASP B 1847 7.76 54.56 32.40
C ASP B 1847 7.53 55.14 33.79
N VAL B 1848 6.46 54.72 34.47
CA VAL B 1848 6.11 55.31 35.76
C VAL B 1848 7.02 54.88 36.88
N VAL B 1849 7.91 53.92 36.65
CA VAL B 1849 8.81 53.45 37.69
C VAL B 1849 10.25 53.85 37.41
N PHE B 1850 10.61 54.19 36.16
CA PHE B 1850 11.80 54.96 35.93
C PHE B 1850 11.60 56.39 36.40
N TYR B 1851 10.39 56.92 36.20
CA TYR B 1851 10.08 58.26 36.68
C TYR B 1851 9.99 58.29 38.20
N ARG B 1852 9.57 57.19 38.83
CA ARG B 1852 9.44 57.16 40.28
C ARG B 1852 10.81 57.20 40.94
N GLY B 1853 11.73 56.38 40.48
CA GLY B 1853 13.08 56.40 41.02
C GLY B 1853 13.89 57.61 40.63
N MET B 1854 13.38 58.42 39.70
CA MET B 1854 14.02 59.67 39.34
C MET B 1854 13.62 60.79 40.29
N THR B 1855 12.33 60.86 40.66
CA THR B 1855 11.88 61.81 41.67
C THR B 1855 12.34 61.44 43.07
N MET B 1856 12.68 60.17 43.30
CA MET B 1856 13.25 59.75 44.57
C MET B 1856 14.76 59.86 44.58
N GLN B 1857 15.33 60.65 43.70
CA GLN B 1857 16.77 60.84 43.58
C GLN B 1857 17.16 62.31 43.63
N VAL B 1858 16.35 63.18 43.01
CA VAL B 1858 16.62 64.60 42.98
C VAL B 1858 15.83 65.34 44.05
N ALA B 1859 15.22 64.63 44.98
CA ALA B 1859 14.45 65.26 46.05
C ALA B 1859 15.30 65.66 47.24
N VAL B 1860 16.61 65.44 47.20
CA VAL B 1860 17.50 65.74 48.30
C VAL B 1860 18.60 66.65 47.77
N PRO B 1861 18.90 67.77 48.43
CA PRO B 1861 19.94 68.69 47.93
C PRO B 1861 21.36 68.19 48.15
N ARG B 1862 21.88 67.44 47.19
CA ARG B 1862 23.23 66.89 47.28
C ARG B 1862 24.29 67.99 47.27
N ASP B 1863 25.46 67.66 47.80
CA ASP B 1863 26.56 68.60 48.00
C ASP B 1863 27.46 68.58 46.76
N GLU B 1864 28.70 69.08 46.90
CA GLU B 1864 29.69 69.02 45.82
C GLU B 1864 30.02 67.60 45.38
N GLN B 1865 29.83 66.59 46.23
CA GLN B 1865 29.88 65.20 45.79
C GLN B 1865 28.46 64.66 45.63
N GLY B 1866 28.34 63.37 45.40
CA GLY B 1866 27.03 62.76 45.28
C GLY B 1866 26.33 62.44 46.58
N ARG B 1867 26.87 62.89 47.70
CA ARG B 1867 26.33 62.58 49.01
C ARG B 1867 25.48 63.72 49.55
N SER B 1868 24.78 63.46 50.64
CA SER B 1868 24.03 64.49 51.34
C SER B 1868 23.91 64.09 52.81
N ASN B 1869 23.04 64.80 53.53
CA ASN B 1869 22.91 64.63 54.96
C ASN B 1869 21.85 63.63 55.36
N TYR B 1870 21.08 63.11 54.42
CA TYR B 1870 20.00 62.18 54.74
C TYR B 1870 20.48 60.75 54.55
N GLY B 1871 19.95 59.85 55.37
CA GLY B 1871 20.36 58.46 55.31
C GLY B 1871 19.30 57.46 55.74
N MET B 1872 19.70 56.22 55.99
CA MET B 1872 18.78 55.17 56.36
C MET B 1872 19.50 54.17 57.23
N ILE B 1873 18.81 53.64 58.24
CA ILE B 1873 19.40 52.73 59.20
C ILE B 1873 18.36 51.66 59.54
N ALA B 1874 18.85 50.50 59.96
CA ALA B 1874 18.02 49.33 60.20
C ALA B 1874 18.13 48.89 61.65
N VAL B 1875 17.10 49.16 62.44
CA VAL B 1875 17.16 48.95 63.88
C VAL B 1875 16.45 47.66 64.26
N ASN B 1876 17.00 46.98 65.27
CA ASN B 1876 16.52 45.69 65.74
C ASN B 1876 16.29 45.82 67.24
N PRO B 1877 15.04 45.96 67.69
CA PRO B 1877 14.76 46.17 69.11
C PRO B 1877 14.83 44.92 69.99
N SER B 1878 15.39 43.81 69.50
CA SER B 1878 15.66 42.67 70.35
C SER B 1878 17.04 42.07 70.14
N ARG B 1879 17.80 42.53 69.13
CA ARG B 1879 19.24 42.30 69.13
C ARG B 1879 19.86 42.98 70.33
N VAL B 1880 19.34 44.15 70.66
CA VAL B 1880 19.73 44.95 71.81
C VAL B 1880 18.46 45.31 72.58
N SER B 1881 18.59 45.41 73.90
CA SER B 1881 17.60 45.96 74.82
C SER B 1881 16.30 45.15 74.79
N SER B 1882 16.41 43.95 75.40
CA SER B 1882 15.51 42.82 75.30
C SER B 1882 14.09 43.07 75.81
N THR B 1883 13.74 44.26 76.29
CA THR B 1883 12.38 44.52 76.74
C THR B 1883 11.58 45.34 75.72
N PHE B 1884 12.23 45.80 74.65
CA PHE B 1884 11.61 46.74 73.72
C PHE B 1884 10.59 46.07 72.81
N ASN B 1885 9.49 46.76 72.57
CA ASN B 1885 8.46 46.34 71.64
C ASN B 1885 8.28 47.41 70.56
N ASP B 1886 7.21 47.26 69.78
CA ASP B 1886 6.91 48.23 68.72
C ASP B 1886 6.57 49.59 69.28
N SER B 1887 6.01 49.65 70.49
CA SER B 1887 5.70 50.91 71.14
C SER B 1887 6.86 51.45 71.97
N ALA B 1888 7.75 50.58 72.44
CA ALA B 1888 8.89 51.04 73.22
C ALA B 1888 9.97 51.67 72.37
N LEU B 1889 9.93 51.49 71.05
CA LEU B 1889 10.88 52.17 70.18
C LEU B 1889 10.20 53.26 69.36
N ARG B 1890 8.89 53.18 69.17
CA ARG B 1890 8.19 54.28 68.51
C ARG B 1890 8.14 55.51 69.41
N PHE B 1891 8.13 55.31 70.73
CA PHE B 1891 8.20 56.43 71.65
C PHE B 1891 9.57 57.10 71.60
N VAL B 1892 10.64 56.31 71.46
CA VAL B 1892 11.99 56.86 71.46
C VAL B 1892 12.26 57.65 70.19
N VAL B 1893 11.79 57.16 69.04
CA VAL B 1893 12.01 57.88 67.79
C VAL B 1893 11.13 59.11 67.71
N GLU B 1894 10.04 59.16 68.48
CA GLU B 1894 9.25 60.37 68.57
C GLU B 1894 9.90 61.39 69.50
N HIS B 1895 10.70 60.91 70.45
CA HIS B 1895 11.39 61.80 71.37
C HIS B 1895 12.47 62.61 70.66
N ILE B 1896 13.21 61.96 69.76
CA ILE B 1896 14.17 62.69 68.93
C ILE B 1896 13.47 63.34 67.74
N ALA B 1897 12.20 63.03 67.51
CA ALA B 1897 11.43 63.78 66.51
C ALA B 1897 10.94 65.11 67.04
N GLN B 1898 10.72 65.23 68.35
CA GLN B 1898 10.24 66.47 68.95
C GLN B 1898 11.38 67.28 69.54
N GLN B 1899 12.15 66.69 70.46
CA GLN B 1899 13.42 67.28 70.86
C GLN B 1899 14.38 67.15 69.70
N THR B 1900 15.00 68.29 69.32
CA THR B 1900 15.97 68.59 68.26
C THR B 1900 15.49 68.26 66.85
N GLY B 1901 14.23 67.82 66.70
CA GLY B 1901 13.55 67.70 65.43
C GLY B 1901 14.18 66.78 64.40
N TRP B 1902 14.73 67.39 63.35
CA TRP B 1902 15.65 66.80 62.38
C TRP B 1902 15.05 65.71 61.51
N LEU B 1903 13.75 65.43 61.63
CA LEU B 1903 13.01 64.48 60.77
C LEU B 1903 13.62 63.07 60.85
N LEU B 1904 13.41 62.46 62.01
CA LEU B 1904 13.78 61.06 62.22
C LEU B 1904 12.54 60.25 62.50
N GLU B 1905 12.23 59.30 61.61
CA GLU B 1905 11.06 58.46 61.78
C GLU B 1905 11.34 57.08 61.19
N ILE B 1906 10.42 56.15 61.45
CA ILE B 1906 10.52 54.78 60.95
C ILE B 1906 9.65 54.67 59.70
N VAL B 1907 10.22 54.11 58.63
CA VAL B 1907 9.59 54.16 57.32
C VAL B 1907 9.06 52.81 56.85
N ASN B 1908 9.45 51.71 57.49
CA ASN B 1908 8.76 50.45 57.28
C ASN B 1908 8.90 49.54 58.50
N TYR B 1909 7.79 49.01 58.94
CA TYR B 1909 7.73 48.05 60.03
C TYR B 1909 7.70 46.67 59.41
N ASN B 1910 8.85 46.02 59.34
CA ASN B 1910 8.95 44.74 58.63
C ASN B 1910 8.53 43.57 59.51
N VAL B 1911 9.30 43.29 60.55
CA VAL B 1911 9.03 42.19 61.48
C VAL B 1911 8.90 42.79 62.87
N GLU B 1912 7.96 42.27 63.65
CA GLU B 1912 7.76 42.77 65.00
C GLU B 1912 8.90 42.34 65.91
N ASN B 1913 9.54 43.33 66.55
CA ASN B 1913 10.69 43.19 67.44
C ASN B 1913 11.91 42.57 66.75
N THR B 1914 11.95 42.55 65.43
CA THR B 1914 13.11 41.99 64.74
C THR B 1914 13.65 42.91 63.65
N GLN B 1915 12.79 43.59 62.91
CA GLN B 1915 13.24 44.37 61.76
C GLN B 1915 12.42 45.65 61.66
N TYR B 1916 13.08 46.77 61.89
CA TYR B 1916 12.53 48.10 61.61
C TYR B 1916 13.62 48.88 60.91
N VAL B 1917 13.31 49.45 59.76
CA VAL B 1917 14.26 50.30 59.04
C VAL B 1917 13.76 51.72 59.13
N ALA B 1918 14.49 52.56 59.85
CA ALA B 1918 14.14 53.95 60.09
C ALA B 1918 15.06 54.85 59.27
N ALA B 1919 14.50 55.88 58.67
CA ALA B 1919 15.25 56.80 57.83
C ALA B 1919 15.13 58.21 58.36
N GLY B 1920 16.24 58.92 58.32
CA GLY B 1920 16.27 60.31 58.71
C GLY B 1920 17.53 60.97 58.23
N ASP B 1921 17.81 62.14 58.80
CA ASP B 1921 19.04 62.84 58.47
C ASP B 1921 20.18 62.33 59.34
N LEU B 1922 21.38 62.34 58.77
CA LEU B 1922 22.56 62.12 59.57
C LEU B 1922 22.72 63.30 60.53
N ARG B 1923 23.20 63.00 61.74
CA ARG B 1923 23.19 63.71 63.03
C ARG B 1923 21.83 63.64 63.71
N GLY B 1924 20.78 63.15 63.05
CA GLY B 1924 19.55 62.82 63.75
C GLY B 1924 19.41 61.32 63.84
N LEU B 1925 19.79 60.65 62.76
CA LEU B 1925 19.86 59.19 62.71
C LEU B 1925 21.11 58.67 63.40
N ASP B 1926 22.11 59.51 63.61
CA ASP B 1926 23.28 59.09 64.37
C ASP B 1926 23.03 59.10 65.87
N THR B 1927 22.10 59.91 66.35
CA THR B 1927 21.74 59.84 67.76
C THR B 1927 20.97 58.57 68.05
N LEU B 1928 20.14 58.10 67.11
CA LEU B 1928 19.37 56.88 67.33
C LEU B 1928 20.27 55.66 67.42
N SER B 1929 21.33 55.61 66.63
CA SER B 1929 22.31 54.54 66.77
C SER B 1929 23.29 54.79 67.90
N ASN B 1930 23.10 55.83 68.70
CA ASN B 1930 23.91 56.09 69.89
C ASN B 1930 23.06 56.54 71.07
N VAL B 1931 21.79 56.13 71.12
CA VAL B 1931 20.96 56.25 72.31
C VAL B 1931 20.45 54.89 72.76
N LEU B 1932 19.78 54.16 71.87
CA LEU B 1932 19.37 52.80 72.19
C LEU B 1932 20.55 51.84 72.20
N ASN B 1933 21.64 52.19 71.52
CA ASN B 1933 22.81 51.34 71.43
C ASN B 1933 23.77 51.55 72.58
N VAL B 1934 23.49 52.50 73.48
CA VAL B 1934 24.39 52.77 74.58
C VAL B 1934 23.88 52.28 75.92
N PHE B 1935 22.58 52.00 76.07
CA PHE B 1935 22.15 51.37 77.32
C PHE B 1935 22.04 49.85 77.20
N LYS B 1936 22.91 49.25 76.40
CA LYS B 1936 23.31 47.86 76.58
C LYS B 1936 24.72 47.74 77.15
N ILE B 1937 25.48 48.84 77.17
CA ILE B 1937 26.86 48.81 77.63
C ILE B 1937 26.90 49.33 79.05
N GLN B 1938 26.48 50.58 79.25
CA GLN B 1938 26.26 51.06 80.60
C GLN B 1938 24.93 50.60 81.18
N LYS B 1939 24.03 50.10 80.32
CA LYS B 1939 22.96 49.16 80.68
C LYS B 1939 21.98 49.72 81.72
N ILE B 1940 21.24 50.76 81.34
CA ILE B 1940 19.99 51.04 82.05
C ILE B 1940 18.86 50.50 81.19
N ASP B 1941 18.14 49.52 81.73
CA ASP B 1941 16.92 49.07 81.07
C ASP B 1941 15.88 50.17 81.19
N ILE B 1942 15.13 50.38 80.10
CA ILE B 1942 14.20 51.50 80.06
C ILE B 1942 13.02 51.23 80.98
N VAL B 1943 12.33 52.31 81.38
CA VAL B 1943 11.45 52.35 82.54
C VAL B 1943 10.23 51.44 82.36
N LYS B 1944 9.80 51.24 81.12
CA LYS B 1944 8.66 50.36 80.85
C LYS B 1944 9.08 48.88 80.77
N LEU B 1945 9.80 48.40 81.79
CA LEU B 1945 9.94 46.96 81.97
C LEU B 1945 8.73 46.36 82.66
N GLN B 1946 8.09 47.11 83.55
CA GLN B 1946 6.86 46.67 84.19
C GLN B 1946 5.76 47.72 84.09
N GLU B 1947 6.09 49.00 84.22
CA GLU B 1947 5.20 50.14 84.21
C GLU B 1947 6.05 51.40 84.31
N THR B 1948 5.59 52.50 83.74
CA THR B 1948 6.23 53.77 84.03
C THR B 1948 5.91 54.19 85.46
N ILE B 1949 6.84 54.97 86.03
CA ILE B 1949 6.62 55.54 87.35
C ILE B 1949 5.52 56.60 87.27
N SER B 1950 4.85 56.84 88.41
CA SER B 1950 3.60 57.59 88.42
C SER B 1950 3.74 59.06 88.06
N LEU B 1951 4.97 59.59 88.06
CA LEU B 1951 5.23 60.93 87.55
C LEU B 1951 6.05 60.82 86.27
N ASP B 1952 6.10 61.92 85.53
CA ASP B 1952 6.59 61.89 84.15
C ASP B 1952 8.06 62.32 84.10
N GLU B 1953 8.94 61.42 84.53
CA GLU B 1953 10.36 61.64 84.32
C GLU B 1953 10.86 61.05 83.02
N VAL B 1954 10.11 60.14 82.40
CA VAL B 1954 10.58 59.45 81.21
C VAL B 1954 10.67 60.40 80.02
N LYS B 1955 9.92 61.50 80.03
CA LYS B 1955 10.05 62.49 78.97
C LYS B 1955 11.24 63.42 79.21
N VAL B 1956 11.78 63.43 80.42
CA VAL B 1956 12.84 64.37 80.77
C VAL B 1956 14.09 63.70 81.33
N HIS B 1957 14.04 62.42 81.73
CA HIS B 1957 15.28 61.77 82.13
C HIS B 1957 16.03 61.18 80.96
N LEU B 1958 15.32 60.72 79.92
CA LEU B 1958 16.00 60.36 78.69
C LEU B 1958 16.17 61.56 77.77
N SER B 1959 15.76 62.74 78.22
CA SER B 1959 16.01 63.96 77.45
C SER B 1959 17.48 64.29 77.40
N GLU B 1960 18.17 64.30 78.55
CA GLU B 1960 19.55 64.77 78.56
C GLU B 1960 20.51 63.75 77.95
N ILE B 1961 20.12 62.49 77.81
CA ILE B 1961 21.03 61.53 77.19
C ILE B 1961 20.92 61.59 75.67
N VAL B 1962 19.76 61.98 75.14
CA VAL B 1962 19.70 62.23 73.71
C VAL B 1962 20.24 63.62 73.37
N ASP B 1963 20.33 64.51 74.36
CA ASP B 1963 20.92 65.82 74.13
C ASP B 1963 22.43 65.81 74.28
N GLU B 1964 22.97 64.95 75.15
CA GLU B 1964 24.42 64.87 75.26
C GLU B 1964 25.06 64.06 74.14
N VAL B 1965 24.26 63.41 73.31
CA VAL B 1965 24.78 62.84 72.07
C VAL B 1965 24.44 63.75 70.89
N SER B 1966 23.44 64.64 71.05
CA SER B 1966 23.12 65.61 70.00
C SER B 1966 24.23 66.62 69.82
N LYS B 1967 24.95 66.96 70.90
CA LYS B 1967 26.04 67.92 70.79
C LYS B 1967 27.25 67.31 70.09
N LYS B 1968 27.58 66.06 70.40
CA LYS B 1968 28.74 65.43 69.78
C LYS B 1968 28.46 64.96 68.36
N SER B 1969 27.20 64.92 67.93
CA SER B 1969 26.91 64.71 66.52
C SER B 1969 27.30 65.94 65.70
N SER B 1970 27.13 67.13 66.27
CA SER B 1970 27.56 68.35 65.60
C SER B 1970 29.09 68.44 65.53
N SER B 1971 29.79 67.83 66.49
CA SER B 1971 31.25 67.82 66.43
C SER B 1971 31.78 66.88 65.36
N LYS B 1972 30.96 65.94 64.90
CA LYS B 1972 31.33 65.08 63.80
C LYS B 1972 31.22 65.83 62.47
N PRO B 1973 32.07 65.51 61.50
CA PRO B 1973 32.00 66.20 60.21
C PRO B 1973 30.77 65.80 59.43
N GLN B 1974 30.12 66.79 58.81
CA GLN B 1974 28.79 66.69 58.18
C GLN B 1974 28.65 65.62 57.10
N PRO B 1975 29.72 65.19 56.41
CA PRO B 1975 29.66 63.84 55.82
C PRO B 1975 29.76 62.79 56.91
N ILE B 1976 28.66 62.53 57.61
CA ILE B 1976 28.70 61.80 58.87
C ILE B 1976 28.79 60.31 58.59
N ASP B 1977 29.66 59.63 59.33
CA ASP B 1977 29.90 58.22 59.11
C ASP B 1977 28.77 57.39 59.71
N LEU B 1978 28.91 56.07 59.58
CA LEU B 1978 27.76 55.19 59.69
C LEU B 1978 27.52 54.74 61.14
N GLU B 1979 28.55 54.20 61.79
CA GLU B 1979 28.57 53.89 63.24
C GLU B 1979 27.47 52.88 63.62
N ARG B 1980 27.69 51.65 63.16
CA ARG B 1980 26.69 50.59 63.26
C ARG B 1980 26.31 50.26 64.71
N GLY B 1981 27.28 50.21 65.61
CA GLY B 1981 26.98 49.77 66.96
C GLY B 1981 26.68 48.29 67.02
N PHE B 1982 25.67 47.93 67.80
CA PHE B 1982 25.29 46.53 68.03
C PHE B 1982 23.91 46.19 67.49
N ALA B 1983 23.00 47.16 67.43
CA ALA B 1983 21.67 46.92 66.88
C ALA B 1983 21.57 47.30 65.42
N CYS B 1984 22.14 48.45 65.05
CA CYS B 1984 21.85 49.07 63.77
C CYS B 1984 22.76 48.51 62.67
N ILE B 1985 22.18 48.25 61.52
CA ILE B 1985 22.92 47.77 60.34
C ILE B 1985 23.09 48.97 59.42
N PRO B 1986 24.32 49.32 59.05
CA PRO B 1986 24.57 50.57 58.31
C PRO B 1986 24.18 50.51 56.83
N LEU B 1987 22.94 50.85 56.51
CA LEU B 1987 22.42 50.78 55.14
C LEU B 1987 23.18 51.70 54.19
N LYS B 1988 23.98 51.11 53.32
CA LYS B 1988 24.84 51.85 52.41
C LYS B 1988 24.18 52.00 51.05
N GLY B 1989 24.36 53.16 50.43
CA GLY B 1989 23.82 53.44 49.13
C GLY B 1989 22.48 54.15 49.12
N ILE B 1990 21.82 54.23 50.27
CA ILE B 1990 20.53 54.90 50.38
C ILE B 1990 20.79 56.27 50.99
N SER B 1991 20.78 57.29 50.14
CA SER B 1991 21.01 58.67 50.58
C SER B 1991 19.74 59.49 50.61
N VAL B 1992 18.60 58.88 50.29
CA VAL B 1992 17.32 59.57 50.18
C VAL B 1992 16.39 58.97 51.23
N PRO B 1993 15.70 59.77 52.04
CA PRO B 1993 14.75 59.21 53.02
C PRO B 1993 13.45 58.73 52.40
N PHE B 1994 13.48 57.49 51.90
CA PHE B 1994 12.30 56.88 51.32
C PHE B 1994 11.23 56.66 52.38
N HIS B 1995 9.97 56.84 51.98
CA HIS B 1995 8.77 56.57 52.77
C HIS B 1995 8.70 57.39 54.04
N SER B 1996 9.36 58.53 54.07
CA SER B 1996 9.16 59.51 55.12
C SER B 1996 8.16 60.55 54.63
N SER B 1997 7.99 61.61 55.40
CA SER B 1997 7.19 62.74 54.96
C SER B 1997 8.05 63.86 54.42
N TYR B 1998 9.36 63.62 54.24
CA TYR B 1998 10.25 64.63 53.71
C TYR B 1998 9.93 64.93 52.26
N LEU B 1999 9.61 63.90 51.48
CA LEU B 1999 9.19 64.06 50.09
C LEU B 1999 7.69 63.92 49.93
N ARG B 2000 6.93 64.38 50.92
CA ARG B 2000 5.49 64.57 50.77
C ARG B 2000 5.19 65.59 49.68
N SER B 2001 6.04 66.61 49.53
CA SER B 2001 5.81 67.67 48.54
C SER B 2001 6.00 67.18 47.11
N GLY B 2002 6.80 66.15 46.90
CA GLY B 2002 7.09 65.66 45.57
C GLY B 2002 6.03 64.79 44.93
N VAL B 2003 4.96 64.46 45.65
CA VAL B 2003 3.95 63.55 45.10
C VAL B 2003 3.01 64.21 44.11
N LYS B 2004 3.03 65.53 44.02
CA LYS B 2004 2.10 66.25 43.15
C LYS B 2004 2.46 66.17 41.66
N PRO B 2005 3.76 66.19 41.23
CA PRO B 2005 4.01 65.81 39.83
C PRO B 2005 3.92 64.31 39.61
N PHE B 2006 4.13 63.53 40.67
CA PHE B 2006 4.03 62.09 40.52
C PHE B 2006 2.58 61.63 40.45
N GLN B 2007 1.66 62.41 41.03
CA GLN B 2007 0.25 62.05 40.92
C GLN B 2007 -0.25 62.28 39.50
N THR B 2008 0.04 63.45 38.93
CA THR B 2008 -0.42 63.75 37.57
C THR B 2008 0.30 62.94 36.51
N PHE B 2009 1.44 62.32 36.84
CA PHE B 2009 2.03 61.38 35.92
C PHE B 2009 1.29 60.05 35.92
N LEU B 2010 0.88 59.59 37.11
CA LEU B 2010 0.14 58.34 37.22
C LEU B 2010 -1.24 58.45 36.59
N CYS B 2011 -1.87 59.63 36.67
CA CYS B 2011 -3.21 59.81 36.14
C CYS B 2011 -3.27 59.82 34.62
N LYS B 2012 -2.14 59.88 33.93
CA LYS B 2012 -2.13 59.80 32.48
C LYS B 2012 -1.48 58.53 31.96
N LYS B 2013 -1.00 57.66 32.84
CA LYS B 2013 -0.54 56.34 32.44
C LYS B 2013 -1.41 55.21 32.98
N ILE B 2014 -2.24 55.49 33.97
CA ILE B 2014 -3.27 54.55 34.42
C ILE B 2014 -4.62 55.22 34.15
N PRO B 2015 -5.20 55.03 32.97
CA PRO B 2015 -6.48 55.68 32.66
C PRO B 2015 -7.64 55.01 33.40
N LYS B 2016 -8.82 55.61 33.25
CA LYS B 2016 -9.98 55.15 34.02
C LYS B 2016 -10.50 53.82 33.50
N SER B 2017 -10.47 53.62 32.18
CA SER B 2017 -10.99 52.39 31.61
C SER B 2017 -10.07 51.20 31.87
N ALA B 2018 -8.80 51.44 32.15
CA ALA B 2018 -7.86 50.35 32.37
C ALA B 2018 -8.04 49.71 33.74
N VAL B 2019 -8.66 50.42 34.69
CA VAL B 2019 -8.83 49.88 36.03
C VAL B 2019 -9.98 48.89 36.03
N LYS B 2020 -9.69 47.64 36.39
CA LYS B 2020 -10.73 46.66 36.63
C LYS B 2020 -10.96 46.56 38.12
N PRO B 2021 -12.16 46.81 38.62
CA PRO B 2021 -12.36 46.86 40.07
C PRO B 2021 -12.37 45.49 40.72
N ALA B 2022 -12.89 44.49 40.00
CA ALA B 2022 -13.00 43.14 40.54
C ALA B 2022 -11.65 42.47 40.73
N ASN B 2023 -10.62 42.92 40.01
CA ASN B 2023 -9.28 42.38 40.19
C ASN B 2023 -8.57 42.97 41.40
N LEU B 2024 -9.15 43.97 42.05
CA LEU B 2024 -8.53 44.62 43.19
C LEU B 2024 -9.34 44.55 44.47
N ILE B 2025 -10.67 44.48 44.38
CA ILE B 2025 -11.53 44.61 45.54
C ILE B 2025 -11.36 43.40 46.45
N GLY B 2026 -10.93 43.65 47.68
CA GLY B 2026 -10.76 42.60 48.67
C GLY B 2026 -9.52 41.76 48.51
N LYS B 2027 -8.72 41.96 47.48
CA LYS B 2027 -7.56 41.12 47.21
C LYS B 2027 -6.24 41.86 47.32
N TYR B 2028 -6.18 43.10 46.84
CA TYR B 2028 -4.97 43.90 46.91
C TYR B 2028 -4.82 44.46 48.33
N ILE B 2029 -3.63 44.30 48.91
CA ILE B 2029 -3.36 44.88 50.21
C ILE B 2029 -2.25 45.91 50.04
N PRO B 2030 -2.54 47.20 50.16
CA PRO B 2030 -1.51 48.22 49.94
C PRO B 2030 -0.51 48.33 51.07
N ASN B 2031 0.47 49.21 50.91
CA ASN B 2031 1.39 49.54 51.99
C ASN B 2031 0.97 50.77 52.76
N LEU B 2032 0.16 51.63 52.13
CA LEU B 2032 -0.33 52.82 52.80
C LEU B 2032 -1.34 52.45 53.88
N THR B 2033 -2.45 51.84 53.48
CA THR B 2033 -3.42 51.27 54.41
C THR B 2033 -3.31 49.76 54.33
N ALA B 2034 -2.88 49.14 55.42
CA ALA B 2034 -2.63 47.70 55.42
C ALA B 2034 -3.90 46.86 55.46
N LYS B 2035 -5.06 47.46 55.41
CA LYS B 2035 -6.31 46.77 55.16
C LYS B 2035 -6.42 46.45 53.68
N PRO B 2036 -7.19 45.41 53.31
CA PRO B 2036 -7.37 45.11 51.89
C PRO B 2036 -8.16 46.19 51.15
N PHE B 2037 -7.98 46.19 49.83
CA PHE B 2037 -8.59 47.19 48.96
C PHE B 2037 -10.09 46.98 48.91
N GLN B 2038 -10.85 47.97 49.41
CA GLN B 2038 -12.29 47.90 49.41
C GLN B 2038 -12.86 49.27 49.06
N LEU B 2039 -14.04 49.27 48.48
CA LEU B 2039 -14.76 50.51 48.17
C LEU B 2039 -15.86 50.68 49.22
N THR B 2040 -15.45 51.13 50.40
CA THR B 2040 -16.38 51.45 51.48
C THR B 2040 -16.08 52.86 51.97
N LYS B 2041 -17.09 53.49 52.55
CA LYS B 2041 -16.98 54.89 52.94
C LYS B 2041 -16.16 55.11 54.19
N GLU B 2042 -15.76 54.04 54.90
CA GLU B 2042 -14.85 54.19 56.02
C GLU B 2042 -13.46 53.64 55.72
N TYR B 2043 -13.30 52.90 54.63
CA TYR B 2043 -11.96 52.63 54.13
C TYR B 2043 -11.33 53.90 53.56
N PHE B 2044 -12.16 54.75 52.94
CA PHE B 2044 -11.70 56.04 52.43
C PHE B 2044 -11.29 57.00 53.54
N GLU B 2045 -11.75 56.75 54.78
CA GLU B 2045 -11.36 57.61 55.89
C GLU B 2045 -9.88 57.45 56.20
N ASP B 2046 -9.40 56.21 56.26
CA ASP B 2046 -7.99 55.97 56.55
C ASP B 2046 -7.08 56.42 55.42
N VAL B 2047 -7.59 56.49 54.19
CA VAL B 2047 -6.83 57.09 53.12
C VAL B 2047 -6.78 58.61 53.29
N TYR B 2048 -7.78 59.19 53.94
CA TYR B 2048 -7.73 60.64 54.15
C TYR B 2048 -6.86 61.02 55.32
N GLU B 2049 -6.89 60.26 56.41
CA GLU B 2049 -6.10 60.61 57.58
C GLU B 2049 -4.64 60.25 57.44
N LEU B 2050 -4.23 59.69 56.30
CA LEU B 2050 -2.83 59.40 56.01
C LEU B 2050 -2.27 60.24 54.88
N THR B 2051 -3.12 60.76 54.00
CA THR B 2051 -2.70 61.52 52.84
C THR B 2051 -3.13 62.97 52.86
N LYS B 2052 -4.30 63.28 53.44
CA LYS B 2052 -4.92 64.60 53.44
C LYS B 2052 -5.11 65.13 52.03
N SER B 2053 -5.53 64.25 51.13
CA SER B 2053 -5.66 64.57 49.72
C SER B 2053 -7.05 65.08 49.41
N GLU B 2054 -7.14 66.17 48.65
CA GLU B 2054 -8.42 66.74 48.28
C GLU B 2054 -9.08 66.02 47.12
N LYS B 2055 -8.40 65.04 46.52
CA LYS B 2055 -9.01 64.28 45.44
C LYS B 2055 -10.00 63.25 45.98
N ILE B 2056 -9.70 62.65 47.14
CA ILE B 2056 -10.65 61.77 47.80
C ILE B 2056 -11.49 62.51 48.84
N LYS B 2057 -11.14 63.75 49.17
CA LYS B 2057 -11.97 64.51 50.09
C LYS B 2057 -13.29 64.90 49.45
N HIS B 2058 -13.26 65.28 48.17
CA HIS B 2058 -14.47 65.70 47.50
C HIS B 2058 -15.31 64.55 46.97
N ILE B 2059 -14.92 63.30 47.24
CA ILE B 2059 -15.81 62.16 47.07
C ILE B 2059 -16.22 61.57 48.43
N LEU B 2060 -15.50 61.92 49.50
CA LEU B 2060 -15.82 61.41 50.83
C LEU B 2060 -17.14 61.97 51.35
N ASP B 2061 -17.55 63.14 50.85
CA ASP B 2061 -18.74 63.82 51.32
C ASP B 2061 -19.93 63.60 50.39
N HIS B 2062 -20.05 62.40 49.81
CA HIS B 2062 -21.16 62.09 48.91
C HIS B 2062 -21.70 60.70 49.22
N TRP B 2063 -22.71 60.32 48.46
CA TRP B 2063 -23.37 59.03 48.64
C TRP B 2063 -22.49 57.88 48.17
N1 FMN C . -23.34 -28.85 -4.15
C2 FMN C . -22.54 -28.08 -3.32
O2 FMN C . -22.15 -28.54 -2.25
N3 FMN C . -22.18 -26.81 -3.69
C4 FMN C . -22.61 -26.29 -4.89
O4 FMN C . -22.28 -25.15 -5.23
C4A FMN C . -23.42 -27.05 -5.72
N5 FMN C . -23.84 -26.54 -6.93
C5A FMN C . -24.65 -27.28 -7.75
C6 FMN C . -25.07 -26.75 -8.96
C7 FMN C . -25.88 -27.49 -9.80
C7M FMN C . -26.33 -26.86 -11.09
C8 FMN C . -26.27 -28.78 -9.45
C8M FMN C . -27.14 -29.61 -10.33
C9 FMN C . -25.83 -29.32 -8.24
C9A FMN C . -25.02 -28.57 -7.38
N10 FMN C . -24.59 -29.09 -6.17
C10 FMN C . -23.79 -28.33 -5.35
C1' FMN C . -24.97 -30.48 -5.74
C2' FMN C . -26.26 -30.49 -4.91
O2' FMN C . -25.98 -30.01 -3.62
C3' FMN C . -26.85 -31.88 -4.84
O3' FMN C . -25.86 -32.76 -4.35
C4' FMN C . -27.24 -32.34 -6.24
O4' FMN C . -27.93 -31.32 -6.90
C5' FMN C . -28.13 -33.59 -6.25
O5' FMN C . -29.00 -33.44 -7.35
P FMN C . -30.28 -34.37 -7.60
O1P FMN C . -29.95 -35.84 -7.39
O2P FMN C . -31.38 -33.95 -6.66
O3P FMN C . -30.73 -34.09 -9.02
#